data_4DPG
#
_entry.id   4DPG
#
_cell.length_a   79.200
_cell.length_b   122.010
_cell.length_c   149.200
_cell.angle_alpha   89.160
_cell.angle_beta   85.580
_cell.angle_gamma   89.710
#
_symmetry.space_group_name_H-M   'P 1'
#
loop_
_entity.id
_entity.type
_entity.pdbx_description
1 polymer 'Lysine--tRNA ligase'
2 polymer 'Aminoacyl tRNA synthase complex-interacting multifunctional protein 2'
3 non-polymer LYSINE
4 non-polymer 'DIPHOSPHOMETHYLPHOSPHONIC ACID ADENOSYL ESTER'
5 non-polymer 'MAGNESIUM ION'
6 non-polymer ALANINE
7 water water
#
loop_
_entity_poly.entity_id
_entity_poly.type
_entity_poly.pdbx_seq_one_letter_code
_entity_poly.pdbx_strand_id
1 'polypeptide(L)'
;MSVDPNQYYKIRSQAIHQLKVNGEDPYPHKFHVDISLTDFIQKYSHLQPGDHLTDITLKVAGRIHAKRASGGKLIFYDLR
GEGVKLQVMANSRNYKSEEEFIHINNKLRRGDIIGVQGNPGKTKKGELSIIPYEITLLSPCLHMLPHLHFGLKDKETRYR
QRYLDLILNDFVRQKFIIRSKIITYIRSFLDELGFLEIETPMMNIIPGGAVAKPFITYHNELDMNLYMRIAPELYHKMLV
VGGIDRVYEIGRQFRNEGIDLTHNPEFTTCEFYMAYADYHDLMEITEKMVSGMVKHITGSYKVTYHPDGPEGQAYDVDFT
PPFRRINMVEELEKALGMKLPETNLFETEETRKILDDICVAKAVECPPPRTTARLLDKLVGEFLEVTCINPTFICDHPQI
MSPLAKWHRSKEGLTERFELFVMKKEICNAYTELNDPMRQRQLFEEQAKAKAAGDDEAMFIDENFCTALEYGLPPTAGWG
MGIDRVAMFLTDSNNIKEVLLFPAMKPEDKKEN
;
A,B,C,D,E,F,G,H
2 'polypeptide(L)' MPMYQVKPYHGGGAPLRVELPTCMYRLPNVHGRSYGPAPGAGHVQEESHHHHHH I,J,K,L
#
loop_
_chem_comp.id
_chem_comp.type
_chem_comp.name
_chem_comp.formula
APC non-polymer 'DIPHOSPHOMETHYLPHOSPHONIC ACID ADENOSYL ESTER' 'C11 H18 N5 O12 P3'
MG non-polymer 'MAGNESIUM ION' 'Mg 2'
#
# COMPACT_ATOMS: atom_id res chain seq x y z
N VAL A 3 -49.45 17.17 27.54
CA VAL A 3 -49.41 17.76 28.88
C VAL A 3 -48.45 18.96 29.00
N ASP A 4 -48.61 19.74 30.08
CA ASP A 4 -47.89 21.00 30.32
C ASP A 4 -46.65 20.81 31.20
N PRO A 5 -45.48 21.27 30.72
CA PRO A 5 -44.18 21.03 31.37
C PRO A 5 -44.07 21.50 32.83
N ASN A 6 -44.61 22.68 33.14
CA ASN A 6 -44.55 23.22 34.49
C ASN A 6 -45.45 22.48 35.49
N GLN A 7 -46.39 21.71 34.95
CA GLN A 7 -47.28 20.87 35.75
C GLN A 7 -46.68 19.46 35.85
N TYR A 8 -46.12 19.00 34.74
CA TYR A 8 -45.38 17.72 34.71
C TYR A 8 -44.31 17.74 35.79
N TYR A 9 -43.57 18.85 35.86
CA TYR A 9 -42.56 19.02 36.89
C TYR A 9 -43.15 18.93 38.32
N LYS A 10 -44.27 19.61 38.59
CA LYS A 10 -44.87 19.52 39.92
C LYS A 10 -45.35 18.10 40.28
N ILE A 11 -46.05 17.46 39.34
CA ILE A 11 -46.51 16.08 39.52
C ILE A 11 -45.35 15.10 39.78
N ARG A 12 -44.31 15.17 38.94
CA ARG A 12 -43.13 14.33 39.09
C ARG A 12 -42.43 14.57 40.42
N SER A 13 -42.26 15.84 40.77
CA SER A 13 -41.64 16.23 42.04
C SER A 13 -42.34 15.57 43.20
N GLN A 14 -43.68 15.71 43.18
CA GLN A 14 -44.52 15.07 44.20
C GLN A 14 -44.31 13.56 44.22
N ALA A 15 -44.23 12.93 43.04
CA ALA A 15 -44.19 11.46 42.95
C ALA A 15 -42.87 10.91 43.51
N ILE A 16 -41.80 11.60 43.16
CA ILE A 16 -40.46 11.25 43.63
C ILE A 16 -40.38 11.50 45.13
N HIS A 17 -40.97 12.61 45.58
CA HIS A 17 -41.04 12.88 47.02
C HIS A 17 -41.73 11.74 47.76
N GLN A 18 -42.80 11.24 47.17
CA GLN A 18 -43.54 10.13 47.74
C GLN A 18 -42.67 8.88 47.80
N LEU A 19 -41.90 8.63 46.73
CA LEU A 19 -40.91 7.55 46.74
C LEU A 19 -39.92 7.69 47.91
N LYS A 20 -39.52 8.93 48.18
CA LYS A 20 -38.61 9.22 49.30
C LYS A 20 -39.24 8.87 50.64
N VAL A 21 -40.42 9.43 50.91
CA VAL A 21 -41.08 9.18 52.20
C VAL A 21 -41.52 7.73 52.38
N ASN A 22 -41.66 6.99 51.27
CA ASN A 22 -41.98 5.56 51.32
C ASN A 22 -40.73 4.69 51.42
N GLY A 23 -39.58 5.30 51.18
CA GLY A 23 -38.29 4.64 51.32
C GLY A 23 -38.01 3.63 50.24
N GLU A 24 -38.39 3.96 49.02
CA GLU A 24 -38.05 3.13 47.87
C GLU A 24 -36.79 3.66 47.18
N ASP A 25 -36.21 4.73 47.75
CA ASP A 25 -34.84 5.20 47.44
C ASP A 25 -34.65 5.61 45.97
N PRO A 26 -35.23 6.77 45.58
CA PRO A 26 -35.20 7.21 44.17
C PRO A 26 -33.80 7.65 43.70
N TYR A 27 -32.96 8.05 44.65
CA TYR A 27 -31.57 8.42 44.36
C TYR A 27 -30.62 7.47 45.08
N PRO A 28 -30.55 6.21 44.62
CA PRO A 28 -29.65 5.25 45.30
C PRO A 28 -28.20 5.74 45.24
N HIS A 29 -27.37 5.26 46.19
CA HIS A 29 -26.00 5.70 46.29
C HIS A 29 -25.12 5.05 45.21
N LYS A 30 -25.26 3.73 45.08
CA LYS A 30 -24.34 2.96 44.23
C LYS A 30 -25.02 1.88 43.41
N PHE A 31 -24.88 1.95 42.09
CA PHE A 31 -25.29 0.83 41.23
C PHE A 31 -24.07 0.36 40.45
N HIS A 32 -23.82 -0.95 40.49
CA HIS A 32 -22.62 -1.50 39.88
C HIS A 32 -22.84 -1.93 38.43
N VAL A 33 -22.40 -1.09 37.50
CA VAL A 33 -22.43 -1.46 36.10
C VAL A 33 -21.35 -2.49 35.81
N ASP A 34 -21.72 -3.58 35.14
CA ASP A 34 -20.77 -4.65 34.83
C ASP A 34 -20.09 -4.40 33.48
N ILE A 35 -20.77 -3.63 32.63
CA ILE A 35 -20.38 -3.51 31.22
C ILE A 35 -20.96 -2.26 30.55
N SER A 36 -20.15 -1.64 29.69
CA SER A 36 -20.61 -0.46 28.94
C SER A 36 -21.59 -0.87 27.84
N LEU A 37 -22.47 0.05 27.46
CA LEU A 37 -23.41 -0.23 26.37
C LEU A 37 -22.65 -0.53 25.07
N THR A 38 -21.55 0.18 24.85
CA THR A 38 -20.73 -0.03 23.66
C THR A 38 -20.13 -1.43 23.63
N ASP A 39 -19.55 -1.87 24.76
CA ASP A 39 -19.01 -3.23 24.86
C ASP A 39 -20.13 -4.28 24.76
N PHE A 40 -21.27 -4.01 25.39
CA PHE A 40 -22.45 -4.88 25.28
C PHE A 40 -22.80 -5.14 23.81
N ILE A 41 -23.01 -4.06 23.07
CA ILE A 41 -23.32 -4.13 21.65
C ILE A 41 -22.22 -4.86 20.84
N GLN A 42 -20.96 -4.50 21.07
CA GLN A 42 -19.85 -5.13 20.38
C GLN A 42 -19.81 -6.65 20.64
N LYS A 43 -20.21 -7.05 21.84
CA LYS A 43 -20.16 -8.46 22.26
C LYS A 43 -21.34 -9.28 21.72
N TYR A 44 -22.53 -8.67 21.68
CA TYR A 44 -23.75 -9.43 21.35
C TYR A 44 -24.47 -9.00 20.08
N SER A 45 -23.81 -8.23 19.24
CA SER A 45 -24.41 -7.86 17.95
C SER A 45 -24.47 -9.10 17.06
N HIS A 46 -23.51 -10.01 17.27
CA HIS A 46 -23.39 -11.23 16.46
C HIS A 46 -24.52 -12.26 16.70
N LEU A 47 -25.33 -12.04 17.73
CA LEU A 47 -26.46 -12.94 18.03
C LEU A 47 -27.48 -13.07 16.88
N GLN A 48 -27.97 -14.29 16.67
CA GLN A 48 -29.07 -14.53 15.72
C GLN A 48 -30.37 -13.98 16.32
N PRO A 49 -31.32 -13.57 15.46
CA PRO A 49 -32.62 -13.08 15.99
C PRO A 49 -33.33 -14.18 16.77
N GLY A 50 -34.07 -13.79 17.81
CA GLY A 50 -34.77 -14.75 18.64
C GLY A 50 -33.88 -15.51 19.61
N ASP A 51 -32.56 -15.45 19.41
CA ASP A 51 -31.60 -16.05 20.35
C ASP A 51 -31.65 -15.33 21.72
N HIS A 52 -31.21 -16.00 22.78
CA HIS A 52 -31.45 -15.52 24.14
C HIS A 52 -30.52 -16.18 25.14
N LEU A 53 -29.31 -15.63 25.28
CA LEU A 53 -28.32 -16.18 26.21
C LEU A 53 -28.83 -16.08 27.66
N THR A 54 -29.02 -17.23 28.29
CA THR A 54 -29.63 -17.30 29.63
C THR A 54 -28.58 -17.51 30.73
N ASP A 55 -27.43 -18.07 30.33
CA ASP A 55 -26.29 -18.28 31.22
C ASP A 55 -25.52 -16.97 31.52
N ILE A 56 -25.89 -15.90 30.82
CA ILE A 56 -25.25 -14.62 31.01
C ILE A 56 -26.21 -13.59 31.59
N THR A 57 -25.82 -13.01 32.73
CA THR A 57 -26.58 -11.94 33.35
C THR A 57 -25.63 -10.78 33.58
N LEU A 58 -26.09 -9.58 33.20
CA LEU A 58 -25.26 -8.38 33.21
C LEU A 58 -26.02 -7.14 33.68
N LYS A 59 -25.31 -6.25 34.39
CA LYS A 59 -25.88 -4.93 34.71
C LYS A 59 -25.34 -3.81 33.78
N VAL A 60 -26.26 -3.08 33.16
CA VAL A 60 -25.91 -1.91 32.35
C VAL A 60 -26.69 -0.72 32.86
N ALA A 61 -26.29 0.49 32.46
CA ALA A 61 -27.06 1.67 32.88
C ALA A 61 -27.17 2.69 31.77
N GLY A 62 -28.16 3.58 31.92
CA GLY A 62 -28.35 4.62 30.93
C GLY A 62 -29.55 5.49 31.16
N ARG A 63 -29.80 6.38 30.20
CA ARG A 63 -30.99 7.22 30.24
C ARG A 63 -32.12 6.63 29.35
N ILE A 64 -33.37 6.84 29.75
CA ILE A 64 -34.53 6.37 29.00
C ILE A 64 -34.95 7.46 27.99
N HIS A 65 -34.81 7.17 26.69
CA HIS A 65 -35.29 8.05 25.61
C HIS A 65 -36.73 7.78 25.14
N ALA A 66 -37.19 6.55 25.33
CA ALA A 66 -38.55 6.21 25.01
C ALA A 66 -39.06 5.05 25.86
N LYS A 67 -40.33 5.15 26.25
CA LYS A 67 -41.03 4.08 26.96
C LYS A 67 -42.27 3.71 26.15
N ARG A 68 -42.26 2.53 25.56
CA ARG A 68 -43.36 2.12 24.74
C ARG A 68 -43.82 0.78 25.22
N ALA A 69 -45.11 0.61 25.44
CA ALA A 69 -45.59 -0.69 25.88
C ALA A 69 -46.41 -1.40 24.81
N SER A 70 -46.06 -2.65 24.53
CA SER A 70 -46.91 -3.51 23.72
C SER A 70 -48.19 -3.74 24.46
N GLY A 71 -48.04 -3.93 25.75
CA GLY A 71 -49.13 -4.25 26.64
C GLY A 71 -49.12 -5.74 26.88
N GLY A 72 -49.61 -6.12 28.04
CA GLY A 72 -49.64 -5.24 29.17
C GLY A 72 -48.63 -5.90 30.09
N LYS A 73 -48.14 -7.02 29.60
CA LYS A 73 -47.12 -7.77 30.26
C LYS A 73 -45.79 -7.37 29.67
N LEU A 74 -45.81 -6.47 28.70
CA LEU A 74 -44.59 -6.14 27.99
C LEU A 74 -44.35 -4.66 27.78
N ILE A 75 -43.13 -4.20 28.06
CA ILE A 75 -42.71 -2.85 27.69
C ILE A 75 -41.33 -2.84 27.11
N PHE A 76 -41.11 -1.94 26.17
CA PHE A 76 -39.79 -1.71 25.58
C PHE A 76 -39.25 -0.37 26.06
N TYR A 77 -37.98 -0.35 26.45
CA TYR A 77 -37.32 0.90 26.84
C TYR A 77 -36.15 1.18 25.91
N ASP A 78 -36.11 2.42 25.41
CA ASP A 78 -34.99 2.86 24.59
C ASP A 78 -33.91 3.44 25.52
N LEU A 79 -32.87 2.65 25.80
CA LEU A 79 -31.86 3.09 26.78
C LEU A 79 -30.62 3.60 26.08
N ARG A 80 -30.30 4.86 26.30
CA ARG A 80 -29.14 5.44 25.65
C ARG A 80 -28.00 5.81 26.59
N GLY A 81 -26.80 5.78 26.02
CA GLY A 81 -25.59 6.20 26.71
C GLY A 81 -24.44 6.06 25.72
N GLU A 82 -23.45 6.94 25.85
CA GLU A 82 -22.24 6.86 25.01
C GLU A 82 -22.50 7.09 23.53
N GLY A 83 -23.67 7.67 23.21
CA GLY A 83 -24.04 7.86 21.82
C GLY A 83 -24.42 6.56 21.13
N VAL A 84 -24.72 5.54 21.94
CA VAL A 84 -25.33 4.32 21.41
C VAL A 84 -26.70 4.11 22.06
N LYS A 85 -27.39 3.05 21.66
CA LYS A 85 -28.71 2.73 22.22
C LYS A 85 -28.86 1.23 22.39
N LEU A 86 -29.66 0.84 23.38
CA LEU A 86 -29.94 -0.57 23.67
C LEU A 86 -31.41 -0.72 24.01
N GLN A 87 -32.03 -1.73 23.43
CA GLN A 87 -33.41 -2.03 23.75
C GLN A 87 -33.51 -2.83 25.06
N VAL A 88 -34.33 -2.35 25.98
CA VAL A 88 -34.71 -3.15 27.13
C VAL A 88 -36.07 -3.78 26.86
N MET A 89 -36.07 -5.09 26.63
CA MET A 89 -37.31 -5.85 26.44
C MET A 89 -37.79 -6.41 27.76
N ALA A 90 -38.68 -5.65 28.41
CA ALA A 90 -39.21 -6.04 29.70
C ALA A 90 -40.54 -6.76 29.56
N ASN A 91 -40.51 -8.09 29.68
CA ASN A 91 -41.73 -8.89 29.78
C ASN A 91 -41.88 -9.59 31.15
N SER A 92 -43.12 -9.71 31.60
CA SER A 92 -43.42 -10.20 32.94
C SER A 92 -42.84 -11.57 33.33
N ARG A 93 -42.74 -12.49 32.38
CA ARG A 93 -42.34 -13.86 32.71
C ARG A 93 -40.84 -13.98 32.93
N ASN A 94 -40.11 -12.96 32.50
CA ASN A 94 -38.66 -12.94 32.64
C ASN A 94 -38.20 -12.09 33.81
N TYR A 95 -39.07 -11.19 34.26
CA TYR A 95 -38.80 -10.37 35.44
C TYR A 95 -38.70 -11.24 36.72
N LYS A 96 -38.33 -10.62 37.84
CA LYS A 96 -38.21 -11.34 39.10
C LYS A 96 -39.61 -11.65 39.63
N SER A 97 -40.57 -10.77 39.31
CA SER A 97 -41.95 -10.90 39.78
C SER A 97 -42.92 -9.99 39.00
N GLU A 98 -44.18 -10.40 38.87
CA GLU A 98 -45.15 -9.61 38.12
C GLU A 98 -45.59 -8.34 38.88
N GLU A 99 -45.64 -8.43 40.21
CA GLU A 99 -45.98 -7.27 41.05
C GLU A 99 -44.88 -6.19 41.01
N GLU A 100 -43.63 -6.65 41.09
CA GLU A 100 -42.48 -5.76 40.99
C GLU A 100 -42.35 -5.18 39.57
N PHE A 101 -42.65 -6.00 38.56
CA PHE A 101 -42.70 -5.57 37.15
C PHE A 101 -43.65 -4.39 37.02
N ILE A 102 -44.88 -4.58 37.51
CA ILE A 102 -45.90 -3.55 37.44
C ILE A 102 -45.50 -2.29 38.20
N HIS A 103 -44.92 -2.49 39.38
CA HIS A 103 -44.50 -1.38 40.23
C HIS A 103 -43.43 -0.54 39.53
N ILE A 104 -42.42 -1.24 39.00
CA ILE A 104 -41.27 -0.59 38.39
C ILE A 104 -41.65 0.12 37.08
N ASN A 105 -42.50 -0.50 36.25
CA ASN A 105 -42.99 0.18 35.03
C ASN A 105 -43.87 1.39 35.35
N ASN A 106 -44.67 1.28 36.41
CA ASN A 106 -45.51 2.41 36.79
C ASN A 106 -44.66 3.53 37.33
N LYS A 107 -43.46 3.17 37.81
CA LYS A 107 -42.53 4.15 38.38
C LYS A 107 -41.83 4.97 37.30
N LEU A 108 -41.29 4.27 36.30
CA LEU A 108 -40.45 4.89 35.27
C LEU A 108 -41.14 5.87 34.31
N ARG A 109 -40.36 6.86 33.88
CA ARG A 109 -40.75 7.78 32.84
C ARG A 109 -39.56 8.00 31.90
N ARG A 110 -39.83 8.59 30.74
CA ARG A 110 -38.77 8.92 29.79
C ARG A 110 -37.92 10.05 30.36
N GLY A 111 -36.60 9.92 30.21
CA GLY A 111 -35.64 10.86 30.77
C GLY A 111 -34.91 10.31 31.98
N ASP A 112 -35.46 9.24 32.56
CA ASP A 112 -34.91 8.67 33.77
C ASP A 112 -33.63 7.86 33.57
N ILE A 113 -32.67 8.09 34.47
CA ILE A 113 -31.48 7.26 34.57
C ILE A 113 -31.87 5.99 35.33
N ILE A 114 -31.65 4.85 34.69
CA ILE A 114 -31.94 3.54 35.28
C ILE A 114 -30.81 2.55 35.05
N GLY A 115 -30.75 1.57 35.94
CA GLY A 115 -29.85 0.44 35.84
C GLY A 115 -30.67 -0.81 35.58
N VAL A 116 -30.13 -1.68 34.72
CA VAL A 116 -30.83 -2.85 34.23
C VAL A 116 -29.97 -4.09 34.43
N GLN A 117 -30.54 -5.06 35.13
CA GLN A 117 -29.89 -6.35 35.27
C GLN A 117 -30.69 -7.39 34.48
N GLY A 118 -29.99 -8.16 33.65
CA GLY A 118 -30.66 -9.03 32.72
C GLY A 118 -29.81 -9.80 31.76
N ASN A 119 -30.47 -10.34 30.73
CA ASN A 119 -29.81 -11.23 29.80
C ASN A 119 -29.74 -10.60 28.39
N PRO A 120 -28.63 -10.81 27.69
CA PRO A 120 -28.56 -10.42 26.28
C PRO A 120 -29.45 -11.29 25.38
N GLY A 121 -30.01 -10.71 24.33
CA GLY A 121 -30.72 -11.45 23.31
C GLY A 121 -31.35 -10.57 22.26
N LYS A 122 -31.39 -11.03 21.00
CA LYS A 122 -32.12 -10.32 19.94
C LYS A 122 -33.62 -10.62 19.92
N THR A 123 -34.39 -9.78 19.27
CA THR A 123 -35.79 -10.08 19.00
C THR A 123 -35.88 -10.87 17.67
N LYS A 124 -37.07 -11.39 17.38
CA LYS A 124 -37.31 -12.03 16.09
C LYS A 124 -37.22 -10.97 15.00
N LYS A 125 -37.72 -9.76 15.31
CA LYS A 125 -37.58 -8.59 14.42
C LYS A 125 -36.11 -8.24 14.13
N GLY A 126 -35.19 -8.65 15.01
CA GLY A 126 -33.76 -8.49 14.79
C GLY A 126 -33.02 -7.54 15.72
N GLU A 127 -33.78 -6.84 16.56
CA GLU A 127 -33.21 -5.83 17.46
C GLU A 127 -32.49 -6.42 18.69
N LEU A 128 -31.20 -6.12 18.81
CA LEU A 128 -30.44 -6.49 19.99
C LEU A 128 -31.03 -5.87 21.26
N SER A 129 -31.25 -6.69 22.27
CA SER A 129 -31.91 -6.23 23.49
C SER A 129 -31.30 -6.86 24.73
N ILE A 130 -31.63 -6.27 25.87
CA ILE A 130 -31.38 -6.87 27.18
C ILE A 130 -32.77 -7.16 27.78
N ILE A 131 -32.93 -8.36 28.35
CA ILE A 131 -34.18 -8.75 28.99
C ILE A 131 -33.99 -8.77 30.49
N PRO A 132 -34.64 -7.83 31.17
CA PRO A 132 -34.40 -7.59 32.60
C PRO A 132 -34.97 -8.61 33.59
N TYR A 133 -34.10 -9.07 34.49
CA TYR A 133 -34.50 -9.72 35.73
C TYR A 133 -34.98 -8.61 36.67
N GLU A 134 -34.30 -7.48 36.64
CA GLU A 134 -34.62 -6.36 37.54
C GLU A 134 -34.21 -5.01 36.94
N ILE A 135 -35.04 -4.01 37.18
CA ILE A 135 -34.78 -2.63 36.75
C ILE A 135 -34.75 -1.72 37.97
N THR A 136 -33.68 -0.94 38.11
CA THR A 136 -33.60 0.00 39.23
C THR A 136 -33.60 1.46 38.78
N LEU A 137 -34.38 2.29 39.47
CA LEU A 137 -34.34 3.71 39.20
C LEU A 137 -33.11 4.33 39.89
N LEU A 138 -32.26 4.96 39.08
CA LEU A 138 -31.02 5.55 39.58
C LEU A 138 -31.16 7.05 39.82
N SER A 139 -31.81 7.71 38.89
CA SER A 139 -32.01 9.14 39.04
C SER A 139 -33.17 9.58 38.16
N PRO A 140 -34.25 10.06 38.79
CA PRO A 140 -35.43 10.50 38.05
C PRO A 140 -35.18 11.82 37.29
N CYS A 141 -35.78 11.93 36.10
CA CYS A 141 -35.83 13.18 35.35
C CYS A 141 -37.16 13.88 35.65
N LEU A 142 -37.08 15.03 36.30
CA LEU A 142 -38.28 15.73 36.76
C LEU A 142 -38.95 16.59 35.71
N HIS A 143 -38.36 16.66 34.53
CA HIS A 143 -38.89 17.55 33.50
C HIS A 143 -39.37 16.82 32.26
N MET A 144 -40.19 17.52 31.49
CA MET A 144 -40.47 17.08 30.14
C MET A 144 -39.22 17.32 29.31
N LEU A 145 -38.67 16.25 28.75
CA LEU A 145 -37.67 16.40 27.71
C LEU A 145 -38.37 16.83 26.41
N PRO A 146 -37.71 17.69 25.62
CA PRO A 146 -38.26 18.07 24.30
C PRO A 146 -38.57 16.86 23.41
N HIS A 147 -39.65 16.96 22.62
CA HIS A 147 -40.17 15.80 21.86
C HIS A 147 -39.45 15.47 20.55
N LEU A 152 -34.13 19.02 19.07
CA LEU A 152 -33.65 20.25 19.69
C LEU A 152 -32.73 20.99 18.69
N LYS A 153 -33.22 22.10 18.16
CA LYS A 153 -32.52 22.79 17.07
C LYS A 153 -32.15 24.21 17.46
N ASP A 154 -32.99 24.81 18.30
CA ASP A 154 -32.81 26.21 18.73
C ASP A 154 -31.46 26.48 19.39
N LYS A 155 -30.59 27.20 18.69
CA LYS A 155 -29.21 27.41 19.11
C LYS A 155 -29.02 28.00 20.51
N GLU A 156 -29.77 29.05 20.84
CA GLU A 156 -29.70 29.65 22.16
C GLU A 156 -30.00 28.63 23.26
N THR A 157 -31.03 27.83 23.01
CA THR A 157 -31.46 26.82 23.98
C THR A 157 -30.42 25.71 24.16
N ARG A 158 -29.71 25.36 23.10
CA ARG A 158 -28.64 24.36 23.18
C ARG A 158 -27.43 24.90 23.95
N TYR A 159 -26.99 26.08 23.58
CA TYR A 159 -25.80 26.69 24.19
C TYR A 159 -26.04 27.11 25.64
N ARG A 160 -27.29 27.28 26.03
CA ARG A 160 -27.57 27.68 27.41
C ARG A 160 -27.85 26.47 28.30
N GLN A 161 -28.34 25.39 27.69
CA GLN A 161 -28.54 24.13 28.39
C GLN A 161 -27.80 23.00 27.67
N ARG A 162 -26.48 23.02 27.78
CA ARG A 162 -25.64 22.13 27.02
C ARG A 162 -25.93 20.67 27.33
N TYR A 163 -26.38 20.40 28.56
CA TYR A 163 -26.69 19.03 28.92
C TYR A 163 -27.86 18.45 28.11
N LEU A 164 -28.89 19.28 27.86
CA LEU A 164 -29.98 18.87 26.98
C LEU A 164 -29.47 18.59 25.60
N ASP A 165 -28.60 19.48 25.13
CA ASP A 165 -28.02 19.34 23.81
C ASP A 165 -27.30 18.00 23.67
N LEU A 166 -26.54 17.64 24.69
CA LEU A 166 -25.76 16.40 24.71
C LEU A 166 -26.63 15.16 24.86
N ILE A 167 -27.74 15.32 25.58
CA ILE A 167 -28.69 14.21 25.75
C ILE A 167 -29.39 13.90 24.43
N LEU A 168 -29.91 14.96 23.79
CA LEU A 168 -30.76 14.85 22.60
C LEU A 168 -30.01 14.76 21.27
N ASN A 169 -28.96 15.57 21.10
CA ASN A 169 -28.19 15.59 19.85
C ASN A 169 -26.88 14.82 19.90
N ASP A 170 -26.73 13.87 18.98
CA ASP A 170 -25.59 12.93 19.00
C ASP A 170 -24.29 13.55 18.52
N PHE A 171 -24.39 14.55 17.65
CA PHE A 171 -23.22 15.09 16.96
C PHE A 171 -22.36 15.98 17.85
N VAL A 172 -23.00 16.62 18.85
CA VAL A 172 -22.26 17.50 19.76
C VAL A 172 -21.13 16.76 20.46
N ARG A 173 -21.49 15.66 21.12
CA ARG A 173 -20.51 14.78 21.74
C ARG A 173 -19.35 14.48 20.79
N GLN A 174 -19.66 14.22 19.53
CA GLN A 174 -18.59 13.96 18.54
C GLN A 174 -17.69 15.17 18.33
N LYS A 175 -18.27 16.37 18.30
CA LYS A 175 -17.45 17.56 18.12
C LYS A 175 -16.46 17.71 19.26
N PHE A 176 -16.96 17.54 20.48
CA PHE A 176 -16.09 17.68 21.64
C PHE A 176 -15.03 16.58 21.75
N ILE A 177 -15.36 15.38 21.26
CA ILE A 177 -14.35 14.35 21.15
C ILE A 177 -13.25 14.76 20.16
N ILE A 178 -13.66 15.38 19.06
CA ILE A 178 -12.68 15.82 18.06
C ILE A 178 -11.78 16.91 18.63
N ARG A 179 -12.39 17.85 19.35
CA ARG A 179 -11.64 18.91 20.03
C ARG A 179 -10.55 18.32 20.95
N SER A 180 -10.99 17.38 21.78
CA SER A 180 -10.07 16.67 22.67
C SER A 180 -8.94 15.95 21.91
N LYS A 181 -9.29 15.27 20.82
CA LYS A 181 -8.30 14.60 19.96
C LYS A 181 -7.29 15.58 19.40
N ILE A 182 -7.74 16.79 19.05
CA ILE A 182 -6.85 17.82 18.52
C ILE A 182 -5.81 18.21 19.57
N ILE A 183 -6.31 18.57 20.75
CA ILE A 183 -5.40 18.97 21.83
C ILE A 183 -4.39 17.88 22.20
N THR A 184 -4.92 16.66 22.32
CA THR A 184 -4.12 15.49 22.68
C THR A 184 -3.05 15.21 21.64
N TYR A 185 -3.44 15.30 20.37
CA TYR A 185 -2.49 15.15 19.26
C TYR A 185 -1.36 16.18 19.39
N ILE A 186 -1.73 17.45 19.60
CA ILE A 186 -0.71 18.47 19.70
C ILE A 186 0.28 18.13 20.81
N ARG A 187 -0.25 17.79 21.99
CA ARG A 187 0.65 17.44 23.09
C ARG A 187 1.56 16.26 22.70
N SER A 188 1.02 15.20 22.11
CA SER A 188 1.86 14.05 21.70
C SER A 188 2.98 14.51 20.78
N PHE A 189 2.59 15.33 19.80
CA PHE A 189 3.52 15.87 18.82
C PHE A 189 4.70 16.64 19.44
N LEU A 190 4.39 17.59 20.32
CA LEU A 190 5.44 18.40 20.95
C LEU A 190 6.24 17.61 22.00
N ASP A 191 5.55 16.81 22.80
CA ASP A 191 6.20 15.94 23.77
C ASP A 191 7.26 15.11 23.04
N GLU A 192 6.86 14.48 21.94
CA GLU A 192 7.79 13.61 21.21
C GLU A 192 8.94 14.41 20.57
N LEU A 193 8.75 15.71 20.43
CA LEU A 193 9.81 16.54 19.87
C LEU A 193 10.74 17.11 20.95
N GLY A 194 10.54 16.66 22.19
CA GLY A 194 11.36 17.10 23.32
C GLY A 194 10.90 18.38 24.02
N PHE A 195 9.64 18.78 23.83
CA PHE A 195 9.15 19.99 24.48
C PHE A 195 8.67 19.76 25.93
N LEU A 196 9.02 20.69 26.83
CA LEU A 196 8.49 20.67 28.18
C LEU A 196 7.17 21.47 28.25
N GLU A 197 6.10 20.76 28.65
CA GLU A 197 4.79 21.39 28.88
C GLU A 197 4.80 22.19 30.20
N ILE A 198 4.59 23.51 30.09
CA ILE A 198 4.73 24.44 31.21
C ILE A 198 3.47 25.27 31.48
N GLU A 199 3.40 25.86 32.67
CA GLU A 199 2.34 26.80 33.00
C GLU A 199 2.92 28.14 33.43
N THR A 200 2.54 29.19 32.70
CA THR A 200 2.94 30.55 33.06
C THR A 200 1.71 31.29 33.65
N PRO A 201 1.94 32.40 34.41
CA PRO A 201 0.83 33.10 35.10
C PRO A 201 -0.29 33.51 34.14
N MET A 202 -1.53 33.46 34.62
CA MET A 202 -2.68 33.90 33.83
C MET A 202 -3.17 35.27 34.29
N MET A 203 -2.67 35.75 35.43
CA MET A 203 -2.87 37.14 35.82
C MET A 203 -1.51 37.82 35.96
N ASN A 204 -1.34 38.93 35.24
CA ASN A 204 -0.08 39.66 35.22
C ASN A 204 -0.22 41.06 35.83
N ILE A 205 0.90 41.80 35.87
CA ILE A 205 0.84 43.20 36.27
C ILE A 205 0.78 44.07 35.01
N ILE A 206 1.53 43.65 34.00
CA ILE A 206 1.45 44.23 32.68
C ILE A 206 1.09 43.10 31.71
N PRO A 207 -0.06 43.24 31.04
CA PRO A 207 -0.47 42.28 30.00
C PRO A 207 0.40 42.45 28.73
N GLY A 208 0.97 41.35 28.23
CA GLY A 208 1.82 41.40 27.05
C GLY A 208 1.65 40.19 26.12
N GLY A 209 2.34 40.22 24.98
CA GLY A 209 2.39 39.04 24.10
C GLY A 209 1.55 39.14 22.84
N ALA A 210 0.41 39.81 22.95
CA ALA A 210 -0.49 39.99 21.81
C ALA A 210 -1.07 41.41 21.77
N VAL A 211 -1.85 41.69 20.73
CA VAL A 211 -2.57 42.95 20.63
C VAL A 211 -4.04 42.72 21.03
N ALA A 212 -4.41 43.22 22.21
CA ALA A 212 -5.75 42.99 22.77
C ALA A 212 -6.15 43.92 23.94
N LYS A 213 -7.45 43.97 24.25
CA LYS A 213 -7.94 44.77 25.36
C LYS A 213 -8.27 43.88 26.55
N PRO A 214 -7.58 44.09 27.67
CA PRO A 214 -7.53 43.13 28.79
C PRO A 214 -8.71 43.17 29.75
N PHE A 215 -8.87 42.11 30.52
CA PHE A 215 -9.76 42.12 31.67
C PHE A 215 -8.96 42.61 32.87
N ILE A 216 -9.53 43.52 33.66
CA ILE A 216 -8.85 44.00 34.87
C ILE A 216 -9.55 43.44 36.09
N THR A 217 -8.78 43.06 37.10
CA THR A 217 -9.36 42.60 38.36
C THR A 217 -8.44 43.02 39.50
N TYR A 218 -8.91 42.85 40.73
CA TYR A 218 -8.25 43.46 41.84
C TYR A 218 -7.86 42.41 42.85
N HIS A 219 -6.61 42.47 43.30
CA HIS A 219 -6.13 41.57 44.35
C HIS A 219 -6.22 42.26 45.71
N ASN A 220 -7.14 41.80 46.54
CA ASN A 220 -7.50 42.51 47.77
C ASN A 220 -6.33 42.72 48.72
N GLU A 221 -5.60 41.66 48.98
CA GLU A 221 -4.56 41.70 50.00
C GLU A 221 -3.27 42.36 49.53
N LEU A 222 -3.25 42.82 48.27
CA LEU A 222 -2.10 43.56 47.77
C LEU A 222 -2.43 44.98 47.35
N ASP A 223 -3.71 45.36 47.47
CA ASP A 223 -4.16 46.67 47.02
C ASP A 223 -3.73 46.96 45.59
N MET A 224 -3.63 45.91 44.78
CA MET A 224 -3.09 46.04 43.43
C MET A 224 -4.00 45.46 42.36
N ASN A 225 -4.10 46.17 41.24
CA ASN A 225 -4.79 45.65 40.06
C ASN A 225 -3.90 44.67 39.28
N LEU A 226 -4.52 43.61 38.81
CA LEU A 226 -3.88 42.63 37.96
C LEU A 226 -4.70 42.49 36.68
N TYR A 227 -4.02 42.13 35.58
CA TYR A 227 -4.69 41.97 34.29
C TYR A 227 -4.72 40.49 33.93
N MET A 228 -5.85 40.01 33.43
CA MET A 228 -5.92 38.65 32.89
C MET A 228 -5.13 38.63 31.58
N ARG A 229 -4.43 37.53 31.34
CA ARG A 229 -3.52 37.44 30.21
C ARG A 229 -4.15 37.30 28.81
N ILE A 230 -3.41 37.80 27.81
CA ILE A 230 -3.79 37.71 26.40
C ILE A 230 -2.89 36.74 25.62
N ALA A 231 -1.75 36.39 26.22
CA ALA A 231 -0.79 35.44 25.64
C ALA A 231 0.28 35.13 26.67
N PRO A 232 0.84 33.90 26.63
CA PRO A 232 1.92 33.44 27.52
C PRO A 232 3.33 33.79 27.02
N GLU A 233 3.39 34.29 25.77
CA GLU A 233 4.63 34.56 25.03
C GLU A 233 5.89 35.05 25.79
N LEU A 234 5.79 36.18 26.48
CA LEU A 234 6.96 36.77 27.17
C LEU A 234 7.54 35.88 28.28
N TYR A 235 6.66 35.17 29.00
CA TYR A 235 7.13 34.21 30.00
C TYR A 235 7.89 33.06 29.35
N HIS A 236 7.36 32.53 28.25
CA HIS A 236 8.04 31.45 27.52
C HIS A 236 9.43 31.88 27.08
N LYS A 237 9.52 33.06 26.47
CA LYS A 237 10.83 33.59 26.07
C LYS A 237 11.79 33.73 27.24
N MET A 238 11.25 34.18 28.38
CA MET A 238 12.05 34.22 29.60
C MET A 238 12.58 32.85 30.05
N LEU A 239 11.79 31.80 29.80
CA LEU A 239 12.21 30.45 30.16
C LEU A 239 13.27 29.93 29.20
N VAL A 240 13.18 30.34 27.93
CA VAL A 240 14.22 29.95 26.98
C VAL A 240 15.52 30.62 27.38
N VAL A 241 15.43 31.88 27.81
CA VAL A 241 16.58 32.56 28.42
C VAL A 241 17.14 31.70 29.58
N GLY A 242 16.22 31.18 30.40
CA GLY A 242 16.58 30.33 31.53
C GLY A 242 17.33 29.05 31.15
N GLY A 243 17.21 28.63 29.90
CA GLY A 243 17.97 27.49 29.42
C GLY A 243 17.12 26.31 29.02
N ILE A 244 15.80 26.45 29.20
CA ILE A 244 14.86 25.42 28.73
C ILE A 244 14.63 25.68 27.25
N ASP A 245 15.22 24.82 26.42
CA ASP A 245 15.29 25.05 24.99
C ASP A 245 13.95 24.90 24.26
N ARG A 246 13.05 24.05 24.75
CA ARG A 246 11.75 23.85 24.07
C ARG A 246 10.61 23.84 25.07
N VAL A 247 9.74 24.84 24.98
CA VAL A 247 8.59 24.88 25.87
C VAL A 247 7.29 24.99 25.08
N TYR A 248 6.19 24.53 25.69
CA TYR A 248 4.83 24.78 25.15
C TYR A 248 3.78 24.88 26.24
N GLU A 249 2.64 25.47 25.89
CA GLU A 249 1.52 25.66 26.83
C GLU A 249 0.23 25.69 26.03
N ILE A 250 -0.66 24.73 26.33
CA ILE A 250 -2.01 24.77 25.78
C ILE A 250 -2.92 25.22 26.91
N GLY A 251 -3.29 26.50 26.85
CA GLY A 251 -4.03 27.14 27.93
C GLY A 251 -4.97 28.25 27.51
N ARG A 252 -5.69 28.78 28.50
CA ARG A 252 -6.73 29.75 28.24
C ARG A 252 -6.14 31.15 28.08
N GLN A 253 -6.89 31.98 27.39
CA GLN A 253 -6.54 33.36 27.11
C GLN A 253 -7.80 34.21 27.19
N PHE A 254 -7.63 35.49 27.44
CA PHE A 254 -8.77 36.34 27.74
C PHE A 254 -8.75 37.65 26.96
N ARG A 255 -9.93 38.07 26.48
CA ARG A 255 -10.09 39.34 25.77
C ARG A 255 -11.41 40.02 26.14
N ASN A 256 -11.30 41.25 26.63
CA ASN A 256 -12.48 42.08 26.90
C ASN A 256 -12.93 42.73 25.60
N GLU A 257 -13.90 42.10 24.93
CA GLU A 257 -14.20 42.39 23.52
C GLU A 257 -15.63 42.02 23.18
N GLY A 258 -15.89 41.83 21.90
CA GLY A 258 -17.22 41.50 21.48
C GLY A 258 -17.50 40.03 21.42
N ILE A 259 -18.63 39.61 21.98
CA ILE A 259 -19.05 38.22 21.99
C ILE A 259 -19.90 37.95 20.77
N ASP A 260 -19.52 36.97 19.98
CA ASP A 260 -20.10 36.84 18.66
C ASP A 260 -20.04 35.44 18.04
N LEU A 261 -20.18 35.40 16.74
CA LEU A 261 -20.03 34.18 15.97
C LEU A 261 -18.63 33.59 16.07
N THR A 262 -17.60 34.40 16.01
CA THR A 262 -16.27 33.84 16.16
C THR A 262 -15.44 34.34 17.34
N HIS A 263 -16.07 35.00 18.29
CA HIS A 263 -15.34 35.49 19.43
C HIS A 263 -15.92 35.13 20.74
N ASN A 264 -15.07 34.60 21.61
CA ASN A 264 -15.42 34.38 22.99
C ASN A 264 -14.40 35.08 23.90
N PRO A 265 -14.85 35.62 25.04
CA PRO A 265 -13.99 36.38 25.99
C PRO A 265 -12.85 35.54 26.55
N GLU A 266 -13.05 34.23 26.57
CA GLU A 266 -12.00 33.29 26.92
C GLU A 266 -11.92 32.24 25.83
N PHE A 267 -10.69 31.90 25.45
CA PHE A 267 -10.47 30.93 24.37
C PHE A 267 -9.13 30.20 24.54
N THR A 268 -8.91 29.14 23.79
CA THR A 268 -7.70 28.34 24.03
C THR A 268 -6.63 28.44 22.95
N THR A 269 -5.41 28.74 23.37
CA THR A 269 -4.30 28.68 22.42
C THR A 269 -3.23 27.70 22.82
N CYS A 270 -2.48 27.24 21.82
CA CYS A 270 -1.23 26.54 22.08
C CYS A 270 -0.09 27.46 21.66
N GLU A 271 0.82 27.75 22.57
CA GLU A 271 2.03 28.47 22.22
C GLU A 271 3.27 27.61 22.50
N PHE A 272 4.17 27.52 21.50
CA PHE A 272 5.46 26.87 21.73
C PHE A 272 6.66 27.69 21.26
N TYR A 273 7.75 27.57 22.01
CA TYR A 273 9.01 28.26 21.71
C TYR A 273 10.15 27.23 21.59
N MET A 274 10.96 27.44 20.57
CA MET A 274 12.00 26.49 20.17
C MET A 274 13.33 27.18 19.88
N ALA A 275 14.32 26.86 20.71
CA ALA A 275 15.64 27.47 20.57
C ALA A 275 16.41 26.89 19.40
N TYR A 276 17.17 27.77 18.74
CA TYR A 276 18.00 27.46 17.56
C TYR A 276 17.20 27.12 16.30
N ALA A 277 15.91 27.45 16.33
CA ALA A 277 15.03 27.36 15.16
C ALA A 277 14.73 28.78 14.61
N ASP A 278 14.41 28.84 13.33
CA ASP A 278 13.84 30.06 12.71
C ASP A 278 12.45 29.75 12.10
N TYR A 279 11.80 30.75 11.54
CA TYR A 279 10.44 30.54 11.01
C TYR A 279 10.36 29.61 9.80
N HIS A 280 11.48 29.32 9.15
CA HIS A 280 11.47 28.28 8.11
C HIS A 280 11.23 26.92 8.76
N ASP A 281 12.05 26.61 9.76
CA ASP A 281 11.90 25.42 10.60
C ASP A 281 10.48 25.30 11.12
N LEU A 282 9.96 26.41 11.64
CA LEU A 282 8.59 26.43 12.12
C LEU A 282 7.55 26.19 11.02
N MET A 283 7.85 26.60 9.78
CA MET A 283 6.98 26.29 8.65
C MET A 283 6.91 24.80 8.37
N GLU A 284 8.07 24.14 8.32
CA GLU A 284 8.10 22.68 8.16
C GLU A 284 7.32 21.97 9.28
N ILE A 285 7.63 22.34 10.52
CA ILE A 285 6.96 21.77 11.69
C ILE A 285 5.42 21.96 11.64
N THR A 286 4.98 23.18 11.34
CA THR A 286 3.56 23.46 11.16
C THR A 286 2.90 22.60 10.07
N GLU A 287 3.49 22.56 8.87
CA GLU A 287 3.00 21.63 7.84
C GLU A 287 2.80 20.22 8.39
N LYS A 288 3.83 19.66 9.00
CA LYS A 288 3.77 18.31 9.52
C LYS A 288 2.74 18.11 10.60
N MET A 289 2.61 19.07 11.48
CA MET A 289 1.69 18.98 12.60
C MET A 289 0.24 19.10 12.17
N VAL A 290 -0.08 20.13 11.41
CA VAL A 290 -1.44 20.35 10.96
C VAL A 290 -1.88 19.23 9.99
N SER A 291 -1.10 19.01 8.94
CA SER A 291 -1.45 17.96 7.97
C SER A 291 -1.66 16.63 8.68
N GLY A 292 -0.70 16.22 9.50
CA GLY A 292 -0.78 14.98 10.25
C GLY A 292 -1.96 14.93 11.20
N MET A 293 -2.19 16.03 11.89
CA MET A 293 -3.34 16.16 12.78
C MET A 293 -4.63 15.87 12.02
N VAL A 294 -4.90 16.63 10.96
CA VAL A 294 -6.07 16.43 10.11
C VAL A 294 -6.21 14.99 9.61
N LYS A 295 -5.14 14.44 9.05
CA LYS A 295 -5.14 13.05 8.58
C LYS A 295 -5.50 12.05 9.69
N HIS A 296 -5.02 12.34 10.89
CA HIS A 296 -5.17 11.44 12.03
C HIS A 296 -6.61 11.48 12.52
N ILE A 297 -7.12 12.68 12.73
CA ILE A 297 -8.49 12.85 13.22
C ILE A 297 -9.56 12.44 12.21
N THR A 298 -9.46 12.90 10.96
CA THR A 298 -10.54 12.71 9.97
C THR A 298 -10.34 11.51 9.03
N GLY A 299 -9.11 11.02 8.93
CA GLY A 299 -8.78 9.91 8.03
C GLY A 299 -8.11 10.37 6.73
N SER A 300 -8.28 11.64 6.40
CA SER A 300 -7.79 12.12 5.12
C SER A 300 -7.15 13.48 5.26
N TYR A 301 -6.42 13.89 4.23
CA TYR A 301 -5.94 15.27 4.13
C TYR A 301 -7.07 16.18 3.62
N LYS A 302 -8.12 15.56 3.09
CA LYS A 302 -9.19 16.33 2.50
C LYS A 302 -10.37 16.53 3.45
N VAL A 303 -10.81 17.78 3.54
CA VAL A 303 -11.85 18.18 4.47
C VAL A 303 -12.82 19.12 3.76
N THR A 304 -14.12 18.84 3.86
CA THR A 304 -15.12 19.75 3.32
C THR A 304 -15.61 20.69 4.44
N TYR A 305 -15.80 21.97 4.10
CA TYR A 305 -16.25 22.93 5.09
C TYR A 305 -17.37 23.84 4.59
N HIS A 306 -18.34 24.15 5.46
CA HIS A 306 -19.48 25.01 5.12
C HIS A 306 -19.52 26.30 5.96
N PRO A 307 -18.88 27.37 5.45
CA PRO A 307 -18.65 28.62 6.22
C PRO A 307 -19.94 29.36 6.53
N ASP A 308 -20.95 29.13 5.69
CA ASP A 308 -22.29 29.61 5.99
C ASP A 308 -23.28 28.47 5.72
N GLY A 309 -23.82 27.90 6.80
CA GLY A 309 -24.87 26.91 6.69
C GLY A 309 -24.50 25.61 6.00
N PRO A 310 -25.24 24.53 6.35
CA PRO A 310 -25.15 23.21 5.69
C PRO A 310 -25.86 23.23 4.35
N GLU A 311 -26.69 24.24 4.13
CA GLU A 311 -27.34 24.43 2.84
C GLU A 311 -26.74 25.62 2.10
N GLY A 312 -25.44 25.84 2.31
CA GLY A 312 -24.72 26.94 1.67
C GLY A 312 -23.51 26.48 0.86
N GLN A 313 -22.65 27.42 0.46
CA GLN A 313 -21.45 27.07 -0.33
C GLN A 313 -20.55 26.13 0.45
N ALA A 314 -20.17 25.02 -0.17
CA ALA A 314 -19.23 24.06 0.42
C ALA A 314 -17.81 24.24 -0.14
N TYR A 315 -16.82 24.35 0.74
CA TYR A 315 -15.43 24.49 0.30
C TYR A 315 -14.69 23.19 0.54
N ASP A 316 -13.93 22.76 -0.46
CA ASP A 316 -13.15 21.53 -0.38
C ASP A 316 -11.67 21.83 -0.17
N VAL A 317 -11.16 21.44 0.99
CA VAL A 317 -9.84 21.86 1.43
C VAL A 317 -8.84 20.70 1.45
N ASP A 318 -7.66 20.95 0.88
CA ASP A 318 -6.59 19.94 0.77
C ASP A 318 -5.42 20.30 1.70
N PHE A 319 -5.27 19.53 2.77
CA PHE A 319 -4.22 19.77 3.76
C PHE A 319 -2.93 19.06 3.39
N THR A 320 -2.90 18.48 2.19
CA THR A 320 -1.69 17.83 1.70
C THR A 320 -0.55 18.85 1.64
N PRO A 321 0.55 18.57 2.35
CA PRO A 321 1.71 19.47 2.31
C PRO A 321 2.54 19.18 1.05
N PRO A 322 3.32 20.16 0.55
CA PRO A 322 3.54 21.47 1.21
C PRO A 322 2.42 22.51 1.00
N PHE A 323 2.24 23.38 1.99
CA PHE A 323 1.22 24.44 1.92
C PHE A 323 1.72 25.60 1.05
N ARG A 324 0.79 26.21 0.33
CA ARG A 324 1.09 27.39 -0.47
C ARG A 324 1.68 28.50 0.42
N ARG A 325 2.64 29.22 -0.16
CA ARG A 325 3.25 30.36 0.52
C ARG A 325 3.07 31.63 -0.31
N ILE A 326 2.65 32.70 0.35
CA ILE A 326 2.67 34.02 -0.29
C ILE A 326 3.39 35.04 0.58
N ASN A 327 4.08 35.99 -0.06
CA ASN A 327 4.71 37.09 0.67
C ASN A 327 3.78 38.28 0.68
N MET A 328 3.59 38.87 1.86
CA MET A 328 2.53 39.84 2.07
C MET A 328 2.60 41.04 1.12
N VAL A 329 3.67 41.84 1.22
CA VAL A 329 3.82 43.04 0.39
C VAL A 329 3.80 42.74 -1.13
N GLU A 330 4.54 41.71 -1.56
CA GLU A 330 4.58 41.31 -2.97
C GLU A 330 3.20 40.97 -3.55
N GLU A 331 2.45 40.15 -2.83
CA GLU A 331 1.15 39.66 -3.31
C GLU A 331 0.06 40.72 -3.14
N LEU A 332 0.33 41.68 -2.26
CA LEU A 332 -0.55 42.85 -2.13
C LEU A 332 -0.36 43.75 -3.35
N GLU A 333 0.90 43.95 -3.73
CA GLU A 333 1.28 44.63 -4.97
C GLU A 333 0.65 43.96 -6.20
N LYS A 334 0.63 42.63 -6.22
CA LYS A 334 -0.05 41.90 -7.30
C LYS A 334 -1.58 42.12 -7.27
N ALA A 335 -2.17 42.09 -6.07
CA ALA A 335 -3.62 42.21 -5.93
C ALA A 335 -4.14 43.64 -6.03
N LEU A 336 -3.23 44.60 -5.89
CA LEU A 336 -3.59 46.03 -6.00
C LEU A 336 -3.28 46.58 -7.39
N GLY A 337 -2.70 45.73 -8.24
CA GLY A 337 -2.31 46.12 -9.59
C GLY A 337 -1.29 47.25 -9.62
N MET A 338 -0.70 47.56 -8.47
CA MET A 338 0.22 48.69 -8.35
C MET A 338 1.45 48.36 -7.52
N LYS A 339 2.45 49.25 -7.56
CA LYS A 339 3.63 49.13 -6.69
C LYS A 339 3.38 49.85 -5.37
N LEU A 340 3.84 49.23 -4.28
CA LEU A 340 3.74 49.81 -2.96
C LEU A 340 5.08 50.45 -2.61
N PRO A 341 5.11 51.36 -1.60
CA PRO A 341 6.39 51.96 -1.16
C PRO A 341 7.47 50.91 -0.85
N GLU A 342 8.75 51.25 -1.09
CA GLU A 342 9.86 50.38 -0.70
C GLU A 342 9.77 50.08 0.81
N THR A 343 10.08 48.84 1.18
CA THR A 343 9.76 48.31 2.52
C THR A 343 10.46 49.04 3.68
N ASN A 344 11.57 49.70 3.39
CA ASN A 344 12.28 50.50 4.42
C ASN A 344 11.67 51.90 4.62
N LEU A 345 10.47 52.10 4.09
CA LEU A 345 9.81 53.41 4.14
C LEU A 345 8.53 53.36 4.94
N PHE A 346 8.28 52.20 5.56
CA PHE A 346 6.97 51.92 6.14
C PHE A 346 6.63 52.63 7.45
N GLU A 347 7.62 53.27 8.07
CA GLU A 347 7.37 54.01 9.31
C GLU A 347 7.12 55.50 9.06
N THR A 348 7.09 55.90 7.77
CA THR A 348 6.84 57.30 7.40
C THR A 348 5.34 57.57 7.26
N GLU A 349 4.96 58.84 7.49
CA GLU A 349 3.56 59.28 7.36
C GLU A 349 3.22 59.51 5.89
N GLU A 350 4.27 59.63 5.08
CA GLU A 350 4.15 59.55 3.62
C GLU A 350 3.43 58.24 3.28
N THR A 351 4.02 57.14 3.74
CA THR A 351 3.50 55.81 3.49
C THR A 351 2.10 55.63 4.08
N ARG A 352 1.89 56.12 5.30
CA ARG A 352 0.59 56.05 5.94
C ARG A 352 -0.47 56.74 5.07
N LYS A 353 -0.13 57.93 4.57
CA LYS A 353 -1.01 58.69 3.69
C LYS A 353 -1.30 57.93 2.38
N ILE A 354 -0.25 57.36 1.78
CA ILE A 354 -0.40 56.54 0.56
C ILE A 354 -1.36 55.37 0.77
N LEU A 355 -1.20 54.68 1.90
CA LEU A 355 -2.02 53.50 2.25
C LEU A 355 -3.45 53.91 2.58
N ASP A 356 -3.61 55.11 3.14
CA ASP A 356 -4.93 55.66 3.42
C ASP A 356 -5.67 55.95 2.12
N ASP A 357 -4.95 56.59 1.18
CA ASP A 357 -5.49 56.90 -0.14
C ASP A 357 -5.86 55.62 -0.90
N ILE A 358 -5.01 54.60 -0.80
CA ILE A 358 -5.27 53.30 -1.44
C ILE A 358 -6.47 52.58 -0.83
N CYS A 359 -6.63 52.72 0.49
CA CYS A 359 -7.76 52.11 1.23
C CYS A 359 -9.08 52.74 0.82
N VAL A 360 -9.07 54.08 0.70
CA VAL A 360 -10.23 54.81 0.21
C VAL A 360 -10.58 54.44 -1.25
N ALA A 361 -9.58 54.55 -2.12
CA ALA A 361 -9.69 54.24 -3.55
C ALA A 361 -10.26 52.84 -3.89
N LYS A 362 -10.08 51.87 -2.99
CA LYS A 362 -10.58 50.51 -3.24
C LYS A 362 -11.68 50.13 -2.25
N ALA A 363 -12.20 51.15 -1.57
CA ALA A 363 -13.39 51.03 -0.70
C ALA A 363 -13.18 50.06 0.47
N VAL A 364 -12.09 50.25 1.19
CA VAL A 364 -11.79 49.43 2.37
C VAL A 364 -11.95 50.25 3.65
N GLU A 365 -12.87 49.82 4.51
CA GLU A 365 -13.21 50.58 5.71
C GLU A 365 -12.17 50.40 6.81
N CYS A 366 -11.52 51.49 7.19
CA CYS A 366 -10.66 51.42 8.35
C CYS A 366 -11.14 52.40 9.42
N PRO A 367 -11.84 51.87 10.42
CA PRO A 367 -12.17 52.65 11.63
C PRO A 367 -10.91 53.29 12.21
N PRO A 368 -11.09 54.43 12.89
CA PRO A 368 -9.96 55.09 13.57
C PRO A 368 -9.42 54.23 14.72
N PRO A 369 -8.12 54.40 15.07
CA PRO A 369 -7.18 55.27 14.34
C PRO A 369 -6.60 54.62 13.09
N ARG A 370 -6.59 55.34 11.98
CA ARG A 370 -6.07 54.79 10.72
C ARG A 370 -4.53 54.81 10.66
N THR A 371 -3.90 54.02 11.53
CA THR A 371 -2.43 53.85 11.52
C THR A 371 -1.99 53.03 10.32
N THR A 372 -0.70 53.09 10.01
CA THR A 372 -0.14 52.34 8.88
C THR A 372 -0.43 50.84 9.05
N ALA A 373 -0.31 50.37 10.28
CA ALA A 373 -0.52 48.95 10.57
C ALA A 373 -1.98 48.53 10.38
N ARG A 374 -2.91 49.30 10.94
CA ARG A 374 -4.33 48.96 10.81
C ARG A 374 -4.79 49.03 9.35
N LEU A 375 -4.32 50.04 8.63
CA LEU A 375 -4.60 50.14 7.19
C LEU A 375 -4.08 48.93 6.43
N LEU A 376 -2.82 48.61 6.68
CA LEU A 376 -2.16 47.46 6.08
C LEU A 376 -2.92 46.15 6.34
N ASP A 377 -3.35 46.00 7.59
CA ASP A 377 -4.11 44.82 8.04
C ASP A 377 -5.44 44.74 7.32
N LYS A 378 -6.12 45.87 7.20
CA LYS A 378 -7.40 45.92 6.50
C LYS A 378 -7.25 45.52 5.03
N LEU A 379 -6.18 46.02 4.40
CA LEU A 379 -5.90 45.72 2.99
C LEU A 379 -5.55 44.24 2.79
N VAL A 380 -4.79 43.68 3.74
CA VAL A 380 -4.44 42.25 3.69
C VAL A 380 -5.70 41.40 3.85
N GLY A 381 -6.52 41.79 4.83
CA GLY A 381 -7.83 41.18 5.05
C GLY A 381 -8.69 41.14 3.80
N GLU A 382 -8.78 42.29 3.13
CA GLU A 382 -9.57 42.42 1.90
C GLU A 382 -9.03 41.58 0.74
N PHE A 383 -7.77 41.82 0.38
CA PHE A 383 -7.23 41.29 -0.87
C PHE A 383 -6.54 39.93 -0.76
N LEU A 384 -5.94 39.65 0.39
CA LEU A 384 -5.09 38.48 0.52
C LEU A 384 -5.76 37.29 1.24
N GLU A 385 -6.26 37.55 2.45
CA GLU A 385 -6.83 36.48 3.28
C GLU A 385 -7.94 35.70 2.60
N VAL A 386 -8.70 36.38 1.74
CA VAL A 386 -9.83 35.73 1.05
C VAL A 386 -9.40 34.66 0.03
N THR A 387 -8.13 34.74 -0.40
CA THR A 387 -7.58 33.75 -1.34
C THR A 387 -7.07 32.50 -0.63
N CYS A 388 -7.15 32.52 0.70
CA CYS A 388 -6.58 31.46 1.54
C CYS A 388 -7.64 30.45 2.02
N ILE A 389 -8.03 29.57 1.09
CA ILE A 389 -8.99 28.51 1.37
C ILE A 389 -8.26 27.28 1.91
N ASN A 390 -7.47 26.65 1.03
CA ASN A 390 -6.44 25.69 1.44
C ASN A 390 -5.45 26.34 2.40
N PRO A 391 -4.82 25.55 3.31
CA PRO A 391 -3.86 26.11 4.26
C PRO A 391 -2.76 26.89 3.53
N THR A 392 -2.63 28.17 3.87
CA THR A 392 -1.71 29.09 3.20
C THR A 392 -0.92 29.94 4.20
N PHE A 393 0.41 29.88 4.08
CA PHE A 393 1.31 30.74 4.83
C PHE A 393 1.38 32.14 4.21
N ILE A 394 1.00 33.14 4.98
CA ILE A 394 1.24 34.53 4.60
C ILE A 394 2.49 34.99 5.37
N CYS A 395 3.54 35.33 4.62
CA CYS A 395 4.85 35.56 5.22
C CYS A 395 5.41 36.98 5.08
N ASP A 396 6.46 37.23 5.86
CA ASP A 396 7.27 38.46 5.80
C ASP A 396 6.48 39.74 6.03
N HIS A 397 5.83 39.77 7.19
CA HIS A 397 5.10 40.95 7.67
C HIS A 397 6.04 42.14 7.90
N PRO A 398 5.51 43.35 7.72
CA PRO A 398 6.26 44.56 8.07
C PRO A 398 6.42 44.66 9.58
N GLN A 399 7.53 45.26 10.02
CA GLN A 399 7.82 45.39 11.44
C GLN A 399 6.76 46.21 12.22
N ILE A 400 6.08 47.13 11.54
CA ILE A 400 5.02 47.94 12.17
C ILE A 400 3.83 47.10 12.65
N MET A 401 3.66 45.91 12.07
CA MET A 401 2.59 44.98 12.48
C MET A 401 3.08 43.95 13.52
N SER A 402 4.38 43.92 13.76
CA SER A 402 5.04 42.79 14.41
C SER A 402 6.14 43.23 15.39
N PRO A 403 5.73 43.80 16.54
CA PRO A 403 6.64 44.43 17.51
C PRO A 403 7.51 43.44 18.30
N LEU A 404 7.17 42.15 18.26
CA LEU A 404 8.00 41.16 18.93
C LEU A 404 8.74 40.27 17.93
N ALA A 405 8.50 40.51 16.64
CA ALA A 405 9.17 39.72 15.58
C ALA A 405 10.54 40.27 15.18
N LYS A 406 11.44 39.36 14.84
CA LYS A 406 12.81 39.74 14.49
C LYS A 406 12.83 40.21 13.04
N TRP A 407 13.56 41.31 12.80
CA TRP A 407 13.66 41.88 11.47
C TRP A 407 14.12 40.83 10.46
N HIS A 408 13.61 40.92 9.24
CA HIS A 408 13.99 40.03 8.15
C HIS A 408 15.49 40.22 7.88
N ARG A 409 16.19 39.15 7.53
CA ARG A 409 17.65 39.21 7.37
C ARG A 409 18.10 39.67 5.98
N SER A 410 17.15 39.86 5.07
CA SER A 410 17.43 40.42 3.75
C SER A 410 16.63 41.73 3.62
N LYS A 411 15.31 41.58 3.65
CA LYS A 411 14.35 42.65 3.37
C LYS A 411 14.15 43.64 4.55
N GLU A 412 14.79 44.80 4.47
CA GLU A 412 14.69 45.82 5.53
C GLU A 412 13.27 46.33 5.63
N GLY A 413 12.75 46.44 6.86
CA GLY A 413 11.37 46.87 7.08
C GLY A 413 10.39 45.72 7.27
N LEU A 414 10.81 44.52 6.87
CA LEU A 414 10.03 43.32 7.08
C LEU A 414 10.53 42.50 8.29
N THR A 415 9.72 41.53 8.71
CA THR A 415 10.07 40.62 9.80
C THR A 415 9.99 39.17 9.34
N GLU A 416 10.70 38.29 10.08
CA GLU A 416 10.69 36.85 9.78
C GLU A 416 9.45 36.18 10.41
N ARG A 417 8.31 36.40 9.78
CA ARG A 417 7.04 35.99 10.36
C ARG A 417 6.10 35.30 9.35
N PHE A 418 5.27 34.40 9.85
CA PHE A 418 4.16 33.91 9.05
C PHE A 418 2.86 33.77 9.87
N GLU A 419 1.75 33.87 9.17
CA GLU A 419 0.47 33.50 9.73
C GLU A 419 -0.04 32.37 8.86
N LEU A 420 -0.66 31.38 9.48
CA LEU A 420 -1.26 30.30 8.71
C LEU A 420 -2.76 30.57 8.55
N PHE A 421 -3.23 30.49 7.31
CA PHE A 421 -4.64 30.70 7.02
C PHE A 421 -5.28 29.47 6.40
N VAL A 422 -6.45 29.12 6.93
CA VAL A 422 -7.33 28.10 6.38
C VAL A 422 -8.74 28.70 6.36
N MET A 423 -9.45 28.51 5.25
CA MET A 423 -10.81 29.04 5.09
C MET A 423 -10.91 30.53 5.44
N LYS A 424 -9.98 31.32 4.87
CA LYS A 424 -9.93 32.77 5.02
C LYS A 424 -9.70 33.22 6.49
N LYS A 425 -9.46 32.26 7.36
CA LYS A 425 -9.25 32.55 8.78
C LYS A 425 -7.85 32.16 9.27
N GLU A 426 -7.30 32.98 10.17
CA GLU A 426 -5.99 32.68 10.79
C GLU A 426 -6.10 31.62 11.87
N ILE A 427 -5.28 30.59 11.76
CA ILE A 427 -5.21 29.58 12.80
C ILE A 427 -3.84 29.56 13.50
N CYS A 428 -2.80 29.93 12.75
CA CYS A 428 -1.47 30.04 13.33
C CYS A 428 -0.81 31.39 13.13
N ASN A 429 -0.05 31.81 14.15
CA ASN A 429 0.81 32.97 14.05
C ASN A 429 2.19 32.64 14.63
N ALA A 430 3.23 32.81 13.84
CA ALA A 430 4.58 32.40 14.27
C ALA A 430 5.69 33.34 13.76
N TYR A 431 6.75 33.48 14.52
CA TYR A 431 7.89 34.22 13.99
C TYR A 431 9.24 33.95 14.63
N THR A 432 10.30 34.24 13.87
CA THR A 432 11.63 34.24 14.45
C THR A 432 11.63 35.33 15.52
N GLU A 433 11.97 34.94 16.75
CA GLU A 433 11.86 35.85 17.88
C GLU A 433 12.94 36.93 17.91
N LEU A 434 12.49 38.17 18.16
CA LEU A 434 13.40 39.29 18.44
C LEU A 434 14.15 39.04 19.76
N ASN A 435 15.48 38.92 19.69
CA ASN A 435 16.31 38.71 20.88
C ASN A 435 17.23 39.88 21.25
N ASP A 436 17.14 40.98 20.50
CA ASP A 436 17.96 42.18 20.73
C ASP A 436 17.23 43.11 21.70
N PRO A 437 17.77 43.23 22.93
CA PRO A 437 17.06 43.96 24.00
C PRO A 437 16.85 45.45 23.66
N MET A 438 17.82 46.02 22.95
CA MET A 438 17.74 47.43 22.54
C MET A 438 16.63 47.68 21.52
N ARG A 439 16.62 46.90 20.45
CA ARG A 439 15.55 46.99 19.44
C ARG A 439 14.19 46.75 20.07
N GLN A 440 14.12 45.81 21.01
CA GLN A 440 12.85 45.45 21.62
C GLN A 440 12.34 46.58 22.49
N ARG A 441 13.26 47.19 23.24
CA ARG A 441 12.93 48.34 24.05
C ARG A 441 12.41 49.49 23.17
N GLN A 442 13.10 49.73 22.05
CA GLN A 442 12.71 50.76 21.11
C GLN A 442 11.30 50.52 20.59
N LEU A 443 11.01 49.27 20.21
CA LEU A 443 9.71 48.97 19.64
C LEU A 443 8.61 49.06 20.69
N PHE A 444 8.97 48.76 21.93
CA PHE A 444 8.03 48.88 23.04
C PHE A 444 7.72 50.36 23.24
N GLU A 445 8.75 51.19 23.13
CA GLU A 445 8.61 52.65 23.23
C GLU A 445 7.71 53.22 22.11
N GLU A 446 7.92 52.76 20.88
CA GLU A 446 7.03 53.11 19.78
C GLU A 446 5.59 52.67 20.05
N GLN A 447 5.44 51.49 20.64
CA GLN A 447 4.12 50.95 20.97
C GLN A 447 3.44 51.79 22.05
N ALA A 448 4.24 52.27 22.99
CA ALA A 448 3.77 53.08 24.11
C ALA A 448 3.38 54.50 23.64
N LYS A 449 4.16 55.05 22.71
CA LYS A 449 3.77 56.25 22.00
C LYS A 449 2.40 56.07 21.32
N ALA A 450 2.23 54.97 20.57
CA ALA A 450 0.96 54.71 19.89
C ALA A 450 -0.18 54.36 20.84
N LYS A 451 0.15 54.09 22.10
CA LYS A 451 -0.88 53.81 23.10
C LYS A 451 -1.26 55.09 23.86
N ALA A 452 -0.34 56.05 23.91
CA ALA A 452 -0.62 57.37 24.48
C ALA A 452 -1.48 58.21 23.53
N ALA A 453 -1.23 58.07 22.23
CA ALA A 453 -2.05 58.70 21.21
C ALA A 453 -3.24 57.81 20.79
N GLY A 454 -3.68 56.93 21.68
CA GLY A 454 -4.94 56.22 21.53
C GLY A 454 -5.16 55.05 20.58
N ASP A 455 -4.17 54.16 20.45
CA ASP A 455 -4.45 52.79 20.00
C ASP A 455 -4.63 51.99 21.28
N ASP A 456 -5.78 51.34 21.42
CA ASP A 456 -6.22 50.82 22.71
C ASP A 456 -5.73 49.41 23.01
N GLU A 457 -5.34 48.69 21.96
CA GLU A 457 -4.85 47.32 22.09
C GLU A 457 -3.31 47.30 22.06
N ALA A 458 -2.71 48.45 21.73
CA ALA A 458 -1.25 48.58 21.59
C ALA A 458 -0.49 48.27 22.88
N MET A 459 0.74 47.79 22.73
CA MET A 459 1.48 47.18 23.82
C MET A 459 2.09 48.14 24.83
N PHE A 460 2.37 47.58 26.02
CA PHE A 460 3.00 48.33 27.10
C PHE A 460 4.49 48.04 27.13
N ILE A 461 5.13 48.41 28.23
CA ILE A 461 6.56 48.20 28.35
C ILE A 461 6.90 47.24 29.49
N ASP A 462 7.15 45.98 29.15
CA ASP A 462 7.68 45.02 30.11
C ASP A 462 9.17 45.28 30.21
N GLU A 463 9.58 45.94 31.29
CA GLU A 463 11.01 46.20 31.48
C GLU A 463 11.74 44.92 31.93
N ASN A 464 11.04 44.07 32.68
CA ASN A 464 11.55 42.77 33.09
C ASN A 464 11.86 41.84 31.93
N PHE A 465 10.94 41.81 30.96
CA PHE A 465 11.16 41.06 29.75
C PHE A 465 12.43 41.56 29.06
N CYS A 466 12.54 42.89 28.96
CA CYS A 466 13.70 43.53 28.32
C CYS A 466 15.01 43.16 29.03
N THR A 467 14.96 43.16 30.36
CA THR A 467 16.08 42.75 31.17
C THR A 467 16.49 41.30 30.86
N ALA A 468 15.49 40.43 30.82
CA ALA A 468 15.72 39.02 30.47
C ALA A 468 16.51 38.94 29.16
N LEU A 469 15.99 39.64 28.15
CA LEU A 469 16.67 39.74 26.86
C LEU A 469 18.14 40.19 26.99
N GLU A 470 18.41 41.08 27.96
CA GLU A 470 19.78 41.55 28.25
C GLU A 470 20.66 40.46 28.86
N TYR A 471 20.05 39.48 29.53
CA TYR A 471 20.83 38.32 30.00
C TYR A 471 21.06 37.32 28.87
N GLY A 472 20.30 37.48 27.78
CA GLY A 472 20.65 36.78 26.55
C GLY A 472 19.69 35.70 26.14
N LEU A 473 18.87 35.99 25.15
CA LEU A 473 17.98 34.98 24.61
C LEU A 473 18.59 34.41 23.33
N PRO A 474 18.76 33.09 23.31
CA PRO A 474 19.35 32.44 22.12
C PRO A 474 18.44 32.62 20.90
N PRO A 475 19.02 32.56 19.69
CA PRO A 475 18.23 32.53 18.46
C PRO A 475 17.05 31.58 18.68
N THR A 476 15.82 32.09 18.60
CA THR A 476 14.66 31.28 18.93
C THR A 476 13.52 31.60 17.96
N ALA A 477 12.66 30.61 17.70
CA ALA A 477 11.46 30.83 16.89
C ALA A 477 10.24 30.39 17.70
N GLY A 478 9.17 31.18 17.62
CA GLY A 478 7.96 30.94 18.40
C GLY A 478 6.69 30.82 17.56
N TRP A 479 5.64 30.33 18.19
CA TRP A 479 4.47 29.84 17.44
C TRP A 479 3.24 29.80 18.31
N GLY A 480 2.10 30.14 17.71
CA GLY A 480 0.82 30.17 18.41
C GLY A 480 -0.29 29.65 17.52
N MET A 481 -1.26 28.98 18.12
CA MET A 481 -2.39 28.39 17.40
C MET A 481 -3.70 28.55 18.18
N GLY A 482 -4.74 28.97 17.45
CA GLY A 482 -6.08 29.09 18.03
C GLY A 482 -6.81 27.76 17.94
N ILE A 483 -6.73 26.99 19.02
CA ILE A 483 -7.29 25.65 19.05
C ILE A 483 -8.77 25.68 18.69
N ASP A 484 -9.49 26.68 19.20
CA ASP A 484 -10.92 26.78 18.96
C ASP A 484 -11.27 26.83 17.45
N ARG A 485 -10.46 27.54 16.68
CA ARG A 485 -10.68 27.63 15.23
C ARG A 485 -10.39 26.32 14.51
N VAL A 486 -9.28 25.69 14.87
CA VAL A 486 -8.98 24.37 14.33
C VAL A 486 -10.13 23.39 14.62
N ALA A 487 -10.70 23.54 15.81
CA ALA A 487 -11.82 22.72 16.23
C ALA A 487 -13.03 22.99 15.36
N MET A 488 -13.33 24.27 15.12
CA MET A 488 -14.43 24.64 14.21
C MET A 488 -14.24 24.00 12.84
N PHE A 489 -13.01 24.12 12.32
CA PHE A 489 -12.70 23.67 10.96
C PHE A 489 -12.72 22.15 10.81
N LEU A 490 -12.48 21.44 11.90
CA LEU A 490 -12.48 19.98 11.83
C LEU A 490 -13.80 19.36 12.32
N THR A 491 -14.74 20.21 12.73
CA THR A 491 -16.07 19.75 13.07
C THR A 491 -17.14 20.41 12.19
N ASP A 492 -16.67 21.06 11.12
CA ASP A 492 -17.55 21.77 10.21
C ASP A 492 -18.50 22.69 11.00
N SER A 493 -17.92 23.48 11.89
CA SER A 493 -18.70 24.46 12.64
C SER A 493 -18.30 25.86 12.20
N ASN A 494 -19.30 26.71 11.94
CA ASN A 494 -19.05 28.09 11.52
C ASN A 494 -19.33 29.04 12.69
N ASN A 495 -19.69 28.44 13.81
CA ASN A 495 -19.92 29.17 15.04
C ASN A 495 -18.92 28.66 16.10
N ILE A 496 -18.30 29.56 16.84
CA ILE A 496 -17.37 29.17 17.90
C ILE A 496 -18.11 28.55 19.10
N LYS A 497 -19.41 28.86 19.24
CA LYS A 497 -20.22 28.29 20.31
C LYS A 497 -20.36 26.77 20.17
N GLU A 498 -20.22 26.30 18.94
CA GLU A 498 -20.30 24.87 18.66
C GLU A 498 -19.14 24.04 19.24
N VAL A 499 -18.01 24.70 19.50
CA VAL A 499 -16.81 24.02 20.01
C VAL A 499 -16.39 24.46 21.43
N LEU A 500 -17.23 25.25 22.07
CA LEU A 500 -17.06 25.58 23.48
C LEU A 500 -18.23 24.98 24.25
N LEU A 501 -17.94 24.15 25.25
CA LEU A 501 -19.02 23.44 25.94
C LEU A 501 -20.02 24.42 26.54
N PHE A 502 -19.51 25.41 27.25
CA PHE A 502 -20.36 26.44 27.87
C PHE A 502 -19.95 27.82 27.39
N PRO A 503 -20.35 28.18 26.17
CA PRO A 503 -19.98 29.46 25.56
C PRO A 503 -20.63 30.63 26.30
N ALA A 504 -19.98 31.78 26.25
CA ALA A 504 -20.50 32.99 26.90
C ALA A 504 -21.77 33.48 26.19
N MET A 505 -22.84 33.65 26.96
CA MET A 505 -24.10 34.12 26.42
C MET A 505 -24.50 35.47 27.01
N LYS A 506 -25.26 36.24 26.23
CA LYS A 506 -25.57 37.67 26.54
C LYS A 506 -26.95 37.85 27.16
N PRO A 507 -27.06 37.59 28.47
CA PRO A 507 -28.28 37.05 29.08
C PRO A 507 -29.59 37.81 28.79
N VAL B 3 34.79 43.96 40.32
CA VAL B 3 34.14 44.75 39.28
C VAL B 3 32.64 45.01 39.60
N ASP B 4 32.16 46.21 39.23
CA ASP B 4 30.81 46.67 39.56
C ASP B 4 29.79 46.36 38.44
N PRO B 5 28.72 45.63 38.79
CA PRO B 5 27.75 45.07 37.82
C PRO B 5 27.09 46.09 36.89
N ASN B 6 26.90 47.31 37.39
CA ASN B 6 26.33 48.40 36.58
C ASN B 6 27.37 48.94 35.59
N GLN B 7 28.60 49.08 36.07
CA GLN B 7 29.71 49.45 35.22
C GLN B 7 29.85 48.41 34.11
N TYR B 8 29.89 47.14 34.53
CA TYR B 8 29.97 45.99 33.61
C TYR B 8 28.89 46.07 32.56
N TYR B 9 27.66 46.33 32.99
CA TYR B 9 26.54 46.45 32.07
C TYR B 9 26.74 47.60 31.06
N LYS B 10 27.13 48.78 31.55
CA LYS B 10 27.36 49.94 30.69
C LYS B 10 28.43 49.65 29.63
N ILE B 11 29.57 49.15 30.10
CA ILE B 11 30.69 48.79 29.24
C ILE B 11 30.29 47.75 28.19
N ARG B 12 29.62 46.68 28.64
CA ARG B 12 29.25 45.58 27.77
C ARG B 12 28.20 45.97 26.73
N SER B 13 27.22 46.75 27.16
CA SER B 13 26.21 47.32 26.26
C SER B 13 26.94 48.12 25.18
N GLN B 14 27.93 48.91 25.60
CA GLN B 14 28.71 49.70 24.65
C GLN B 14 29.42 48.79 23.66
N ALA B 15 30.06 47.76 24.18
CA ALA B 15 30.82 46.81 23.37
C ALA B 15 29.95 46.15 22.30
N ILE B 16 28.74 45.74 22.71
CA ILE B 16 27.83 45.06 21.81
C ILE B 16 27.30 46.04 20.78
N HIS B 17 26.98 47.24 21.23
CA HIS B 17 26.58 48.31 20.31
C HIS B 17 27.63 48.51 19.21
N GLN B 18 28.89 48.58 19.63
CA GLN B 18 30.02 48.67 18.71
C GLN B 18 29.97 47.52 17.72
N LEU B 19 29.77 46.31 18.23
CA LEU B 19 29.66 45.12 17.38
C LEU B 19 28.55 45.27 16.32
N LYS B 20 27.44 45.89 16.73
CA LYS B 20 26.33 46.18 15.84
C LYS B 20 26.71 47.16 14.72
N VAL B 21 27.33 48.28 15.09
CA VAL B 21 27.72 49.29 14.10
C VAL B 21 28.81 48.82 13.12
N ASN B 22 29.64 47.86 13.55
CA ASN B 22 30.64 47.25 12.67
C ASN B 22 30.11 46.17 11.74
N GLY B 23 28.79 45.95 11.77
CA GLY B 23 28.19 44.86 11.02
C GLY B 23 28.71 43.51 11.45
N GLU B 24 29.14 43.41 12.72
CA GLU B 24 29.70 42.15 13.26
C GLU B 24 28.62 41.24 13.84
N ASP B 25 27.36 41.69 13.79
CA ASP B 25 26.19 40.82 13.96
C ASP B 25 26.15 40.05 15.27
N PRO B 26 25.98 40.77 16.41
CA PRO B 26 26.02 40.10 17.72
C PRO B 26 24.75 39.30 18.00
N TYR B 27 23.68 39.58 17.26
CA TYR B 27 22.47 38.76 17.37
C TYR B 27 22.06 38.07 16.06
N PRO B 28 22.86 37.07 15.62
CA PRO B 28 22.55 36.31 14.40
C PRO B 28 21.14 35.72 14.41
N HIS B 29 20.60 35.44 13.21
CA HIS B 29 19.26 34.91 13.03
C HIS B 29 19.19 33.40 13.21
N LYS B 30 20.11 32.70 12.55
CA LYS B 30 20.08 31.25 12.56
C LYS B 30 21.45 30.60 12.71
N PHE B 31 21.58 29.73 13.72
CA PHE B 31 22.77 28.90 13.83
C PHE B 31 22.23 27.47 13.77
N HIS B 32 22.79 26.68 12.87
CA HIS B 32 22.31 25.29 12.70
C HIS B 32 23.00 24.31 13.67
N VAL B 33 22.28 23.94 14.72
CA VAL B 33 22.81 22.97 15.68
C VAL B 33 22.69 21.57 15.11
N ASP B 34 23.78 20.81 15.16
CA ASP B 34 23.82 19.46 14.57
C ASP B 34 23.34 18.41 15.56
N ILE B 35 23.59 18.67 16.83
CA ILE B 35 23.48 17.64 17.87
C ILE B 35 23.36 18.28 19.27
N SER B 36 22.55 17.68 20.14
CA SER B 36 22.42 18.17 21.51
C SER B 36 23.72 17.92 22.29
N LEU B 37 23.97 18.73 23.32
CA LEU B 37 25.14 18.52 24.17
C LEU B 37 25.03 17.12 24.78
N THR B 38 23.81 16.76 25.14
CA THR B 38 23.54 15.48 25.76
C THR B 38 23.98 14.31 24.85
N ASP B 39 23.45 14.27 23.63
CA ASP B 39 23.84 13.25 22.62
C ASP B 39 25.36 13.26 22.31
N PHE B 40 25.97 14.44 22.33
CA PHE B 40 27.40 14.61 22.06
C PHE B 40 28.22 13.90 23.14
N ILE B 41 27.86 14.17 24.39
CA ILE B 41 28.45 13.49 25.52
C ILE B 41 28.23 11.96 25.45
N GLN B 42 27.00 11.55 25.16
CA GLN B 42 26.67 10.13 25.16
C GLN B 42 27.43 9.41 24.03
N LYS B 43 27.72 10.13 22.95
CA LYS B 43 28.41 9.56 21.79
C LYS B 43 29.92 9.48 21.93
N TYR B 44 30.53 10.52 22.50
CA TYR B 44 31.99 10.64 22.48
C TYR B 44 32.68 10.52 23.84
N SER B 45 31.96 10.01 24.83
CA SER B 45 32.52 9.81 26.16
C SER B 45 33.57 8.71 26.19
N HIS B 46 33.42 7.75 25.28
CA HIS B 46 34.32 6.59 25.16
C HIS B 46 35.75 6.97 24.73
N LEU B 47 35.94 8.21 24.31
CA LEU B 47 37.24 8.67 23.83
C LEU B 47 38.31 8.65 24.92
N GLN B 48 39.54 8.32 24.51
CA GLN B 48 40.71 8.25 25.39
C GLN B 48 41.30 9.63 25.61
N PRO B 49 41.98 9.82 26.74
CA PRO B 49 42.71 11.08 26.97
C PRO B 49 43.68 11.34 25.82
N GLY B 50 43.65 12.55 25.27
CA GLY B 50 44.50 12.90 24.14
C GLY B 50 43.87 12.73 22.76
N ASP B 51 42.74 12.01 22.69
CA ASP B 51 42.04 11.81 21.42
C ASP B 51 41.61 13.12 20.77
N HIS B 52 41.50 13.09 19.44
CA HIS B 52 41.11 14.25 18.65
C HIS B 52 40.61 13.76 17.29
N LEU B 53 39.30 13.54 17.18
CA LEU B 53 38.69 13.08 15.94
C LEU B 53 38.81 14.08 14.78
N THR B 54 39.71 13.82 13.86
CA THR B 54 39.90 14.68 12.70
C THR B 54 38.78 14.49 11.66
N ASP B 55 38.09 13.36 11.70
CA ASP B 55 37.10 13.04 10.68
C ASP B 55 35.65 13.26 11.14
N ILE B 56 35.46 14.00 12.22
CA ILE B 56 34.11 14.29 12.68
C ILE B 56 33.93 15.75 13.09
N THR B 57 33.02 16.43 12.41
CA THR B 57 32.78 17.85 12.65
C THR B 57 31.30 18.14 13.00
N LEU B 58 31.11 18.83 14.11
CA LEU B 58 29.78 18.99 14.69
C LEU B 58 29.52 20.40 15.20
N LYS B 59 28.26 20.81 15.09
CA LYS B 59 27.81 22.10 15.62
C LYS B 59 26.91 21.93 16.84
N VAL B 60 27.38 22.46 17.97
CA VAL B 60 26.62 22.46 19.23
C VAL B 60 26.43 23.91 19.68
N ALA B 61 25.50 24.17 20.59
CA ALA B 61 25.37 25.51 21.15
C ALA B 61 25.07 25.50 22.64
N GLY B 62 25.25 26.64 23.30
CA GLY B 62 24.98 26.70 24.71
C GLY B 62 25.36 28.02 25.34
N ARG B 63 25.38 28.05 26.67
CA ARG B 63 25.77 29.26 27.41
C ARG B 63 27.11 29.08 28.10
N ILE B 64 27.99 30.05 27.89
CA ILE B 64 29.32 30.04 28.54
C ILE B 64 29.18 30.24 30.07
N HIS B 65 29.69 29.28 30.83
CA HIS B 65 29.68 29.42 32.28
C HIS B 65 30.99 29.95 32.84
N ALA B 66 32.05 29.70 32.10
CA ALA B 66 33.37 30.10 32.54
C ALA B 66 34.26 30.27 31.32
N LYS B 67 35.22 31.17 31.44
CA LYS B 67 36.22 31.38 30.42
C LYS B 67 37.57 31.42 31.12
N ARG B 68 38.45 30.45 30.82
CA ARG B 68 39.77 30.43 31.43
C ARG B 68 40.87 30.18 30.41
N ALA B 69 42.04 30.79 30.65
CA ALA B 69 43.21 30.63 29.79
C ALA B 69 44.27 29.67 30.34
N SER B 70 45.04 29.05 29.44
CA SER B 70 46.16 28.16 29.77
C SER B 70 47.32 28.54 28.84
N GLY B 71 47.14 29.67 28.16
CA GLY B 71 48.13 30.25 27.28
C GLY B 71 47.51 31.48 26.66
N GLY B 72 48.15 32.01 25.62
CA GLY B 72 47.57 33.09 24.83
C GLY B 72 47.05 32.46 23.55
N LYS B 73 47.36 31.16 23.43
CA LYS B 73 46.98 30.38 22.27
C LYS B 73 46.06 29.23 22.70
N LEU B 74 45.60 29.27 23.97
CA LEU B 74 44.71 28.23 24.49
C LEU B 74 43.66 28.75 25.45
N ILE B 75 42.39 28.63 25.07
CA ILE B 75 41.34 29.14 25.94
C ILE B 75 40.22 28.13 26.08
N PHE B 76 39.89 27.80 27.33
CA PHE B 76 38.85 26.82 27.66
C PHE B 76 37.55 27.52 28.05
N TYR B 77 36.47 27.15 27.37
CA TYR B 77 35.15 27.68 27.69
C TYR B 77 34.28 26.56 28.26
N ASP B 78 33.51 26.90 29.28
CA ASP B 78 32.63 25.91 29.88
C ASP B 78 31.20 25.98 29.30
N LEU B 79 30.92 25.25 28.23
CA LEU B 79 29.57 25.29 27.63
C LEU B 79 28.51 24.53 28.44
N ARG B 80 27.40 25.19 28.77
CA ARG B 80 26.29 24.55 29.51
C ARG B 80 25.00 24.58 28.74
N GLY B 81 24.23 23.49 28.90
CA GLY B 81 22.94 23.34 28.26
C GLY B 81 22.26 22.05 28.68
N GLU B 82 20.92 22.07 28.74
CA GLU B 82 20.16 20.83 28.94
C GLU B 82 20.49 20.12 30.27
N GLY B 83 21.01 20.88 31.24
CA GLY B 83 21.35 20.31 32.54
C GLY B 83 22.71 19.66 32.54
N VAL B 84 23.52 20.05 31.56
CA VAL B 84 24.72 19.31 31.24
C VAL B 84 25.88 20.26 30.88
N LYS B 85 27.12 19.75 30.86
CA LYS B 85 28.28 20.56 30.46
C LYS B 85 29.19 19.91 29.42
N LEU B 86 29.74 20.74 28.53
CA LEU B 86 30.79 20.32 27.59
C LEU B 86 31.90 21.34 27.57
N GLN B 87 33.15 20.87 27.61
CA GLN B 87 34.31 21.78 27.48
C GLN B 87 34.63 22.15 26.03
N VAL B 88 34.83 23.43 25.81
CA VAL B 88 35.33 23.94 24.55
C VAL B 88 36.82 24.20 24.71
N MET B 89 37.64 23.36 24.08
CA MET B 89 39.08 23.60 24.06
C MET B 89 39.50 24.37 22.80
N ALA B 90 39.56 25.68 22.93
CA ALA B 90 39.89 26.53 21.80
C ALA B 90 41.40 26.69 21.67
N ASN B 91 41.98 25.97 20.72
CA ASN B 91 43.37 26.10 20.33
C ASN B 91 43.54 26.95 19.04
N SER B 92 44.46 27.92 19.10
CA SER B 92 44.84 28.73 17.94
C SER B 92 45.13 27.90 16.68
N ARG B 93 45.89 26.80 16.85
CA ARG B 93 46.26 25.92 15.73
C ARG B 93 45.05 25.32 15.01
N ASN B 94 43.94 25.15 15.71
CA ASN B 94 42.77 24.48 15.13
C ASN B 94 41.67 25.41 14.68
N TYR B 95 41.77 26.67 15.09
CA TYR B 95 40.83 27.70 14.65
C TYR B 95 41.13 28.08 13.19
N LYS B 96 40.13 28.62 12.49
CA LYS B 96 40.29 29.05 11.09
C LYS B 96 41.41 30.09 10.83
N SER B 97 41.57 31.10 11.70
CA SER B 97 42.68 32.07 11.61
C SER B 97 43.20 32.39 12.99
N GLU B 98 44.44 32.87 13.06
CA GLU B 98 44.96 33.39 14.30
C GLU B 98 44.20 34.68 14.56
N GLU B 99 43.95 35.44 13.50
CA GLU B 99 43.28 36.73 13.61
C GLU B 99 41.88 36.59 14.20
N GLU B 100 41.13 35.64 13.66
CA GLU B 100 39.75 35.40 14.09
C GLU B 100 39.65 34.72 15.47
N PHE B 101 40.63 33.88 15.79
CA PHE B 101 40.73 33.30 17.12
C PHE B 101 40.90 34.40 18.17
N ILE B 102 41.89 35.26 17.95
CA ILE B 102 42.08 36.45 18.79
C ILE B 102 40.79 37.29 18.88
N HIS B 103 40.16 37.52 17.74
CA HIS B 103 38.97 38.37 17.69
C HIS B 103 37.84 37.79 18.54
N ILE B 104 37.54 36.52 18.34
CA ILE B 104 36.44 35.85 19.03
C ILE B 104 36.73 35.71 20.53
N ASN B 105 37.98 35.45 20.91
CA ASN B 105 38.30 35.41 22.33
C ASN B 105 38.25 36.79 22.99
N ASN B 106 38.49 37.85 22.21
CA ASN B 106 38.31 39.21 22.75
C ASN B 106 36.84 39.53 22.91
N LYS B 107 36.01 38.96 22.04
CA LYS B 107 34.57 39.20 22.09
C LYS B 107 33.90 38.58 23.32
N LEU B 108 34.11 37.28 23.51
CA LEU B 108 33.33 36.47 24.46
C LEU B 108 33.55 36.71 25.95
N ARG B 109 32.44 36.83 26.68
CA ARG B 109 32.44 36.91 28.14
C ARG B 109 31.61 35.77 28.71
N ARG B 110 31.86 35.43 29.97
CA ARG B 110 30.97 34.52 30.69
C ARG B 110 29.51 34.97 30.55
N GLY B 111 28.64 34.02 30.23
CA GLY B 111 27.21 34.28 30.13
C GLY B 111 26.72 34.31 28.69
N ASP B 112 27.65 34.35 27.75
CA ASP B 112 27.26 34.47 26.35
C ASP B 112 26.67 33.15 25.84
N ILE B 113 25.66 33.29 24.98
CA ILE B 113 25.18 32.17 24.18
C ILE B 113 26.05 32.09 22.92
N ILE B 114 26.70 30.94 22.76
CA ILE B 114 27.55 30.71 21.61
C ILE B 114 27.15 29.47 20.81
N GLY B 115 27.62 29.44 19.57
CA GLY B 115 27.55 28.28 18.70
C GLY B 115 28.99 27.83 18.44
N VAL B 116 29.22 26.52 18.49
CA VAL B 116 30.53 25.95 18.26
C VAL B 116 30.50 24.90 17.14
N GLN B 117 31.41 25.05 16.19
CA GLN B 117 31.63 24.08 15.12
C GLN B 117 33.05 23.51 15.32
N GLY B 118 33.13 22.22 15.61
CA GLY B 118 34.41 21.65 15.97
C GLY B 118 34.48 20.13 16.00
N ASN B 119 35.65 19.63 16.36
CA ASN B 119 35.84 18.18 16.41
C ASN B 119 35.77 17.70 17.86
N PRO B 120 35.13 16.54 18.08
CA PRO B 120 35.19 15.86 19.39
C PRO B 120 36.63 15.50 19.76
N GLY B 121 36.97 15.63 21.04
CA GLY B 121 38.29 15.29 21.56
C GLY B 121 38.26 15.10 23.07
N LYS B 122 39.42 14.86 23.67
CA LYS B 122 39.51 14.74 25.14
C LYS B 122 40.89 15.17 25.59
N THR B 123 40.95 16.03 26.62
CA THR B 123 42.22 16.55 27.11
C THR B 123 43.11 15.42 27.66
N LYS B 124 44.39 15.74 27.87
CA LYS B 124 45.31 14.79 28.47
C LYS B 124 44.81 14.41 29.86
N LYS B 125 44.14 15.35 30.53
CA LYS B 125 43.55 15.10 31.86
C LYS B 125 42.39 14.11 31.76
N GLY B 126 41.64 14.21 30.68
CA GLY B 126 40.58 13.26 30.41
C GLY B 126 39.20 13.90 30.38
N GLU B 127 39.16 15.22 30.15
CA GLU B 127 37.90 15.96 30.04
C GLU B 127 37.46 16.00 28.57
N LEU B 128 36.29 15.40 28.30
CA LEU B 128 35.70 15.41 26.98
C LEU B 128 35.53 16.85 26.56
N SER B 129 35.98 17.17 25.34
CA SER B 129 35.87 18.53 24.82
C SER B 129 35.49 18.57 23.34
N ILE B 130 35.18 19.78 22.89
CA ILE B 130 35.04 20.09 21.46
C ILE B 130 36.14 21.10 21.09
N ILE B 131 36.89 20.81 20.03
CA ILE B 131 37.95 21.71 19.54
C ILE B 131 37.45 22.46 18.31
N PRO B 132 37.24 23.78 18.47
CA PRO B 132 36.54 24.65 17.51
C PRO B 132 37.34 25.04 16.26
N TYR B 133 36.69 24.91 15.10
CA TYR B 133 37.15 25.56 13.88
C TYR B 133 36.66 27.01 13.91
N GLU B 134 35.41 27.18 14.35
CA GLU B 134 34.82 28.52 14.48
C GLU B 134 33.84 28.62 15.65
N ILE B 135 33.94 29.72 16.39
CA ILE B 135 32.99 30.02 17.45
C ILE B 135 32.17 31.23 17.04
N THR B 136 30.86 31.12 17.17
CA THR B 136 29.96 32.21 16.81
C THR B 136 29.16 32.74 18.00
N LEU B 137 29.24 34.05 18.24
CA LEU B 137 28.42 34.69 19.26
C LEU B 137 26.97 34.75 18.82
N LEU B 138 26.11 34.02 19.54
CA LEU B 138 24.68 33.94 19.20
C LEU B 138 23.83 34.94 19.98
N SER B 139 24.20 35.18 21.24
CA SER B 139 23.48 36.18 22.04
C SER B 139 24.28 36.59 23.28
N PRO B 140 24.70 37.85 23.35
CA PRO B 140 25.59 38.26 24.44
C PRO B 140 24.85 38.48 25.76
N CYS B 141 25.49 38.12 26.87
CA CYS B 141 25.01 38.48 28.19
C CYS B 141 25.61 39.85 28.63
N LEU B 142 24.73 40.85 28.72
CA LEU B 142 25.12 42.22 29.07
C LEU B 142 25.38 42.43 30.55
N HIS B 143 24.88 41.51 31.38
CA HIS B 143 25.00 41.68 32.83
C HIS B 143 26.08 40.78 33.38
N MET B 144 26.55 41.09 34.59
CA MET B 144 27.51 40.19 35.24
C MET B 144 26.74 39.10 35.99
N LEU B 145 27.00 37.86 35.62
CA LEU B 145 26.44 36.73 36.35
C LEU B 145 27.24 36.57 37.67
N PRO B 146 26.52 36.43 38.79
CA PRO B 146 27.16 36.32 40.11
C PRO B 146 28.04 35.08 40.28
N HIS B 147 29.22 35.28 40.86
CA HIS B 147 30.00 34.18 41.43
C HIS B 147 29.39 33.88 42.81
N LEU B 148 28.83 32.69 42.97
CA LEU B 148 28.19 32.36 44.25
C LEU B 148 28.77 31.07 44.80
N HIS B 149 28.94 31.01 46.12
CA HIS B 149 29.48 29.80 46.75
C HIS B 149 28.38 28.78 47.02
N PHE B 150 27.21 29.29 47.42
CA PHE B 150 26.09 28.44 47.81
C PHE B 150 24.91 28.55 46.84
N GLY B 151 25.22 28.84 45.57
CA GLY B 151 24.21 29.05 44.55
C GLY B 151 23.43 30.35 44.78
N LEU B 152 22.53 30.66 43.86
CA LEU B 152 21.60 31.77 44.08
C LEU B 152 20.65 31.30 45.20
N LYS B 153 20.71 31.95 46.34
CA LYS B 153 19.90 31.56 47.50
C LYS B 153 18.79 32.59 47.74
N ASP B 154 19.04 33.82 47.31
CA ASP B 154 18.11 34.92 47.57
C ASP B 154 16.77 34.71 46.83
N LYS B 155 15.75 34.36 47.60
CA LYS B 155 14.45 33.99 47.05
C LYS B 155 13.80 35.08 46.19
N GLU B 156 14.00 36.34 46.59
CA GLU B 156 13.49 37.46 45.80
C GLU B 156 13.99 37.39 44.36
N THR B 157 15.31 37.26 44.23
CA THR B 157 15.96 37.18 42.94
C THR B 157 15.48 35.93 42.20
N ARG B 158 15.54 34.77 42.88
CA ARG B 158 15.14 33.50 42.30
C ARG B 158 13.72 33.46 41.73
N TYR B 159 12.77 34.02 42.47
CA TYR B 159 11.36 33.97 42.08
C TYR B 159 10.95 35.09 41.12
N ARG B 160 11.60 36.25 41.21
CA ARG B 160 11.28 37.33 40.27
C ARG B 160 11.99 37.13 38.93
N GLN B 161 13.29 36.83 39.00
CA GLN B 161 14.08 36.51 37.81
C GLN B 161 14.31 35.00 37.74
N ARG B 162 13.26 34.26 37.40
CA ARG B 162 13.36 32.81 37.32
C ARG B 162 14.45 32.34 36.37
N TYR B 163 14.69 33.10 35.29
CA TYR B 163 15.71 32.72 34.32
C TYR B 163 17.10 32.62 34.96
N LEU B 164 17.40 33.56 35.86
CA LEU B 164 18.64 33.50 36.63
C LEU B 164 18.73 32.23 37.48
N ASP B 165 17.61 31.89 38.12
CA ASP B 165 17.54 30.72 38.96
C ASP B 165 17.86 29.48 38.11
N LEU B 166 17.28 29.45 36.92
CA LEU B 166 17.44 28.32 36.00
C LEU B 166 18.86 28.19 35.45
N ILE B 167 19.54 29.32 35.26
CA ILE B 167 20.92 29.32 34.78
C ILE B 167 21.87 28.88 35.91
N LEU B 168 21.74 29.55 37.05
CA LEU B 168 22.65 29.40 38.17
C LEU B 168 22.36 28.22 39.09
N ASN B 169 21.20 27.59 38.95
CA ASN B 169 20.86 26.46 39.81
C ASN B 169 20.32 25.27 39.02
N ASP B 170 20.96 24.12 39.18
CA ASP B 170 20.68 22.98 38.29
C ASP B 170 19.42 22.22 38.65
N PHE B 171 19.04 22.30 39.92
CA PHE B 171 17.92 21.52 40.43
C PHE B 171 16.55 22.08 40.07
N VAL B 172 16.48 23.41 39.87
CA VAL B 172 15.25 24.05 39.45
C VAL B 172 14.62 23.37 38.21
N ARG B 173 15.48 23.15 37.22
CA ARG B 173 15.06 22.54 35.97
C ARG B 173 14.34 21.23 36.28
N GLN B 174 14.99 20.41 37.09
CA GLN B 174 14.44 19.09 37.42
C GLN B 174 13.11 19.15 38.17
N LYS B 175 12.94 20.18 39.00
CA LYS B 175 11.64 20.39 39.66
C LYS B 175 10.53 20.55 38.62
N PHE B 176 10.76 21.46 37.66
CA PHE B 176 9.72 21.65 36.63
C PHE B 176 9.55 20.47 35.65
N ILE B 177 10.60 19.68 35.48
CA ILE B 177 10.49 18.47 34.69
C ILE B 177 9.57 17.50 35.40
N ILE B 178 9.89 17.22 36.68
CA ILE B 178 9.02 16.42 37.54
C ILE B 178 7.55 16.88 37.56
N ARG B 179 7.35 18.20 37.66
CA ARG B 179 5.99 18.76 37.64
C ARG B 179 5.23 18.37 36.34
N SER B 180 5.94 18.54 35.21
CA SER B 180 5.38 18.12 33.91
C SER B 180 5.06 16.62 33.88
N LYS B 181 6.01 15.80 34.34
CA LYS B 181 5.83 14.36 34.46
C LYS B 181 4.57 13.99 35.25
N ILE B 182 4.35 14.68 36.37
CA ILE B 182 3.12 14.48 37.15
C ILE B 182 1.91 14.71 36.28
N ILE B 183 1.81 15.92 35.71
CA ILE B 183 0.59 16.30 34.98
C ILE B 183 0.29 15.33 33.83
N THR B 184 1.34 15.01 33.09
CA THR B 184 1.26 14.11 31.94
C THR B 184 0.87 12.69 32.35
N TYR B 185 1.43 12.22 33.47
CA TYR B 185 1.08 10.93 34.04
C TYR B 185 -0.42 10.86 34.36
N ILE B 186 -0.94 11.88 35.05
CA ILE B 186 -2.36 11.94 35.35
C ILE B 186 -3.20 11.86 34.07
N ARG B 187 -2.83 12.67 33.07
CA ARG B 187 -3.61 12.68 31.83
C ARG B 187 -3.62 11.29 31.25
N SER B 188 -2.48 10.61 31.32
CA SER B 188 -2.36 9.30 30.68
C SER B 188 -3.22 8.25 31.41
N PHE B 189 -3.09 8.25 32.73
CA PHE B 189 -3.96 7.50 33.62
C PHE B 189 -5.46 7.62 33.26
N LEU B 190 -5.96 8.85 33.24
CA LEU B 190 -7.38 9.08 33.01
C LEU B 190 -7.79 8.76 31.58
N ASP B 191 -6.93 9.13 30.62
CA ASP B 191 -7.24 8.89 29.20
C ASP B 191 -7.44 7.41 29.01
N GLU B 192 -6.52 6.62 29.59
CA GLU B 192 -6.59 5.16 29.48
C GLU B 192 -7.81 4.52 30.16
N LEU B 193 -8.45 5.26 31.06
CA LEU B 193 -9.67 4.77 31.70
C LEU B 193 -10.95 5.27 31.02
N GLY B 194 -10.80 5.85 29.82
CA GLY B 194 -11.94 6.35 29.08
C GLY B 194 -12.51 7.69 29.52
N PHE B 195 -11.69 8.51 30.17
CA PHE B 195 -12.13 9.86 30.53
C PHE B 195 -11.91 10.81 29.35
N LEU B 196 -12.85 11.71 29.14
CA LEU B 196 -12.71 12.74 28.12
C LEU B 196 -12.16 14.02 28.75
N GLU B 197 -11.04 14.49 28.20
CA GLU B 197 -10.44 15.74 28.66
C GLU B 197 -11.25 16.93 28.10
N ILE B 198 -11.68 17.79 29.02
CA ILE B 198 -12.56 18.88 28.67
C ILE B 198 -12.06 20.25 29.15
N GLU B 199 -12.71 21.31 28.65
CA GLU B 199 -12.49 22.67 29.14
C GLU B 199 -13.81 23.34 29.52
N THR B 200 -13.84 23.89 30.73
CA THR B 200 -15.04 24.59 31.19
C THR B 200 -14.68 26.06 31.45
N PRO B 201 -15.68 26.95 31.57
CA PRO B 201 -15.37 28.38 31.70
C PRO B 201 -14.54 28.79 32.92
N MET B 202 -13.63 29.73 32.71
CA MET B 202 -12.82 30.25 33.80
C MET B 202 -13.42 31.54 34.34
N MET B 203 -14.28 32.16 33.54
CA MET B 203 -15.13 33.25 34.00
C MET B 203 -16.61 32.82 34.05
N ASN B 204 -17.25 33.01 35.21
CA ASN B 204 -18.68 32.72 35.37
C ASN B 204 -19.39 33.96 35.94
N ILE B 205 -20.72 33.95 35.95
CA ILE B 205 -21.47 35.06 36.55
C ILE B 205 -21.67 34.84 38.05
N ILE B 206 -21.56 33.58 38.48
CA ILE B 206 -21.56 33.20 39.89
C ILE B 206 -20.61 32.03 40.12
N PRO B 207 -19.59 32.24 40.96
CA PRO B 207 -18.57 31.22 41.24
C PRO B 207 -19.08 30.12 42.19
N GLY B 208 -18.72 28.86 41.90
CA GLY B 208 -19.13 27.72 42.72
C GLY B 208 -18.14 26.57 42.66
N GLY B 209 -18.38 25.52 43.43
CA GLY B 209 -17.51 24.34 43.40
C GLY B 209 -16.61 24.18 44.61
N ALA B 210 -16.37 25.28 45.31
CA ALA B 210 -15.62 25.26 46.57
C ALA B 210 -15.96 26.45 47.46
N VAL B 211 -15.28 26.54 48.60
CA VAL B 211 -15.39 27.71 49.48
C VAL B 211 -14.16 28.61 49.35
N ALA B 212 -14.36 29.79 48.78
CA ALA B 212 -13.27 30.74 48.56
C ALA B 212 -13.76 32.15 48.18
N LYS B 213 -12.93 33.15 48.49
CA LYS B 213 -13.16 34.53 48.07
C LYS B 213 -12.63 34.69 46.62
N PRO B 214 -13.52 35.06 45.68
CA PRO B 214 -13.19 35.03 44.25
C PRO B 214 -12.59 36.33 43.75
N PHE B 215 -12.00 36.29 42.56
CA PHE B 215 -11.58 37.51 41.87
C PHE B 215 -12.77 38.03 41.06
N ILE B 216 -12.97 39.35 41.05
CA ILE B 216 -14.05 39.95 40.26
C ILE B 216 -13.48 40.83 39.14
N THR B 217 -13.94 40.60 37.91
CA THR B 217 -13.55 41.44 36.78
C THR B 217 -14.81 41.98 36.07
N TYR B 218 -14.63 43.00 35.24
CA TYR B 218 -15.75 43.62 34.57
C TYR B 218 -15.74 43.37 33.07
N HIS B 219 -16.88 42.92 32.53
CA HIS B 219 -17.02 42.76 31.08
C HIS B 219 -17.69 44.01 30.51
N ASN B 220 -16.97 44.72 29.65
CA ASN B 220 -17.41 46.01 29.12
C ASN B 220 -18.63 45.94 28.20
N GLU B 221 -18.54 45.12 27.15
CA GLU B 221 -19.63 44.99 26.19
C GLU B 221 -20.93 44.49 26.82
N LEU B 222 -20.85 43.77 27.94
CA LEU B 222 -22.06 43.23 28.58
C LEU B 222 -22.48 43.94 29.86
N ASP B 223 -21.66 44.90 30.31
CA ASP B 223 -21.97 45.73 31.48
C ASP B 223 -22.31 44.90 32.73
N MET B 224 -21.59 43.80 32.91
CA MET B 224 -21.75 42.97 34.10
C MET B 224 -20.42 42.47 34.67
N ASN B 225 -20.43 42.16 35.97
CA ASN B 225 -19.28 41.55 36.60
C ASN B 225 -19.23 40.05 36.34
N LEU B 226 -18.03 39.58 35.98
CA LEU B 226 -17.73 38.16 35.91
C LEU B 226 -16.79 37.79 37.07
N TYR B 227 -16.89 36.55 37.53
CA TYR B 227 -16.00 36.05 38.57
C TYR B 227 -14.98 35.06 37.98
N MET B 228 -13.74 35.10 38.46
CA MET B 228 -12.78 34.08 38.09
C MET B 228 -13.07 32.81 38.91
N ARG B 229 -13.03 31.66 38.24
CA ARG B 229 -13.54 30.43 38.84
C ARG B 229 -12.69 29.91 39.99
N ILE B 230 -13.35 29.23 40.92
CA ILE B 230 -12.66 28.60 42.04
C ILE B 230 -12.59 27.07 41.86
N ALA B 231 -13.45 26.53 40.99
CA ALA B 231 -13.50 25.10 40.69
C ALA B 231 -14.49 24.83 39.57
N PRO B 232 -14.13 23.92 38.66
CA PRO B 232 -14.95 23.58 37.48
C PRO B 232 -16.07 22.58 37.80
N GLU B 233 -16.24 22.27 39.07
CA GLU B 233 -17.08 21.17 39.56
C GLU B 233 -18.49 21.08 38.96
N LEU B 234 -19.22 22.19 39.08
CA LEU B 234 -20.62 22.21 38.66
C LEU B 234 -20.76 21.97 37.14
N TYR B 235 -19.80 22.51 36.37
CA TYR B 235 -19.82 22.31 34.91
C TYR B 235 -19.67 20.85 34.58
N HIS B 236 -18.77 20.19 35.30
CA HIS B 236 -18.51 18.79 35.03
C HIS B 236 -19.76 17.96 35.31
N LYS B 237 -20.37 18.22 36.46
CA LYS B 237 -21.62 17.52 36.80
C LYS B 237 -22.72 17.74 35.76
N MET B 238 -22.83 18.96 35.25
CA MET B 238 -23.72 19.18 34.09
C MET B 238 -23.37 18.33 32.88
N LEU B 239 -22.07 18.22 32.56
CA LEU B 239 -21.65 17.35 31.48
C LEU B 239 -22.06 15.90 31.68
N VAL B 240 -22.00 15.44 32.94
CA VAL B 240 -22.35 14.06 33.22
C VAL B 240 -23.85 13.85 33.04
N VAL B 241 -24.64 14.83 33.48
CA VAL B 241 -26.06 14.85 33.14
C VAL B 241 -26.31 14.74 31.62
N GLY B 242 -25.59 15.53 30.83
CA GLY B 242 -25.64 15.45 29.37
C GLY B 242 -25.18 14.12 28.78
N GLY B 243 -24.65 13.23 29.61
CA GLY B 243 -24.38 11.87 29.16
C GLY B 243 -22.93 11.51 28.93
N ILE B 244 -22.04 12.48 29.12
CA ILE B 244 -20.61 12.17 29.12
C ILE B 244 -20.29 11.57 30.48
N ASP B 245 -19.99 10.27 30.48
CA ASP B 245 -19.91 9.55 31.77
C ASP B 245 -18.58 9.76 32.54
N ARG B 246 -17.49 10.02 31.82
CA ARG B 246 -16.18 10.23 32.45
C ARG B 246 -15.43 11.47 31.92
N VAL B 247 -15.30 12.48 32.78
CA VAL B 247 -14.64 13.72 32.37
C VAL B 247 -13.50 14.14 33.29
N TYR B 248 -12.50 14.81 32.72
CA TYR B 248 -11.50 15.48 33.56
C TYR B 248 -10.97 16.75 32.91
N GLU B 249 -10.50 17.65 33.77
CA GLU B 249 -9.90 18.89 33.33
C GLU B 249 -8.74 19.21 34.27
N ILE B 250 -7.57 19.42 33.69
CA ILE B 250 -6.42 19.89 34.46
C ILE B 250 -6.22 21.37 34.09
N GLY B 251 -6.55 22.23 35.04
CA GLY B 251 -6.59 23.66 34.75
C GLY B 251 -6.39 24.57 35.94
N ARG B 252 -6.40 25.87 35.66
CA ARG B 252 -6.14 26.85 36.69
C ARG B 252 -7.42 27.23 37.47
N GLN B 253 -7.21 27.49 38.75
CA GLN B 253 -8.24 27.97 39.66
C GLN B 253 -7.69 29.25 40.30
N PHE B 254 -8.59 30.10 40.77
CA PHE B 254 -8.25 31.40 41.33
C PHE B 254 -8.90 31.64 42.69
N ARG B 255 -8.09 32.16 43.61
CA ARG B 255 -8.55 32.51 44.94
C ARG B 255 -7.98 33.86 45.37
N ASN B 256 -8.86 34.80 45.71
CA ASN B 256 -8.44 36.11 46.21
C ASN B 256 -8.13 36.05 47.71
N GLU B 257 -7.07 35.32 48.05
CA GLU B 257 -6.61 35.18 49.42
C GLU B 257 -5.21 35.78 49.56
N GLY B 258 -4.45 35.28 50.54
CA GLY B 258 -3.09 35.73 50.72
C GLY B 258 -2.07 34.71 50.26
N ILE B 259 -0.79 35.07 50.37
CA ILE B 259 0.29 34.16 49.97
C ILE B 259 1.03 33.52 51.15
N ASP B 260 1.02 32.20 51.21
CA ASP B 260 1.95 31.51 52.10
C ASP B 260 2.56 30.32 51.37
N LEU B 261 3.25 29.46 52.12
CA LEU B 261 4.04 28.37 51.57
C LEU B 261 3.20 27.39 50.77
N THR B 262 1.90 27.37 51.03
CA THR B 262 1.01 26.45 50.34
C THR B 262 -0.08 27.21 49.56
N HIS B 263 0.12 28.53 49.39
CA HIS B 263 -0.92 29.39 48.81
C HIS B 263 -0.49 30.45 47.80
N ASN B 264 -0.97 30.28 46.56
CA ASN B 264 -0.82 31.26 45.48
C ASN B 264 -2.21 31.62 44.95
N PRO B 265 -2.41 32.86 44.50
CA PRO B 265 -3.70 33.31 43.95
C PRO B 265 -4.19 32.45 42.75
N GLU B 266 -3.28 31.95 41.95
CA GLU B 266 -3.66 31.04 40.86
C GLU B 266 -2.89 29.75 41.03
N PHE B 267 -3.61 28.62 40.94
CA PHE B 267 -2.99 27.30 41.13
C PHE B 267 -3.62 26.28 40.18
N THR B 268 -2.93 25.16 39.96
CA THR B 268 -3.44 24.16 39.04
C THR B 268 -4.09 22.98 39.78
N THR B 269 -5.30 22.62 39.36
CA THR B 269 -5.94 21.42 39.89
C THR B 269 -6.39 20.50 38.79
N CYS B 270 -6.53 19.23 39.14
CA CYS B 270 -7.17 18.28 38.26
C CYS B 270 -8.50 17.87 38.88
N GLU B 271 -9.56 17.94 38.11
CA GLU B 271 -10.81 17.40 38.59
C GLU B 271 -11.33 16.35 37.61
N PHE B 272 -11.83 15.24 38.15
CA PHE B 272 -12.51 14.28 37.29
C PHE B 272 -13.82 13.86 37.94
N TYR B 273 -14.79 13.53 37.08
CA TYR B 273 -16.09 13.02 37.49
C TYR B 273 -16.38 11.73 36.73
N MET B 274 -16.86 10.76 37.50
CA MET B 274 -17.04 9.39 37.04
C MET B 274 -18.41 8.82 37.43
N ALA B 275 -19.22 8.56 36.41
CA ALA B 275 -20.58 8.03 36.56
C ALA B 275 -20.58 6.58 37.08
N TYR B 276 -21.54 6.28 37.96
CA TYR B 276 -21.77 4.92 38.47
C TYR B 276 -20.57 4.48 39.34
N ALA B 277 -19.86 5.47 39.88
CA ALA B 277 -18.81 5.26 40.86
C ALA B 277 -19.27 5.86 42.19
N ASP B 278 -18.74 5.36 43.29
CA ASP B 278 -18.90 6.03 44.59
C ASP B 278 -17.50 6.27 45.16
N TYR B 279 -17.44 6.93 46.30
CA TYR B 279 -16.12 7.27 46.82
C TYR B 279 -15.22 6.09 47.20
N HIS B 280 -15.78 4.88 47.35
CA HIS B 280 -14.90 3.70 47.56
C HIS B 280 -14.07 3.42 46.29
N ASP B 281 -14.77 3.49 45.15
CA ASP B 281 -14.12 3.34 43.84
C ASP B 281 -13.06 4.39 43.67
N LEU B 282 -13.38 5.61 44.12
CA LEU B 282 -12.43 6.71 44.02
C LEU B 282 -11.23 6.53 44.93
N MET B 283 -11.43 5.96 46.12
CA MET B 283 -10.29 5.61 46.98
C MET B 283 -9.36 4.62 46.28
N GLU B 284 -9.89 3.57 45.66
CA GLU B 284 -9.11 2.58 44.92
C GLU B 284 -8.34 3.11 43.73
N ILE B 285 -9.00 3.90 42.90
CA ILE B 285 -8.38 4.63 41.78
C ILE B 285 -7.32 5.62 42.27
N THR B 286 -7.63 6.41 43.30
CA THR B 286 -6.65 7.32 43.89
C THR B 286 -5.40 6.60 44.38
N GLU B 287 -5.58 5.49 45.09
CA GLU B 287 -4.43 4.67 45.56
C GLU B 287 -3.53 4.30 44.37
N LYS B 288 -4.18 3.79 43.32
CA LYS B 288 -3.47 3.30 42.13
C LYS B 288 -2.72 4.46 41.42
N MET B 289 -3.40 5.60 41.33
CA MET B 289 -2.87 6.73 40.59
C MET B 289 -1.70 7.36 41.33
N VAL B 290 -1.91 7.69 42.61
CA VAL B 290 -0.85 8.29 43.41
C VAL B 290 0.37 7.36 43.61
N SER B 291 0.14 6.11 43.99
CA SER B 291 1.28 5.22 44.21
C SER B 291 1.99 4.98 42.87
N GLY B 292 1.21 4.68 41.83
CA GLY B 292 1.76 4.53 40.48
C GLY B 292 2.63 5.71 40.03
N MET B 293 2.10 6.92 40.20
CA MET B 293 2.77 8.17 39.90
C MET B 293 4.11 8.26 40.62
N VAL B 294 4.06 8.14 41.94
CA VAL B 294 5.27 8.27 42.74
C VAL B 294 6.33 7.26 42.30
N LYS B 295 5.90 6.01 42.07
CA LYS B 295 6.85 4.94 41.71
C LYS B 295 7.45 5.17 40.32
N HIS B 296 6.61 5.63 39.41
CA HIS B 296 7.01 5.84 38.03
C HIS B 296 8.00 7.01 37.94
N ILE B 297 7.68 8.10 38.60
CA ILE B 297 8.53 9.27 38.57
C ILE B 297 9.81 9.14 39.39
N THR B 298 9.74 8.62 40.62
CA THR B 298 10.93 8.55 41.48
C THR B 298 11.63 7.20 41.56
N GLY B 299 11.04 6.18 40.95
CA GLY B 299 11.62 4.84 41.03
C GLY B 299 11.22 4.00 42.24
N SER B 300 10.53 4.60 43.21
CA SER B 300 10.16 3.89 44.43
C SER B 300 8.85 4.39 45.04
N TYR B 301 8.27 3.59 45.93
CA TYR B 301 7.13 4.08 46.71
C TYR B 301 7.59 4.97 47.86
N LYS B 302 8.85 4.83 48.27
CA LYS B 302 9.35 5.63 49.39
C LYS B 302 10.09 6.88 48.92
N VAL B 303 9.73 8.02 49.50
CA VAL B 303 10.37 9.31 49.19
C VAL B 303 10.76 9.99 50.50
N THR B 304 11.73 10.91 50.44
CA THR B 304 12.03 11.67 51.65
C THR B 304 11.57 13.12 51.52
N TYR B 305 11.08 13.65 52.62
CA TYR B 305 10.65 15.04 52.61
C TYR B 305 11.28 15.82 53.76
N HIS B 306 11.70 17.04 53.45
CA HIS B 306 12.21 17.98 54.45
C HIS B 306 11.26 19.17 54.52
N PRO B 307 10.24 19.07 55.38
CA PRO B 307 9.24 20.13 55.57
C PRO B 307 9.86 21.46 56.03
N ASP B 308 10.86 21.40 56.89
CA ASP B 308 11.43 22.62 57.44
C ASP B 308 12.70 23.01 56.70
N GLY B 309 12.90 22.40 55.54
CA GLY B 309 14.10 22.63 54.76
C GLY B 309 15.15 21.58 55.07
N PRO B 310 16.29 21.66 54.35
CA PRO B 310 17.43 20.76 54.54
C PRO B 310 18.15 21.05 55.85
N GLU B 311 17.83 22.19 56.47
CA GLU B 311 18.34 22.54 57.79
C GLU B 311 17.44 21.94 58.88
N GLY B 312 16.65 20.93 58.50
CA GLY B 312 15.68 20.35 59.41
C GLY B 312 15.48 18.85 59.35
N GLN B 313 14.38 18.37 59.95
CA GLN B 313 14.09 16.94 59.98
C GLN B 313 13.75 16.39 58.59
N ALA B 314 14.09 15.12 58.38
CA ALA B 314 13.68 14.42 57.18
C ALA B 314 12.59 13.43 57.56
N TYR B 315 11.48 13.43 56.81
CA TYR B 315 10.44 12.43 56.98
C TYR B 315 10.58 11.41 55.88
N ASP B 316 10.40 10.14 56.22
CA ASP B 316 10.29 9.12 55.21
C ASP B 316 8.81 8.83 54.93
N VAL B 317 8.41 9.10 53.69
CA VAL B 317 7.03 8.94 53.28
C VAL B 317 6.88 7.69 52.40
N ASP B 318 6.02 6.78 52.86
CA ASP B 318 5.75 5.51 52.18
C ASP B 318 4.40 5.52 51.44
N PHE B 319 4.47 5.57 50.11
CA PHE B 319 3.27 5.58 49.27
C PHE B 319 2.82 4.18 48.90
N THR B 320 3.37 3.19 49.59
CA THR B 320 2.96 1.81 49.32
C THR B 320 1.49 1.58 49.69
N PRO B 321 0.70 1.12 48.71
CA PRO B 321 -0.73 0.83 48.93
C PRO B 321 -0.94 -0.47 49.71
N PRO B 322 -2.03 -0.57 50.49
CA PRO B 322 -3.10 0.44 50.57
C PRO B 322 -2.76 1.55 51.56
N PHE B 323 -3.39 2.71 51.36
CA PHE B 323 -3.24 3.85 52.27
C PHE B 323 -3.99 3.69 53.61
N ARG B 324 -3.44 4.26 54.66
CA ARG B 324 -4.15 4.29 55.94
C ARG B 324 -5.48 5.02 55.73
N ARG B 325 -6.53 4.55 56.39
CA ARG B 325 -7.83 5.24 56.40
C ARG B 325 -8.27 5.57 57.82
N ILE B 326 -8.76 6.79 58.00
CA ILE B 326 -9.37 7.17 59.27
C ILE B 326 -10.70 7.87 59.05
N ASN B 327 -11.64 7.64 59.97
CA ASN B 327 -12.93 8.34 59.93
C ASN B 327 -12.86 9.56 60.82
N MET B 328 -13.08 10.71 60.20
CA MET B 328 -12.85 12.01 60.84
C MET B 328 -13.37 12.13 62.28
N VAL B 329 -14.67 11.89 62.48
CA VAL B 329 -15.26 12.09 63.79
C VAL B 329 -14.75 11.11 64.85
N GLU B 330 -14.72 9.83 64.53
CA GLU B 330 -14.28 8.83 65.52
C GLU B 330 -12.85 9.11 65.95
N GLU B 331 -11.99 9.40 64.96
CA GLU B 331 -10.58 9.64 65.23
C GLU B 331 -10.33 10.94 65.94
N LEU B 332 -11.18 11.92 65.70
CA LEU B 332 -11.10 13.17 66.41
C LEU B 332 -11.45 12.91 67.87
N GLU B 333 -12.47 12.07 68.10
CA GLU B 333 -12.87 11.70 69.47
C GLU B 333 -11.72 11.01 70.19
N LYS B 334 -11.15 10.03 69.49
CA LYS B 334 -10.00 9.26 69.97
C LYS B 334 -8.79 10.13 70.31
N ALA B 335 -8.50 11.13 69.46
CA ALA B 335 -7.43 12.08 69.76
C ALA B 335 -7.73 13.01 70.96
N LEU B 336 -8.96 13.50 71.03
CA LEU B 336 -9.42 14.41 72.10
C LEU B 336 -9.57 13.68 73.42
N GLY B 337 -9.76 12.35 73.33
CA GLY B 337 -10.09 11.53 74.48
C GLY B 337 -11.48 11.85 75.04
N MET B 338 -12.38 12.30 74.17
CA MET B 338 -13.73 12.63 74.60
C MET B 338 -14.76 12.28 73.54
N LYS B 339 -15.99 11.99 73.97
CA LYS B 339 -17.04 11.75 73.01
C LYS B 339 -17.57 13.08 72.47
N LEU B 340 -17.76 13.17 71.16
CA LEU B 340 -18.39 14.36 70.59
C LEU B 340 -19.88 14.06 70.48
N PRO B 341 -20.72 15.10 70.31
CA PRO B 341 -22.16 14.87 70.14
C PRO B 341 -22.47 13.94 68.95
N GLU B 342 -23.68 13.36 68.98
CA GLU B 342 -24.17 12.54 67.89
C GLU B 342 -24.13 13.30 66.56
N THR B 343 -23.87 12.59 65.47
CA THR B 343 -23.62 13.25 64.18
C THR B 343 -24.87 13.88 63.56
N ASN B 344 -26.04 13.43 63.97
CA ASN B 344 -27.29 14.07 63.55
C ASN B 344 -27.62 15.37 64.32
N LEU B 345 -26.71 15.79 65.19
CA LEU B 345 -26.91 16.94 66.04
C LEU B 345 -25.91 18.03 65.79
N PHE B 346 -25.25 17.96 64.64
CA PHE B 346 -24.20 18.92 64.31
C PHE B 346 -24.68 20.30 63.88
N GLU B 347 -25.95 20.38 63.48
CA GLU B 347 -26.51 21.65 63.07
C GLU B 347 -26.97 22.49 64.26
N THR B 348 -26.95 21.90 65.46
CA THR B 348 -27.42 22.59 66.67
C THR B 348 -26.39 23.51 67.33
N GLU B 349 -26.91 24.36 68.21
CA GLU B 349 -26.12 25.37 68.91
C GLU B 349 -25.40 24.74 70.08
N GLU B 350 -26.00 23.69 70.66
CA GLU B 350 -25.36 22.94 71.75
C GLU B 350 -24.02 22.38 71.26
N THR B 351 -24.08 21.72 70.11
CA THR B 351 -22.87 21.21 69.46
C THR B 351 -21.83 22.33 69.24
N ARG B 352 -22.22 23.39 68.53
CA ARG B 352 -21.32 24.52 68.31
C ARG B 352 -20.66 25.00 69.61
N LYS B 353 -21.43 25.02 70.70
CA LYS B 353 -20.95 25.51 71.98
C LYS B 353 -19.92 24.55 72.56
N ILE B 354 -20.20 23.26 72.44
CA ILE B 354 -19.27 22.22 72.90
C ILE B 354 -17.93 22.32 72.16
N LEU B 355 -17.99 22.33 70.84
CA LEU B 355 -16.77 22.43 70.03
C LEU B 355 -16.03 23.72 70.35
N ASP B 356 -16.76 24.80 70.58
CA ASP B 356 -16.14 26.08 70.94
C ASP B 356 -15.35 25.93 72.22
N ASP B 357 -15.98 25.34 73.21
CA ASP B 357 -15.34 25.14 74.51
C ASP B 357 -14.10 24.28 74.41
N ILE B 358 -14.21 23.15 73.70
CA ILE B 358 -13.07 22.27 73.44
C ILE B 358 -11.92 23.01 72.73
N CYS B 359 -12.23 23.80 71.71
CA CYS B 359 -11.17 24.58 71.05
C CYS B 359 -10.49 25.53 72.00
N VAL B 360 -11.27 26.17 72.86
CA VAL B 360 -10.70 27.10 73.86
C VAL B 360 -9.77 26.35 74.81
N ALA B 361 -10.28 25.27 75.37
CA ALA B 361 -9.57 24.43 76.31
C ALA B 361 -8.36 23.70 75.71
N LYS B 362 -8.39 23.34 74.43
CA LYS B 362 -7.24 22.68 73.81
C LYS B 362 -6.35 23.74 73.14
N ALA B 363 -6.64 25.03 73.38
CA ALA B 363 -5.86 26.13 72.82
C ALA B 363 -5.83 26.20 71.29
N VAL B 364 -6.87 25.70 70.63
CA VAL B 364 -6.96 25.76 69.18
C VAL B 364 -7.69 27.04 68.77
N GLU B 365 -6.98 27.92 68.08
CA GLU B 365 -7.60 29.13 67.58
C GLU B 365 -8.54 28.91 66.39
N CYS B 366 -9.68 29.57 66.49
CA CYS B 366 -10.58 29.70 65.36
C CYS B 366 -10.96 31.18 65.33
N PRO B 367 -10.41 31.90 64.36
CA PRO B 367 -10.84 33.27 64.10
C PRO B 367 -12.30 33.26 63.67
N PRO B 368 -13.03 34.34 63.98
CA PRO B 368 -14.46 34.43 63.63
C PRO B 368 -14.65 34.34 62.11
N PRO B 369 -15.80 33.81 61.66
CA PRO B 369 -16.89 33.33 62.53
C PRO B 369 -16.59 31.93 63.08
N ARG B 370 -16.77 31.75 64.38
CA ARG B 370 -16.52 30.44 64.99
C ARG B 370 -17.72 29.51 64.79
N THR B 371 -17.94 29.11 63.54
CA THR B 371 -19.03 28.22 63.19
C THR B 371 -18.65 26.81 63.55
N THR B 372 -19.64 25.93 63.67
CA THR B 372 -19.38 24.53 63.98
C THR B 372 -18.40 23.95 62.95
N ALA B 373 -18.66 24.23 61.68
CA ALA B 373 -17.85 23.69 60.59
C ALA B 373 -16.40 24.15 60.69
N ARG B 374 -16.20 25.43 60.97
CA ARG B 374 -14.84 25.95 61.11
C ARG B 374 -14.10 25.37 62.32
N LEU B 375 -14.80 25.30 63.46
CA LEU B 375 -14.21 24.79 64.70
C LEU B 375 -13.78 23.34 64.50
N LEU B 376 -14.66 22.58 63.86
CA LEU B 376 -14.35 21.20 63.44
C LEU B 376 -13.08 21.18 62.59
N ASP B 377 -13.06 21.96 61.52
CA ASP B 377 -11.89 22.01 60.65
C ASP B 377 -10.59 22.28 61.42
N LYS B 378 -10.60 23.25 62.34
CA LYS B 378 -9.41 23.64 63.11
C LYS B 378 -8.97 22.51 64.03
N LEU B 379 -9.96 21.82 64.60
CA LEU B 379 -9.71 20.68 65.46
C LEU B 379 -9.07 19.54 64.68
N VAL B 380 -9.63 19.22 63.51
CA VAL B 380 -9.11 18.18 62.64
C VAL B 380 -7.68 18.52 62.21
N GLY B 381 -7.46 19.79 61.86
CA GLY B 381 -6.13 20.24 61.47
C GLY B 381 -5.12 20.05 62.58
N GLU B 382 -5.53 20.36 63.81
CA GLU B 382 -4.68 20.20 64.98
C GLU B 382 -4.38 18.75 65.39
N PHE B 383 -5.40 17.90 65.38
CA PHE B 383 -5.32 16.57 65.99
C PHE B 383 -5.17 15.39 65.02
N LEU B 384 -5.75 15.51 63.83
CA LEU B 384 -5.72 14.44 62.85
C LEU B 384 -4.68 14.68 61.73
N GLU B 385 -4.71 15.88 61.14
CA GLU B 385 -3.92 16.16 59.93
C GLU B 385 -2.42 16.00 60.17
N VAL B 386 -1.98 16.36 61.38
CA VAL B 386 -0.56 16.25 61.73
C VAL B 386 -0.06 14.80 61.80
N THR B 387 -0.99 13.86 62.03
CA THR B 387 -0.64 12.43 62.05
C THR B 387 -0.52 11.82 60.66
N CYS B 388 -0.75 12.63 59.63
CA CYS B 388 -0.80 12.12 58.27
C CYS B 388 0.49 12.38 57.52
N ILE B 389 1.51 11.57 57.83
CA ILE B 389 2.80 11.66 57.15
C ILE B 389 2.76 10.83 55.87
N ASN B 390 2.51 9.53 56.03
CA ASN B 390 2.22 8.67 54.89
C ASN B 390 0.85 9.03 54.35
N PRO B 391 0.60 8.79 53.05
CA PRO B 391 -0.73 9.01 52.45
C PRO B 391 -1.83 8.43 53.33
N THR B 392 -2.70 9.31 53.81
CA THR B 392 -3.82 8.90 54.66
C THR B 392 -5.14 9.50 54.16
N PHE B 393 -6.12 8.63 53.95
CA PHE B 393 -7.49 9.08 53.70
C PHE B 393 -8.19 9.51 55.01
N ILE B 394 -8.70 10.74 55.05
CA ILE B 394 -9.61 11.16 56.11
C ILE B 394 -11.03 11.17 55.53
N CYS B 395 -11.90 10.37 56.14
CA CYS B 395 -13.18 10.02 55.51
C CYS B 395 -14.39 10.46 56.32
N ASP B 396 -15.55 10.42 55.64
CA ASP B 396 -16.84 10.60 56.29
C ASP B 396 -17.05 11.94 57.02
N HIS B 397 -16.66 13.03 56.35
CA HIS B 397 -16.93 14.41 56.81
C HIS B 397 -18.43 14.69 57.05
N PRO B 398 -18.72 15.49 58.08
CA PRO B 398 -20.08 15.98 58.33
C PRO B 398 -20.61 16.77 57.14
N GLN B 399 -21.94 16.75 56.97
CA GLN B 399 -22.58 17.48 55.87
C GLN B 399 -22.33 18.98 55.98
N ILE B 400 -22.12 19.47 57.20
CA ILE B 400 -21.89 20.91 57.40
C ILE B 400 -20.57 21.39 56.81
N MET B 401 -19.66 20.46 56.55
CA MET B 401 -18.40 20.81 55.88
C MET B 401 -18.44 20.54 54.37
N SER B 402 -19.55 19.97 53.89
CA SER B 402 -19.62 19.41 52.55
C SER B 402 -20.94 19.67 51.83
N PRO B 403 -21.13 20.89 51.35
CA PRO B 403 -22.40 21.34 50.73
C PRO B 403 -22.78 20.60 49.44
N LEU B 404 -21.82 19.96 48.77
CA LEU B 404 -22.08 19.26 47.50
C LEU B 404 -21.90 17.74 47.55
N ALA B 405 -21.58 17.21 48.73
CA ALA B 405 -21.37 15.76 48.88
C ALA B 405 -22.66 15.04 49.29
N LYS B 406 -22.91 13.89 48.68
CA LYS B 406 -24.10 13.09 49.01
C LYS B 406 -24.02 12.59 50.46
N TRP B 407 -25.16 12.66 51.17
CA TRP B 407 -25.28 12.09 52.52
C TRP B 407 -24.74 10.66 52.56
N HIS B 408 -24.23 10.26 53.72
CA HIS B 408 -23.70 8.92 53.94
C HIS B 408 -24.86 7.91 54.06
N ARG B 409 -24.69 6.76 53.42
CA ARG B 409 -25.76 5.77 53.34
C ARG B 409 -25.95 4.96 54.63
N SER B 410 -25.02 5.11 55.59
CA SER B 410 -25.13 4.45 56.92
C SER B 410 -25.20 5.49 58.05
N LYS B 411 -24.28 6.46 58.00
CA LYS B 411 -24.03 7.36 59.13
C LYS B 411 -24.71 8.74 58.98
N GLU B 412 -25.82 8.93 59.68
CA GLU B 412 -26.62 10.15 59.52
C GLU B 412 -25.88 11.38 59.98
N GLY B 413 -25.94 12.44 59.20
CA GLY B 413 -25.19 13.65 59.51
C GLY B 413 -23.82 13.70 58.81
N LEU B 414 -23.41 12.56 58.25
CA LEU B 414 -22.15 12.47 57.52
C LEU B 414 -22.38 12.33 56.00
N THR B 415 -21.27 12.40 55.26
CA THR B 415 -21.30 12.38 53.81
C THR B 415 -20.28 11.37 53.30
N GLU B 416 -20.48 10.87 52.08
CA GLU B 416 -19.54 9.94 51.47
C GLU B 416 -18.38 10.72 50.86
N ARG B 417 -17.50 11.23 51.72
CA ARG B 417 -16.43 12.11 51.28
C ARG B 417 -15.09 11.67 51.86
N PHE B 418 -14.02 11.95 51.12
CA PHE B 418 -12.67 11.80 51.65
C PHE B 418 -11.70 12.91 51.22
N GLU B 419 -10.63 13.06 52.00
CA GLU B 419 -9.51 13.89 51.63
C GLU B 419 -8.25 13.03 51.71
N LEU B 420 -7.35 13.14 50.73
CA LEU B 420 -6.02 12.54 50.84
C LEU B 420 -5.05 13.50 51.54
N PHE B 421 -4.46 13.06 52.63
CA PHE B 421 -3.36 13.83 53.21
C PHE B 421 -2.01 13.13 53.04
N VAL B 422 -1.02 13.93 52.66
CA VAL B 422 0.40 13.54 52.62
C VAL B 422 1.21 14.64 53.31
N MET B 423 2.12 14.25 54.17
CA MET B 423 2.97 15.19 54.88
C MET B 423 2.19 16.31 55.55
N LYS B 424 1.09 15.95 56.21
CA LYS B 424 0.28 16.90 57.00
C LYS B 424 -0.54 17.88 56.14
N LYS B 425 -0.45 17.73 54.81
CA LYS B 425 -1.20 18.61 53.90
C LYS B 425 -2.15 17.86 52.97
N GLU B 426 -3.28 18.50 52.64
CA GLU B 426 -4.28 17.93 51.74
C GLU B 426 -3.85 17.99 50.28
N ILE B 427 -3.92 16.86 49.59
CA ILE B 427 -3.64 16.84 48.15
C ILE B 427 -4.86 16.45 47.29
N CYS B 428 -5.80 15.71 47.89
CA CYS B 428 -7.03 15.32 47.19
C CYS B 428 -8.27 15.55 48.02
N ASN B 429 -9.36 15.79 47.31
CA ASN B 429 -10.67 15.92 47.93
C ASN B 429 -11.70 15.26 47.01
N ALA B 430 -12.49 14.35 47.56
CA ALA B 430 -13.39 13.60 46.71
C ALA B 430 -14.64 13.20 47.45
N TYR B 431 -15.71 12.99 46.67
CA TYR B 431 -16.94 12.50 47.26
C TYR B 431 -17.89 11.85 46.26
N THR B 432 -18.72 10.95 46.77
CA THR B 432 -19.92 10.57 46.07
C THR B 432 -20.73 11.87 45.89
N GLU B 433 -21.09 12.18 44.66
CA GLU B 433 -21.74 13.46 44.37
C GLU B 433 -23.22 13.50 44.77
N LEU B 434 -23.66 14.64 45.27
CA LEU B 434 -25.07 14.83 45.58
C LEU B 434 -25.88 15.03 44.29
N ASN B 435 -26.80 14.10 44.00
CA ASN B 435 -27.64 14.20 42.79
C ASN B 435 -29.14 14.48 43.05
N ASP B 436 -29.53 14.54 44.32
CA ASP B 436 -30.90 14.90 44.71
C ASP B 436 -31.03 16.43 44.65
N PRO B 437 -31.78 16.96 43.65
CA PRO B 437 -31.91 18.41 43.41
C PRO B 437 -32.44 19.17 44.61
N MET B 438 -33.35 18.53 45.35
CA MET B 438 -34.02 19.17 46.49
C MET B 438 -33.03 19.42 47.62
N ARG B 439 -32.30 18.37 48.00
CA ARG B 439 -31.30 18.48 49.06
C ARG B 439 -30.25 19.50 48.68
N GLN B 440 -29.89 19.48 47.40
CA GLN B 440 -28.85 20.37 46.89
C GLN B 440 -29.29 21.82 46.99
N ARG B 441 -30.55 22.07 46.64
CA ARG B 441 -31.11 23.41 46.77
C ARG B 441 -31.17 23.87 48.25
N GLN B 442 -31.65 23.00 49.16
CA GLN B 442 -31.68 23.29 50.61
C GLN B 442 -30.32 23.72 51.12
N LEU B 443 -29.32 22.92 50.76
CA LEU B 443 -27.93 23.14 51.18
C LEU B 443 -27.40 24.45 50.61
N PHE B 444 -27.78 24.75 49.37
CA PHE B 444 -27.40 26.02 48.73
C PHE B 444 -28.02 27.17 49.48
N GLU B 445 -29.22 26.94 50.01
CA GLU B 445 -29.98 27.95 50.73
C GLU B 445 -29.35 28.23 52.07
N GLU B 446 -28.91 27.18 52.76
CA GLU B 446 -28.20 27.39 54.03
C GLU B 446 -26.87 28.11 53.76
N GLN B 447 -26.23 27.77 52.65
CA GLN B 447 -24.99 28.43 52.23
C GLN B 447 -25.21 29.91 51.99
N ALA B 448 -26.29 30.22 51.29
CA ALA B 448 -26.66 31.61 50.99
C ALA B 448 -27.06 32.41 52.24
N LYS B 449 -27.69 31.73 53.19
CA LYS B 449 -28.01 32.31 54.49
C LYS B 449 -26.73 32.67 55.24
N ALA B 450 -25.76 31.76 55.24
CA ALA B 450 -24.45 32.04 55.85
C ALA B 450 -23.70 33.15 55.10
N LYS B 451 -23.99 33.28 53.81
CA LYS B 451 -23.36 34.32 52.99
C LYS B 451 -23.99 35.68 53.26
N ALA B 452 -25.24 35.66 53.73
CA ALA B 452 -25.96 36.88 54.08
C ALA B 452 -25.38 37.51 55.35
N ALA B 453 -24.98 36.68 56.30
CA ALA B 453 -24.39 37.15 57.57
C ALA B 453 -23.00 37.80 57.39
N GLY B 454 -22.36 37.59 56.24
CA GLY B 454 -21.11 38.28 55.95
C GLY B 454 -19.94 37.43 55.51
N ASP B 455 -20.15 36.11 55.46
CA ASP B 455 -19.07 35.19 55.07
C ASP B 455 -18.88 35.17 53.55
N ASP B 456 -17.76 35.75 53.10
CA ASP B 456 -17.46 35.88 51.67
C ASP B 456 -16.93 34.61 50.98
N GLU B 457 -16.63 33.57 51.76
CA GLU B 457 -16.18 32.30 51.18
C GLU B 457 -17.33 31.32 50.92
N ALA B 458 -18.30 31.30 51.84
CA ALA B 458 -19.52 30.49 51.67
C ALA B 458 -20.26 30.88 50.38
N MET B 459 -20.80 29.89 49.68
CA MET B 459 -21.12 30.02 48.26
C MET B 459 -22.56 30.36 47.86
N PHE B 460 -22.71 30.70 46.57
CA PHE B 460 -23.96 31.19 45.98
C PHE B 460 -24.97 30.10 45.63
N ILE B 461 -26.16 30.52 45.18
CA ILE B 461 -27.14 29.56 44.66
C ILE B 461 -27.09 29.53 43.13
N ASP B 462 -26.58 28.42 42.57
CA ASP B 462 -26.60 28.25 41.13
C ASP B 462 -27.90 27.54 40.79
N GLU B 463 -28.81 28.26 40.14
CA GLU B 463 -30.09 27.65 39.85
C GLU B 463 -30.01 26.79 38.62
N ASN B 464 -29.13 27.17 37.70
CA ASN B 464 -28.92 26.40 36.46
C ASN B 464 -28.42 25.01 36.80
N PHE B 465 -27.56 24.95 37.81
CA PHE B 465 -27.03 23.67 38.28
C PHE B 465 -28.15 22.83 38.90
N CYS B 466 -29.04 23.47 39.67
CA CYS B 466 -30.13 22.74 40.30
C CYS B 466 -31.10 22.19 39.25
N THR B 467 -31.37 23.00 38.23
CA THR B 467 -32.15 22.56 37.07
C THR B 467 -31.52 21.35 36.39
N ALA B 468 -30.22 21.44 36.17
CA ALA B 468 -29.47 20.34 35.60
C ALA B 468 -29.66 19.07 36.44
N LEU B 469 -29.62 19.23 37.77
CA LEU B 469 -29.83 18.10 38.67
C LEU B 469 -31.23 17.53 38.50
N GLU B 470 -32.20 18.43 38.28
CA GLU B 470 -33.59 18.05 38.04
C GLU B 470 -33.77 17.22 36.76
N TYR B 471 -32.90 17.43 35.77
CA TYR B 471 -32.97 16.61 34.55
C TYR B 471 -32.38 15.22 34.75
N GLY B 472 -31.74 15.01 35.90
CA GLY B 472 -31.26 13.69 36.26
C GLY B 472 -29.75 13.48 36.17
N LEU B 473 -29.04 13.78 37.25
CA LEU B 473 -27.62 13.45 37.30
C LEU B 473 -27.45 12.03 37.82
N PRO B 474 -26.79 11.16 37.02
CA PRO B 474 -26.64 9.75 37.43
C PRO B 474 -25.86 9.65 38.73
N PRO B 475 -26.00 8.53 39.46
CA PRO B 475 -25.14 8.31 40.62
C PRO B 475 -23.69 8.46 40.13
N THR B 476 -22.94 9.34 40.79
CA THR B 476 -21.65 9.78 40.30
C THR B 476 -20.70 10.07 41.45
N ALA B 477 -19.39 9.86 41.21
CA ALA B 477 -18.36 10.25 42.17
C ALA B 477 -17.31 11.19 41.55
N GLY B 478 -16.95 12.23 42.29
CA GLY B 478 -16.05 13.25 41.81
C GLY B 478 -14.81 13.45 42.69
N TRP B 479 -13.79 14.07 42.10
CA TRP B 479 -12.45 14.07 42.66
C TRP B 479 -11.64 15.27 42.20
N GLY B 480 -10.89 15.84 43.13
CA GLY B 480 -10.02 16.96 42.85
C GLY B 480 -8.64 16.81 43.50
N MET B 481 -7.60 17.23 42.77
CA MET B 481 -6.23 17.15 43.23
C MET B 481 -5.48 18.46 43.00
N GLY B 482 -4.72 18.85 44.03
CA GLY B 482 -3.89 20.04 43.98
C GLY B 482 -2.53 19.70 43.38
N ILE B 483 -2.39 19.93 42.08
CA ILE B 483 -1.18 19.55 41.37
C ILE B 483 0.07 20.15 42.02
N ASP B 484 0.04 21.45 42.29
CA ASP B 484 1.19 22.14 42.86
C ASP B 484 1.70 21.45 44.12
N ARG B 485 0.78 21.02 45.00
CA ARG B 485 1.18 20.33 46.23
C ARG B 485 1.86 18.98 45.98
N VAL B 486 1.24 18.17 45.12
CA VAL B 486 1.86 16.92 44.70
C VAL B 486 3.28 17.16 44.13
N ALA B 487 3.41 18.27 43.37
CA ALA B 487 4.70 18.72 42.84
C ALA B 487 5.69 19.04 43.97
N MET B 488 5.20 19.70 45.01
CA MET B 488 6.01 20.03 46.17
C MET B 488 6.57 18.76 46.81
N PHE B 489 5.67 17.83 47.12
CA PHE B 489 6.08 16.62 47.84
C PHE B 489 6.95 15.70 47.00
N LEU B 490 6.82 15.77 45.68
CA LEU B 490 7.70 14.95 44.82
C LEU B 490 8.99 15.64 44.39
N THR B 491 9.13 16.93 44.68
CA THR B 491 10.40 17.61 44.41
C THR B 491 11.09 18.07 45.70
N ASP B 492 10.55 17.62 46.83
CA ASP B 492 11.09 18.00 48.12
C ASP B 492 11.22 19.52 48.24
N SER B 493 10.09 20.19 48.00
CA SER B 493 9.99 21.63 48.14
C SER B 493 9.02 21.94 49.29
N ASN B 494 9.46 22.75 50.24
CA ASN B 494 8.63 23.08 51.40
C ASN B 494 7.83 24.35 51.12
N ASN B 495 7.85 24.78 49.87
CA ASN B 495 7.31 26.07 49.52
C ASN B 495 6.76 26.02 48.09
N ILE B 496 5.50 26.42 47.94
CA ILE B 496 4.82 26.37 46.65
C ILE B 496 5.50 27.25 45.57
N LYS B 497 6.23 28.29 46.00
CA LYS B 497 6.95 29.14 45.05
C LYS B 497 7.99 28.36 44.25
N GLU B 498 8.41 27.23 44.79
CA GLU B 498 9.39 26.36 44.16
C GLU B 498 8.87 25.64 42.92
N VAL B 499 7.57 25.32 42.90
CA VAL B 499 6.98 24.53 41.80
C VAL B 499 6.08 25.34 40.86
N LEU B 500 6.02 26.66 41.09
CA LEU B 500 5.45 27.60 40.14
C LEU B 500 6.57 28.36 39.42
N LEU B 501 6.59 28.31 38.09
CA LEU B 501 7.62 29.01 37.32
C LEU B 501 7.71 30.50 37.67
N PHE B 502 6.57 31.18 37.63
CA PHE B 502 6.55 32.61 37.99
C PHE B 502 5.54 32.91 39.10
N PRO B 503 5.89 32.62 40.38
CA PRO B 503 4.99 32.79 41.54
C PRO B 503 4.68 34.25 41.82
N ALA B 504 3.51 34.51 42.41
CA ALA B 504 3.12 35.88 42.74
C ALA B 504 3.97 36.45 43.89
N MET B 505 4.51 37.65 43.67
CA MET B 505 5.35 38.33 44.66
C MET B 505 4.80 39.71 45.02
N LYS B 506 4.68 39.98 46.32
CA LYS B 506 4.36 41.34 46.79
C LYS B 506 5.54 42.27 46.48
N PRO B 507 5.34 43.24 45.56
CA PRO B 507 6.43 44.06 44.97
C PRO B 507 7.36 44.92 45.92
N GLU B 508 8.45 45.50 45.35
CA GLU B 508 9.70 45.70 46.13
C GLU B 508 10.05 47.14 46.57
N VAL C 3 -19.72 44.44 -32.74
CA VAL C 3 -20.17 44.25 -34.12
C VAL C 3 -21.22 43.13 -34.27
N ASP C 4 -21.86 43.10 -35.43
CA ASP C 4 -23.00 42.23 -35.73
C ASP C 4 -22.57 40.94 -36.46
N PRO C 5 -22.95 39.76 -35.92
CA PRO C 5 -22.50 38.45 -36.44
C PRO C 5 -22.83 38.18 -37.92
N ASN C 6 -24.01 38.57 -38.38
CA ASN C 6 -24.43 38.36 -39.77
C ASN C 6 -23.68 39.26 -40.75
N GLN C 7 -23.08 40.34 -40.22
CA GLN C 7 -22.25 41.24 -41.00
C GLN C 7 -20.79 40.79 -40.92
N TYR C 8 -20.38 40.34 -39.73
CA TYR C 8 -19.06 39.77 -39.54
C TYR C 8 -18.84 38.62 -40.52
N TYR C 9 -19.85 37.75 -40.61
CA TYR C 9 -19.81 36.67 -41.59
C TYR C 9 -19.63 37.16 -43.04
N LYS C 10 -20.42 38.15 -43.49
CA LYS C 10 -20.27 38.67 -44.85
C LYS C 10 -18.88 39.29 -45.11
N ILE C 11 -18.41 40.11 -44.18
CA ILE C 11 -17.07 40.72 -44.25
C ILE C 11 -15.94 39.71 -44.32
N ARG C 12 -15.97 38.74 -43.40
CA ARG C 12 -14.99 37.66 -43.38
C ARG C 12 -15.03 36.83 -44.66
N SER C 13 -16.25 36.48 -45.11
CA SER C 13 -16.44 35.72 -46.35
C SER C 13 -15.73 36.44 -47.49
N GLN C 14 -16.00 37.75 -47.57
CA GLN C 14 -15.37 38.57 -48.58
C GLN C 14 -13.84 38.54 -48.47
N ALA C 15 -13.33 38.69 -47.26
CA ALA C 15 -11.86 38.75 -47.03
C ALA C 15 -11.14 37.45 -47.41
N ILE C 16 -11.73 36.34 -47.04
CA ILE C 16 -11.22 35.03 -47.38
C ILE C 16 -11.31 34.80 -48.89
N HIS C 17 -12.41 35.27 -49.50
CA HIS C 17 -12.56 35.17 -50.94
C HIS C 17 -11.43 35.93 -51.62
N GLN C 18 -11.12 37.10 -51.08
CA GLN C 18 -10.04 37.91 -51.60
C GLN C 18 -8.70 37.17 -51.49
N LEU C 19 -8.46 36.54 -50.34
CA LEU C 19 -7.29 35.67 -50.17
C LEU C 19 -7.22 34.59 -51.27
N LYS C 20 -8.38 34.03 -51.62
CA LYS C 20 -8.46 33.01 -52.67
C LYS C 20 -8.05 33.58 -54.02
N VAL C 21 -8.68 34.68 -54.43
CA VAL C 21 -8.39 35.25 -55.75
C VAL C 21 -7.00 35.85 -55.85
N ASN C 22 -6.38 36.16 -54.70
CA ASN C 22 -4.99 36.63 -54.65
C ASN C 22 -4.00 35.49 -54.56
N GLY C 23 -4.52 34.28 -54.30
CA GLY C 23 -3.70 33.09 -54.27
C GLY C 23 -2.79 33.00 -53.07
N GLU C 24 -3.30 33.44 -51.92
CA GLU C 24 -2.60 33.25 -50.65
C GLU C 24 -3.06 31.99 -49.93
N ASP C 25 -3.97 31.24 -50.57
CA ASP C 25 -4.28 29.85 -50.20
C ASP C 25 -4.80 29.72 -48.76
N PRO C 26 -6.03 30.20 -48.50
CA PRO C 26 -6.58 30.22 -47.12
C PRO C 26 -6.94 28.81 -46.59
N TYR C 27 -7.16 27.87 -47.51
CA TYR C 27 -7.40 26.48 -47.16
C TYR C 27 -6.31 25.59 -47.72
N PRO C 28 -5.09 25.67 -47.12
CA PRO C 28 -3.98 24.85 -47.63
C PRO C 28 -4.30 23.35 -47.50
N HIS C 29 -3.64 22.53 -48.31
CA HIS C 29 -3.94 21.09 -48.33
C HIS C 29 -3.30 20.36 -47.15
N LYS C 30 -2.03 20.67 -46.90
CA LYS C 30 -1.27 19.92 -45.91
C LYS C 30 -0.35 20.79 -45.04
N PHE C 31 -0.51 20.69 -43.73
CA PHE C 31 0.45 21.31 -42.82
C PHE C 31 0.97 20.19 -41.92
N HIS C 32 2.29 20.12 -41.81
CA HIS C 32 2.92 19.03 -41.05
C HIS C 32 3.18 19.39 -39.59
N VAL C 33 2.29 18.96 -38.71
CA VAL C 33 2.50 19.09 -37.28
C VAL C 33 3.62 18.15 -36.79
N ASP C 34 4.60 18.71 -36.09
CA ASP C 34 5.72 17.90 -35.61
C ASP C 34 5.39 17.29 -34.23
N ILE C 35 4.48 17.94 -33.51
CA ILE C 35 4.26 17.64 -32.09
C ILE C 35 2.89 18.13 -31.59
N SER C 36 2.26 17.31 -30.73
CA SER C 36 0.99 17.70 -30.09
C SER C 36 1.18 18.80 -29.04
N LEU C 37 0.13 19.59 -28.85
CA LEU C 37 0.18 20.63 -27.82
C LEU C 37 0.44 20.02 -26.44
N THR C 38 -0.16 18.85 -26.21
CA THR C 38 0.01 18.16 -24.94
C THR C 38 1.45 17.73 -24.70
N ASP C 39 2.07 17.12 -25.73
CA ASP C 39 3.48 16.74 -25.66
C ASP C 39 4.40 17.96 -25.57
N PHE C 40 4.07 19.02 -26.31
CA PHE C 40 4.81 20.28 -26.21
C PHE C 40 4.87 20.75 -24.75
N ILE C 41 3.70 20.87 -24.14
CA ILE C 41 3.60 21.32 -22.77
C ILE C 41 4.35 20.39 -21.81
N GLN C 42 4.18 19.10 -22.00
CA GLN C 42 4.85 18.11 -21.16
C GLN C 42 6.37 18.22 -21.26
N LYS C 43 6.85 18.54 -22.45
CA LYS C 43 8.29 18.64 -22.72
C LYS C 43 8.91 19.95 -22.20
N TYR C 44 8.19 21.06 -22.31
CA TYR C 44 8.77 22.38 -22.03
C TYR C 44 8.15 23.15 -20.85
N SER C 45 7.35 22.46 -20.03
CA SER C 45 6.81 23.10 -18.85
C SER C 45 7.93 23.36 -17.85
N HIS C 46 8.97 22.52 -17.91
CA HIS C 46 10.09 22.59 -16.97
C HIS C 46 11.00 23.82 -17.20
N LEU C 47 10.81 24.52 -18.30
CA LEU C 47 11.60 25.72 -18.62
C LEU C 47 11.52 26.82 -17.56
N GLN C 48 12.66 27.47 -17.28
CA GLN C 48 12.68 28.63 -16.39
C GLN C 48 12.07 29.83 -17.14
N PRO C 49 11.49 30.78 -16.41
CA PRO C 49 10.92 31.97 -17.07
C PRO C 49 12.01 32.78 -17.80
N GLY C 50 11.67 33.34 -18.96
CA GLY C 50 12.63 34.10 -19.73
C GLY C 50 13.57 33.24 -20.56
N ASP C 51 13.59 31.93 -20.30
CA ASP C 51 14.41 31.00 -21.09
C ASP C 51 13.81 30.86 -22.51
N HIS C 52 14.66 30.51 -23.46
CA HIS C 52 14.27 30.45 -24.83
C HIS C 52 15.18 29.51 -25.51
N LEU C 53 14.71 28.32 -25.82
CA LEU C 53 15.47 27.33 -26.61
C LEU C 53 15.45 27.70 -28.09
N THR C 54 16.63 28.00 -28.62
CA THR C 54 16.77 28.51 -29.98
C THR C 54 17.17 27.41 -30.96
N ASP C 55 17.80 26.36 -30.43
CA ASP C 55 18.23 25.22 -31.21
C ASP C 55 17.06 24.30 -31.56
N ILE C 56 15.90 24.59 -30.98
CA ILE C 56 14.73 23.78 -31.25
C ILE C 56 13.65 24.55 -32.00
N THR C 57 13.24 24.00 -33.14
CA THR C 57 12.16 24.57 -33.96
C THR C 57 11.13 23.50 -34.19
N LEU C 58 9.86 23.85 -33.97
CA LEU C 58 8.76 22.88 -34.00
C LEU C 58 7.50 23.46 -34.63
N LYS C 59 6.74 22.62 -35.34
CA LYS C 59 5.44 23.02 -35.86
C LYS C 59 4.29 22.43 -35.02
N VAL C 60 3.41 23.30 -34.53
CA VAL C 60 2.21 22.86 -33.81
C VAL C 60 0.98 23.46 -34.50
N ALA C 61 -0.20 22.96 -34.20
CA ALA C 61 -1.41 23.57 -34.77
C ALA C 61 -2.54 23.66 -33.78
N GLY C 62 -3.52 24.53 -34.09
CA GLY C 62 -4.69 24.61 -33.24
C GLY C 62 -5.64 25.71 -33.62
N ARG C 63 -6.63 25.96 -32.75
CA ARG C 63 -7.57 27.05 -32.97
C ARG C 63 -7.21 28.29 -32.13
N ILE C 64 -7.50 29.47 -32.65
CA ILE C 64 -7.25 30.72 -31.94
C ILE C 64 -8.45 31.10 -31.07
N HIS C 65 -8.25 31.13 -29.74
CA HIS C 65 -9.31 31.54 -28.81
C HIS C 65 -9.23 33.01 -28.44
N ALA C 66 -8.05 33.59 -28.54
CA ALA C 66 -7.90 35.02 -28.29
C ALA C 66 -6.71 35.60 -29.06
N LYS C 67 -6.92 36.80 -29.57
CA LYS C 67 -5.86 37.57 -30.24
C LYS C 67 -5.71 38.90 -29.52
N ARG C 68 -4.51 39.14 -28.99
CA ARG C 68 -4.28 40.33 -28.16
C ARG C 68 -2.91 40.95 -28.42
N ALA C 69 -2.90 42.20 -28.87
CA ALA C 69 -1.65 42.88 -29.23
C ALA C 69 -1.01 43.70 -28.08
N SER C 70 0.32 43.85 -28.15
CA SER C 70 1.07 44.73 -27.23
C SER C 70 1.75 45.83 -28.04
N GLY C 71 0.94 46.65 -28.69
CA GLY C 71 1.45 47.68 -29.57
C GLY C 71 1.39 47.25 -31.02
N GLY C 72 2.55 47.15 -31.67
CA GLY C 72 2.59 46.86 -33.09
C GLY C 72 3.69 45.89 -33.48
N LYS C 73 4.57 45.59 -32.53
CA LYS C 73 5.64 44.63 -32.75
C LYS C 73 5.42 43.37 -31.93
N LEU C 74 4.22 43.23 -31.39
CA LEU C 74 3.91 42.12 -30.48
C LEU C 74 2.42 41.76 -30.41
N ILE C 75 2.10 40.53 -30.81
CA ILE C 75 0.77 39.95 -30.62
C ILE C 75 0.87 38.59 -29.93
N PHE C 76 0.03 38.41 -28.92
CA PHE C 76 -0.14 37.12 -28.25
C PHE C 76 -1.36 36.38 -28.82
N TYR C 77 -1.19 35.09 -29.09
CA TYR C 77 -2.32 34.25 -29.53
C TYR C 77 -2.56 33.14 -28.53
N ASP C 78 -3.81 32.99 -28.14
CA ASP C 78 -4.23 31.89 -27.28
C ASP C 78 -4.60 30.71 -28.20
N LEU C 79 -3.68 29.76 -28.32
CA LEU C 79 -3.91 28.63 -29.23
C LEU C 79 -4.35 27.36 -28.47
N ARG C 80 -5.54 26.88 -28.79
CA ARG C 80 -6.06 25.71 -28.09
C ARG C 80 -6.21 24.46 -28.97
N GLY C 81 -6.13 23.33 -28.30
CA GLY C 81 -6.35 22.04 -28.92
C GLY C 81 -6.20 20.99 -27.85
N GLU C 82 -6.94 19.89 -27.97
CA GLU C 82 -6.83 18.77 -27.04
C GLU C 82 -7.23 19.12 -25.59
N GLY C 83 -7.97 20.21 -25.42
CA GLY C 83 -8.33 20.66 -24.09
C GLY C 83 -7.16 21.25 -23.33
N VAL C 84 -6.10 21.62 -24.06
CA VAL C 84 -5.01 22.40 -23.49
C VAL C 84 -4.86 23.73 -24.24
N LYS C 85 -3.92 24.55 -23.78
CA LYS C 85 -3.68 25.87 -24.40
C LYS C 85 -2.19 26.18 -24.45
N LEU C 86 -1.80 26.95 -25.46
CA LEU C 86 -0.40 27.35 -25.66
C LEU C 86 -0.38 28.78 -26.10
N GLN C 87 0.49 29.57 -25.47
CA GLN C 87 0.67 30.94 -25.87
C GLN C 87 1.59 31.01 -27.11
N VAL C 88 1.13 31.71 -28.14
CA VAL C 88 2.00 32.09 -29.25
C VAL C 88 2.46 33.53 -29.04
N MET C 89 3.73 33.69 -28.71
CA MET C 89 4.32 35.01 -28.53
C MET C 89 4.95 35.48 -29.84
N ALA C 90 4.18 36.24 -30.60
CA ALA C 90 4.64 36.71 -31.90
C ALA C 90 5.18 38.12 -31.80
N ASN C 91 6.51 38.24 -31.78
CA ASN C 91 7.18 39.54 -31.91
C ASN C 91 7.98 39.67 -33.21
N SER C 92 8.00 40.89 -33.76
CA SER C 92 8.60 41.15 -35.08
C SER C 92 10.04 40.72 -35.30
N ARG C 93 10.89 40.83 -34.27
CA ARG C 93 12.32 40.53 -34.42
C ARG C 93 12.60 39.02 -34.50
N ASN C 94 11.63 38.21 -34.09
CA ASN C 94 11.78 36.76 -34.11
C ASN C 94 11.10 36.13 -35.32
N TYR C 95 10.17 36.86 -35.93
CA TYR C 95 9.52 36.42 -37.17
C TYR C 95 10.51 36.30 -38.34
N LYS C 96 10.05 35.77 -39.47
CA LYS C 96 10.92 35.67 -40.64
C LYS C 96 11.12 37.06 -41.26
N SER C 97 10.14 37.94 -41.09
CA SER C 97 10.18 39.28 -41.69
C SER C 97 9.09 40.18 -41.08
N GLU C 98 9.33 41.49 -41.03
CA GLU C 98 8.35 42.40 -40.43
C GLU C 98 7.13 42.62 -41.32
N GLU C 99 7.34 42.58 -42.63
CA GLU C 99 6.24 42.75 -43.58
C GLU C 99 5.31 41.55 -43.53
N GLU C 100 5.90 40.35 -43.47
CA GLU C 100 5.15 39.11 -43.34
C GLU C 100 4.45 39.00 -41.98
N PHE C 101 5.12 39.48 -40.94
CA PHE C 101 4.54 39.59 -39.60
C PHE C 101 3.26 40.42 -39.64
N ILE C 102 3.36 41.61 -40.21
CA ILE C 102 2.21 42.50 -40.33
C ILE C 102 1.10 41.89 -41.18
N HIS C 103 1.48 41.26 -42.30
CA HIS C 103 0.51 40.66 -43.20
C HIS C 103 -0.29 39.54 -42.52
N ILE C 104 0.46 38.67 -41.86
CA ILE C 104 -0.11 37.51 -41.17
C ILE C 104 -0.98 37.92 -39.97
N ASN C 105 -0.53 38.88 -39.15
CA ASN C 105 -1.39 39.38 -38.05
C ASN C 105 -2.66 40.11 -38.54
N ASN C 106 -2.54 40.85 -39.64
CA ASN C 106 -3.70 41.51 -40.21
C ASN C 106 -4.66 40.49 -40.79
N LYS C 107 -4.14 39.33 -41.14
CA LYS C 107 -4.95 38.24 -41.71
C LYS C 107 -5.80 37.53 -40.64
N LEU C 108 -5.17 37.20 -39.52
CA LEU C 108 -5.78 36.33 -38.52
C LEU C 108 -6.90 36.96 -37.70
N ARG C 109 -7.83 36.11 -37.31
CA ARG C 109 -8.90 36.45 -36.38
C ARG C 109 -9.10 35.32 -35.39
N ARG C 110 -9.82 35.61 -34.32
CA ARG C 110 -10.16 34.60 -33.33
C ARG C 110 -11.12 33.57 -33.93
N GLY C 111 -10.85 32.29 -33.64
CA GLY C 111 -11.60 31.19 -34.20
C GLY C 111 -10.84 30.44 -35.29
N ASP C 112 -9.81 31.07 -35.82
CA ASP C 112 -9.05 30.51 -36.93
C ASP C 112 -8.13 29.34 -36.56
N ILE C 113 -8.16 28.31 -37.41
CA ILE C 113 -7.22 27.21 -37.32
C ILE C 113 -5.93 27.67 -38.00
N ILE C 114 -4.84 27.63 -37.24
CA ILE C 114 -3.52 28.02 -37.72
C ILE C 114 -2.45 27.02 -37.31
N GLY C 115 -1.37 27.00 -38.11
CA GLY C 115 -0.17 26.24 -37.81
C GLY C 115 0.97 27.22 -37.49
N VAL C 116 1.75 26.89 -36.48
CA VAL C 116 2.79 27.75 -35.96
C VAL C 116 4.14 27.02 -35.99
N GLN C 117 5.13 27.66 -36.60
CA GLN C 117 6.48 27.12 -36.59
C GLN C 117 7.36 28.08 -35.80
N GLY C 118 8.12 27.55 -34.85
CA GLY C 118 8.83 28.39 -33.93
C GLY C 118 9.56 27.69 -32.80
N ASN C 119 10.02 28.41 -31.81
CA ASN C 119 10.70 27.69 -30.75
C ASN C 119 10.08 27.89 -29.41
N PRO C 120 10.32 26.92 -28.57
CA PRO C 120 9.78 26.90 -27.21
C PRO C 120 10.44 27.95 -26.30
N GLY C 121 9.68 28.51 -25.36
CA GLY C 121 10.23 29.41 -24.35
C GLY C 121 9.17 29.98 -23.42
N LYS C 122 9.51 30.17 -22.15
CA LYS C 122 8.61 30.87 -21.22
C LYS C 122 8.77 32.38 -21.28
N THR C 123 7.77 33.12 -20.78
CA THR C 123 7.90 34.55 -20.59
C THR C 123 8.51 34.83 -19.21
N LYS C 124 8.92 36.07 -18.97
CA LYS C 124 9.40 36.45 -17.66
C LYS C 124 8.24 36.34 -16.66
N LYS C 125 7.03 36.65 -17.13
CA LYS C 125 5.80 36.50 -16.35
C LYS C 125 5.58 35.02 -15.96
N GLY C 126 6.18 34.09 -16.71
CA GLY C 126 6.12 32.68 -16.40
C GLY C 126 5.36 31.77 -17.36
N GLU C 127 4.67 32.37 -18.34
CA GLU C 127 3.82 31.62 -19.27
C GLU C 127 4.61 30.90 -20.37
N LEU C 128 4.47 29.57 -20.40
CA LEU C 128 5.01 28.78 -21.49
C LEU C 128 4.45 29.20 -22.85
N SER C 129 5.36 29.43 -23.80
CA SER C 129 4.99 29.96 -25.10
C SER C 129 5.79 29.34 -26.24
N ILE C 130 5.26 29.48 -27.44
CA ILE C 130 6.03 29.24 -28.65
C ILE C 130 6.22 30.59 -29.34
N ILE C 131 7.44 30.85 -29.81
CA ILE C 131 7.75 32.09 -30.53
C ILE C 131 7.95 31.79 -32.00
N PRO C 132 7.01 32.30 -32.82
CA PRO C 132 6.95 31.92 -34.25
C PRO C 132 8.00 32.52 -35.17
N TYR C 133 8.62 31.64 -35.95
CA TYR C 133 9.35 32.02 -37.16
C TYR C 133 8.31 32.30 -38.26
N GLU C 134 7.27 31.48 -38.27
CA GLU C 134 6.21 31.60 -39.26
C GLU C 134 4.87 31.11 -38.74
N ILE C 135 3.80 31.82 -39.12
CA ILE C 135 2.44 31.42 -38.82
C ILE C 135 1.67 31.21 -40.13
N THR C 136 1.02 30.05 -40.28
CA THR C 136 0.20 29.79 -41.45
C THR C 136 -1.29 29.69 -41.13
N LEU C 137 -2.13 30.32 -41.95
CA LEU C 137 -3.57 30.13 -41.82
C LEU C 137 -3.97 28.80 -42.46
N LEU C 138 -4.57 27.93 -41.65
CA LEU C 138 -4.98 26.59 -42.09
C LEU C 138 -6.47 26.53 -42.48
N SER C 139 -7.29 27.19 -41.68
CA SER C 139 -8.71 27.21 -41.96
C SER C 139 -9.35 28.35 -41.22
N PRO C 140 -9.88 29.34 -41.96
CA PRO C 140 -10.49 30.52 -41.36
C PRO C 140 -11.85 30.21 -40.74
N CYS C 141 -12.14 30.87 -39.61
CA CYS C 141 -13.45 30.82 -38.98
C CYS C 141 -14.26 32.03 -39.46
N LEU C 142 -15.32 31.76 -40.21
CA LEU C 142 -16.10 32.84 -40.82
C LEU C 142 -17.12 33.49 -39.91
N HIS C 143 -17.26 32.99 -38.69
CA HIS C 143 -18.31 33.47 -37.79
C HIS C 143 -17.76 34.11 -36.54
N MET C 144 -18.61 34.90 -35.90
CA MET C 144 -18.34 35.31 -34.55
C MET C 144 -18.54 34.09 -33.64
N LEU C 145 -17.48 33.70 -32.95
CA LEU C 145 -17.62 32.76 -31.85
C LEU C 145 -18.23 33.50 -30.67
N PRO C 146 -19.10 32.82 -29.89
CA PRO C 146 -19.66 33.41 -28.66
C PRO C 146 -18.58 33.91 -27.69
N HIS C 147 -18.87 35.02 -26.99
CA HIS C 147 -17.87 35.73 -26.20
C HIS C 147 -17.63 35.15 -24.81
N LEU C 152 -20.72 29.61 -23.24
CA LEU C 152 -21.84 28.93 -23.91
C LEU C 152 -22.57 28.02 -22.91
N LYS C 153 -23.76 28.42 -22.51
CA LYS C 153 -24.46 27.72 -21.44
C LYS C 153 -25.80 27.16 -21.92
N ASP C 154 -26.39 27.86 -22.89
CA ASP C 154 -27.71 27.50 -23.41
C ASP C 154 -27.78 26.08 -23.99
N LYS C 155 -28.49 25.19 -23.30
CA LYS C 155 -28.49 23.76 -23.62
C LYS C 155 -28.93 23.40 -25.05
N GLU C 156 -30.01 23.99 -25.53
CA GLU C 156 -30.45 23.75 -26.91
C GLU C 156 -29.37 24.10 -27.94
N THR C 157 -28.72 25.24 -27.72
CA THR C 157 -27.66 25.70 -28.61
C THR C 157 -26.42 24.79 -28.60
N ARG C 158 -26.09 24.22 -27.44
CA ARG C 158 -24.99 23.26 -27.32
C ARG C 158 -25.31 21.95 -28.03
N TYR C 159 -26.50 21.41 -27.77
CA TYR C 159 -26.91 20.11 -28.33
C TYR C 159 -27.22 20.18 -29.81
N ARG C 160 -27.45 21.38 -30.34
CA ARG C 160 -27.73 21.54 -31.77
C ARG C 160 -26.47 21.87 -32.56
N GLN C 161 -25.53 22.54 -31.90
CA GLN C 161 -24.22 22.83 -32.49
C GLN C 161 -23.11 22.27 -31.61
N ARG C 162 -22.97 20.95 -31.65
CA ARG C 162 -22.09 20.26 -30.71
C ARG C 162 -20.65 20.69 -30.91
N TYR C 163 -20.31 21.12 -32.13
CA TYR C 163 -18.93 21.54 -32.40
C TYR C 163 -18.56 22.82 -31.65
N LEU C 164 -19.52 23.75 -31.53
CA LEU C 164 -19.32 24.95 -30.72
C LEU C 164 -19.11 24.56 -29.28
N ASP C 165 -19.96 23.65 -28.82
CA ASP C 165 -19.92 23.18 -27.44
C ASP C 165 -18.52 22.64 -27.12
N LEU C 166 -17.98 21.83 -28.06
CA LEU C 166 -16.68 21.21 -27.88
C LEU C 166 -15.53 22.20 -28.00
N ILE C 167 -15.73 23.24 -28.81
CA ILE C 167 -14.72 24.29 -28.95
C ILE C 167 -14.64 25.11 -27.66
N LEU C 168 -15.79 25.53 -27.17
CA LEU C 168 -15.89 26.46 -26.05
C LEU C 168 -15.84 25.82 -24.66
N ASN C 169 -16.55 24.72 -24.48
CA ASN C 169 -16.62 24.04 -23.17
C ASN C 169 -15.69 22.82 -23.05
N ASP C 170 -14.83 22.86 -22.04
CA ASP C 170 -13.79 21.86 -21.90
C ASP C 170 -14.31 20.53 -21.37
N PHE C 171 -15.41 20.57 -20.62
CA PHE C 171 -15.89 19.40 -19.89
C PHE C 171 -16.60 18.38 -20.78
N VAL C 172 -17.17 18.86 -21.89
CA VAL C 172 -17.87 17.98 -22.84
C VAL C 172 -16.94 16.89 -23.37
N ARG C 173 -15.83 17.31 -23.96
CA ARG C 173 -14.78 16.39 -24.39
C ARG C 173 -14.47 15.34 -23.31
N GLN C 174 -14.41 15.79 -22.05
CA GLN C 174 -14.11 14.86 -20.95
C GLN C 174 -15.23 13.82 -20.77
N LYS C 175 -16.47 14.25 -20.93
CA LYS C 175 -17.60 13.32 -20.78
C LYS C 175 -17.56 12.25 -21.85
N PHE C 176 -17.35 12.67 -23.08
CA PHE C 176 -17.23 11.70 -24.16
C PHE C 176 -16.00 10.76 -24.06
N ILE C 177 -14.89 11.26 -23.50
CA ILE C 177 -13.76 10.39 -23.24
C ILE C 177 -14.15 9.32 -22.20
N ILE C 178 -14.90 9.73 -21.17
CA ILE C 178 -15.36 8.79 -20.16
C ILE C 178 -16.29 7.73 -20.76
N ARG C 179 -17.19 8.19 -21.63
CA ARG C 179 -18.11 7.27 -22.30
C ARG C 179 -17.31 6.20 -23.08
N SER C 180 -16.35 6.69 -23.85
CA SER C 180 -15.47 5.81 -24.60
C SER C 180 -14.71 4.81 -23.71
N LYS C 181 -14.22 5.32 -22.58
CA LYS C 181 -13.51 4.48 -21.59
C LYS C 181 -14.42 3.38 -21.06
N ILE C 182 -15.70 3.73 -20.86
CA ILE C 182 -16.68 2.76 -20.35
C ILE C 182 -16.85 1.61 -21.34
N ILE C 183 -17.15 1.96 -22.59
CA ILE C 183 -17.34 0.92 -23.60
C ILE C 183 -16.10 0.05 -23.82
N THR C 184 -14.95 0.73 -23.90
CA THR C 184 -13.68 0.04 -24.05
C THR C 184 -13.38 -0.92 -22.87
N TYR C 185 -13.64 -0.44 -21.65
CA TYR C 185 -13.51 -1.29 -20.45
C TYR C 185 -14.37 -2.54 -20.57
N ILE C 186 -15.64 -2.35 -20.93
CA ILE C 186 -16.56 -3.48 -21.06
C ILE C 186 -16.00 -4.51 -22.04
N ARG C 187 -15.63 -4.04 -23.24
CA ARG C 187 -15.05 -4.98 -24.20
C ARG C 187 -13.81 -5.70 -23.64
N SER C 188 -12.91 -4.98 -22.99
CA SER C 188 -11.72 -5.63 -22.41
C SER C 188 -12.12 -6.74 -21.45
N PHE C 189 -13.04 -6.39 -20.56
CA PHE C 189 -13.60 -7.31 -19.58
C PHE C 189 -14.16 -8.61 -20.19
N LEU C 190 -15.05 -8.49 -21.16
CA LEU C 190 -15.67 -9.65 -21.78
C LEU C 190 -14.73 -10.43 -22.69
N ASP C 191 -13.92 -9.72 -23.46
CA ASP C 191 -12.89 -10.35 -24.30
C ASP C 191 -12.02 -11.24 -23.43
N GLU C 192 -11.50 -10.69 -22.33
CA GLU C 192 -10.65 -11.45 -21.40
C GLU C 192 -11.38 -12.64 -20.76
N LEU C 193 -12.71 -12.58 -20.73
CA LEU C 193 -13.50 -13.70 -20.20
C LEU C 193 -13.84 -14.74 -21.28
N GLY C 194 -13.29 -14.56 -22.47
CA GLY C 194 -13.49 -15.49 -23.57
C GLY C 194 -14.74 -15.25 -24.42
N PHE C 195 -15.32 -14.05 -24.33
CA PHE C 195 -16.51 -13.77 -25.13
C PHE C 195 -16.19 -13.39 -26.58
N LEU C 196 -17.00 -13.89 -27.53
CA LEU C 196 -16.89 -13.45 -28.93
C LEU C 196 -17.80 -12.25 -29.18
N GLU C 197 -17.18 -11.13 -29.59
CA GLU C 197 -17.93 -9.92 -29.98
C GLU C 197 -18.56 -10.12 -31.36
N ILE C 198 -19.90 -10.07 -31.38
CA ILE C 198 -20.71 -10.39 -32.58
C ILE C 198 -21.63 -9.24 -33.03
N GLU C 199 -22.12 -9.35 -34.26
CA GLU C 199 -23.13 -8.41 -34.79
C GLU C 199 -24.35 -9.13 -35.30
N THR C 200 -25.50 -8.86 -34.70
CA THR C 200 -26.75 -9.45 -35.14
C THR C 200 -27.55 -8.37 -35.90
N PRO C 201 -28.54 -8.78 -36.72
CA PRO C 201 -29.33 -7.82 -37.52
C PRO C 201 -29.97 -6.67 -36.71
N MET C 202 -29.96 -5.46 -37.27
CA MET C 202 -30.62 -4.31 -36.64
C MET C 202 -31.98 -4.00 -37.26
N MET C 203 -32.27 -4.62 -38.40
CA MET C 203 -33.64 -4.65 -38.92
C MET C 203 -34.14 -6.09 -39.00
N ASN C 204 -35.31 -6.32 -38.40
CA ASN C 204 -35.90 -7.67 -38.33
C ASN C 204 -37.23 -7.75 -39.08
N ILE C 205 -37.85 -8.91 -39.06
CA ILE C 205 -39.21 -9.04 -39.61
C ILE C 205 -40.21 -9.01 -38.45
N ILE C 206 -39.81 -9.63 -37.35
CA ILE C 206 -40.53 -9.53 -36.10
C ILE C 206 -39.55 -8.98 -35.06
N PRO C 207 -39.87 -7.81 -34.50
CA PRO C 207 -39.06 -7.21 -33.41
C PRO C 207 -39.25 -7.99 -32.09
N GLY C 208 -38.15 -8.37 -31.43
CA GLY C 208 -38.22 -9.12 -30.20
C GLY C 208 -37.13 -8.77 -29.21
N GLY C 209 -37.19 -9.38 -28.02
CA GLY C 209 -36.11 -9.25 -27.03
C GLY C 209 -36.41 -8.35 -25.84
N ALA C 210 -37.20 -7.31 -26.11
CA ALA C 210 -37.59 -6.35 -25.08
C ALA C 210 -39.05 -5.96 -25.23
N VAL C 211 -39.50 -5.13 -24.29
CA VAL C 211 -40.84 -4.54 -24.34
C VAL C 211 -40.75 -3.07 -24.85
N ALA C 212 -41.20 -2.82 -26.08
CA ALA C 212 -41.06 -1.51 -26.74
C ALA C 212 -41.92 -1.32 -28.01
N LYS C 213 -42.06 -0.06 -28.43
CA LYS C 213 -42.78 0.26 -29.65
C LYS C 213 -41.80 0.61 -30.79
N PRO C 214 -41.82 -0.18 -31.88
CA PRO C 214 -40.75 -0.18 -32.90
C PRO C 214 -40.84 0.91 -33.96
N PHE C 215 -39.73 1.14 -34.63
CA PHE C 215 -39.72 1.93 -35.87
C PHE C 215 -39.97 0.99 -37.03
N ILE C 216 -40.84 1.39 -37.94
CA ILE C 216 -41.12 0.57 -39.11
C ILE C 216 -40.51 1.24 -40.33
N THR C 217 -39.99 0.46 -41.26
CA THR C 217 -39.46 1.01 -42.50
C THR C 217 -39.68 -0.04 -43.60
N TYR C 218 -39.47 0.37 -44.84
CA TYR C 218 -39.88 -0.44 -45.93
C TYR C 218 -38.70 -0.80 -46.81
N HIS C 219 -38.56 -2.08 -47.13
CA HIS C 219 -37.51 -2.53 -48.06
C HIS C 219 -38.07 -2.62 -49.48
N ASN C 220 -37.62 -1.71 -50.34
CA ASN C 220 -38.21 -1.52 -51.66
C ASN C 220 -38.18 -2.77 -52.52
N GLU C 221 -37.03 -3.41 -52.62
CA GLU C 221 -36.86 -4.51 -53.55
C GLU C 221 -37.45 -5.83 -53.03
N LEU C 222 -38.02 -5.81 -51.84
CA LEU C 222 -38.68 -7.01 -51.30
C LEU C 222 -40.17 -6.80 -51.02
N ASP C 223 -40.67 -5.59 -51.29
CA ASP C 223 -42.07 -5.25 -51.02
C ASP C 223 -42.47 -5.63 -49.60
N MET C 224 -41.51 -5.52 -48.68
CA MET C 224 -41.72 -5.99 -47.32
C MET C 224 -41.35 -4.93 -46.27
N ASN C 225 -42.17 -4.85 -45.24
CA ASN C 225 -41.84 -4.04 -44.07
C ASN C 225 -40.85 -4.74 -43.14
N LEU C 226 -39.91 -3.95 -42.63
CA LEU C 226 -38.96 -4.41 -41.62
C LEU C 226 -39.07 -3.49 -40.40
N TYR C 227 -38.79 -4.05 -39.23
CA TYR C 227 -38.79 -3.30 -37.98
C TYR C 227 -37.35 -3.08 -37.47
N MET C 228 -37.06 -1.86 -37.01
CA MET C 228 -35.76 -1.59 -36.38
C MET C 228 -35.78 -2.28 -35.02
N ARG C 229 -34.65 -2.83 -34.63
CA ARG C 229 -34.56 -3.65 -33.43
C ARG C 229 -34.64 -2.90 -32.09
N ILE C 230 -35.14 -3.62 -31.09
CA ILE C 230 -35.22 -3.13 -29.70
C ILE C 230 -34.27 -3.87 -28.78
N ALA C 231 -33.75 -5.00 -29.25
CA ALA C 231 -32.76 -5.81 -28.51
C ALA C 231 -32.22 -6.92 -29.40
N PRO C 232 -30.94 -7.29 -29.20
CA PRO C 232 -30.29 -8.38 -29.96
C PRO C 232 -30.53 -9.78 -29.37
N GLU C 233 -31.13 -9.80 -28.18
CA GLU C 233 -31.36 -11.02 -27.38
C GLU C 233 -31.61 -12.38 -28.07
N LEU C 234 -32.69 -12.46 -28.85
CA LEU C 234 -33.08 -13.72 -29.51
C LEU C 234 -32.01 -14.28 -30.47
N TYR C 235 -31.35 -13.38 -31.21
CA TYR C 235 -30.25 -13.81 -32.05
C TYR C 235 -29.08 -14.39 -31.24
N HIS C 236 -28.74 -13.72 -30.14
CA HIS C 236 -27.66 -14.21 -29.28
C HIS C 236 -27.97 -15.61 -28.77
N LYS C 237 -29.20 -15.80 -28.28
CA LYS C 237 -29.61 -17.11 -27.80
C LYS C 237 -29.52 -18.16 -28.93
N MET C 238 -29.89 -17.76 -30.14
CA MET C 238 -29.75 -18.67 -31.27
C MET C 238 -28.29 -19.05 -31.54
N LEU C 239 -27.38 -18.13 -31.27
CA LEU C 239 -25.95 -18.41 -31.46
C LEU C 239 -25.41 -19.34 -30.39
N VAL C 240 -25.94 -19.21 -29.16
CA VAL C 240 -25.56 -20.14 -28.10
C VAL C 240 -26.06 -21.52 -28.44
N VAL C 241 -27.27 -21.60 -29.01
CA VAL C 241 -27.75 -22.85 -29.59
C VAL C 241 -26.73 -23.39 -30.61
N GLY C 242 -26.19 -22.46 -31.41
CA GLY C 242 -25.20 -22.82 -32.44
C GLY C 242 -23.91 -23.41 -31.89
N GLY C 243 -23.62 -23.16 -30.61
CA GLY C 243 -22.44 -23.73 -30.00
C GLY C 243 -21.41 -22.71 -29.55
N ILE C 244 -21.66 -21.44 -29.87
CA ILE C 244 -20.81 -20.36 -29.39
C ILE C 244 -21.21 -20.05 -27.94
N ASP C 245 -20.36 -20.47 -27.00
CA ASP C 245 -20.73 -20.47 -25.59
C ASP C 245 -20.83 -19.07 -24.97
N ARG C 246 -20.05 -18.12 -25.47
CA ARG C 246 -20.05 -16.76 -24.88
C ARG C 246 -20.07 -15.69 -25.95
N VAL C 247 -21.16 -14.94 -26.00
CA VAL C 247 -21.25 -13.87 -26.98
C VAL C 247 -21.60 -12.55 -26.34
N TYR C 248 -21.21 -11.45 -26.98
CA TYR C 248 -21.66 -10.09 -26.59
C TYR C 248 -21.76 -9.15 -27.80
N GLU C 249 -22.50 -8.05 -27.58
CA GLU C 249 -22.72 -7.04 -28.61
C GLU C 249 -22.99 -5.68 -27.94
N ILE C 250 -22.13 -4.71 -28.24
CA ILE C 250 -22.34 -3.36 -27.75
C ILE C 250 -22.74 -2.59 -29.00
N GLY C 251 -24.05 -2.39 -29.11
CA GLY C 251 -24.63 -1.77 -30.28
C GLY C 251 -25.86 -0.92 -30.03
N ARG C 252 -26.35 -0.33 -31.12
CA ARG C 252 -27.49 0.57 -31.08
C ARG C 252 -28.86 -0.17 -31.01
N GLN C 253 -29.82 0.52 -30.43
CA GLN C 253 -31.17 0.03 -30.24
C GLN C 253 -32.13 1.17 -30.49
N PHE C 254 -33.36 0.84 -30.86
CA PHE C 254 -34.30 1.86 -31.34
C PHE C 254 -35.69 1.77 -30.69
N ARG C 255 -36.26 2.91 -30.35
CA ARG C 255 -37.59 2.96 -29.76
C ARG C 255 -38.36 4.16 -30.27
N ASN C 256 -39.51 3.89 -30.89
CA ASN C 256 -40.41 4.94 -31.33
C ASN C 256 -41.26 5.40 -30.13
N GLU C 257 -40.81 6.48 -29.49
CA GLU C 257 -41.27 6.84 -28.14
C GLU C 257 -41.10 8.33 -27.89
N GLY C 258 -41.12 8.67 -26.59
CA GLY C 258 -40.91 10.04 -26.15
C GLY C 258 -39.44 10.44 -26.07
N ILE C 259 -39.18 11.70 -26.40
CA ILE C 259 -37.86 12.26 -26.27
C ILE C 259 -37.89 13.15 -25.05
N ASP C 260 -37.01 12.87 -24.11
CA ASP C 260 -37.13 13.41 -22.79
C ASP C 260 -35.80 13.53 -22.08
N LEU C 261 -35.85 13.72 -20.78
CA LEU C 261 -34.65 13.82 -19.98
C LEU C 261 -33.85 12.55 -20.06
N THR C 262 -34.51 11.42 -20.06
CA THR C 262 -33.76 10.19 -20.18
C THR C 262 -34.05 9.29 -21.36
N HIS C 263 -34.74 9.78 -22.38
CA HIS C 263 -35.01 8.91 -23.51
C HIS C 263 -34.64 9.46 -24.85
N ASN C 264 -33.84 8.71 -25.59
CA ASN C 264 -33.53 9.00 -26.97
C ASN C 264 -34.06 7.84 -27.82
N PRO C 265 -34.53 8.13 -29.06
CA PRO C 265 -35.07 7.13 -30.00
C PRO C 265 -34.04 6.06 -30.38
N GLU C 266 -32.77 6.41 -30.31
CA GLU C 266 -31.70 5.46 -30.50
C GLU C 266 -30.72 5.58 -29.33
N PHE C 267 -30.29 4.43 -28.81
CA PHE C 267 -29.43 4.41 -27.62
C PHE C 267 -28.55 3.15 -27.62
N THR C 268 -27.57 3.09 -26.74
CA THR C 268 -26.62 1.99 -26.83
C THR C 268 -26.74 1.00 -25.68
N THR C 269 -26.84 -0.28 -26.03
CA THR C 269 -26.75 -1.30 -24.99
C THR C 269 -25.60 -2.27 -25.20
N CYS C 270 -25.16 -2.89 -24.11
CA CYS C 270 -24.34 -4.07 -24.21
C CYS C 270 -25.18 -5.27 -23.79
N GLU C 271 -25.29 -6.27 -24.66
CA GLU C 271 -25.88 -7.54 -24.26
C GLU C 271 -24.88 -8.71 -24.35
N PHE C 272 -24.79 -9.51 -23.30
CA PHE C 272 -23.95 -10.72 -23.35
C PHE C 272 -24.70 -11.96 -22.85
N TYR C 273 -24.39 -13.08 -23.49
CA TYR C 273 -24.95 -14.38 -23.15
C TYR C 273 -23.84 -15.37 -22.82
N MET C 274 -24.08 -16.12 -21.74
CA MET C 274 -23.08 -17.02 -21.18
C MET C 274 -23.65 -18.39 -20.87
N ALA C 275 -23.12 -19.40 -21.56
CA ALA C 275 -23.56 -20.77 -21.39
C ALA C 275 -23.01 -21.41 -20.11
N TYR C 276 -23.86 -22.21 -19.46
CA TYR C 276 -23.54 -22.90 -18.21
C TYR C 276 -23.44 -21.96 -16.99
N ALA C 277 -23.95 -20.74 -17.16
CA ALA C 277 -24.09 -19.77 -16.08
C ALA C 277 -25.56 -19.59 -15.67
N ASP C 278 -25.78 -19.17 -14.43
CA ASP C 278 -27.11 -18.73 -13.97
C ASP C 278 -27.01 -17.30 -13.44
N TYR C 279 -28.14 -16.72 -13.05
CA TYR C 279 -28.14 -15.32 -12.61
C TYR C 279 -27.32 -15.03 -11.34
N HIS C 280 -26.97 -16.05 -10.56
CA HIS C 280 -26.08 -15.83 -9.43
C HIS C 280 -24.69 -15.48 -9.96
N ASP C 281 -24.23 -16.31 -10.90
CA ASP C 281 -22.97 -16.11 -11.61
C ASP C 281 -22.93 -14.73 -12.22
N LEU C 282 -24.04 -14.37 -12.86
CA LEU C 282 -24.15 -13.06 -13.49
C LEU C 282 -24.11 -11.94 -12.46
N MET C 283 -24.62 -12.20 -11.26
CA MET C 283 -24.55 -11.22 -10.19
C MET C 283 -23.09 -10.95 -9.77
N GLU C 284 -22.34 -12.03 -9.58
CA GLU C 284 -20.90 -11.89 -9.26
C GLU C 284 -20.15 -11.12 -10.37
N ILE C 285 -20.37 -11.54 -11.61
CA ILE C 285 -19.77 -10.88 -12.77
C ILE C 285 -20.14 -9.39 -12.85
N THR C 286 -21.41 -9.07 -12.69
CA THR C 286 -21.85 -7.68 -12.68
C THR C 286 -21.18 -6.85 -11.58
N GLU C 287 -21.20 -7.34 -10.35
CA GLU C 287 -20.46 -6.65 -9.27
C GLU C 287 -19.01 -6.35 -9.72
N LYS C 288 -18.29 -7.36 -10.19
CA LYS C 288 -16.88 -7.18 -10.55
C LYS C 288 -16.71 -6.16 -11.67
N MET C 289 -17.57 -6.27 -12.68
CA MET C 289 -17.46 -5.41 -13.86
C MET C 289 -17.79 -3.96 -13.57
N VAL C 290 -18.93 -3.72 -12.93
CA VAL C 290 -19.33 -2.36 -12.60
C VAL C 290 -18.39 -1.72 -11.57
N SER C 291 -18.19 -2.37 -10.43
CA SER C 291 -17.29 -1.84 -9.41
C SER C 291 -15.93 -1.51 -10.03
N GLY C 292 -15.34 -2.50 -10.70
CA GLY C 292 -14.05 -2.32 -11.35
C GLY C 292 -14.05 -1.19 -12.37
N MET C 293 -15.08 -1.13 -13.19
CA MET C 293 -15.23 -0.10 -14.19
C MET C 293 -15.15 1.28 -13.52
N VAL C 294 -16.02 1.51 -12.54
CA VAL C 294 -16.04 2.76 -11.80
C VAL C 294 -14.68 3.10 -11.17
N LYS C 295 -14.07 2.12 -10.50
CA LYS C 295 -12.75 2.34 -9.88
C LYS C 295 -11.70 2.72 -10.93
N HIS C 296 -11.82 2.13 -12.12
CA HIS C 296 -10.83 2.30 -13.17
C HIS C 296 -10.98 3.69 -13.78
N ILE C 297 -12.21 4.05 -14.11
CA ILE C 297 -12.47 5.33 -14.74
C ILE C 297 -12.28 6.51 -13.78
N THR C 298 -12.86 6.44 -12.58
CA THR C 298 -12.87 7.59 -11.69
C THR C 298 -11.77 7.62 -10.62
N GLY C 299 -11.15 6.47 -10.37
CA GLY C 299 -10.13 6.38 -9.34
C GLY C 299 -10.64 5.75 -8.05
N SER C 300 -11.95 5.79 -7.87
CA SER C 300 -12.52 5.36 -6.61
C SER C 300 -13.79 4.54 -6.81
N TYR C 301 -14.19 3.83 -5.76
CA TYR C 301 -15.50 3.18 -5.74
C TYR C 301 -16.57 4.22 -5.42
N LYS C 302 -16.11 5.37 -4.95
CA LYS C 302 -17.02 6.40 -4.49
C LYS C 302 -17.26 7.46 -5.54
N VAL C 303 -18.54 7.74 -5.77
CA VAL C 303 -18.96 8.65 -6.82
C VAL C 303 -20.08 9.56 -6.29
N THR C 304 -19.93 10.87 -6.45
CA THR C 304 -20.99 11.81 -6.09
C THR C 304 -21.86 12.12 -7.34
N TYR C 305 -23.18 12.19 -7.14
CA TYR C 305 -24.09 12.45 -8.26
C TYR C 305 -25.15 13.49 -7.93
N HIS C 306 -25.47 14.33 -8.91
CA HIS C 306 -26.46 15.41 -8.74
C HIS C 306 -27.65 15.21 -9.70
N PRO C 307 -28.71 14.50 -9.24
CA PRO C 307 -29.84 14.09 -10.09
C PRO C 307 -30.68 15.26 -10.55
N ASP C 308 -30.66 16.34 -9.77
CA ASP C 308 -31.23 17.60 -10.23
C ASP C 308 -30.25 18.73 -9.94
N GLY C 309 -29.63 19.24 -11.00
CA GLY C 309 -28.77 20.40 -10.92
C GLY C 309 -27.51 20.25 -10.10
N PRO C 310 -26.50 21.09 -10.40
CA PRO C 310 -25.25 21.19 -9.63
C PRO C 310 -25.48 21.96 -8.33
N GLU C 311 -26.60 22.70 -8.29
CA GLU C 311 -27.00 23.42 -7.07
C GLU C 311 -28.20 22.74 -6.39
N GLY C 312 -28.25 21.41 -6.50
CA GLY C 312 -29.32 20.61 -5.90
C GLY C 312 -28.79 19.53 -4.96
N GLN C 313 -29.67 18.60 -4.56
CA GLN C 313 -29.25 17.51 -3.64
C GLN C 313 -28.16 16.64 -4.26
N ALA C 314 -27.08 16.43 -3.52
CA ALA C 314 -26.00 15.56 -3.97
C ALA C 314 -26.09 14.19 -3.29
N TYR C 315 -25.99 13.13 -4.09
CA TYR C 315 -26.02 11.77 -3.58
C TYR C 315 -24.62 11.14 -3.62
N ASP C 316 -24.24 10.51 -2.52
CA ASP C 316 -22.92 9.90 -2.42
C ASP C 316 -23.04 8.38 -2.53
N VAL C 317 -22.50 7.85 -3.62
CA VAL C 317 -22.70 6.46 -4.00
C VAL C 317 -21.45 5.59 -3.83
N ASP C 318 -21.63 4.45 -3.17
CA ASP C 318 -20.54 3.51 -2.88
C ASP C 318 -20.67 2.25 -3.75
N PHE C 319 -19.79 2.11 -4.74
CA PHE C 319 -19.80 0.96 -5.63
C PHE C 319 -19.00 -0.22 -5.09
N THR C 320 -18.53 -0.10 -3.86
CA THR C 320 -17.82 -1.18 -3.21
C THR C 320 -18.72 -2.41 -3.16
N PRO C 321 -18.25 -3.52 -3.75
CA PRO C 321 -19.02 -4.75 -3.69
C PRO C 321 -18.78 -5.44 -2.34
N PRO C 322 -19.70 -6.30 -1.89
CA PRO C 322 -20.91 -6.72 -2.64
C PRO C 322 -22.06 -5.70 -2.61
N PHE C 323 -22.84 -5.69 -3.70
CA PHE C 323 -23.99 -4.80 -3.80
C PHE C 323 -25.17 -5.36 -3.00
N ARG C 324 -25.97 -4.47 -2.42
CA ARG C 324 -27.19 -4.85 -1.73
C ARG C 324 -28.14 -5.63 -2.65
N ARG C 325 -28.82 -6.62 -2.07
CA ARG C 325 -29.79 -7.42 -2.79
C ARG C 325 -31.16 -7.32 -2.10
N ILE C 326 -32.20 -7.11 -2.89
CA ILE C 326 -33.56 -7.20 -2.36
C ILE C 326 -34.42 -8.08 -3.25
N ASN C 327 -35.33 -8.83 -2.65
CA ASN C 327 -36.26 -9.64 -3.42
C ASN C 327 -37.54 -8.88 -3.62
N MET C 328 -37.99 -8.82 -4.87
CA MET C 328 -39.09 -7.93 -5.24
C MET C 328 -40.35 -8.08 -4.38
N VAL C 329 -40.99 -9.24 -4.46
CA VAL C 329 -42.25 -9.45 -3.75
C VAL C 329 -42.13 -9.29 -2.24
N GLU C 330 -41.07 -9.86 -1.66
CA GLU C 330 -40.83 -9.72 -0.22
C GLU C 330 -40.70 -8.29 0.27
N GLU C 331 -39.87 -7.51 -0.42
CA GLU C 331 -39.61 -6.13 0.00
C GLU C 331 -40.75 -5.19 -0.35
N LEU C 332 -41.57 -5.62 -1.30
CA LEU C 332 -42.81 -4.91 -1.61
C LEU C 332 -43.81 -5.12 -0.48
N GLU C 333 -43.90 -6.37 -0.01
CA GLU C 333 -44.67 -6.71 1.18
C GLU C 333 -44.20 -5.89 2.39
N LYS C 334 -42.89 -5.73 2.56
CA LYS C 334 -42.38 -4.89 3.64
C LYS C 334 -42.77 -3.43 3.46
N ALA C 335 -42.64 -2.92 2.25
CA ALA C 335 -42.89 -1.51 1.97
C ALA C 335 -44.38 -1.15 1.93
N LEU C 336 -45.23 -2.16 1.75
CA LEU C 336 -46.67 -1.94 1.68
C LEU C 336 -47.32 -2.22 3.03
N GLY C 337 -46.52 -2.67 3.99
CA GLY C 337 -47.01 -3.01 5.32
C GLY C 337 -48.04 -4.11 5.33
N MET C 338 -48.15 -4.84 4.23
CA MET C 338 -49.17 -5.88 4.10
C MET C 338 -48.62 -7.10 3.37
N LYS C 339 -49.40 -8.19 3.40
CA LYS C 339 -49.04 -9.42 2.67
C LYS C 339 -49.66 -9.36 1.28
N LEU C 340 -48.89 -9.80 0.30
CA LEU C 340 -49.34 -9.88 -1.08
C LEU C 340 -49.77 -11.32 -1.37
N PRO C 341 -50.53 -11.54 -2.45
CA PRO C 341 -50.96 -12.91 -2.81
C PRO C 341 -49.78 -13.87 -2.95
N GLU C 342 -50.01 -15.16 -2.66
CA GLU C 342 -48.98 -16.18 -2.86
C GLU C 342 -48.54 -16.17 -4.33
N THR C 343 -47.25 -16.39 -4.56
CA THR C 343 -46.63 -16.10 -5.86
C THR C 343 -47.15 -16.97 -7.04
N ASN C 344 -47.72 -18.13 -6.72
CA ASN C 344 -48.30 -18.97 -7.76
C ASN C 344 -49.74 -18.55 -8.13
N LEU C 345 -50.13 -17.35 -7.73
CA LEU C 345 -51.49 -16.85 -7.94
C LEU C 345 -51.49 -15.61 -8.83
N PHE C 346 -50.32 -15.28 -9.36
CA PHE C 346 -50.12 -13.99 -10.03
C PHE C 346 -50.74 -13.85 -11.42
N GLU C 347 -51.19 -14.96 -12.00
CA GLU C 347 -51.86 -14.91 -13.30
C GLU C 347 -53.40 -14.82 -13.20
N THR C 348 -53.91 -14.69 -11.98
CA THR C 348 -55.36 -14.58 -11.76
C THR C 348 -55.82 -13.12 -11.79
N GLU C 349 -57.08 -12.91 -12.19
CA GLU C 349 -57.69 -11.59 -12.21
C GLU C 349 -58.08 -11.17 -10.81
N GLU C 350 -58.12 -12.15 -9.91
CA GLU C 350 -58.20 -11.90 -8.48
C GLU C 350 -57.03 -11.01 -8.04
N THR C 351 -55.83 -11.48 -8.36
CA THR C 351 -54.60 -10.78 -8.03
C THR C 351 -54.51 -9.43 -8.73
N ARG C 352 -54.91 -9.39 -10.00
CA ARG C 352 -54.96 -8.13 -10.74
C ARG C 352 -55.83 -7.11 -10.02
N LYS C 353 -57.03 -7.54 -9.58
CA LYS C 353 -57.96 -6.69 -8.84
C LYS C 353 -57.36 -6.23 -7.50
N ILE C 354 -56.73 -7.15 -6.79
CA ILE C 354 -56.05 -6.82 -5.52
C ILE C 354 -54.98 -5.75 -5.70
N LEU C 355 -54.16 -5.91 -6.75
CA LEU C 355 -53.08 -5.00 -7.04
C LEU C 355 -53.61 -3.64 -7.53
N ASP C 356 -54.75 -3.66 -8.21
CA ASP C 356 -55.40 -2.42 -8.65
C ASP C 356 -55.89 -1.64 -7.43
N ASP C 357 -56.52 -2.35 -6.50
CA ASP C 357 -57.01 -1.74 -5.27
C ASP C 357 -55.88 -1.18 -4.40
N ILE C 358 -54.78 -1.90 -4.36
CA ILE C 358 -53.60 -1.45 -3.62
C ILE C 358 -52.97 -0.21 -4.27
N CYS C 359 -52.98 -0.19 -5.61
CA CYS C 359 -52.45 0.95 -6.34
C CYS C 359 -53.26 2.20 -6.11
N VAL C 360 -54.58 2.05 -6.11
CA VAL C 360 -55.48 3.14 -5.81
C VAL C 360 -55.29 3.63 -4.36
N ALA C 361 -55.38 2.69 -3.42
CA ALA C 361 -55.21 2.95 -2.00
C ALA C 361 -53.94 3.69 -1.59
N LYS C 362 -52.87 3.55 -2.38
CA LYS C 362 -51.60 4.22 -2.05
C LYS C 362 -51.25 5.28 -3.08
N ALA C 363 -52.25 5.65 -3.89
CA ALA C 363 -52.16 6.77 -4.82
C ALA C 363 -51.07 6.60 -5.87
N VAL C 364 -51.06 5.44 -6.52
CA VAL C 364 -50.10 5.16 -7.57
C VAL C 364 -50.80 5.13 -8.94
N GLU C 365 -50.39 6.04 -9.83
CA GLU C 365 -51.05 6.18 -11.12
C GLU C 365 -50.63 5.08 -12.08
N CYS C 366 -51.60 4.32 -12.54
CA CYS C 366 -51.33 3.36 -13.60
C CYS C 366 -52.23 3.65 -14.79
N PRO C 367 -51.68 4.32 -15.82
CA PRO C 367 -52.39 4.50 -17.09
C PRO C 367 -52.83 3.16 -17.63
N PRO C 368 -53.90 3.14 -18.42
CA PRO C 368 -54.37 1.90 -19.05
C PRO C 368 -53.35 1.38 -20.08
N PRO C 369 -53.33 0.05 -20.33
CA PRO C 369 -54.17 -0.93 -19.62
C PRO C 369 -53.57 -1.35 -18.28
N ARG C 370 -54.40 -1.41 -17.24
CA ARG C 370 -53.92 -1.75 -15.90
C ARG C 370 -53.77 -3.26 -15.70
N THR C 371 -52.84 -3.85 -16.45
CA THR C 371 -52.52 -5.28 -16.31
C THR C 371 -51.76 -5.53 -15.01
N THR C 372 -51.69 -6.80 -14.61
CA THR C 372 -51.02 -7.18 -13.37
C THR C 372 -49.58 -6.74 -13.43
N ALA C 373 -48.96 -6.89 -14.59
CA ALA C 373 -47.55 -6.56 -14.75
C ALA C 373 -47.31 -5.06 -14.65
N ARG C 374 -48.12 -4.27 -15.35
CA ARG C 374 -47.98 -2.81 -15.31
C ARG C 374 -48.23 -2.26 -13.89
N LEU C 375 -49.24 -2.79 -13.22
CA LEU C 375 -49.53 -2.43 -11.82
C LEU C 375 -48.36 -2.76 -10.90
N LEU C 376 -47.86 -3.98 -11.07
CA LEU C 376 -46.71 -4.43 -10.30
C LEU C 376 -45.49 -3.53 -10.49
N ASP C 377 -45.23 -3.19 -11.75
CA ASP C 377 -44.11 -2.33 -12.14
C ASP C 377 -44.26 -0.95 -11.51
N LYS C 378 -45.48 -0.42 -11.54
CA LYS C 378 -45.73 0.89 -10.98
C LYS C 378 -45.47 0.90 -9.47
N LEU C 379 -45.90 -0.17 -8.80
CA LEU C 379 -45.69 -0.32 -7.37
C LEU C 379 -44.21 -0.48 -7.01
N VAL C 380 -43.50 -1.22 -7.83
CA VAL C 380 -42.06 -1.40 -7.64
C VAL C 380 -41.36 -0.06 -7.83
N GLY C 381 -41.74 0.67 -8.87
CA GLY C 381 -41.24 2.01 -9.15
C GLY C 381 -41.43 2.95 -7.97
N GLU C 382 -42.63 2.95 -7.39
CA GLU C 382 -42.97 3.82 -6.28
C GLU C 382 -42.23 3.46 -5.01
N PHE C 383 -42.32 2.19 -4.61
CA PHE C 383 -41.88 1.79 -3.28
C PHE C 383 -40.46 1.24 -3.20
N LEU C 384 -39.99 0.62 -4.27
CA LEU C 384 -38.72 -0.09 -4.20
C LEU C 384 -37.54 0.64 -4.87
N GLU C 385 -37.73 1.04 -6.13
CA GLU C 385 -36.67 1.66 -6.90
C GLU C 385 -36.08 2.92 -6.25
N VAL C 386 -36.90 3.65 -5.52
CA VAL C 386 -36.45 4.89 -4.87
C VAL C 386 -35.45 4.66 -3.72
N THR C 387 -35.41 3.43 -3.20
CA THR C 387 -34.48 3.08 -2.13
C THR C 387 -33.13 2.65 -2.68
N CYS C 388 -33.04 2.62 -4.00
CA CYS C 388 -31.84 2.14 -4.69
C CYS C 388 -30.91 3.28 -5.14
N ILE C 389 -30.21 3.86 -4.18
CA ILE C 389 -29.20 4.88 -4.44
C ILE C 389 -27.84 4.25 -4.80
N ASN C 390 -27.22 3.59 -3.80
CA ASN C 390 -26.14 2.65 -4.04
C ASN C 390 -26.57 1.53 -4.99
N PRO C 391 -25.63 0.98 -5.79
CA PRO C 391 -26.00 -0.11 -6.69
C PRO C 391 -26.72 -1.23 -5.94
N THR C 392 -27.94 -1.54 -6.38
CA THR C 392 -28.79 -2.53 -5.72
C THR C 392 -29.41 -3.50 -6.74
N PHE C 393 -29.28 -4.80 -6.48
CA PHE C 393 -29.95 -5.83 -7.26
C PHE C 393 -31.37 -6.02 -6.77
N ILE C 394 -32.33 -5.83 -7.67
CA ILE C 394 -33.71 -6.20 -7.39
C ILE C 394 -33.94 -7.54 -8.07
N CYS C 395 -34.22 -8.57 -7.28
CA CYS C 395 -34.27 -9.95 -7.77
C CYS C 395 -35.63 -10.66 -7.70
N ASP C 396 -35.69 -11.78 -8.42
CA ASP C 396 -36.81 -12.71 -8.43
C ASP C 396 -38.14 -12.12 -8.85
N HIS C 397 -38.13 -11.54 -10.05
CA HIS C 397 -39.33 -11.00 -10.70
C HIS C 397 -40.39 -12.07 -10.96
N PRO C 398 -41.67 -11.68 -10.89
CA PRO C 398 -42.74 -12.60 -11.30
C PRO C 398 -42.65 -12.87 -12.78
N GLN C 399 -43.08 -14.05 -13.20
CA GLN C 399 -43.04 -14.45 -14.61
C GLN C 399 -43.88 -13.54 -15.54
N ILE C 400 -44.95 -12.92 -14.99
CA ILE C 400 -45.82 -12.03 -15.78
C ILE C 400 -45.07 -10.80 -16.28
N MET C 401 -43.97 -10.45 -15.60
CA MET C 401 -43.12 -9.32 -16.01
C MET C 401 -41.92 -9.76 -16.88
N SER C 402 -41.75 -11.07 -17.03
CA SER C 402 -40.52 -11.65 -17.53
C SER C 402 -40.75 -12.85 -18.45
N PRO C 403 -41.27 -12.59 -19.67
CA PRO C 403 -41.66 -13.65 -20.62
C PRO C 403 -40.48 -14.45 -21.23
N LEU C 404 -39.25 -13.97 -21.11
CA LEU C 404 -38.12 -14.71 -21.63
C LEU C 404 -37.24 -15.25 -20.50
N ALA C 405 -37.62 -14.96 -19.26
CA ALA C 405 -36.87 -15.45 -18.09
C ALA C 405 -37.32 -16.84 -17.63
N LYS C 406 -36.36 -17.60 -17.14
CA LYS C 406 -36.63 -18.97 -16.72
C LYS C 406 -37.21 -18.96 -15.30
N TRP C 407 -38.25 -19.77 -15.11
CA TRP C 407 -38.93 -19.86 -13.83
C TRP C 407 -37.93 -20.11 -12.71
N HIS C 408 -38.21 -19.52 -11.55
CA HIS C 408 -37.40 -19.72 -10.35
C HIS C 408 -37.47 -21.21 -9.98
N ARG C 409 -36.37 -21.75 -9.47
CA ARG C 409 -36.30 -23.19 -9.18
C ARG C 409 -36.82 -23.59 -7.79
N SER C 410 -37.20 -22.60 -6.97
CA SER C 410 -37.87 -22.84 -5.70
C SER C 410 -39.26 -22.20 -5.74
N LYS C 411 -39.26 -20.88 -5.91
CA LYS C 411 -40.43 -20.04 -5.83
C LYS C 411 -41.30 -20.05 -7.09
N GLU C 412 -42.41 -20.79 -7.05
CA GLU C 412 -43.31 -20.91 -8.21
C GLU C 412 -43.97 -19.57 -8.49
N GLY C 413 -43.99 -19.15 -9.76
CA GLY C 413 -44.54 -17.86 -10.14
C GLY C 413 -43.49 -16.77 -10.32
N LEU C 414 -42.32 -17.01 -9.76
CA LEU C 414 -41.18 -16.11 -9.90
C LEU C 414 -40.20 -16.62 -10.97
N THR C 415 -39.28 -15.73 -11.38
CA THR C 415 -38.24 -16.06 -12.35
C THR C 415 -36.87 -15.78 -11.77
N GLU C 416 -35.85 -16.41 -12.35
CA GLU C 416 -34.47 -16.19 -11.93
C GLU C 416 -33.86 -14.94 -12.61
N ARG C 417 -34.29 -13.79 -12.14
CA ARG C 417 -33.95 -12.53 -12.76
C ARG C 417 -33.47 -11.46 -11.75
N PHE C 418 -32.59 -10.57 -12.20
CA PHE C 418 -32.32 -9.34 -11.48
C PHE C 418 -32.26 -8.09 -12.39
N GLU C 419 -32.57 -6.94 -11.80
CA GLU C 419 -32.28 -5.67 -12.43
C GLU C 419 -31.28 -4.96 -11.50
N LEU C 420 -30.32 -4.26 -12.08
CA LEU C 420 -29.39 -3.50 -11.27
C LEU C 420 -29.85 -2.05 -11.25
N PHE C 421 -29.98 -1.50 -10.05
CA PHE C 421 -30.36 -0.09 -9.89
C PHE C 421 -29.28 0.73 -9.21
N VAL C 422 -29.01 1.91 -9.80
CA VAL C 422 -28.13 2.92 -9.26
C VAL C 422 -28.89 4.24 -9.41
N MET C 423 -28.88 5.04 -8.35
CA MET C 423 -29.55 6.34 -8.35
C MET C 423 -30.99 6.26 -8.84
N LYS C 424 -31.72 5.28 -8.31
CA LYS C 424 -33.14 5.07 -8.57
C LYS C 424 -33.43 4.69 -10.03
N LYS C 425 -32.37 4.46 -10.80
CA LYS C 425 -32.53 4.12 -12.21
C LYS C 425 -31.92 2.74 -12.55
N GLU C 426 -32.59 2.01 -13.44
CA GLU C 426 -32.09 0.73 -13.92
C GLU C 426 -30.94 0.88 -14.92
N ILE C 427 -29.82 0.20 -14.65
CA ILE C 427 -28.71 0.19 -15.59
C ILE C 427 -28.46 -1.23 -16.17
N CYS C 428 -28.80 -2.24 -15.40
CA CYS C 428 -28.70 -3.62 -15.88
C CYS C 428 -30.00 -4.39 -15.75
N ASN C 429 -30.21 -5.29 -16.70
CA ASN C 429 -31.28 -6.28 -16.62
C ASN C 429 -30.74 -7.65 -17.07
N ALA C 430 -30.87 -8.65 -16.22
CA ALA C 430 -30.27 -9.94 -16.51
C ALA C 430 -31.12 -11.10 -15.99
N TYR C 431 -31.10 -12.23 -16.68
CA TYR C 431 -31.74 -13.41 -16.13
C TYR C 431 -31.24 -14.79 -16.61
N THR C 432 -31.49 -15.81 -15.80
CA THR C 432 -31.30 -17.17 -16.27
C THR C 432 -32.28 -17.38 -17.43
N GLU C 433 -31.75 -17.81 -18.57
CA GLU C 433 -32.54 -17.85 -19.80
C GLU C 433 -33.51 -19.02 -19.86
N LEU C 434 -34.74 -18.74 -20.28
CA LEU C 434 -35.71 -19.79 -20.55
C LEU C 434 -35.24 -20.61 -21.76
N ASN C 435 -34.99 -21.90 -21.57
CA ASN C 435 -34.57 -22.77 -22.67
C ASN C 435 -35.57 -23.87 -23.04
N ASP C 436 -36.78 -23.81 -22.44
CA ASP C 436 -37.86 -24.80 -22.70
C ASP C 436 -38.77 -24.26 -23.80
N PRO C 437 -38.69 -24.89 -24.98
CA PRO C 437 -39.39 -24.35 -26.17
C PRO C 437 -40.90 -24.29 -25.99
N MET C 438 -41.45 -25.26 -25.24
CA MET C 438 -42.89 -25.32 -24.97
C MET C 438 -43.37 -24.18 -24.08
N ARG C 439 -42.68 -23.98 -22.95
CA ARG C 439 -42.98 -22.85 -22.05
C ARG C 439 -42.84 -21.52 -22.75
N GLN C 440 -41.82 -21.41 -23.60
CA GLN C 440 -41.55 -20.16 -24.30
C GLN C 440 -42.66 -19.88 -25.30
N ARG C 441 -43.10 -20.92 -25.99
CA ARG C 441 -44.18 -20.78 -26.95
C ARG C 441 -45.46 -20.32 -26.23
N GLN C 442 -45.71 -20.94 -25.08
CA GLN C 442 -46.88 -20.61 -24.28
C GLN C 442 -46.85 -19.14 -23.85
N LEU C 443 -45.69 -18.70 -23.38
CA LEU C 443 -45.55 -17.32 -22.91
C LEU C 443 -45.69 -16.33 -24.06
N PHE C 444 -45.21 -16.73 -25.23
CA PHE C 444 -45.34 -15.90 -26.42
C PHE C 444 -46.81 -15.77 -26.77
N GLU C 445 -47.54 -16.88 -26.60
CA GLU C 445 -48.97 -16.91 -26.88
C GLU C 445 -49.76 -16.01 -25.90
N GLU C 446 -49.38 -16.06 -24.64
CA GLU C 446 -49.97 -15.15 -23.65
C GLU C 446 -49.66 -13.69 -24.00
N GLN C 447 -48.44 -13.44 -24.48
CA GLN C 447 -48.02 -12.10 -24.87
C GLN C 447 -48.80 -11.60 -26.07
N ALA C 448 -49.10 -12.52 -26.98
CA ALA C 448 -49.84 -12.23 -28.20
C ALA C 448 -51.33 -11.97 -27.90
N LYS C 449 -51.87 -12.72 -26.94
CA LYS C 449 -53.20 -12.43 -26.38
C LYS C 449 -53.23 -11.01 -25.79
N ALA C 450 -52.22 -10.67 -24.98
CA ALA C 450 -52.15 -9.33 -24.40
C ALA C 450 -51.85 -8.23 -25.41
N LYS C 451 -51.41 -8.61 -26.61
CA LYS C 451 -51.16 -7.63 -27.67
C LYS C 451 -52.36 -7.46 -28.58
N ALA C 452 -53.24 -8.47 -28.62
CA ALA C 452 -54.51 -8.38 -29.32
C ALA C 452 -55.52 -7.56 -28.53
N ALA C 453 -55.51 -7.72 -27.20
CA ALA C 453 -56.30 -6.90 -26.30
C ALA C 453 -55.57 -5.60 -25.89
N GLY C 454 -54.67 -5.13 -26.73
CA GLY C 454 -54.15 -3.77 -26.64
C GLY C 454 -53.10 -3.38 -25.62
N ASP C 455 -52.12 -4.24 -25.35
CA ASP C 455 -50.86 -3.75 -24.80
C ASP C 455 -49.94 -3.56 -26.00
N ASP C 456 -49.42 -2.35 -26.17
CA ASP C 456 -48.82 -1.95 -27.43
C ASP C 456 -47.32 -2.29 -27.53
N GLU C 457 -46.69 -2.53 -26.39
CA GLU C 457 -45.28 -2.88 -26.34
C GLU C 457 -45.09 -4.39 -26.17
N ALA C 458 -46.18 -5.10 -25.89
CA ALA C 458 -46.17 -6.56 -25.66
C ALA C 458 -45.65 -7.36 -26.86
N MET C 459 -45.05 -8.51 -26.56
CA MET C 459 -44.27 -9.27 -27.55
C MET C 459 -45.04 -10.05 -28.61
N PHE C 460 -44.34 -10.34 -29.70
CA PHE C 460 -44.90 -11.12 -30.80
C PHE C 460 -44.45 -12.57 -30.67
N ILE C 461 -44.66 -13.35 -31.73
CA ILE C 461 -44.28 -14.74 -31.71
C ILE C 461 -43.18 -15.03 -32.73
N ASP C 462 -41.94 -15.10 -32.24
CA ASP C 462 -40.84 -15.60 -33.07
C ASP C 462 -40.92 -17.13 -33.07
N GLU C 463 -41.37 -17.69 -34.20
CA GLU C 463 -41.51 -19.12 -34.27
C GLU C 463 -40.13 -19.73 -34.54
N ASN C 464 -39.30 -18.98 -35.25
CA ASN C 464 -37.92 -19.37 -35.53
C ASN C 464 -37.08 -19.51 -34.27
N PHE C 465 -37.25 -18.54 -33.37
CA PHE C 465 -36.61 -18.59 -32.08
C PHE C 465 -37.04 -19.86 -31.35
N CYS C 466 -38.35 -20.09 -31.33
CA CYS C 466 -38.91 -21.27 -30.67
C CYS C 466 -38.33 -22.59 -31.23
N THR C 467 -38.20 -22.64 -32.56
CA THR C 467 -37.59 -23.77 -33.24
C THR C 467 -36.15 -23.97 -32.77
N ALA C 468 -35.40 -22.87 -32.73
CA ALA C 468 -34.02 -22.93 -32.25
C ALA C 468 -33.97 -23.59 -30.87
N LEU C 469 -34.81 -23.09 -29.96
CA LEU C 469 -34.96 -23.70 -28.64
C LEU C 469 -35.23 -25.22 -28.72
N GLU C 470 -36.03 -25.65 -29.71
CA GLU C 470 -36.30 -27.08 -29.94
C GLU C 470 -35.05 -27.86 -30.38
N TYR C 471 -34.08 -27.19 -31.00
CA TYR C 471 -32.79 -27.85 -31.30
C TYR C 471 -31.90 -27.88 -30.08
N GLY C 472 -32.27 -27.10 -29.07
CA GLY C 472 -31.65 -27.26 -27.77
C GLY C 472 -30.73 -26.15 -27.32
N LEU C 473 -31.22 -25.30 -26.43
CA LEU C 473 -30.37 -24.26 -25.88
C LEU C 473 -29.85 -24.73 -24.52
N PRO C 474 -28.53 -24.75 -24.36
CA PRO C 474 -27.93 -25.16 -23.09
C PRO C 474 -28.32 -24.19 -21.97
N PRO C 475 -28.27 -24.66 -20.70
CA PRO C 475 -28.48 -23.79 -19.54
C PRO C 475 -27.65 -22.53 -19.77
N THR C 476 -28.28 -21.36 -19.82
CA THR C 476 -27.58 -20.14 -20.18
C THR C 476 -28.13 -18.98 -19.35
N ALA C 477 -27.29 -18.00 -19.03
CA ALA C 477 -27.72 -16.76 -18.37
C ALA C 477 -27.33 -15.55 -19.22
N GLY C 478 -28.23 -14.59 -19.33
CA GLY C 478 -28.02 -13.42 -20.18
C GLY C 478 -28.14 -12.10 -19.44
N TRP C 479 -27.73 -11.02 -20.11
CA TRP C 479 -27.47 -9.77 -19.42
C TRP C 479 -27.47 -8.61 -20.39
N GLY C 480 -27.99 -7.48 -19.93
CA GLY C 480 -28.09 -6.27 -20.71
C GLY C 480 -27.78 -5.04 -19.87
N MET C 481 -27.19 -4.03 -20.51
CA MET C 481 -26.77 -2.80 -19.83
C MET C 481 -26.99 -1.58 -20.71
N GLY C 482 -27.57 -0.55 -20.11
CA GLY C 482 -27.78 0.73 -20.79
C GLY C 482 -26.57 1.63 -20.67
N ILE C 483 -25.67 1.51 -21.65
CA ILE C 483 -24.41 2.25 -21.62
C ILE C 483 -24.63 3.75 -21.40
N ASP C 484 -25.67 4.30 -22.01
CA ASP C 484 -25.95 5.72 -21.91
C ASP C 484 -26.18 6.18 -20.46
N ARG C 485 -26.84 5.35 -19.67
CA ARG C 485 -27.11 5.68 -18.27
C ARG C 485 -25.84 5.60 -17.42
N VAL C 486 -25.04 4.57 -17.65
CA VAL C 486 -23.77 4.42 -16.95
C VAL C 486 -22.92 5.64 -17.26
N ALA C 487 -23.01 6.10 -18.51
CA ALA C 487 -22.30 7.29 -18.95
C ALA C 487 -22.78 8.54 -18.21
N MET C 488 -24.10 8.68 -18.09
CA MET C 488 -24.66 9.78 -17.29
C MET C 488 -24.14 9.77 -15.86
N PHE C 489 -24.24 8.61 -15.22
CA PHE C 489 -23.87 8.47 -13.81
C PHE C 489 -22.38 8.66 -13.55
N LEU C 490 -21.54 8.40 -14.57
CA LEU C 490 -20.10 8.54 -14.37
C LEU C 490 -19.57 9.89 -14.90
N THR C 491 -20.46 10.68 -15.46
CA THR C 491 -20.09 12.05 -15.88
C THR C 491 -20.94 13.08 -15.14
N ASP C 492 -21.65 12.64 -14.10
CA ASP C 492 -22.54 13.51 -13.34
C ASP C 492 -23.47 14.28 -14.28
N SER C 493 -24.12 13.55 -15.18
CA SER C 493 -25.09 14.14 -16.08
C SER C 493 -26.48 13.61 -15.74
N ASN C 494 -27.45 14.52 -15.62
CA ASN C 494 -28.83 14.16 -15.32
C ASN C 494 -29.69 14.24 -16.57
N ASN C 495 -29.03 14.57 -17.67
CA ASN C 495 -29.66 14.64 -18.97
C ASN C 495 -28.94 13.67 -19.91
N ILE C 496 -29.70 12.91 -20.69
CA ILE C 496 -29.11 11.95 -21.62
C ILE C 496 -28.45 12.65 -22.81
N LYS C 497 -28.87 13.88 -23.08
CA LYS C 497 -28.29 14.68 -24.15
C LYS C 497 -26.81 14.97 -23.89
N GLU C 498 -26.44 15.00 -22.63
CA GLU C 498 -25.05 15.27 -22.23
C GLU C 498 -24.07 14.19 -22.63
N VAL C 499 -24.58 12.96 -22.88
CA VAL C 499 -23.73 11.81 -23.20
C VAL C 499 -23.99 11.23 -24.59
N LEU C 500 -24.80 11.92 -25.38
CA LEU C 500 -24.96 11.61 -26.82
C LEU C 500 -24.39 12.79 -27.61
N LEU C 501 -23.44 12.53 -28.51
CA LEU C 501 -22.79 13.64 -29.22
C LEU C 501 -23.81 14.48 -29.99
N PHE C 502 -24.65 13.81 -30.76
CA PHE C 502 -25.69 14.50 -31.52
C PHE C 502 -27.07 13.96 -31.14
N PRO C 503 -27.59 14.43 -30.00
CA PRO C 503 -28.89 13.95 -29.48
C PRO C 503 -30.05 14.40 -30.36
N ALA C 504 -31.12 13.60 -30.38
CA ALA C 504 -32.30 13.92 -31.17
C ALA C 504 -32.97 15.18 -30.60
N MET C 505 -33.19 16.15 -31.48
CA MET C 505 -33.82 17.41 -31.11
C MET C 505 -35.17 17.62 -31.82
N LYS C 506 -36.08 18.34 -31.17
CA LYS C 506 -37.49 18.46 -31.62
C LYS C 506 -37.75 19.76 -32.37
N PRO C 507 -37.38 19.80 -33.67
CA PRO C 507 -36.91 21.03 -34.35
C PRO C 507 -37.84 22.26 -34.22
N VAL D 3 -35.86 -43.05 -40.79
CA VAL D 3 -36.81 -42.41 -39.87
C VAL D 3 -37.20 -40.99 -40.32
N ASP D 4 -38.46 -40.61 -40.07
CA ASP D 4 -39.03 -39.34 -40.54
C ASP D 4 -38.93 -38.24 -39.48
N PRO D 5 -38.30 -37.11 -39.85
CA PRO D 5 -37.93 -36.02 -38.92
C PRO D 5 -39.10 -35.43 -38.12
N ASN D 6 -40.28 -35.42 -38.74
CA ASN D 6 -41.49 -34.92 -38.08
C ASN D 6 -41.99 -35.93 -37.05
N GLN D 7 -41.93 -37.20 -37.44
CA GLN D 7 -42.27 -38.28 -36.54
C GLN D 7 -41.33 -38.22 -35.35
N TYR D 8 -40.03 -38.14 -35.67
CA TYR D 8 -38.98 -38.03 -34.64
C TYR D 8 -39.29 -36.91 -33.67
N TYR D 9 -39.61 -35.73 -34.23
CA TYR D 9 -39.95 -34.58 -33.40
C TYR D 9 -41.14 -34.87 -32.48
N LYS D 10 -42.22 -35.41 -33.04
CA LYS D 10 -43.42 -35.72 -32.26
C LYS D 10 -43.11 -36.66 -31.09
N ILE D 11 -42.43 -37.76 -31.43
CA ILE D 11 -42.04 -38.76 -30.45
C ILE D 11 -41.14 -38.16 -29.36
N ARG D 12 -40.12 -37.42 -29.79
CA ARG D 12 -39.16 -36.85 -28.85
C ARG D 12 -39.77 -35.80 -27.94
N SER D 13 -40.63 -34.96 -28.52
CA SER D 13 -41.39 -33.96 -27.76
C SER D 13 -42.19 -34.67 -26.68
N GLN D 14 -42.83 -35.78 -27.07
CA GLN D 14 -43.60 -36.58 -26.13
C GLN D 14 -42.69 -37.10 -25.00
N ALA D 15 -41.56 -37.68 -25.39
CA ALA D 15 -40.60 -38.25 -24.46
C ALA D 15 -40.11 -37.23 -23.42
N ILE D 16 -39.77 -36.03 -23.89
CA ILE D 16 -39.32 -34.97 -23.01
C ILE D 16 -40.44 -34.48 -22.12
N HIS D 17 -41.64 -34.36 -22.68
CA HIS D 17 -42.83 -34.03 -21.89
C HIS D 17 -43.01 -34.99 -20.72
N GLN D 18 -42.88 -36.28 -21.04
CA GLN D 18 -42.93 -37.34 -20.04
C GLN D 18 -41.89 -37.09 -18.97
N LEU D 19 -40.66 -36.81 -19.40
CA LEU D 19 -39.58 -36.47 -18.46
C LEU D 19 -39.95 -35.31 -17.52
N LYS D 20 -40.65 -34.32 -18.07
CA LYS D 20 -41.13 -33.18 -17.29
C LYS D 20 -42.16 -33.60 -16.23
N VAL D 21 -43.18 -34.36 -16.65
CA VAL D 21 -44.23 -34.79 -15.71
C VAL D 21 -43.72 -35.76 -14.62
N ASN D 22 -42.63 -36.48 -14.89
CA ASN D 22 -41.99 -37.34 -13.88
C ASN D 22 -41.05 -36.63 -12.91
N GLY D 23 -40.97 -35.31 -13.02
CA GLY D 23 -40.04 -34.54 -12.22
C GLY D 23 -38.61 -34.95 -12.49
N GLU D 24 -38.36 -35.43 -13.71
CA GLU D 24 -37.01 -35.85 -14.13
C GLU D 24 -36.17 -34.71 -14.74
N ASP D 25 -36.78 -33.52 -14.84
CA ASP D 25 -36.03 -32.27 -15.01
C ASP D 25 -35.15 -32.21 -16.26
N PRO D 26 -35.78 -32.23 -17.44
CA PRO D 26 -34.99 -32.29 -18.69
C PRO D 26 -34.30 -30.94 -19.01
N TYR D 27 -34.75 -29.86 -18.37
CA TYR D 27 -34.07 -28.58 -18.53
C TYR D 27 -33.56 -28.01 -17.20
N PRO D 28 -32.55 -28.66 -16.62
CA PRO D 28 -31.92 -28.17 -15.38
C PRO D 28 -31.48 -26.69 -15.46
N HIS D 29 -31.35 -26.06 -14.30
CA HIS D 29 -31.01 -24.64 -14.18
C HIS D 29 -29.51 -24.41 -14.24
N LYS D 30 -28.77 -25.20 -13.49
CA LYS D 30 -27.33 -24.99 -13.39
C LYS D 30 -26.54 -26.29 -13.38
N PHE D 31 -25.57 -26.38 -14.30
CA PHE D 31 -24.60 -27.45 -14.25
C PHE D 31 -23.26 -26.76 -14.12
N HIS D 32 -22.49 -27.14 -13.11
CA HIS D 32 -21.20 -26.49 -12.85
C HIS D 32 -20.06 -27.12 -13.68
N VAL D 33 -19.67 -26.40 -14.74
CA VAL D 33 -18.57 -26.87 -15.56
C VAL D 33 -17.24 -26.56 -14.88
N ASP D 34 -16.39 -27.56 -14.76
CA ASP D 34 -15.08 -27.40 -14.09
C ASP D 34 -14.03 -26.87 -15.06
N ILE D 35 -14.14 -27.25 -16.33
CA ILE D 35 -13.05 -27.08 -17.28
C ILE D 35 -13.58 -27.13 -18.72
N SER D 36 -12.98 -26.33 -19.59
CA SER D 36 -13.35 -26.37 -21.00
C SER D 36 -12.91 -27.69 -21.67
N LEU D 37 -13.56 -28.07 -22.76
CA LEU D 37 -13.16 -29.26 -23.49
C LEU D 37 -11.73 -29.07 -23.97
N THR D 38 -11.47 -27.85 -24.42
CA THR D 38 -10.16 -27.48 -24.93
C THR D 38 -9.03 -27.70 -23.91
N ASP D 39 -9.17 -27.13 -22.71
CA ASP D 39 -8.21 -27.31 -21.61
C ASP D 39 -8.08 -28.79 -21.19
N PHE D 40 -9.19 -29.53 -21.27
CA PHE D 40 -9.23 -30.93 -20.87
C PHE D 40 -8.33 -31.74 -21.81
N ILE D 41 -8.52 -31.49 -23.10
CA ILE D 41 -7.67 -32.06 -24.14
C ILE D 41 -6.20 -31.67 -23.97
N GLN D 42 -5.94 -30.38 -23.80
CA GLN D 42 -4.57 -29.92 -23.66
C GLN D 42 -3.88 -30.47 -22.41
N LYS D 43 -4.65 -30.76 -21.36
CA LYS D 43 -4.11 -31.31 -20.13
C LYS D 43 -3.85 -32.81 -20.15
N TYR D 44 -4.77 -33.57 -20.76
CA TYR D 44 -4.76 -35.04 -20.62
C TYR D 44 -4.43 -35.82 -21.91
N SER D 45 -3.94 -35.10 -22.91
CA SER D 45 -3.52 -35.74 -24.16
C SER D 45 -2.28 -36.62 -24.02
N HIS D 46 -1.45 -36.29 -23.04
CA HIS D 46 -0.23 -37.04 -22.75
C HIS D 46 -0.50 -38.49 -22.22
N LEU D 47 -1.76 -38.80 -21.91
CA LEU D 47 -2.10 -40.10 -21.37
C LEU D 47 -1.86 -41.25 -22.36
N GLN D 48 -1.42 -42.39 -21.83
CA GLN D 48 -1.17 -43.59 -22.62
C GLN D 48 -2.46 -44.36 -22.89
N PRO D 49 -2.50 -45.12 -23.98
CA PRO D 49 -3.61 -46.04 -24.23
C PRO D 49 -3.83 -46.95 -23.03
N GLY D 50 -5.07 -47.01 -22.55
CA GLY D 50 -5.41 -47.83 -21.40
C GLY D 50 -5.45 -47.08 -20.10
N ASP D 51 -4.92 -45.86 -20.08
CA ASP D 51 -4.89 -45.05 -18.85
C ASP D 51 -6.28 -44.72 -18.33
N HIS D 52 -6.37 -44.53 -17.01
CA HIS D 52 -7.63 -44.24 -16.35
C HIS D 52 -7.31 -43.61 -14.99
N LEU D 53 -7.24 -42.27 -14.96
CA LEU D 53 -6.98 -41.52 -13.73
C LEU D 53 -8.06 -41.69 -12.68
N THR D 54 -7.77 -42.48 -11.64
CA THR D 54 -8.71 -42.67 -10.56
C THR D 54 -8.73 -41.48 -9.61
N ASP D 55 -7.70 -40.66 -9.63
CA ASP D 55 -7.59 -39.58 -8.66
C ASP D 55 -7.93 -38.20 -9.25
N ILE D 56 -8.57 -38.17 -10.41
CA ILE D 56 -8.99 -36.89 -11.00
C ILE D 56 -10.43 -36.91 -11.53
N THR D 57 -11.27 -36.03 -10.97
CA THR D 57 -12.67 -35.99 -11.36
C THR D 57 -13.05 -34.58 -11.84
N LEU D 58 -13.70 -34.54 -13.01
CA LEU D 58 -13.95 -33.28 -13.70
C LEU D 58 -15.32 -33.21 -14.34
N LYS D 59 -15.84 -31.98 -14.42
CA LYS D 59 -17.13 -31.73 -15.05
C LYS D 59 -16.96 -30.94 -16.34
N VAL D 60 -17.34 -31.56 -17.44
CA VAL D 60 -17.32 -30.91 -18.75
C VAL D 60 -18.74 -30.92 -19.34
N ALA D 61 -19.01 -30.11 -20.35
CA ALA D 61 -20.32 -30.16 -21.00
C ALA D 61 -20.21 -29.96 -22.50
N GLY D 62 -21.26 -30.34 -23.24
CA GLY D 62 -21.20 -30.20 -24.68
C GLY D 62 -22.42 -30.77 -25.37
N ARG D 63 -22.34 -30.86 -26.69
CA ARG D 63 -23.43 -31.43 -27.48
C ARG D 63 -23.04 -32.80 -28.04
N ILE D 64 -23.92 -33.79 -27.84
CA ILE D 64 -23.73 -35.14 -28.37
C ILE D 64 -23.80 -35.14 -29.92
N HIS D 65 -22.74 -35.61 -30.57
CA HIS D 65 -22.73 -35.70 -32.02
C HIS D 65 -23.01 -37.09 -32.52
N ALA D 66 -22.69 -38.08 -31.70
CA ALA D 66 -22.93 -39.46 -32.06
C ALA D 66 -23.08 -40.28 -30.79
N LYS D 67 -23.84 -41.37 -30.90
CA LYS D 67 -24.05 -42.26 -29.79
C LYS D 67 -23.88 -43.65 -30.39
N ARG D 68 -22.86 -44.37 -29.94
CA ARG D 68 -22.66 -45.72 -30.42
C ARG D 68 -22.37 -46.71 -29.30
N ALA D 69 -22.81 -47.96 -29.50
CA ALA D 69 -22.60 -49.04 -28.53
C ALA D 69 -21.48 -50.01 -28.92
N SER D 70 -20.77 -50.50 -27.92
CA SER D 70 -19.82 -51.58 -28.09
C SER D 70 -20.34 -52.66 -27.20
N GLY D 71 -21.44 -52.33 -26.56
CA GLY D 71 -21.99 -53.11 -25.48
C GLY D 71 -23.48 -52.92 -25.40
N GLY D 72 -24.09 -53.85 -24.70
CA GLY D 72 -23.30 -54.74 -23.90
C GLY D 72 -22.49 -53.92 -22.90
N LYS D 73 -23.15 -52.91 -22.34
CA LYS D 73 -22.64 -52.19 -21.20
C LYS D 73 -21.54 -51.18 -21.49
N LEU D 74 -21.27 -50.89 -22.75
CA LEU D 74 -20.32 -49.85 -23.08
C LEU D 74 -21.00 -48.95 -24.07
N ILE D 75 -21.12 -47.68 -23.76
CA ILE D 75 -21.69 -46.75 -24.74
C ILE D 75 -20.82 -45.53 -24.89
N PHE D 76 -20.42 -45.26 -26.13
CA PHE D 76 -19.55 -44.14 -26.46
C PHE D 76 -20.35 -42.96 -27.00
N TYR D 77 -20.16 -41.80 -26.39
CA TYR D 77 -20.81 -40.56 -26.87
C TYR D 77 -19.75 -39.62 -27.43
N ASP D 78 -20.06 -38.96 -28.52
CA ASP D 78 -19.13 -38.02 -29.11
C ASP D 78 -19.42 -36.57 -28.69
N LEU D 79 -18.82 -36.10 -27.59
CA LEU D 79 -19.09 -34.75 -27.09
C LEU D 79 -18.35 -33.68 -27.92
N ARG D 80 -19.09 -32.67 -28.38
CA ARG D 80 -18.50 -31.56 -29.14
C ARG D 80 -18.76 -30.22 -28.50
N GLY D 81 -17.79 -29.33 -28.69
CA GLY D 81 -17.86 -27.97 -28.17
C GLY D 81 -16.60 -27.19 -28.49
N GLU D 82 -16.73 -25.88 -28.62
CA GLU D 82 -15.56 -25.01 -28.78
C GLU D 82 -14.72 -25.35 -30.03
N GLY D 83 -15.33 -26.01 -31.02
CA GLY D 83 -14.62 -26.36 -32.23
C GLY D 83 -13.81 -27.64 -32.07
N VAL D 84 -14.20 -28.42 -31.07
CA VAL D 84 -13.35 -29.49 -30.58
C VAL D 84 -14.19 -30.74 -30.20
N LYS D 85 -13.54 -31.89 -30.05
CA LYS D 85 -14.25 -33.11 -29.63
C LYS D 85 -13.58 -33.88 -28.47
N LEU D 86 -14.42 -34.44 -27.59
CA LEU D 86 -13.99 -35.37 -26.54
C LEU D 86 -14.90 -36.59 -26.50
N GLN D 87 -14.31 -37.78 -26.41
CA GLN D 87 -15.09 -39.02 -26.27
C GLN D 87 -15.55 -39.28 -24.82
N VAL D 88 -16.81 -39.65 -24.70
CA VAL D 88 -17.36 -40.08 -23.44
C VAL D 88 -17.42 -41.60 -23.51
N MET D 89 -16.57 -42.26 -22.72
CA MET D 89 -16.64 -43.71 -22.62
C MET D 89 -17.47 -44.11 -21.41
N ALA D 90 -18.76 -44.33 -21.62
CA ALA D 90 -19.65 -44.70 -20.52
C ALA D 90 -19.63 -46.21 -20.30
N ASN D 91 -18.95 -46.61 -19.22
CA ASN D 91 -18.95 -47.99 -18.74
C ASN D 91 -19.88 -48.18 -17.51
N SER D 92 -20.71 -49.21 -17.57
CA SER D 92 -21.60 -49.59 -16.46
C SER D 92 -20.85 -49.69 -15.12
N ARG D 93 -19.68 -50.32 -15.14
CA ARG D 93 -18.85 -50.51 -13.95
C ARG D 93 -18.42 -49.19 -13.29
N ASN D 94 -18.33 -48.12 -14.08
CA ASN D 94 -17.88 -46.82 -13.53
C ASN D 94 -18.97 -45.79 -13.23
N TYR D 95 -20.18 -46.08 -13.71
CA TYR D 95 -21.33 -45.24 -13.44
C TYR D 95 -21.81 -45.48 -11.99
N LYS D 96 -22.48 -44.50 -11.41
CA LYS D 96 -23.04 -44.63 -10.05
C LYS D 96 -23.96 -45.83 -9.78
N SER D 97 -24.85 -46.18 -10.73
CA SER D 97 -25.70 -47.38 -10.63
C SER D 97 -25.83 -48.05 -11.99
N GLU D 98 -26.15 -49.34 -12.01
CA GLU D 98 -26.54 -50.00 -13.24
C GLU D 98 -27.89 -49.42 -13.66
N GLU D 99 -28.76 -49.18 -12.68
CA GLU D 99 -30.10 -48.67 -12.94
C GLU D 99 -30.06 -47.30 -13.62
N GLU D 100 -29.21 -46.42 -13.08
CA GLU D 100 -29.10 -45.06 -13.60
C GLU D 100 -28.32 -44.97 -14.92
N PHE D 101 -27.36 -45.87 -15.10
CA PHE D 101 -26.65 -46.00 -16.35
C PHE D 101 -27.63 -46.36 -17.47
N ILE D 102 -28.42 -47.42 -17.22
CA ILE D 102 -29.48 -47.83 -18.14
C ILE D 102 -30.43 -46.66 -18.42
N HIS D 103 -30.86 -45.98 -17.35
CA HIS D 103 -31.82 -44.90 -17.48
C HIS D 103 -31.29 -43.77 -18.38
N ILE D 104 -30.08 -43.31 -18.09
CA ILE D 104 -29.48 -42.20 -18.82
C ILE D 104 -29.20 -42.57 -20.27
N ASN D 105 -28.78 -43.81 -20.51
CA ASN D 105 -28.57 -44.22 -21.89
C ASN D 105 -29.87 -44.38 -22.68
N ASN D 106 -30.96 -44.69 -21.99
CA ASN D 106 -32.27 -44.72 -22.63
C ASN D 106 -32.73 -43.31 -22.96
N LYS D 107 -32.37 -42.35 -22.11
CA LYS D 107 -32.77 -40.97 -22.28
C LYS D 107 -32.11 -40.33 -23.54
N LEU D 108 -30.78 -40.39 -23.59
CA LEU D 108 -29.99 -39.57 -24.53
C LEU D 108 -30.06 -39.93 -26.01
N ARG D 109 -30.21 -38.90 -26.84
CA ARG D 109 -30.17 -39.02 -28.29
C ARG D 109 -29.09 -38.10 -28.84
N ARG D 110 -28.65 -38.38 -30.06
CA ARG D 110 -27.76 -37.46 -30.75
C ARG D 110 -28.39 -36.06 -30.77
N GLY D 111 -27.58 -35.07 -30.41
CA GLY D 111 -27.98 -33.67 -30.44
C GLY D 111 -28.17 -33.08 -29.08
N ASP D 112 -28.26 -33.92 -28.06
CA ASP D 112 -28.52 -33.44 -26.72
C ASP D 112 -27.34 -32.68 -26.15
N ILE D 113 -27.64 -31.65 -25.37
CA ILE D 113 -26.64 -30.98 -24.56
C ILE D 113 -26.58 -31.74 -23.23
N ILE D 114 -25.40 -32.27 -22.93
CA ILE D 114 -25.16 -33.00 -21.70
C ILE D 114 -24.04 -32.39 -20.85
N GLY D 115 -24.08 -32.73 -19.56
CA GLY D 115 -23.00 -32.45 -18.63
C GLY D 115 -22.45 -33.81 -18.18
N VAL D 116 -21.13 -33.89 -18.13
CA VAL D 116 -20.44 -35.11 -17.74
C VAL D 116 -19.49 -34.89 -16.56
N GLN D 117 -19.60 -35.77 -15.57
CA GLN D 117 -18.72 -35.76 -14.40
C GLN D 117 -18.00 -37.11 -14.44
N GLY D 118 -16.68 -37.05 -14.59
CA GLY D 118 -15.94 -38.28 -14.74
C GLY D 118 -14.46 -38.15 -14.68
N ASN D 119 -13.78 -39.27 -14.90
CA ASN D 119 -12.32 -39.32 -14.87
C ASN D 119 -11.71 -39.30 -16.28
N PRO D 120 -10.62 -38.53 -16.46
CA PRO D 120 -9.84 -38.59 -17.71
C PRO D 120 -9.27 -40.00 -17.93
N GLY D 121 -9.21 -40.42 -19.19
CA GLY D 121 -8.62 -41.71 -19.55
C GLY D 121 -8.34 -41.79 -21.04
N LYS D 122 -7.93 -42.96 -21.52
CA LYS D 122 -7.71 -43.14 -22.94
C LYS D 122 -7.95 -44.61 -23.31
N THR D 123 -8.69 -44.84 -24.41
CA THR D 123 -9.03 -46.20 -24.87
C THR D 123 -7.78 -47.02 -25.26
N LYS D 124 -7.95 -48.33 -25.36
CA LYS D 124 -6.87 -49.19 -25.79
C LYS D 124 -6.41 -48.73 -27.18
N LYS D 125 -7.35 -48.20 -27.97
CA LYS D 125 -7.05 -47.70 -29.33
C LYS D 125 -6.21 -46.42 -29.26
N GLY D 126 -6.49 -45.61 -28.26
CA GLY D 126 -5.69 -44.43 -28.02
C GLY D 126 -6.48 -43.13 -28.13
N GLU D 127 -7.79 -43.24 -27.97
CA GLU D 127 -8.68 -42.07 -28.04
C GLU D 127 -8.88 -41.53 -26.62
N LEU D 128 -8.47 -40.28 -26.43
CA LEU D 128 -8.65 -39.58 -25.16
C LEU D 128 -10.12 -39.55 -24.83
N SER D 129 -10.49 -39.95 -23.61
CA SER D 129 -11.90 -39.98 -23.23
C SER D 129 -12.12 -39.51 -21.80
N ILE D 130 -13.39 -39.30 -21.48
CA ILE D 130 -13.84 -39.10 -20.10
C ILE D 130 -14.74 -40.30 -19.72
N ILE D 131 -14.45 -40.94 -18.58
CA ILE D 131 -15.26 -42.03 -18.05
C ILE D 131 -16.21 -41.52 -16.94
N PRO D 132 -17.52 -41.48 -17.24
CA PRO D 132 -18.54 -40.84 -16.40
C PRO D 132 -18.90 -41.59 -15.12
N TYR D 133 -18.98 -40.84 -14.01
CA TYR D 133 -19.69 -41.29 -12.82
C TYR D 133 -21.18 -41.01 -13.04
N GLU D 134 -21.46 -39.83 -13.59
CA GLU D 134 -22.83 -39.40 -13.86
C GLU D 134 -22.93 -38.53 -15.10
N ILE D 135 -23.95 -38.79 -15.91
CA ILE D 135 -24.25 -37.95 -17.08
C ILE D 135 -25.59 -37.26 -16.82
N THR D 136 -25.62 -35.96 -17.07
CA THR D 136 -26.82 -35.19 -16.87
C THR D 136 -27.32 -34.56 -18.16
N LEU D 137 -28.57 -34.81 -18.52
CA LEU D 137 -29.21 -34.14 -19.65
C LEU D 137 -29.46 -32.66 -19.31
N LEU D 138 -28.80 -31.78 -20.05
CA LEU D 138 -28.91 -30.33 -19.81
C LEU D 138 -29.94 -29.65 -20.72
N SER D 139 -30.01 -30.13 -21.97
CA SER D 139 -31.00 -29.59 -22.90
C SER D 139 -31.20 -30.52 -24.08
N PRO D 140 -32.39 -31.12 -24.21
CA PRO D 140 -32.61 -32.13 -25.27
C PRO D 140 -32.81 -31.51 -26.66
N CYS D 141 -32.28 -32.17 -27.68
CA CYS D 141 -32.58 -31.82 -29.07
C CYS D 141 -33.83 -32.60 -29.55
N LEU D 142 -34.89 -31.86 -29.84
CA LEU D 142 -36.17 -32.46 -30.21
C LEU D 142 -36.23 -32.85 -31.68
N HIS D 143 -35.32 -32.29 -32.48
CA HIS D 143 -35.34 -32.54 -33.93
C HIS D 143 -34.27 -33.55 -34.32
N MET D 144 -34.43 -34.14 -35.49
CA MET D 144 -33.37 -35.01 -36.00
C MET D 144 -32.30 -34.20 -36.72
N LEU D 145 -31.07 -34.30 -36.23
CA LEU D 145 -29.95 -33.66 -36.92
C LEU D 145 -29.60 -34.51 -38.15
N PRO D 146 -29.43 -33.85 -39.30
CA PRO D 146 -29.16 -34.56 -40.56
C PRO D 146 -27.82 -35.29 -40.58
N HIS D 147 -27.84 -36.52 -41.10
CA HIS D 147 -26.60 -37.21 -41.49
C HIS D 147 -26.26 -36.67 -42.88
N LEU D 148 -25.13 -35.99 -43.00
CA LEU D 148 -24.74 -35.39 -44.28
C LEU D 148 -23.35 -35.84 -44.68
N HIS D 149 -23.16 -36.11 -45.97
CA HIS D 149 -21.86 -36.56 -46.45
C HIS D 149 -20.95 -35.36 -46.73
N PHE D 150 -21.57 -34.30 -47.26
CA PHE D 150 -20.83 -33.12 -47.68
C PHE D 150 -21.16 -31.89 -46.82
N GLY D 151 -21.49 -32.14 -45.56
CA GLY D 151 -21.89 -31.08 -44.64
C GLY D 151 -23.23 -30.48 -45.05
N LEU D 152 -23.72 -29.55 -44.23
CA LEU D 152 -24.90 -28.79 -44.60
C LEU D 152 -24.46 -27.88 -45.74
N LYS D 153 -25.02 -28.11 -46.93
CA LYS D 153 -24.60 -27.32 -48.10
C LYS D 153 -25.71 -26.37 -48.53
N ASP D 154 -26.94 -26.75 -48.23
CA ASP D 154 -28.12 -25.96 -48.63
C ASP D 154 -28.13 -24.57 -47.99
N LYS D 155 -27.83 -23.56 -48.80
CA LYS D 155 -27.65 -22.20 -48.32
C LYS D 155 -28.88 -21.63 -47.61
N GLU D 156 -30.06 -22.02 -48.07
CA GLU D 156 -31.29 -21.56 -47.43
C GLU D 156 -31.31 -21.95 -45.95
N THR D 157 -31.04 -23.22 -45.69
CA THR D 157 -31.01 -23.75 -44.34
C THR D 157 -29.89 -23.07 -43.55
N ARG D 158 -28.68 -23.04 -44.12
CA ARG D 158 -27.50 -22.46 -43.46
C ARG D 158 -27.67 -21.00 -43.02
N TYR D 159 -28.26 -20.19 -43.88
CA TYR D 159 -28.40 -18.77 -43.62
C TYR D 159 -29.65 -18.43 -42.80
N ARG D 160 -30.69 -19.25 -42.90
CA ARG D 160 -31.89 -19.00 -42.09
C ARG D 160 -31.73 -19.59 -40.69
N GLN D 161 -31.32 -20.86 -40.62
CA GLN D 161 -31.00 -21.47 -39.34
C GLN D 161 -29.48 -21.53 -39.14
N ARG D 162 -28.90 -20.37 -38.82
CA ARG D 162 -27.46 -20.28 -38.64
C ARG D 162 -26.95 -21.24 -37.56
N TYR D 163 -27.77 -21.47 -36.53
CA TYR D 163 -27.36 -22.37 -35.46
C TYR D 163 -27.05 -23.78 -35.96
N LEU D 164 -27.84 -24.25 -36.93
CA LEU D 164 -27.60 -25.55 -37.59
C LEU D 164 -26.27 -25.55 -38.33
N ASP D 165 -26.01 -24.47 -39.03
CA ASP D 165 -24.77 -24.31 -39.76
C ASP D 165 -23.59 -24.42 -38.80
N LEU D 166 -23.74 -23.77 -37.63
CA LEU D 166 -22.68 -23.71 -36.63
C LEU D 166 -22.44 -25.07 -35.98
N ILE D 167 -23.50 -25.86 -35.83
CA ILE D 167 -23.39 -27.18 -35.22
C ILE D 167 -22.75 -28.16 -36.21
N LEU D 168 -23.32 -28.18 -37.42
CA LEU D 168 -22.98 -29.13 -38.46
C LEU D 168 -21.76 -28.78 -39.29
N ASN D 169 -21.26 -27.55 -39.20
CA ASN D 169 -20.10 -27.14 -39.99
C ASN D 169 -19.05 -26.42 -39.13
N ASP D 170 -17.82 -26.93 -39.14
CA ASP D 170 -16.82 -26.48 -38.19
C ASP D 170 -16.18 -25.15 -38.59
N PHE D 171 -16.19 -24.87 -39.89
CA PHE D 171 -15.50 -23.70 -40.44
C PHE D 171 -16.24 -22.36 -40.26
N VAL D 172 -17.58 -22.43 -40.21
CA VAL D 172 -18.39 -21.25 -39.90
C VAL D 172 -17.92 -20.48 -38.65
N ARG D 173 -17.73 -21.23 -37.57
CA ARG D 173 -17.23 -20.66 -36.32
C ARG D 173 -15.98 -19.82 -36.59
N GLN D 174 -15.05 -20.41 -37.30
CA GLN D 174 -13.80 -19.79 -37.61
C GLN D 174 -13.91 -18.54 -38.43
N LYS D 175 -14.86 -18.50 -39.33
CA LYS D 175 -15.15 -17.27 -40.10
C LYS D 175 -15.54 -16.15 -39.16
N PHE D 176 -16.49 -16.42 -38.27
CA PHE D 176 -16.89 -15.35 -37.32
C PHE D 176 -15.83 -14.95 -36.26
N ILE D 177 -14.94 -15.89 -35.95
CA ILE D 177 -13.82 -15.58 -35.09
C ILE D 177 -12.88 -14.60 -35.79
N ILE D 178 -12.49 -14.96 -37.02
CA ILE D 178 -11.69 -14.07 -37.87
C ILE D 178 -12.31 -12.69 -38.06
N ARG D 179 -13.64 -12.64 -38.24
CA ARG D 179 -14.33 -11.36 -38.41
C ARG D 179 -14.17 -10.49 -37.16
N SER D 180 -14.37 -11.12 -35.99
CA SER D 180 -14.11 -10.44 -34.73
C SER D 180 -12.66 -9.92 -34.62
N LYS D 181 -11.70 -10.79 -34.94
CA LYS D 181 -10.28 -10.46 -34.90
C LYS D 181 -10.01 -9.22 -35.76
N ILE D 182 -10.62 -9.17 -36.94
CA ILE D 182 -10.49 -8.00 -37.81
C ILE D 182 -10.93 -6.75 -37.08
N ILE D 183 -12.19 -6.75 -36.64
CA ILE D 183 -12.77 -5.55 -36.02
C ILE D 183 -11.94 -5.04 -34.83
N THR D 184 -11.56 -5.99 -33.97
CA THR D 184 -10.77 -5.71 -32.79
C THR D 184 -9.39 -5.18 -33.11
N TYR D 185 -8.76 -5.77 -34.13
CA TYR D 185 -7.44 -5.33 -34.60
C TYR D 185 -7.52 -3.86 -35.03
N ILE D 186 -8.55 -3.52 -35.81
CA ILE D 186 -8.74 -2.13 -36.26
C ILE D 186 -8.87 -1.20 -35.07
N ARG D 187 -9.75 -1.54 -34.13
CA ARG D 187 -9.91 -0.70 -32.94
C ARG D 187 -8.58 -0.51 -32.21
N SER D 188 -7.77 -1.57 -32.16
CA SER D 188 -6.53 -1.47 -31.42
C SER D 188 -5.53 -0.55 -32.13
N PHE D 189 -5.41 -0.75 -33.44
CA PHE D 189 -4.63 0.12 -34.32
C PHE D 189 -4.97 1.60 -34.10
N LEU D 190 -6.26 1.94 -34.20
CA LEU D 190 -6.67 3.35 -34.12
C LEU D 190 -6.52 3.90 -32.71
N ASP D 191 -6.89 3.10 -31.72
CA ASP D 191 -6.79 3.51 -30.31
C ASP D 191 -5.36 3.89 -29.99
N GLU D 192 -4.44 3.04 -30.43
CA GLU D 192 -3.01 3.30 -30.23
C GLU D 192 -2.47 4.54 -30.95
N LEU D 193 -3.16 5.01 -31.97
CA LEU D 193 -2.77 6.25 -32.66
C LEU D 193 -3.47 7.48 -32.13
N GLY D 194 -4.09 7.36 -30.96
CA GLY D 194 -4.81 8.47 -30.35
C GLY D 194 -6.18 8.85 -30.92
N PHE D 195 -6.83 7.90 -31.58
CA PHE D 195 -8.17 8.13 -32.10
C PHE D 195 -9.22 7.88 -31.01
N LEU D 196 -10.22 8.74 -30.97
CA LEU D 196 -11.31 8.55 -30.02
C LEU D 196 -12.48 7.82 -30.69
N GLU D 197 -12.84 6.69 -30.10
CA GLU D 197 -13.99 5.91 -30.58
C GLU D 197 -15.31 6.60 -30.19
N ILE D 198 -16.15 6.84 -31.19
CA ILE D 198 -17.33 7.65 -31.00
C ILE D 198 -18.59 6.98 -31.56
N GLU D 199 -19.75 7.54 -31.23
CA GLU D 199 -21.03 7.12 -31.81
C GLU D 199 -21.80 8.30 -32.33
N THR D 200 -22.25 8.19 -33.58
CA THR D 200 -23.02 9.27 -34.19
C THR D 200 -24.41 8.70 -34.53
N PRO D 201 -25.39 9.57 -34.83
CA PRO D 201 -26.78 9.11 -35.04
C PRO D 201 -26.95 8.12 -36.21
N MET D 202 -27.82 7.14 -36.01
CA MET D 202 -28.12 6.20 -37.08
C MET D 202 -29.40 6.61 -37.78
N MET D 203 -30.20 7.42 -37.11
CA MET D 203 -31.34 8.11 -37.74
C MET D 203 -31.04 9.63 -37.87
N ASN D 204 -31.21 10.17 -39.08
CA ASN D 204 -31.05 11.60 -39.33
C ASN D 204 -32.30 12.13 -40.04
N ILE D 205 -32.45 13.45 -40.17
CA ILE D 205 -33.59 14.03 -40.92
C ILE D 205 -33.27 14.16 -42.41
N ILE D 206 -31.97 14.17 -42.72
CA ILE D 206 -31.45 14.11 -44.10
C ILE D 206 -30.15 13.29 -44.18
N PRO D 207 -30.19 12.17 -44.92
CA PRO D 207 -29.04 11.25 -45.01
C PRO D 207 -27.92 11.81 -45.92
N GLY D 208 -26.67 11.66 -45.49
CA GLY D 208 -25.52 12.13 -46.24
C GLY D 208 -24.27 11.29 -46.01
N GLY D 209 -23.19 11.59 -46.73
CA GLY D 209 -21.92 10.89 -46.52
C GLY D 209 -21.54 9.92 -47.62
N ALA D 210 -22.55 9.48 -48.39
CA ALA D 210 -22.35 8.63 -49.57
C ALA D 210 -23.48 8.76 -50.58
N VAL D 211 -23.40 7.97 -51.65
CA VAL D 211 -24.48 7.89 -52.63
C VAL D 211 -25.24 6.58 -52.48
N ALA D 212 -26.51 6.67 -52.07
CA ALA D 212 -27.36 5.51 -51.85
C ALA D 212 -28.84 5.87 -51.63
N LYS D 213 -29.71 4.91 -51.91
CA LYS D 213 -31.15 5.03 -51.61
C LYS D 213 -31.36 4.60 -50.15
N PRO D 214 -31.91 5.50 -49.31
CA PRO D 214 -31.99 5.28 -47.87
C PRO D 214 -33.27 4.55 -47.43
N PHE D 215 -33.27 4.08 -46.19
CA PHE D 215 -34.48 3.55 -45.58
C PHE D 215 -35.19 4.73 -44.90
N ILE D 216 -36.52 4.78 -45.00
CA ILE D 216 -37.29 5.83 -44.36
C ILE D 216 -38.20 5.25 -43.27
N THR D 217 -38.12 5.81 -42.06
CA THR D 217 -39.01 5.41 -40.97
C THR D 217 -39.74 6.64 -40.40
N TYR D 218 -40.80 6.40 -39.64
CA TYR D 218 -41.61 7.49 -39.14
C TYR D 218 -41.51 7.63 -37.62
N HIS D 219 -41.21 8.84 -37.14
CA HIS D 219 -41.20 9.09 -35.69
C HIS D 219 -42.57 9.64 -35.27
N ASN D 220 -43.26 8.91 -34.40
CA ASN D 220 -44.65 9.23 -34.04
C ASN D 220 -44.79 10.51 -33.21
N GLU D 221 -44.05 10.60 -32.11
CA GLU D 221 -44.12 11.76 -31.22
C GLU D 221 -43.72 13.07 -31.91
N LEU D 222 -42.90 12.98 -32.96
CA LEU D 222 -42.44 14.19 -33.66
C LEU D 222 -43.09 14.43 -35.02
N ASP D 223 -43.94 13.49 -35.45
CA ASP D 223 -44.68 13.62 -36.72
C ASP D 223 -43.79 13.96 -37.93
N MET D 224 -42.59 13.38 -37.97
CA MET D 224 -41.69 13.55 -39.11
C MET D 224 -41.00 12.24 -39.54
N ASN D 225 -40.56 12.21 -40.79
CA ASN D 225 -39.78 11.09 -41.28
C ASN D 225 -38.31 11.24 -40.92
N LEU D 226 -37.74 10.14 -40.43
CA LEU D 226 -36.30 10.02 -40.22
C LEU D 226 -35.74 9.05 -41.26
N TYR D 227 -34.47 9.22 -41.59
CA TYR D 227 -33.78 8.33 -42.52
C TYR D 227 -32.73 7.50 -41.79
N MET D 228 -32.61 6.22 -42.18
CA MET D 228 -31.52 5.40 -41.67
C MET D 228 -30.22 5.80 -42.41
N ARG D 229 -29.15 5.94 -41.63
CA ARG D 229 -27.93 6.55 -42.15
C ARG D 229 -27.23 5.69 -43.19
N ILE D 230 -26.50 6.36 -44.09
CA ILE D 230 -25.72 5.65 -45.09
C ILE D 230 -24.23 5.76 -44.79
N ALA D 231 -23.88 6.75 -43.96
CA ALA D 231 -22.49 7.00 -43.55
C ALA D 231 -22.43 8.07 -42.48
N PRO D 232 -21.57 7.88 -41.47
CA PRO D 232 -21.41 8.82 -40.35
C PRO D 232 -20.51 10.03 -40.68
N GLU D 233 -20.11 10.14 -41.94
CA GLU D 233 -19.06 11.07 -42.40
C GLU D 233 -19.20 12.52 -41.91
N LEU D 234 -20.37 13.10 -42.18
CA LEU D 234 -20.58 14.51 -41.87
C LEU D 234 -20.49 14.80 -40.36
N TYR D 235 -21.00 13.87 -39.55
CA TYR D 235 -20.94 14.02 -38.10
C TYR D 235 -19.50 14.06 -37.64
N HIS D 236 -18.69 13.17 -38.22
CA HIS D 236 -17.29 13.09 -37.81
C HIS D 236 -16.59 14.42 -38.14
N LYS D 237 -16.82 14.91 -39.35
CA LYS D 237 -16.21 16.20 -39.73
C LYS D 237 -16.64 17.32 -38.78
N MET D 238 -17.92 17.32 -38.39
CA MET D 238 -18.34 18.28 -37.35
C MET D 238 -17.58 18.11 -36.02
N LEU D 239 -17.35 16.87 -35.60
CA LEU D 239 -16.54 16.64 -34.40
C LEU D 239 -15.13 17.20 -34.52
N VAL D 240 -14.55 17.09 -35.72
CA VAL D 240 -13.18 17.57 -35.94
C VAL D 240 -13.16 19.09 -35.87
N VAL D 241 -14.20 19.73 -36.43
CA VAL D 241 -14.41 21.15 -36.21
C VAL D 241 -14.46 21.51 -34.72
N GLY D 242 -15.20 20.72 -33.95
CA GLY D 242 -15.30 20.89 -32.50
C GLY D 242 -13.99 20.65 -31.76
N GLY D 243 -12.99 20.13 -32.46
CA GLY D 243 -11.66 20.12 -31.88
C GLY D 243 -11.15 18.75 -31.52
N ILE D 244 -11.99 17.74 -31.71
CA ILE D 244 -11.53 16.37 -31.60
C ILE D 244 -10.78 16.00 -32.89
N ASP D 245 -9.46 15.84 -32.78
CA ASP D 245 -8.63 15.80 -33.97
C ASP D 245 -8.63 14.41 -34.63
N ARG D 246 -8.84 13.35 -33.84
CA ARG D 246 -8.83 11.96 -34.36
C ARG D 246 -10.03 11.11 -33.90
N VAL D 247 -10.92 10.84 -34.83
CA VAL D 247 -12.12 10.05 -34.48
C VAL D 247 -12.31 8.79 -35.34
N TYR D 248 -12.92 7.78 -34.75
CA TYR D 248 -13.39 6.67 -35.54
C TYR D 248 -14.65 6.05 -34.96
N GLU D 249 -15.41 5.42 -35.84
CA GLU D 249 -16.61 4.70 -35.46
C GLU D 249 -16.75 3.43 -36.34
N ILE D 250 -16.89 2.28 -35.67
CA ILE D 250 -17.13 1.04 -36.39
C ILE D 250 -18.60 0.72 -36.13
N GLY D 251 -19.42 0.91 -37.15
CA GLY D 251 -20.86 0.80 -36.96
C GLY D 251 -21.64 0.43 -38.21
N ARG D 252 -22.95 0.27 -38.03
CA ARG D 252 -23.79 -0.20 -39.11
C ARG D 252 -24.26 0.93 -40.04
N GLN D 253 -24.36 0.61 -41.32
CA GLN D 253 -24.85 1.50 -42.36
C GLN D 253 -25.98 0.77 -43.04
N PHE D 254 -26.90 1.53 -43.62
CA PHE D 254 -28.11 0.99 -44.27
C PHE D 254 -28.33 1.50 -45.70
N ARG D 255 -28.61 0.56 -46.59
CA ARG D 255 -28.89 0.87 -47.98
C ARG D 255 -30.12 0.11 -48.47
N ASN D 256 -31.11 0.86 -48.95
CA ASN D 256 -32.33 0.28 -49.50
C ASN D 256 -32.13 -0.14 -50.96
N GLU D 257 -31.23 -1.09 -51.17
CA GLU D 257 -30.93 -1.64 -52.50
C GLU D 257 -31.37 -3.09 -52.57
N GLY D 258 -30.69 -3.87 -53.43
CA GLY D 258 -30.96 -5.30 -53.54
C GLY D 258 -29.87 -6.15 -52.90
N ILE D 259 -30.09 -7.46 -52.92
CA ILE D 259 -29.12 -8.42 -52.37
C ILE D 259 -28.30 -9.17 -53.42
N ASP D 260 -26.98 -9.02 -53.37
CA ASP D 260 -26.12 -9.91 -54.13
C ASP D 260 -24.94 -10.33 -53.26
N LEU D 261 -23.94 -10.94 -53.89
CA LEU D 261 -22.81 -11.56 -53.18
C LEU D 261 -22.00 -10.55 -52.37
N THR D 262 -22.09 -9.28 -52.73
CA THR D 262 -21.36 -8.23 -52.05
C THR D 262 -22.31 -7.17 -51.45
N HIS D 263 -23.60 -7.51 -51.34
CA HIS D 263 -24.63 -6.51 -50.93
C HIS D 263 -25.74 -7.01 -49.98
N ASN D 264 -25.74 -6.43 -48.78
CA ASN D 264 -26.79 -6.65 -47.79
C ASN D 264 -27.35 -5.25 -47.43
N PRO D 265 -28.65 -5.17 -47.08
CA PRO D 265 -29.27 -3.91 -46.64
C PRO D 265 -28.59 -3.24 -45.43
N GLU D 266 -28.06 -4.03 -44.51
CA GLU D 266 -27.28 -3.47 -43.42
C GLU D 266 -25.89 -4.09 -43.43
N PHE D 267 -24.88 -3.23 -43.30
CA PHE D 267 -23.47 -3.69 -43.32
C PHE D 267 -22.61 -2.88 -42.35
N THR D 268 -21.46 -3.41 -41.98
CA THR D 268 -20.60 -2.74 -41.00
C THR D 268 -19.45 -2.02 -41.71
N THR D 269 -19.27 -0.75 -41.38
CA THR D 269 -18.09 -0.02 -41.85
C THR D 269 -17.32 0.62 -40.73
N CYS D 270 -16.04 0.89 -40.98
CA CYS D 270 -15.26 1.69 -40.06
C CYS D 270 -14.94 2.99 -40.76
N GLU D 271 -15.23 4.10 -40.11
CA GLU D 271 -14.75 5.37 -40.63
C GLU D 271 -13.85 6.05 -39.60
N PHE D 272 -12.77 6.64 -40.08
CA PHE D 272 -11.97 7.50 -39.23
C PHE D 272 -11.64 8.81 -39.93
N TYR D 273 -11.55 9.87 -39.12
CA TYR D 273 -11.13 11.20 -39.57
C TYR D 273 -9.93 11.69 -38.75
N MET D 274 -8.96 12.25 -39.47
CA MET D 274 -7.67 12.60 -38.91
C MET D 274 -7.21 14.00 -39.38
N ALA D 275 -7.14 14.91 -38.41
CA ALA D 275 -6.76 16.30 -38.65
C ALA D 275 -5.28 16.42 -39.03
N TYR D 276 -4.98 17.35 -39.94
CA TYR D 276 -3.60 17.68 -40.35
C TYR D 276 -2.96 16.48 -41.09
N ALA D 277 -3.82 15.63 -41.66
CA ALA D 277 -3.40 14.54 -42.53
C ALA D 277 -3.93 14.84 -43.93
N ASP D 278 -3.30 14.24 -44.94
CA ASP D 278 -3.85 14.25 -46.29
C ASP D 278 -3.86 12.82 -46.78
N TYR D 279 -4.38 12.59 -47.98
CA TYR D 279 -4.56 11.21 -48.41
C TYR D 279 -3.26 10.43 -48.61
N HIS D 280 -2.11 11.11 -48.69
CA HIS D 280 -0.83 10.38 -48.76
C HIS D 280 -0.58 9.70 -47.41
N ASP D 281 -0.81 10.45 -46.33
CA ASP D 281 -0.72 9.91 -44.97
C ASP D 281 -1.67 8.75 -44.79
N LEU D 282 -2.87 8.90 -45.36
CA LEU D 282 -3.87 7.83 -45.26
C LEU D 282 -3.47 6.60 -46.06
N MET D 283 -2.81 6.78 -47.22
CA MET D 283 -2.28 5.64 -47.95
C MET D 283 -1.29 4.87 -47.09
N GLU D 284 -0.37 5.60 -46.44
CA GLU D 284 0.65 4.94 -45.59
C GLU D 284 0.02 4.15 -44.43
N ILE D 285 -0.86 4.83 -43.69
CA ILE D 285 -1.58 4.23 -42.57
C ILE D 285 -2.37 3.02 -43.05
N THR D 286 -3.09 3.15 -44.16
CA THR D 286 -3.84 2.04 -44.74
C THR D 286 -2.97 0.83 -45.05
N GLU D 287 -1.82 1.08 -45.69
CA GLU D 287 -0.85 0.02 -46.00
C GLU D 287 -0.48 -0.73 -44.73
N LYS D 288 -0.14 0.04 -43.69
CA LYS D 288 0.32 -0.52 -42.41
C LYS D 288 -0.80 -1.34 -41.73
N MET D 289 -2.02 -0.81 -41.77
CA MET D 289 -3.15 -1.42 -41.10
C MET D 289 -3.60 -2.70 -41.79
N VAL D 290 -3.82 -2.62 -43.10
CA VAL D 290 -4.22 -3.80 -43.84
C VAL D 290 -3.15 -4.88 -43.86
N SER D 291 -1.90 -4.52 -44.19
CA SER D 291 -0.86 -5.56 -44.23
C SER D 291 -0.66 -6.16 -42.84
N GLY D 292 -0.54 -5.29 -41.84
CA GLY D 292 -0.46 -5.74 -40.46
C GLY D 292 -1.57 -6.69 -40.03
N MET D 293 -2.82 -6.31 -40.33
CA MET D 293 -4.02 -7.10 -40.07
C MET D 293 -3.90 -8.49 -40.67
N VAL D 294 -3.72 -8.53 -41.99
CA VAL D 294 -3.61 -9.80 -42.68
C VAL D 294 -2.53 -10.69 -42.08
N LYS D 295 -1.35 -10.10 -41.81
CA LYS D 295 -0.20 -10.88 -41.28
C LYS D 295 -0.50 -11.41 -39.89
N HIS D 296 -1.15 -10.56 -39.09
CA HIS D 296 -1.43 -10.88 -37.69
C HIS D 296 -2.46 -11.98 -37.58
N ILE D 297 -3.52 -11.87 -38.37
CA ILE D 297 -4.58 -12.84 -38.35
C ILE D 297 -4.24 -14.16 -39.05
N THR D 298 -3.63 -14.11 -40.23
CA THR D 298 -3.35 -15.33 -41.00
C THR D 298 -1.91 -15.87 -40.90
N GLY D 299 -1.02 -15.13 -40.25
CA GLY D 299 0.37 -15.55 -40.17
C GLY D 299 1.25 -15.13 -41.36
N SER D 300 0.66 -14.58 -42.42
CA SER D 300 1.43 -14.24 -43.61
C SER D 300 0.86 -13.04 -44.37
N TYR D 301 1.65 -12.46 -45.25
CA TYR D 301 1.10 -11.43 -46.14
C TYR D 301 0.34 -12.08 -47.31
N LYS D 302 0.68 -13.34 -47.60
CA LYS D 302 0.06 -14.01 -48.75
C LYS D 302 -1.13 -14.86 -48.33
N VAL D 303 -2.26 -14.65 -48.99
CA VAL D 303 -3.48 -15.45 -48.75
C VAL D 303 -4.01 -15.99 -50.09
N THR D 304 -4.83 -17.03 -50.05
CA THR D 304 -5.42 -17.53 -51.29
C THR D 304 -6.92 -17.28 -51.32
N TYR D 305 -7.41 -16.91 -52.48
CA TYR D 305 -8.81 -16.63 -52.60
C TYR D 305 -9.41 -17.43 -53.73
N HIS D 306 -10.61 -17.95 -53.49
CA HIS D 306 -11.39 -18.65 -54.52
C HIS D 306 -12.65 -17.86 -54.79
N PRO D 307 -12.59 -16.92 -55.73
CA PRO D 307 -13.73 -16.05 -56.07
C PRO D 307 -14.94 -16.82 -56.58
N ASP D 308 -14.70 -17.89 -57.36
CA ASP D 308 -15.81 -18.63 -57.95
C ASP D 308 -16.14 -19.88 -57.15
N GLY D 309 -15.63 -19.93 -55.93
CA GLY D 309 -15.79 -21.09 -55.09
C GLY D 309 -14.59 -22.02 -55.22
N PRO D 310 -14.59 -23.11 -54.44
CA PRO D 310 -13.55 -24.14 -54.44
C PRO D 310 -13.65 -24.98 -55.70
N GLU D 311 -14.77 -24.84 -56.41
CA GLU D 311 -14.92 -25.45 -57.71
C GLU D 311 -14.35 -24.56 -58.82
N GLY D 312 -13.46 -23.64 -58.44
CA GLY D 312 -12.94 -22.66 -59.39
C GLY D 312 -11.48 -22.31 -59.21
N GLN D 313 -11.06 -21.22 -59.85
CA GLN D 313 -9.66 -20.76 -59.78
C GLN D 313 -9.29 -20.28 -58.36
N ALA D 314 -8.01 -20.46 -58.01
CA ALA D 314 -7.46 -19.87 -56.82
C ALA D 314 -6.59 -18.68 -57.24
N TYR D 315 -6.77 -17.53 -56.60
CA TYR D 315 -5.87 -16.40 -56.77
C TYR D 315 -4.95 -16.36 -55.56
N ASP D 316 -3.67 -16.07 -55.80
CA ASP D 316 -2.77 -15.76 -54.72
C ASP D 316 -2.68 -14.25 -54.55
N VAL D 317 -3.10 -13.79 -53.38
CA VAL D 317 -3.11 -12.37 -53.06
C VAL D 317 -1.97 -12.01 -52.11
N ASP D 318 -1.14 -11.07 -52.56
CA ASP D 318 0.05 -10.63 -51.81
C ASP D 318 -0.16 -9.24 -51.17
N PHE D 319 -0.32 -9.24 -49.85
CA PHE D 319 -0.55 -7.98 -49.12
C PHE D 319 0.73 -7.35 -48.69
N THR D 320 1.86 -7.83 -49.21
CA THR D 320 3.15 -7.23 -48.88
C THR D 320 3.24 -5.76 -49.37
N PRO D 321 3.51 -4.85 -48.44
CA PRO D 321 3.66 -3.42 -48.75
C PRO D 321 5.01 -3.12 -49.45
N PRO D 322 5.05 -2.09 -50.31
CA PRO D 322 3.95 -1.15 -50.54
C PRO D 322 2.96 -1.71 -51.56
N PHE D 323 1.72 -1.23 -51.51
CA PHE D 323 0.71 -1.58 -52.52
C PHE D 323 0.93 -0.90 -53.87
N ARG D 324 0.55 -1.58 -54.94
CA ARG D 324 0.50 -0.95 -56.25
C ARG D 324 -0.41 0.28 -56.22
N ARG D 325 0.00 1.33 -56.93
CA ARG D 325 -0.79 2.55 -57.08
C ARG D 325 -1.05 2.83 -58.55
N ILE D 326 -2.31 3.18 -58.87
CA ILE D 326 -2.63 3.65 -60.22
C ILE D 326 -3.49 4.91 -60.17
N ASN D 327 -3.31 5.77 -61.15
CA ASN D 327 -4.13 6.97 -61.24
C ASN D 327 -5.25 6.69 -62.23
N MET D 328 -6.48 6.80 -61.73
CA MET D 328 -7.66 6.38 -62.46
C MET D 328 -7.70 6.82 -63.94
N VAL D 329 -7.62 8.12 -64.20
CA VAL D 329 -7.79 8.59 -65.56
C VAL D 329 -6.66 8.11 -66.49
N GLU D 330 -5.41 8.24 -66.05
CA GLU D 330 -4.29 7.87 -66.91
C GLU D 330 -4.37 6.40 -67.28
N GLU D 331 -4.66 5.59 -66.26
CA GLU D 331 -4.70 4.13 -66.43
C GLU D 331 -5.92 3.66 -67.22
N LEU D 332 -7.00 4.41 -67.12
CA LEU D 332 -8.17 4.12 -67.91
C LEU D 332 -7.81 4.40 -69.38
N GLU D 333 -7.08 5.50 -69.63
CA GLU D 333 -6.65 5.86 -70.99
C GLU D 333 -5.77 4.74 -71.54
N LYS D 334 -4.80 4.33 -70.72
CA LYS D 334 -3.86 3.27 -71.05
C LYS D 334 -4.60 1.95 -71.40
N ALA D 335 -5.63 1.63 -70.62
CA ALA D 335 -6.41 0.42 -70.88
C ALA D 335 -7.25 0.50 -72.16
N LEU D 336 -7.87 1.65 -72.37
CA LEU D 336 -8.69 1.90 -73.54
C LEU D 336 -7.89 2.04 -74.84
N GLY D 337 -6.58 2.33 -74.69
CA GLY D 337 -5.74 2.71 -75.82
C GLY D 337 -6.16 4.04 -76.46
N MET D 338 -6.79 4.93 -75.70
CA MET D 338 -7.23 6.19 -76.24
C MET D 338 -7.08 7.31 -75.23
N LYS D 339 -6.90 8.54 -75.73
CA LYS D 339 -6.83 9.69 -74.84
C LYS D 339 -8.25 10.08 -74.45
N LEU D 340 -8.46 10.38 -73.17
CA LEU D 340 -9.73 10.93 -72.74
C LEU D 340 -9.65 12.46 -72.73
N PRO D 341 -10.80 13.16 -72.69
CA PRO D 341 -10.75 14.63 -72.64
C PRO D 341 -9.97 15.16 -71.42
N GLU D 342 -9.49 16.40 -71.52
CA GLU D 342 -8.83 17.07 -70.42
C GLU D 342 -9.70 17.04 -69.16
N THR D 343 -9.05 16.95 -67.99
CA THR D 343 -9.79 16.72 -66.74
C THR D 343 -10.62 17.92 -66.28
N ASN D 344 -10.26 19.12 -66.73
CA ASN D 344 -11.08 20.32 -66.47
C ASN D 344 -12.31 20.43 -67.37
N LEU D 345 -12.54 19.41 -68.21
CA LEU D 345 -13.65 19.42 -69.16
C LEU D 345 -14.67 18.33 -68.90
N PHE D 346 -14.63 17.76 -67.70
CA PHE D 346 -15.47 16.62 -67.38
C PHE D 346 -16.93 16.97 -67.09
N GLU D 347 -17.18 18.24 -66.83
CA GLU D 347 -18.55 18.68 -66.55
C GLU D 347 -19.33 18.95 -67.84
N THR D 348 -18.63 18.91 -68.98
CA THR D 348 -19.26 19.22 -70.27
C THR D 348 -20.00 18.04 -70.90
N GLU D 349 -20.82 18.37 -71.89
CA GLU D 349 -21.65 17.39 -72.59
C GLU D 349 -20.84 16.70 -73.67
N GLU D 350 -19.84 17.39 -74.22
CA GLU D 350 -18.92 16.76 -75.18
C GLU D 350 -18.27 15.54 -74.54
N THR D 351 -17.75 15.73 -73.33
CA THR D 351 -17.16 14.65 -72.55
C THR D 351 -18.15 13.50 -72.33
N ARG D 352 -19.30 13.82 -71.74
CA ARG D 352 -20.34 12.81 -71.55
C ARG D 352 -20.64 12.00 -72.82
N LYS D 353 -20.64 12.68 -73.96
CA LYS D 353 -20.98 12.06 -75.24
C LYS D 353 -19.85 11.10 -75.67
N ILE D 354 -18.61 11.54 -75.49
CA ILE D 354 -17.43 10.72 -75.77
C ILE D 354 -17.45 9.43 -74.94
N LEU D 355 -17.59 9.59 -73.62
CA LEU D 355 -17.63 8.44 -72.72
C LEU D 355 -18.77 7.52 -73.06
N ASP D 356 -19.93 8.10 -73.40
CA ASP D 356 -21.08 7.30 -73.82
C ASP D 356 -20.73 6.44 -75.04
N ASP D 357 -20.13 7.07 -76.05
CA ASP D 357 -19.74 6.38 -77.27
C ASP D 357 -18.77 5.24 -76.97
N ILE D 358 -17.73 5.54 -76.18
CA ILE D 358 -16.74 4.53 -75.77
C ILE D 358 -17.41 3.36 -75.05
N CYS D 359 -18.32 3.66 -74.12
CA CYS D 359 -19.07 2.59 -73.44
C CYS D 359 -19.84 1.71 -74.41
N VAL D 360 -20.51 2.34 -75.37
CA VAL D 360 -21.23 1.58 -76.38
C VAL D 360 -20.28 0.69 -77.21
N ALA D 361 -19.23 1.30 -77.72
CA ALA D 361 -18.24 0.62 -78.53
C ALA D 361 -17.50 -0.48 -77.76
N LYS D 362 -17.23 -0.28 -76.47
CA LYS D 362 -16.51 -1.31 -75.69
C LYS D 362 -17.51 -2.26 -75.04
N ALA D 363 -18.78 -2.16 -75.44
CA ALA D 363 -19.85 -3.01 -74.89
C ALA D 363 -20.06 -2.93 -73.37
N VAL D 364 -19.74 -1.80 -72.77
CA VAL D 364 -19.92 -1.64 -71.33
C VAL D 364 -21.27 -1.03 -71.06
N GLU D 365 -22.11 -1.77 -70.36
CA GLU D 365 -23.44 -1.25 -70.04
C GLU D 365 -23.43 -0.23 -68.93
N CYS D 366 -24.21 0.83 -69.17
CA CYS D 366 -24.54 1.79 -68.16
C CYS D 366 -26.03 2.02 -68.27
N PRO D 367 -26.78 1.46 -67.31
CA PRO D 367 -28.20 1.73 -67.18
C PRO D 367 -28.40 3.21 -66.89
N PRO D 368 -29.53 3.77 -67.33
CA PRO D 368 -29.81 5.20 -67.12
C PRO D 368 -29.88 5.52 -65.63
N PRO D 369 -29.55 6.77 -65.25
CA PRO D 369 -29.10 7.83 -66.16
C PRO D 369 -27.63 7.66 -66.57
N ARG D 370 -27.35 7.77 -67.87
CA ARG D 370 -25.98 7.64 -68.36
C ARG D 370 -25.21 8.95 -68.16
N THR D 371 -24.97 9.29 -66.90
CA THR D 371 -24.20 10.49 -66.57
C THR D 371 -22.71 10.24 -66.76
N THR D 372 -21.94 11.32 -66.90
CA THR D 372 -20.49 11.20 -67.07
C THR D 372 -19.89 10.40 -65.92
N ALA D 373 -20.29 10.73 -64.70
CA ALA D 373 -19.78 10.04 -63.52
C ALA D 373 -20.06 8.53 -63.55
N ARG D 374 -21.28 8.15 -63.93
CA ARG D 374 -21.65 6.74 -63.96
C ARG D 374 -20.91 6.00 -65.08
N LEU D 375 -20.83 6.62 -66.26
CA LEU D 375 -20.16 6.01 -67.42
C LEU D 375 -18.71 5.75 -67.05
N LEU D 376 -18.13 6.75 -66.39
CA LEU D 376 -16.77 6.68 -65.86
C LEU D 376 -16.63 5.47 -64.93
N ASP D 377 -17.51 5.42 -63.93
CA ASP D 377 -17.50 4.31 -62.97
C ASP D 377 -17.56 2.93 -63.65
N LYS D 378 -18.45 2.77 -64.63
CA LYS D 378 -18.61 1.49 -65.34
C LYS D 378 -17.35 1.15 -66.11
N LEU D 379 -16.74 2.17 -66.69
CA LEU D 379 -15.53 2.00 -67.45
C LEU D 379 -14.39 1.53 -66.55
N VAL D 380 -14.29 2.18 -65.38
CA VAL D 380 -13.24 1.86 -64.42
C VAL D 380 -13.44 0.43 -63.91
N GLY D 381 -14.69 0.09 -63.63
CA GLY D 381 -15.05 -1.24 -63.17
C GLY D 381 -14.65 -2.30 -64.18
N GLU D 382 -14.88 -2.02 -65.46
CA GLU D 382 -14.55 -2.96 -66.53
C GLU D 382 -13.04 -3.09 -66.77
N PHE D 383 -12.34 -1.98 -66.81
CA PHE D 383 -10.96 -2.01 -67.25
C PHE D 383 -9.90 -1.96 -66.17
N LEU D 384 -10.16 -1.27 -65.09
CA LEU D 384 -9.16 -1.08 -64.05
C LEU D 384 -9.35 -2.06 -62.88
N GLU D 385 -10.58 -2.12 -62.37
CA GLU D 385 -10.86 -2.86 -61.14
C GLU D 385 -10.55 -4.35 -61.24
N VAL D 386 -10.79 -4.91 -62.42
CA VAL D 386 -10.46 -6.32 -62.66
C VAL D 386 -8.95 -6.63 -62.59
N THR D 387 -8.11 -5.62 -62.81
CA THR D 387 -6.65 -5.79 -62.70
C THR D 387 -6.16 -5.75 -61.26
N CYS D 388 -7.09 -5.55 -60.32
CA CYS D 388 -6.72 -5.35 -58.92
C CYS D 388 -6.89 -6.62 -58.08
N ILE D 389 -5.95 -7.56 -58.24
CA ILE D 389 -5.97 -8.80 -57.47
C ILE D 389 -5.23 -8.56 -56.15
N ASN D 390 -3.95 -8.21 -56.22
CA ASN D 390 -3.25 -7.69 -55.05
C ASN D 390 -3.83 -6.33 -54.65
N PRO D 391 -3.70 -5.98 -53.36
CA PRO D 391 -4.15 -4.65 -52.90
C PRO D 391 -3.61 -3.55 -53.81
N THR D 392 -4.54 -2.78 -54.39
CA THR D 392 -4.14 -1.72 -55.30
C THR D 392 -4.92 -0.46 -54.95
N PHE D 393 -4.20 0.63 -54.75
CA PHE D 393 -4.82 1.98 -54.69
C PHE D 393 -5.22 2.50 -56.08
N ILE D 394 -6.47 2.89 -56.24
CA ILE D 394 -6.88 3.67 -57.42
C ILE D 394 -7.09 5.11 -56.95
N CYS D 395 -6.35 6.02 -57.57
CA CYS D 395 -6.17 7.37 -57.05
C CYS D 395 -6.69 8.46 -57.97
N ASP D 396 -6.86 9.64 -57.38
CA ASP D 396 -7.12 10.88 -58.14
C ASP D 396 -8.40 10.89 -58.97
N HIS D 397 -9.50 10.43 -58.36
CA HIS D 397 -10.85 10.48 -58.96
C HIS D 397 -11.28 11.89 -59.34
N PRO D 398 -11.99 12.02 -60.46
CA PRO D 398 -12.58 13.31 -60.86
C PRO D 398 -13.50 13.85 -59.76
N GLN D 399 -13.63 15.17 -59.69
CA GLN D 399 -14.55 15.79 -58.74
C GLN D 399 -16.01 15.36 -58.97
N ILE D 400 -16.36 15.00 -60.21
CA ILE D 400 -17.76 14.61 -60.48
C ILE D 400 -18.14 13.29 -59.82
N MET D 401 -17.14 12.51 -59.41
CA MET D 401 -17.41 11.27 -58.68
C MET D 401 -17.26 11.44 -57.17
N SER D 402 -16.90 12.65 -56.74
CA SER D 402 -16.45 12.87 -55.37
C SER D 402 -16.91 14.19 -54.76
N PRO D 403 -18.20 14.31 -54.46
CA PRO D 403 -18.82 15.55 -53.95
C PRO D 403 -18.21 16.12 -52.64
N LEU D 404 -17.58 15.28 -51.82
CA LEU D 404 -17.03 15.70 -50.52
C LEU D 404 -15.49 15.65 -50.44
N ALA D 405 -14.83 15.26 -51.53
CA ALA D 405 -13.36 15.27 -51.56
C ALA D 405 -12.75 16.61 -52.01
N LYS D 406 -11.66 17.02 -51.35
CA LYS D 406 -10.97 18.26 -51.70
C LYS D 406 -10.33 18.16 -53.09
N TRP D 407 -10.45 19.25 -53.87
CA TRP D 407 -9.81 19.33 -55.19
C TRP D 407 -8.35 18.95 -55.06
N HIS D 408 -7.81 18.40 -56.14
CA HIS D 408 -6.40 18.01 -56.21
C HIS D 408 -5.52 19.26 -56.36
N ARG D 409 -4.40 19.27 -55.64
CA ARG D 409 -3.57 20.45 -55.56
C ARG D 409 -2.64 20.62 -56.78
N SER D 410 -2.63 19.64 -57.68
CA SER D 410 -1.89 19.73 -58.95
C SER D 410 -2.82 19.60 -60.16
N LYS D 411 -3.69 18.58 -60.13
CA LYS D 411 -4.46 18.17 -61.30
C LYS D 411 -5.88 18.69 -61.30
N GLU D 412 -6.13 19.74 -62.09
CA GLU D 412 -7.44 20.38 -62.10
C GLU D 412 -8.52 19.42 -62.59
N GLY D 413 -9.66 19.39 -61.90
CA GLY D 413 -10.74 18.49 -62.27
C GLY D 413 -10.70 17.20 -61.45
N LEU D 414 -9.56 16.97 -60.81
CA LEU D 414 -9.40 15.82 -59.94
C LEU D 414 -9.43 16.17 -58.45
N THR D 415 -9.42 15.13 -57.62
CA THR D 415 -9.55 15.27 -56.17
C THR D 415 -8.50 14.40 -55.51
N GLU D 416 -8.16 14.74 -54.26
CA GLU D 416 -7.18 13.94 -53.52
C GLU D 416 -7.89 12.76 -52.85
N ARG D 417 -8.22 11.77 -53.67
CA ARG D 417 -9.02 10.64 -53.24
C ARG D 417 -8.38 9.33 -53.66
N PHE D 418 -8.61 8.29 -52.87
CA PHE D 418 -8.25 6.93 -53.28
C PHE D 418 -9.26 5.86 -52.86
N GLU D 419 -9.24 4.73 -53.57
CA GLU D 419 -9.98 3.55 -53.17
C GLU D 419 -8.98 2.40 -53.09
N LEU D 420 -9.09 1.56 -52.06
CA LEU D 420 -8.33 0.30 -52.02
C LEU D 420 -9.11 -0.83 -52.69
N PHE D 421 -8.52 -1.43 -53.71
CA PHE D 421 -9.11 -2.65 -54.24
C PHE D 421 -8.28 -3.90 -53.89
N VAL D 422 -9.00 -4.94 -53.50
CA VAL D 422 -8.47 -6.29 -53.30
C VAL D 422 -9.42 -7.25 -54.01
N MET D 423 -8.84 -8.22 -54.71
CA MET D 423 -9.62 -9.20 -55.45
C MET D 423 -10.75 -8.61 -56.28
N LYS D 424 -10.44 -7.56 -57.04
CA LYS D 424 -11.40 -6.89 -57.95
C LYS D 424 -12.55 -6.13 -57.25
N LYS D 425 -12.51 -6.10 -55.92
CA LYS D 425 -13.53 -5.39 -55.14
C LYS D 425 -12.96 -4.28 -54.22
N GLU D 426 -13.75 -3.22 -54.04
CA GLU D 426 -13.39 -2.10 -53.17
C GLU D 426 -13.53 -2.44 -51.69
N ILE D 427 -12.48 -2.19 -50.92
CA ILE D 427 -12.54 -2.35 -49.47
C ILE D 427 -12.34 -1.05 -48.68
N CYS D 428 -11.68 -0.07 -49.29
CA CYS D 428 -11.51 1.25 -48.67
C CYS D 428 -11.82 2.39 -49.60
N ASN D 429 -12.25 3.49 -49.01
CA ASN D 429 -12.45 4.73 -49.73
C ASN D 429 -12.00 5.91 -48.87
N ALA D 430 -11.10 6.73 -49.38
CA ALA D 430 -10.56 7.78 -48.55
C ALA D 430 -10.24 9.03 -49.36
N TYR D 431 -10.20 10.16 -48.68
CA TYR D 431 -9.79 11.40 -49.34
C TYR D 431 -9.37 12.48 -48.36
N THR D 432 -8.49 13.36 -48.85
CA THR D 432 -8.32 14.66 -48.23
C THR D 432 -9.71 15.32 -48.23
N GLU D 433 -10.15 15.75 -47.06
CA GLU D 433 -11.52 16.26 -46.91
C GLU D 433 -11.68 17.67 -47.44
N LEU D 434 -12.82 17.96 -48.07
CA LEU D 434 -13.12 19.33 -48.50
C LEU D 434 -13.54 20.19 -47.31
N ASN D 435 -12.76 21.25 -47.03
CA ASN D 435 -13.05 22.14 -45.90
C ASN D 435 -13.46 23.58 -46.26
N ASP D 436 -13.47 23.89 -47.55
CA ASP D 436 -13.94 25.18 -48.09
C ASP D 436 -15.47 25.10 -48.20
N PRO D 437 -16.17 25.83 -47.31
CA PRO D 437 -17.64 25.80 -47.19
C PRO D 437 -18.32 26.17 -48.50
N MET D 438 -17.72 27.08 -49.24
CA MET D 438 -18.32 27.61 -50.48
C MET D 438 -18.36 26.53 -51.57
N ARG D 439 -17.20 25.92 -51.83
CA ARG D 439 -17.11 24.82 -52.78
C ARG D 439 -18.05 23.68 -52.39
N GLN D 440 -18.10 23.41 -51.09
CA GLN D 440 -18.92 22.32 -50.56
C GLN D 440 -20.39 22.59 -50.83
N ARG D 441 -20.80 23.83 -50.62
CA ARG D 441 -22.17 24.24 -50.90
C ARG D 441 -22.51 24.13 -52.41
N GLN D 442 -21.61 24.60 -53.27
CA GLN D 442 -21.79 24.52 -54.74
C GLN D 442 -22.02 23.08 -55.19
N LEU D 443 -21.15 22.21 -54.68
CA LEU D 443 -21.20 20.79 -55.00
C LEU D 443 -22.50 20.16 -54.49
N PHE D 444 -22.92 20.59 -53.30
CA PHE D 444 -24.18 20.12 -52.73
C PHE D 444 -25.33 20.54 -53.61
N GLU D 445 -25.18 21.70 -54.24
CA GLU D 445 -26.21 22.28 -55.10
C GLU D 445 -26.31 21.53 -56.43
N GLU D 446 -25.17 21.18 -57.00
CA GLU D 446 -25.17 20.33 -58.19
C GLU D 446 -25.76 18.95 -57.87
N GLN D 447 -25.41 18.40 -56.71
CA GLN D 447 -25.98 17.15 -56.25
C GLN D 447 -27.51 17.23 -56.15
N ALA D 448 -28.01 18.32 -55.56
CA ALA D 448 -29.45 18.54 -55.37
C ALA D 448 -30.19 18.75 -56.70
N LYS D 449 -29.49 19.37 -57.65
CA LYS D 449 -29.99 19.52 -59.01
C LYS D 449 -30.13 18.16 -59.71
N ALA D 450 -29.11 17.30 -59.57
CA ALA D 450 -29.20 15.94 -60.10
C ALA D 450 -30.27 15.10 -59.37
N LYS D 451 -30.55 15.47 -58.12
CA LYS D 451 -31.58 14.80 -57.30
C LYS D 451 -32.97 15.27 -57.71
N ALA D 452 -33.05 16.46 -58.31
CA ALA D 452 -34.30 17.00 -58.83
C ALA D 452 -34.75 16.28 -60.10
N ALA D 453 -33.78 15.87 -60.93
CA ALA D 453 -34.07 15.14 -62.17
C ALA D 453 -34.59 13.69 -61.95
N GLY D 454 -34.44 13.17 -60.74
CA GLY D 454 -35.03 11.88 -60.38
C GLY D 454 -34.09 10.85 -59.79
N ASP D 455 -32.81 11.20 -59.67
CA ASP D 455 -31.79 10.31 -59.11
C ASP D 455 -31.86 10.19 -57.57
N ASP D 456 -32.37 9.06 -57.08
CA ASP D 456 -32.60 8.85 -55.64
C ASP D 456 -31.33 8.53 -54.83
N GLU D 457 -30.20 8.30 -55.50
CA GLU D 457 -28.95 8.03 -54.79
C GLU D 457 -28.10 9.30 -54.56
N ALA D 458 -28.11 10.21 -55.54
CA ALA D 458 -27.47 11.53 -55.39
C ALA D 458 -28.06 12.36 -54.22
N MET D 459 -27.18 13.04 -53.48
CA MET D 459 -27.49 13.46 -52.11
C MET D 459 -28.04 14.87 -51.85
N PHE D 460 -28.50 15.07 -50.62
CA PHE D 460 -29.21 16.29 -50.18
C PHE D 460 -28.25 17.44 -49.85
N ILE D 461 -28.82 18.58 -49.47
CA ILE D 461 -28.04 19.69 -48.96
C ILE D 461 -28.12 19.76 -47.43
N ASP D 462 -27.02 19.45 -46.76
CA ASP D 462 -26.97 19.57 -45.30
C ASP D 462 -26.48 20.97 -45.00
N GLU D 463 -27.36 21.83 -44.49
CA GLU D 463 -26.94 23.19 -44.25
C GLU D 463 -26.16 23.28 -42.95
N ASN D 464 -26.52 22.43 -41.99
CA ASN D 464 -25.83 22.41 -40.70
C ASN D 464 -24.38 22.06 -40.86
N PHE D 465 -24.13 21.14 -41.80
CA PHE D 465 -22.78 20.73 -42.13
C PHE D 465 -22.01 21.88 -42.79
N CYS D 466 -22.66 22.62 -43.67
CA CYS D 466 -22.00 23.76 -44.33
C CYS D 466 -21.66 24.85 -43.32
N THR D 467 -22.57 25.08 -42.37
CA THR D 467 -22.34 26.00 -41.26
C THR D 467 -21.14 25.57 -40.43
N ALA D 468 -21.12 24.28 -40.12
CA ALA D 468 -19.98 23.71 -39.40
C ALA D 468 -18.67 23.99 -40.15
N LEU D 469 -18.71 23.86 -41.48
CA LEU D 469 -17.51 24.13 -42.29
C LEU D 469 -17.13 25.60 -42.18
N GLU D 470 -18.14 26.47 -42.12
CA GLU D 470 -17.94 27.92 -41.97
C GLU D 470 -17.26 28.29 -40.65
N TYR D 471 -17.46 27.46 -39.62
CA TYR D 471 -16.78 27.71 -38.35
C TYR D 471 -15.31 27.26 -38.39
N GLY D 472 -14.92 26.57 -39.45
CA GLY D 472 -13.53 26.22 -39.64
C GLY D 472 -13.16 24.76 -39.42
N LEU D 473 -13.25 23.96 -40.47
CA LEU D 473 -12.78 22.57 -40.40
C LEU D 473 -11.32 22.52 -40.77
N PRO D 474 -10.46 22.04 -39.85
CA PRO D 474 -9.02 22.04 -40.14
C PRO D 474 -8.72 21.17 -41.35
N PRO D 475 -7.55 21.39 -41.98
CA PRO D 475 -7.14 20.48 -43.06
C PRO D 475 -7.17 19.07 -42.48
N THR D 476 -7.92 18.18 -43.14
CA THR D 476 -8.24 16.88 -42.57
C THR D 476 -8.32 15.81 -43.67
N ALA D 477 -8.01 14.57 -43.30
CA ALA D 477 -8.18 13.42 -44.20
C ALA D 477 -9.05 12.31 -43.57
N GLY D 478 -10.00 11.81 -44.35
CA GLY D 478 -10.94 10.80 -43.88
C GLY D 478 -10.92 9.51 -44.69
N TRP D 479 -11.49 8.47 -44.09
CA TRP D 479 -11.28 7.10 -44.52
C TRP D 479 -12.39 6.17 -44.08
N GLY D 480 -12.81 5.31 -45.00
CA GLY D 480 -13.88 4.35 -44.77
C GLY D 480 -13.49 2.96 -45.24
N MET D 481 -13.93 1.93 -44.51
CA MET D 481 -13.60 0.57 -44.83
C MET D 481 -14.81 -0.35 -44.65
N GLY D 482 -15.03 -1.20 -45.66
CA GLY D 482 -16.11 -2.18 -45.61
C GLY D 482 -15.67 -3.45 -44.89
N ILE D 483 -16.06 -3.54 -43.62
CA ILE D 483 -15.60 -4.64 -42.77
C ILE D 483 -15.99 -5.98 -43.36
N ASP D 484 -17.26 -6.12 -43.73
CA ASP D 484 -17.75 -7.38 -44.26
C ASP D 484 -16.91 -7.90 -45.43
N ARG D 485 -16.53 -7.01 -46.35
CA ARG D 485 -15.68 -7.39 -47.48
C ARG D 485 -14.30 -7.90 -47.03
N VAL D 486 -13.66 -7.14 -46.13
CA VAL D 486 -12.38 -7.57 -45.57
C VAL D 486 -12.51 -8.96 -44.92
N ALA D 487 -13.65 -9.17 -44.26
CA ALA D 487 -13.99 -10.45 -43.66
C ALA D 487 -14.11 -11.56 -44.72
N MET D 488 -14.70 -11.21 -45.86
CA MET D 488 -14.83 -12.13 -46.99
C MET D 488 -13.47 -12.58 -47.49
N PHE D 489 -12.61 -11.62 -47.80
CA PHE D 489 -11.31 -11.92 -48.38
C PHE D 489 -10.39 -12.61 -47.39
N LEU D 490 -10.59 -12.39 -46.09
CA LEU D 490 -9.78 -13.09 -45.09
C LEU D 490 -10.33 -14.43 -44.63
N THR D 491 -11.58 -14.75 -45.01
CA THR D 491 -12.11 -16.07 -44.70
C THR D 491 -12.39 -16.90 -45.95
N ASP D 492 -11.92 -16.40 -47.08
CA ASP D 492 -12.12 -17.08 -48.35
C ASP D 492 -13.60 -17.41 -48.57
N SER D 493 -14.40 -16.35 -48.50
CA SER D 493 -15.83 -16.44 -48.74
C SER D 493 -16.14 -15.59 -49.97
N ASN D 494 -16.82 -16.19 -50.94
CA ASN D 494 -17.10 -15.49 -52.20
C ASN D 494 -18.44 -14.80 -52.12
N ASN D 495 -18.99 -14.79 -50.90
CA ASN D 495 -20.36 -14.35 -50.70
C ASN D 495 -20.51 -13.71 -49.32
N ILE D 496 -21.01 -12.47 -49.31
CA ILE D 496 -21.20 -11.72 -48.07
C ILE D 496 -22.07 -12.42 -47.01
N LYS D 497 -22.98 -13.30 -47.45
CA LYS D 497 -23.84 -14.04 -46.52
C LYS D 497 -23.02 -14.90 -45.59
N GLU D 498 -21.81 -15.20 -46.00
CA GLU D 498 -20.92 -16.06 -45.24
C GLU D 498 -20.37 -15.38 -43.97
N VAL D 499 -20.23 -14.05 -44.01
CA VAL D 499 -19.59 -13.34 -42.91
C VAL D 499 -20.57 -12.48 -42.13
N LEU D 500 -21.85 -12.60 -42.47
CA LEU D 500 -22.94 -12.05 -41.67
C LEU D 500 -23.63 -13.21 -40.92
N LEU D 501 -23.69 -13.12 -39.60
CA LEU D 501 -24.31 -14.17 -38.80
C LEU D 501 -25.75 -14.45 -39.27
N PHE D 502 -26.57 -13.41 -39.37
CA PHE D 502 -27.95 -13.57 -39.82
C PHE D 502 -28.26 -12.69 -41.05
N PRO D 503 -27.83 -13.12 -42.26
CA PRO D 503 -27.99 -12.30 -43.49
C PRO D 503 -29.46 -12.19 -43.90
N ALA D 504 -29.79 -11.11 -44.61
CA ALA D 504 -31.16 -10.91 -45.09
C ALA D 504 -31.55 -11.90 -46.21
N MET D 505 -32.68 -12.55 -46.02
CA MET D 505 -33.19 -13.55 -46.97
C MET D 505 -34.57 -13.19 -47.49
N LYS D 506 -34.73 -13.19 -48.81
CA LYS D 506 -36.06 -13.06 -49.42
C LYS D 506 -36.86 -14.31 -49.08
N PRO D 507 -37.91 -14.17 -48.26
CA PRO D 507 -38.69 -15.31 -47.72
C PRO D 507 -39.52 -16.05 -48.76
N ASP E 4 87.44 26.29 -17.37
CA ASP E 4 86.78 25.01 -17.69
C ASP E 4 85.28 25.04 -17.36
N PRO E 5 84.42 24.79 -18.36
CA PRO E 5 82.96 24.91 -18.25
C PRO E 5 82.32 24.06 -17.14
N ASN E 6 82.79 22.83 -16.96
CA ASN E 6 82.25 21.92 -15.94
C ASN E 6 82.62 22.34 -14.53
N GLN E 7 83.67 23.17 -14.42
CA GLN E 7 84.09 23.74 -13.15
C GLN E 7 83.40 25.10 -12.92
N TYR E 8 83.26 25.86 -14.01
CA TYR E 8 82.49 27.11 -13.98
C TYR E 8 81.09 26.85 -13.47
N TYR E 9 80.47 25.80 -14.00
CA TYR E 9 79.15 25.40 -13.52
C TYR E 9 79.13 25.08 -12.01
N LYS E 10 80.09 24.30 -11.51
CA LYS E 10 80.11 23.98 -10.07
C LYS E 10 80.31 25.23 -9.19
N ILE E 11 81.28 26.07 -9.58
CA ILE E 11 81.53 27.33 -8.88
C ILE E 11 80.31 28.26 -8.84
N ARG E 12 79.71 28.47 -10.01
CA ARG E 12 78.51 29.31 -10.10
C ARG E 12 77.37 28.72 -9.28
N SER E 13 77.17 27.40 -9.37
CA SER E 13 76.11 26.72 -8.62
C SER E 13 76.28 27.02 -7.16
N GLN E 14 77.52 26.89 -6.70
CA GLN E 14 77.85 27.18 -5.31
C GLN E 14 77.54 28.62 -4.94
N ALA E 15 77.93 29.56 -5.81
CA ALA E 15 77.76 31.01 -5.53
C ALA E 15 76.29 31.42 -5.43
N ILE E 16 75.48 30.92 -6.37
CA ILE E 16 74.05 31.15 -6.36
C ILE E 16 73.42 30.48 -5.14
N HIS E 17 73.89 29.28 -4.79
CA HIS E 17 73.40 28.62 -3.59
C HIS E 17 73.64 29.50 -2.37
N GLN E 18 74.83 30.09 -2.34
CA GLN E 18 75.19 30.99 -1.26
C GLN E 18 74.28 32.19 -1.21
N LEU E 19 73.98 32.76 -2.37
CA LEU E 19 72.99 33.85 -2.46
C LEU E 19 71.65 33.40 -1.86
N LYS E 20 71.26 32.16 -2.12
CA LYS E 20 70.00 31.61 -1.60
C LYS E 20 70.01 31.57 -0.08
N VAL E 21 71.05 30.95 0.49
CA VAL E 21 71.12 30.78 1.95
C VAL E 21 71.35 32.10 2.69
N ASN E 22 71.85 33.10 1.96
CA ASN E 22 72.02 34.45 2.52
C ASN E 22 70.79 35.32 2.32
N GLY E 23 69.86 34.84 1.49
CA GLY E 23 68.58 35.49 1.29
C GLY E 23 68.68 36.77 0.50
N GLU E 24 69.49 36.72 -0.53
CA GLU E 24 69.60 37.80 -1.45
C GLU E 24 68.79 37.53 -2.70
N ASP E 25 67.86 36.59 -2.65
CA ASP E 25 66.88 36.32 -3.70
C ASP E 25 67.44 36.33 -5.11
N PRO E 26 68.07 35.25 -5.51
CA PRO E 26 68.66 35.18 -6.85
C PRO E 26 67.65 34.87 -7.94
N TYR E 27 66.55 34.23 -7.59
CA TYR E 27 65.41 34.01 -8.48
C TYR E 27 64.19 34.76 -7.97
N PRO E 28 64.19 36.11 -8.07
CA PRO E 28 63.03 36.88 -7.59
C PRO E 28 61.76 36.50 -8.35
N HIS E 29 60.61 36.72 -7.73
CA HIS E 29 59.33 36.33 -8.31
C HIS E 29 58.89 37.27 -9.44
N LYS E 30 58.99 38.57 -9.17
CA LYS E 30 58.43 39.58 -10.06
C LYS E 30 59.30 40.82 -10.21
N PHE E 31 59.69 41.13 -11.44
CA PHE E 31 60.32 42.42 -11.73
C PHE E 31 59.47 43.12 -12.79
N HIS E 32 59.14 44.38 -12.52
CA HIS E 32 58.25 45.12 -13.37
C HIS E 32 58.99 45.94 -14.42
N VAL E 33 59.05 45.39 -15.64
CA VAL E 33 59.56 46.13 -16.79
C VAL E 33 58.59 47.24 -17.21
N ASP E 34 59.11 48.45 -17.36
CA ASP E 34 58.28 49.60 -17.72
C ASP E 34 58.20 49.73 -19.25
N ILE E 35 59.21 49.19 -19.95
CA ILE E 35 59.41 49.49 -21.37
C ILE E 35 60.32 48.47 -22.08
N SER E 36 59.95 48.11 -23.29
CA SER E 36 60.75 47.18 -24.07
C SER E 36 62.06 47.84 -24.53
N LEU E 37 63.08 47.02 -24.78
CA LEU E 37 64.34 47.52 -25.30
C LEU E 37 64.14 48.19 -26.65
N THR E 38 63.25 47.62 -27.46
CA THR E 38 62.95 48.17 -28.78
C THR E 38 62.34 49.56 -28.65
N ASP E 39 61.32 49.68 -27.80
CA ASP E 39 60.70 51.00 -27.55
C ASP E 39 61.66 51.99 -26.89
N PHE E 40 62.47 51.53 -25.95
CA PHE E 40 63.54 52.35 -25.39
C PHE E 40 64.43 52.97 -26.48
N ILE E 41 64.98 52.11 -27.34
CA ILE E 41 65.83 52.57 -28.42
C ILE E 41 65.10 53.53 -29.38
N GLN E 42 63.86 53.20 -29.71
CA GLN E 42 63.06 54.01 -30.61
C GLN E 42 62.81 55.40 -30.02
N LYS E 43 62.66 55.44 -28.70
CA LYS E 43 62.39 56.68 -27.99
C LYS E 43 63.62 57.57 -27.78
N TYR E 44 64.78 56.96 -27.54
CA TYR E 44 65.96 57.72 -27.13
C TYR E 44 67.17 57.64 -28.07
N SER E 45 66.95 57.13 -29.27
CA SER E 45 68.04 57.09 -30.24
C SER E 45 68.35 58.52 -30.68
N HIS E 46 67.33 59.38 -30.59
CA HIS E 46 67.43 60.77 -31.06
C HIS E 46 68.29 61.67 -30.14
N LEU E 47 68.65 61.15 -28.97
CA LEU E 47 69.51 61.89 -28.03
C LEU E 47 70.89 62.28 -28.59
N GLN E 48 71.34 63.49 -28.25
CA GLN E 48 72.69 63.94 -28.60
C GLN E 48 73.69 63.22 -27.71
N PRO E 49 74.93 63.01 -28.20
CA PRO E 49 75.94 62.37 -27.37
C PRO E 49 76.21 63.19 -26.08
N GLY E 50 76.44 62.50 -24.97
CA GLY E 50 76.73 63.18 -23.72
C GLY E 50 75.49 63.67 -23.02
N ASP E 51 74.36 63.65 -23.71
CA ASP E 51 73.09 64.05 -23.09
C ASP E 51 72.63 62.99 -22.08
N HIS E 52 71.84 63.42 -21.11
CA HIS E 52 71.47 62.57 -20.02
C HIS E 52 70.18 63.01 -19.43
N LEU E 53 69.07 62.40 -19.81
CA LEU E 53 67.75 62.71 -19.24
C LEU E 53 67.64 62.20 -17.80
N THR E 54 67.53 63.12 -16.85
CA THR E 54 67.54 62.79 -15.43
C THR E 54 66.13 62.75 -14.83
N ASP E 55 65.19 63.43 -15.48
CA ASP E 55 63.79 63.44 -15.06
C ASP E 55 63.09 62.13 -15.45
N ILE E 56 63.77 61.31 -16.23
CA ILE E 56 63.19 60.04 -16.66
C ILE E 56 63.90 58.85 -16.03
N THR E 57 63.12 58.02 -15.34
CA THR E 57 63.63 56.77 -14.76
C THR E 57 62.76 55.62 -15.25
N LEU E 58 63.42 54.55 -15.70
CA LEU E 58 62.73 53.44 -16.37
C LEU E 58 63.35 52.11 -15.96
N LYS E 59 62.50 51.07 -15.89
CA LYS E 59 63.01 49.71 -15.72
C LYS E 59 62.95 48.90 -17.04
N VAL E 60 64.10 48.38 -17.46
CA VAL E 60 64.16 47.45 -18.60
C VAL E 60 64.75 46.12 -18.14
N ALA E 61 64.62 45.08 -18.94
CA ALA E 61 65.28 43.81 -18.59
C ALA E 61 65.92 43.13 -19.80
N GLY E 62 66.81 42.19 -19.53
CA GLY E 62 67.40 41.40 -20.60
C GLY E 62 68.50 40.48 -20.14
N ARG E 63 69.20 39.91 -21.11
CA ARG E 63 70.33 39.03 -20.82
C ARG E 63 71.66 39.77 -21.01
N ILE E 64 72.65 39.45 -20.19
CA ILE E 64 73.98 40.05 -20.31
C ILE E 64 74.87 39.27 -21.30
N HIS E 65 75.26 39.91 -22.40
CA HIS E 65 76.15 39.29 -23.40
C HIS E 65 77.61 39.63 -23.17
N ALA E 66 77.86 40.75 -22.51
CA ALA E 66 79.22 41.11 -22.17
C ALA E 66 79.29 41.98 -20.93
N LYS E 67 80.32 41.74 -20.11
CA LYS E 67 80.58 42.53 -18.91
C LYS E 67 82.01 43.05 -19.01
N ARG E 68 82.16 44.37 -19.00
CA ARG E 68 83.47 44.98 -19.24
C ARG E 68 83.66 46.21 -18.35
N ALA E 69 84.68 46.17 -17.50
CA ALA E 69 84.95 47.26 -16.56
C ALA E 69 85.93 48.33 -17.08
N SER E 70 85.78 49.55 -16.58
CA SER E 70 86.71 50.66 -16.85
C SER E 70 87.33 51.10 -15.53
N GLY E 71 88.07 50.20 -14.92
CA GLY E 71 88.63 50.45 -13.60
C GLY E 71 87.79 49.83 -12.50
N GLY E 72 87.28 50.66 -11.60
CA GLY E 72 86.57 50.16 -10.44
C GLY E 72 85.33 50.96 -10.10
N LYS E 73 85.15 52.09 -10.78
CA LYS E 73 83.97 52.92 -10.61
C LYS E 73 83.11 52.90 -11.88
N LEU E 74 83.40 51.98 -12.78
CA LEU E 74 82.71 51.91 -14.06
C LEU E 74 82.70 50.51 -14.70
N ILE E 75 81.50 49.96 -14.89
CA ILE E 75 81.31 48.74 -15.68
C ILE E 75 80.25 48.98 -16.75
N PHE E 76 80.54 48.54 -17.97
CA PHE E 76 79.58 48.52 -19.06
C PHE E 76 78.98 47.12 -19.22
N TYR E 77 77.66 47.05 -19.40
CA TYR E 77 77.00 45.78 -19.64
C TYR E 77 76.31 45.80 -21.00
N ASP E 78 76.55 44.76 -21.79
CA ASP E 78 75.88 44.61 -23.08
C ASP E 78 74.56 43.84 -22.81
N LEU E 79 73.46 44.56 -22.77
CA LEU E 79 72.18 43.93 -22.44
C LEU E 79 71.35 43.66 -23.69
N ARG E 80 71.06 42.39 -23.96
CA ARG E 80 70.30 42.03 -25.16
C ARG E 80 68.88 41.53 -24.85
N GLY E 81 68.02 41.70 -25.85
CA GLY E 81 66.66 41.21 -25.81
C GLY E 81 65.98 41.63 -27.09
N GLU E 82 65.09 40.78 -27.60
CA GLU E 82 64.31 41.12 -28.80
C GLU E 82 65.18 41.31 -30.05
N GLY E 83 66.41 40.81 -30.02
CA GLY E 83 67.29 40.95 -31.16
C GLY E 83 67.83 42.37 -31.27
N VAL E 84 67.70 43.13 -30.18
CA VAL E 84 68.38 44.42 -30.08
C VAL E 84 69.35 44.41 -28.89
N LYS E 85 70.07 45.50 -28.70
CA LYS E 85 71.04 45.61 -27.61
C LYS E 85 70.99 47.00 -26.99
N LEU E 86 71.31 47.07 -25.70
CA LEU E 86 71.35 48.33 -24.97
C LEU E 86 72.55 48.31 -24.05
N GLN E 87 73.31 49.40 -24.06
CA GLN E 87 74.41 49.57 -23.13
C GLN E 87 73.89 49.97 -21.74
N VAL E 88 74.32 49.25 -20.71
CA VAL E 88 74.15 49.68 -19.34
C VAL E 88 75.46 50.32 -18.86
N MET E 89 75.45 51.64 -18.69
CA MET E 89 76.62 52.35 -18.21
C MET E 89 76.51 52.51 -16.70
N ALA E 90 77.13 51.58 -15.99
CA ALA E 90 77.08 51.58 -14.53
C ALA E 90 78.32 52.25 -13.93
N ASN E 91 78.15 53.50 -13.48
CA ASN E 91 79.19 54.20 -12.71
C ASN E 91 78.74 54.48 -11.29
N SER E 92 79.69 54.44 -10.36
CA SER E 92 79.41 54.53 -8.93
C SER E 92 78.62 55.75 -8.46
N ARG E 93 78.88 56.92 -9.04
CA ARG E 93 78.25 58.14 -8.54
C ARG E 93 76.76 58.26 -8.94
N ASN E 94 76.35 57.45 -9.91
CA ASN E 94 74.96 57.44 -10.36
C ASN E 94 74.14 56.31 -9.73
N TYR E 95 74.85 55.31 -9.20
CA TYR E 95 74.19 54.22 -8.48
C TYR E 95 73.52 54.69 -7.18
N LYS E 96 72.77 53.81 -6.53
CA LYS E 96 72.14 54.17 -5.26
C LYS E 96 73.18 54.25 -4.15
N SER E 97 74.26 53.47 -4.27
CA SER E 97 75.33 53.44 -3.28
C SER E 97 76.56 52.72 -3.83
N GLU E 98 77.75 53.08 -3.34
CA GLU E 98 78.98 52.49 -3.85
C GLU E 98 79.17 51.05 -3.35
N GLU E 99 78.67 50.77 -2.15
CA GLU E 99 78.76 49.43 -1.57
C GLU E 99 77.85 48.46 -2.33
N GLU E 100 76.64 48.93 -2.63
CA GLU E 100 75.68 48.15 -3.42
C GLU E 100 76.15 47.98 -4.87
N PHE E 101 76.80 49.01 -5.40
CA PHE E 101 77.43 48.97 -6.73
C PHE E 101 78.45 47.85 -6.80
N ILE E 102 79.37 47.85 -5.83
CA ILE E 102 80.40 46.81 -5.75
C ILE E 102 79.78 45.42 -5.58
N HIS E 103 78.79 45.31 -4.69
CA HIS E 103 78.13 44.03 -4.41
C HIS E 103 77.49 43.46 -5.67
N ILE E 104 76.72 44.31 -6.34
CA ILE E 104 75.97 43.91 -7.53
C ILE E 104 76.89 43.57 -8.70
N ASN E 105 77.96 44.35 -8.93
CA ASN E 105 78.93 44.02 -9.99
C ASN E 105 79.72 42.73 -9.68
N ASN E 106 80.02 42.50 -8.41
CA ASN E 106 80.72 41.28 -8.03
C ASN E 106 79.81 40.09 -8.20
N LYS E 107 78.50 40.33 -8.11
CA LYS E 107 77.50 39.29 -8.27
C LYS E 107 77.36 38.82 -9.73
N LEU E 108 77.23 39.79 -10.64
CA LEU E 108 76.87 39.52 -12.04
C LEU E 108 77.94 38.83 -12.88
N ARG E 109 77.46 38.01 -13.80
CA ARG E 109 78.28 37.40 -14.83
C ARG E 109 77.58 37.48 -16.19
N ARG E 110 78.34 37.22 -17.25
CA ARG E 110 77.79 37.17 -18.59
C ARG E 110 76.83 35.98 -18.70
N GLY E 111 75.68 36.22 -19.31
CA GLY E 111 74.64 35.21 -19.48
C GLY E 111 73.46 35.47 -18.56
N ASP E 112 73.67 36.30 -17.56
CA ASP E 112 72.65 36.55 -16.56
C ASP E 112 71.48 37.41 -17.01
N ILE E 113 70.27 36.98 -16.65
CA ILE E 113 69.08 37.79 -16.83
C ILE E 113 69.03 38.79 -15.67
N ILE E 114 69.01 40.07 -16.02
CA ILE E 114 68.93 41.15 -15.06
C ILE E 114 67.89 42.20 -15.44
N GLY E 115 67.42 42.89 -14.41
CA GLY E 115 66.57 44.07 -14.55
C GLY E 115 67.34 45.32 -14.14
N VAL E 116 67.19 46.38 -14.93
CA VAL E 116 67.92 47.63 -14.74
C VAL E 116 66.93 48.80 -14.56
N GLN E 117 67.13 49.55 -13.49
CA GLN E 117 66.36 50.76 -13.28
C GLN E 117 67.30 51.97 -13.33
N GLY E 118 66.96 52.95 -14.15
CA GLY E 118 67.88 54.04 -14.43
C GLY E 118 67.41 55.04 -15.47
N ASN E 119 68.37 55.82 -15.98
CA ASN E 119 68.07 56.97 -16.84
C ASN E 119 68.62 56.77 -18.23
N PRO E 120 67.86 57.22 -19.24
CA PRO E 120 68.37 57.18 -20.62
C PRO E 120 69.49 58.21 -20.82
N GLY E 121 70.44 57.91 -21.70
CA GLY E 121 71.46 58.86 -22.10
C GLY E 121 72.50 58.26 -23.02
N LYS E 122 73.00 59.04 -23.98
CA LYS E 122 74.12 58.61 -24.82
C LYS E 122 75.48 58.87 -24.16
N THR E 123 76.51 58.18 -24.64
CA THR E 123 77.89 58.50 -24.25
C THR E 123 78.44 59.59 -25.17
N LYS E 124 79.59 60.15 -24.80
CA LYS E 124 80.26 61.11 -25.68
C LYS E 124 80.70 60.39 -26.95
N LYS E 125 81.08 59.11 -26.81
CA LYS E 125 81.42 58.24 -27.94
C LYS E 125 80.22 58.05 -28.88
N GLY E 126 79.01 58.23 -28.36
CA GLY E 126 77.79 58.20 -29.16
C GLY E 126 76.81 57.06 -28.87
N GLU E 127 77.22 56.13 -28.02
CA GLU E 127 76.42 54.93 -27.73
C GLU E 127 75.25 55.20 -26.77
N LEU E 128 74.04 54.94 -27.24
CA LEU E 128 72.85 55.00 -26.40
C LEU E 128 72.96 54.02 -25.25
N SER E 129 72.67 54.52 -24.05
CA SER E 129 72.84 53.75 -22.83
C SER E 129 71.77 54.05 -21.80
N ILE E 130 71.62 53.13 -20.86
CA ILE E 130 70.86 53.38 -19.64
C ILE E 130 71.85 53.43 -18.49
N ILE E 131 71.68 54.42 -17.60
CA ILE E 131 72.57 54.57 -16.44
C ILE E 131 71.81 54.21 -15.18
N PRO E 132 72.19 53.08 -14.56
CA PRO E 132 71.43 52.46 -13.47
C PRO E 132 71.50 53.14 -12.10
N TYR E 133 70.31 53.36 -11.54
CA TYR E 133 70.16 53.64 -10.13
C TYR E 133 70.27 52.32 -9.38
N GLU E 134 69.75 51.26 -9.99
CA GLU E 134 69.76 49.94 -9.38
C GLU E 134 69.73 48.83 -10.42
N ILE E 135 70.52 47.78 -10.16
CA ILE E 135 70.53 46.58 -10.99
C ILE E 135 70.07 45.38 -10.15
N THR E 136 69.09 44.64 -10.67
CA THR E 136 68.64 43.42 -10.00
C THR E 136 68.95 42.14 -10.78
N LEU E 137 69.45 41.12 -10.07
CA LEU E 137 69.63 39.81 -10.68
C LEU E 137 68.29 39.10 -10.73
N LEU E 138 67.85 38.76 -11.94
CA LEU E 138 66.55 38.10 -12.15
C LEU E 138 66.69 36.58 -12.27
N SER E 139 67.73 36.17 -12.99
CA SER E 139 67.96 34.74 -13.18
C SER E 139 69.41 34.54 -13.60
N PRO E 140 70.17 33.83 -12.77
CA PRO E 140 71.58 33.57 -13.08
C PRO E 140 71.76 32.51 -14.16
N CYS E 141 72.76 32.71 -15.01
CA CYS E 141 73.19 31.70 -15.98
C CYS E 141 74.34 30.90 -15.37
N LEU E 142 74.09 29.62 -15.12
CA LEU E 142 75.06 28.77 -14.44
C LEU E 142 76.17 28.21 -15.32
N HIS E 143 76.11 28.50 -16.61
CA HIS E 143 77.04 27.87 -17.56
C HIS E 143 77.90 28.90 -18.26
N MET E 144 79.01 28.41 -18.82
CA MET E 144 79.76 29.19 -19.77
C MET E 144 78.95 29.21 -21.07
N LEU E 145 78.59 30.41 -21.49
CA LEU E 145 78.07 30.61 -22.84
C LEU E 145 79.24 30.52 -23.81
N PRO E 146 79.02 29.96 -25.01
CA PRO E 146 80.06 29.91 -26.05
C PRO E 146 80.62 31.31 -26.36
N HIS E 147 81.93 31.39 -26.65
CA HIS E 147 82.61 32.68 -26.78
C HIS E 147 82.46 33.36 -28.15
N LEU E 152 78.20 30.53 -32.72
CA LEU E 152 77.71 29.17 -32.56
C LEU E 152 77.34 28.69 -33.93
N LYS E 153 78.18 27.85 -34.53
CA LYS E 153 78.01 27.53 -35.93
C LYS E 153 77.62 26.08 -36.11
N ASP E 154 78.09 25.23 -35.19
CA ASP E 154 77.87 23.78 -35.27
C ASP E 154 76.39 23.40 -35.28
N LYS E 155 75.91 22.88 -36.41
CA LYS E 155 74.48 22.69 -36.59
C LYS E 155 73.85 21.74 -35.59
N GLU E 156 74.45 20.60 -35.36
CA GLU E 156 73.89 19.66 -34.38
C GLU E 156 73.69 20.33 -33.03
N THR E 157 74.67 21.12 -32.61
CA THR E 157 74.61 21.81 -31.33
C THR E 157 73.50 22.87 -31.29
N ARG E 158 73.26 23.54 -32.42
CA ARG E 158 72.17 24.53 -32.52
C ARG E 158 70.81 23.86 -32.46
N TYR E 159 70.65 22.80 -33.24
CA TYR E 159 69.35 22.12 -33.36
C TYR E 159 69.01 21.32 -32.11
N ARG E 160 70.02 21.03 -31.29
CA ARG E 160 69.77 20.24 -30.06
C ARG E 160 69.58 21.16 -28.85
N GLN E 161 70.20 22.33 -28.92
CA GLN E 161 70.03 23.35 -27.90
C GLN E 161 69.57 24.65 -28.53
N ARG E 162 68.30 24.66 -28.93
CA ARG E 162 67.75 25.76 -29.73
C ARG E 162 67.78 27.07 -28.96
N TYR E 163 67.70 26.98 -27.62
CA TYR E 163 67.75 28.19 -26.81
C TYR E 163 69.10 28.90 -26.88
N LEU E 164 70.19 28.13 -26.92
CA LEU E 164 71.51 28.73 -27.16
C LEU E 164 71.56 29.41 -28.52
N ASP E 165 71.05 28.70 -29.52
CA ASP E 165 71.04 29.21 -30.90
C ASP E 165 70.31 30.57 -30.95
N LEU E 166 69.16 30.65 -30.27
CA LEU E 166 68.36 31.87 -30.21
C LEU E 166 69.03 32.98 -29.40
N ILE E 167 69.77 32.59 -28.37
CA ILE E 167 70.49 33.57 -27.56
C ILE E 167 71.62 34.20 -28.37
N LEU E 168 72.40 33.35 -29.03
CA LEU E 168 73.64 33.74 -29.68
C LEU E 168 73.47 34.22 -31.12
N ASN E 169 72.65 33.53 -31.90
CA ASN E 169 72.44 33.88 -33.31
C ASN E 169 71.16 34.66 -33.58
N ASP E 170 71.32 35.82 -34.20
CA ASP E 170 70.21 36.77 -34.37
C ASP E 170 69.24 36.35 -35.48
N PHE E 171 69.75 35.60 -36.45
CA PHE E 171 68.99 35.32 -37.67
C PHE E 171 67.91 34.25 -37.46
N VAL E 172 68.13 33.38 -36.48
CA VAL E 172 67.16 32.32 -36.17
C VAL E 172 65.78 32.89 -35.82
N ARG E 173 65.77 33.73 -34.80
CA ARG E 173 64.58 34.49 -34.46
C ARG E 173 63.88 35.06 -35.70
N GLN E 174 64.65 35.61 -36.63
CA GLN E 174 64.07 36.20 -37.83
C GLN E 174 63.39 35.13 -38.72
N LYS E 175 64.00 33.95 -38.80
CA LYS E 175 63.42 32.87 -39.60
C LYS E 175 62.07 32.45 -39.03
N PHE E 176 62.04 32.26 -37.72
CA PHE E 176 60.78 31.86 -37.09
C PHE E 176 59.68 32.94 -37.11
N ILE E 177 60.08 34.21 -37.08
CA ILE E 177 59.11 35.29 -37.31
C ILE E 177 58.54 35.21 -38.74
N ILE E 178 59.40 34.95 -39.73
CA ILE E 178 58.92 34.79 -41.10
C ILE E 178 57.96 33.62 -41.21
N ARG E 179 58.28 32.52 -40.54
CA ARG E 179 57.43 31.34 -40.58
C ARG E 179 56.04 31.68 -40.06
N SER E 180 56.04 32.36 -38.92
CA SER E 180 54.80 32.81 -38.29
C SER E 180 54.01 33.74 -39.21
N LYS E 181 54.71 34.67 -39.87
CA LYS E 181 54.08 35.59 -40.82
C LYS E 181 53.43 34.85 -41.98
N ILE E 182 54.08 33.77 -42.43
CA ILE E 182 53.54 32.95 -43.52
C ILE E 182 52.21 32.34 -43.12
N ILE E 183 52.22 31.66 -41.98
CA ILE E 183 51.00 31.01 -41.51
C ILE E 183 49.85 32.00 -41.27
N THR E 184 50.22 33.10 -40.62
CA THR E 184 49.26 34.15 -40.33
C THR E 184 48.67 34.76 -41.61
N TYR E 185 49.54 34.98 -42.60
CA TYR E 185 49.09 35.48 -43.91
C TYR E 185 48.06 34.53 -44.51
N ILE E 186 48.41 33.24 -44.54
CA ILE E 186 47.50 32.26 -45.12
C ILE E 186 46.14 32.32 -44.44
N ARG E 187 46.13 32.29 -43.11
CA ARG E 187 44.84 32.38 -42.41
C ARG E 187 44.09 33.65 -42.80
N SER E 188 44.77 34.81 -42.83
CA SER E 188 44.09 36.05 -43.20
C SER E 188 43.44 35.93 -44.57
N PHE E 189 44.22 35.41 -45.50
CA PHE E 189 43.79 35.19 -46.88
C PHE E 189 42.52 34.33 -46.99
N LEU E 190 42.51 33.18 -46.33
CA LEU E 190 41.38 32.27 -46.43
C LEU E 190 40.18 32.77 -45.62
N ASP E 191 40.44 33.31 -44.44
CA ASP E 191 39.41 33.89 -43.60
C ASP E 191 38.66 34.92 -44.43
N GLU E 192 39.41 35.83 -45.05
CA GLU E 192 38.79 36.88 -45.87
C GLU E 192 38.06 36.33 -47.11
N LEU E 193 38.36 35.11 -47.50
CA LEU E 193 37.66 34.49 -48.61
C LEU E 193 36.42 33.72 -48.16
N GLY E 194 36.09 33.83 -46.87
CA GLY E 194 34.96 33.12 -46.29
C GLY E 194 35.20 31.66 -45.86
N PHE E 195 36.44 31.27 -45.66
CA PHE E 195 36.70 29.90 -45.24
C PHE E 195 36.56 29.69 -43.73
N LEU E 196 35.97 28.56 -43.33
CA LEU E 196 35.92 28.21 -41.90
C LEU E 196 37.15 27.39 -41.51
N GLU E 197 37.94 27.93 -40.58
CA GLU E 197 39.08 27.20 -40.00
C GLU E 197 38.59 26.09 -39.04
N ILE E 198 38.92 24.84 -39.42
CA ILE E 198 38.43 23.64 -38.75
C ILE E 198 39.54 22.72 -38.22
N GLU E 199 39.17 21.82 -37.30
CA GLU E 199 40.08 20.76 -36.81
C GLU E 199 39.50 19.38 -37.01
N THR E 200 40.19 18.57 -37.81
CA THR E 200 39.77 17.19 -38.01
C THR E 200 40.72 16.28 -37.20
N PRO E 201 40.29 15.01 -36.95
CA PRO E 201 41.10 14.10 -36.12
C PRO E 201 42.53 13.89 -36.60
N MET E 202 43.48 13.84 -35.65
CA MET E 202 44.88 13.53 -35.97
C MET E 202 45.25 12.06 -35.75
N MET E 203 44.37 11.30 -35.09
CA MET E 203 44.50 9.85 -35.05
C MET E 203 43.25 9.22 -35.64
N ASN E 204 43.46 8.32 -36.60
CA ASN E 204 42.36 7.69 -37.33
C ASN E 204 42.33 6.17 -37.10
N ILE E 205 41.37 5.50 -37.72
CA ILE E 205 41.36 4.04 -37.70
C ILE E 205 41.95 3.53 -39.02
N ILE E 206 41.64 4.26 -40.08
CA ILE E 206 42.26 4.07 -41.38
C ILE E 206 42.90 5.39 -41.79
N PRO E 207 44.23 5.39 -41.97
CA PRO E 207 44.94 6.58 -42.47
C PRO E 207 44.69 6.80 -43.96
N GLY E 208 44.29 8.02 -44.33
CA GLY E 208 44.02 8.35 -45.72
C GLY E 208 44.38 9.75 -46.15
N GLY E 209 44.17 10.06 -47.44
CA GLY E 209 44.36 11.43 -47.92
C GLY E 209 45.64 11.64 -48.71
N ALA E 210 46.69 10.92 -48.36
CA ALA E 210 47.98 11.01 -49.04
C ALA E 210 48.63 9.65 -49.23
N VAL E 211 49.78 9.64 -49.90
CA VAL E 211 50.58 8.43 -50.05
C VAL E 211 51.75 8.46 -49.04
N ALA E 212 51.69 7.62 -48.00
CA ALA E 212 52.69 7.63 -46.90
C ALA E 212 52.67 6.40 -45.97
N LYS E 213 53.75 6.22 -45.19
CA LYS E 213 53.83 5.12 -44.21
C LYS E 213 53.60 5.65 -42.78
N PRO E 214 52.51 5.19 -42.13
CA PRO E 214 51.96 5.83 -40.93
C PRO E 214 52.66 5.45 -39.62
N PHE E 215 52.42 6.25 -38.59
CA PHE E 215 52.78 5.91 -37.23
C PHE E 215 51.60 5.17 -36.60
N ILE E 216 51.88 4.04 -35.94
CA ILE E 216 50.82 3.29 -35.28
C ILE E 216 50.96 3.47 -33.78
N THR E 217 49.83 3.58 -33.09
CA THR E 217 49.83 3.66 -31.63
C THR E 217 48.58 2.98 -31.11
N TYR E 218 48.53 2.78 -29.80
CA TYR E 218 47.53 1.91 -29.25
C TYR E 218 46.68 2.67 -28.26
N HIS E 219 45.36 2.56 -28.39
CA HIS E 219 44.45 3.16 -27.40
C HIS E 219 44.06 2.11 -26.35
N ASN E 220 44.55 2.30 -25.14
CA ASN E 220 44.42 1.29 -24.09
C ASN E 220 42.99 0.89 -23.77
N GLU E 221 42.12 1.89 -23.57
CA GLU E 221 40.79 1.60 -23.09
C GLU E 221 39.84 1.13 -24.19
N LEU E 222 40.34 1.03 -25.42
CA LEU E 222 39.54 0.49 -26.53
C LEU E 222 40.12 -0.77 -27.14
N ASP E 223 41.27 -1.21 -26.64
CA ASP E 223 41.96 -2.40 -27.17
C ASP E 223 42.15 -2.27 -28.69
N MET E 224 42.29 -1.04 -29.17
CA MET E 224 42.33 -0.78 -30.60
C MET E 224 43.56 0.03 -31.02
N ASN E 225 44.12 -0.35 -32.16
CA ASN E 225 45.18 0.44 -32.80
C ASN E 225 44.63 1.63 -33.58
N LEU E 226 45.31 2.75 -33.45
CA LEU E 226 45.00 3.96 -34.20
C LEU E 226 46.24 4.38 -34.97
N TYR E 227 46.03 5.05 -36.09
CA TYR E 227 47.11 5.55 -36.93
C TYR E 227 47.18 7.07 -36.86
N MET E 228 48.39 7.60 -36.74
CA MET E 228 48.56 9.06 -36.82
C MET E 228 48.34 9.48 -38.27
N ARG E 229 47.69 10.62 -38.46
CA ARG E 229 47.28 11.06 -39.78
C ARG E 229 48.42 11.55 -40.72
N ILE E 230 48.17 11.38 -42.01
CA ILE E 230 49.08 11.84 -43.08
C ILE E 230 48.48 13.02 -43.87
N ALA E 231 47.17 13.25 -43.70
CA ALA E 231 46.46 14.34 -44.35
C ALA E 231 45.04 14.39 -43.80
N PRO E 232 44.44 15.61 -43.73
CA PRO E 232 43.08 15.85 -43.25
C PRO E 232 42.01 15.69 -44.33
N GLU E 233 42.48 15.57 -45.57
CA GLU E 233 41.64 15.56 -46.78
C GLU E 233 40.21 14.94 -46.72
N LEU E 234 40.12 13.66 -46.40
CA LEU E 234 38.83 12.97 -46.42
C LEU E 234 37.80 13.55 -45.44
N TYR E 235 38.28 14.00 -44.29
CA TYR E 235 37.39 14.67 -43.34
C TYR E 235 36.87 15.99 -43.91
N HIS E 236 37.76 16.77 -44.52
CA HIS E 236 37.33 18.04 -45.14
C HIS E 236 36.24 17.79 -46.18
N LYS E 237 36.48 16.80 -47.06
CA LYS E 237 35.48 16.49 -48.09
C LYS E 237 34.15 16.07 -47.46
N MET E 238 34.22 15.31 -46.37
CA MET E 238 33.01 14.97 -45.65
C MET E 238 32.28 16.21 -45.14
N LEU E 239 33.04 17.23 -44.75
CA LEU E 239 32.41 18.47 -44.23
C LEU E 239 31.76 19.28 -45.33
N VAL E 240 32.37 19.24 -46.52
CA VAL E 240 31.76 19.88 -47.68
C VAL E 240 30.47 19.17 -48.04
N VAL E 241 30.47 17.83 -47.93
CA VAL E 241 29.22 17.06 -48.01
C VAL E 241 28.19 17.60 -47.01
N GLY E 242 28.66 17.92 -45.80
CA GLY E 242 27.83 18.42 -44.72
C GLY E 242 27.21 19.77 -45.03
N GLY E 243 27.76 20.50 -45.99
CA GLY E 243 27.18 21.76 -46.40
C GLY E 243 28.06 22.96 -46.11
N ILE E 244 29.22 22.72 -45.50
CA ILE E 244 30.17 23.79 -45.21
C ILE E 244 30.99 23.95 -46.48
N ASP E 245 30.74 25.04 -47.19
CA ASP E 245 31.23 25.20 -48.57
C ASP E 245 32.74 25.49 -48.64
N ARG E 246 33.30 26.15 -47.62
CA ARG E 246 34.74 26.45 -47.62
C ARG E 246 35.40 26.14 -46.29
N VAL E 247 36.30 25.18 -46.30
CA VAL E 247 37.02 24.84 -45.07
C VAL E 247 38.53 24.86 -45.27
N TYR E 248 39.27 25.10 -44.18
CA TYR E 248 40.74 24.94 -44.19
C TYR E 248 41.28 24.50 -42.83
N GLU E 249 42.49 23.95 -42.86
CA GLU E 249 43.17 23.49 -41.65
C GLU E 249 44.68 23.61 -41.82
N ILE E 250 45.29 24.41 -40.94
CA ILE E 250 46.76 24.50 -40.92
C ILE E 250 47.17 23.72 -39.68
N GLY E 251 47.62 22.49 -39.92
CA GLY E 251 47.93 21.57 -38.86
C GLY E 251 49.08 20.59 -39.13
N ARG E 252 49.39 19.81 -38.11
CA ARG E 252 50.49 18.86 -38.18
C ARG E 252 50.10 17.56 -38.90
N GLN E 253 51.11 16.93 -39.45
CA GLN E 253 50.98 15.70 -40.22
C GLN E 253 52.17 14.83 -39.91
N PHE E 254 51.99 13.52 -40.07
CA PHE E 254 52.99 12.56 -39.59
C PHE E 254 53.40 11.51 -40.62
N ARG E 255 54.70 11.23 -40.70
CA ARG E 255 55.20 10.18 -41.58
C ARG E 255 56.31 9.38 -40.90
N ASN E 256 56.10 8.07 -40.80
CA ASN E 256 57.14 7.16 -40.33
C ASN E 256 58.10 6.86 -41.48
N GLU E 257 59.21 7.60 -41.52
CA GLU E 257 60.05 7.68 -42.71
C GLU E 257 61.49 8.04 -42.36
N GLY E 258 62.19 8.56 -43.35
CA GLY E 258 63.52 9.09 -43.17
C GLY E 258 63.62 10.48 -42.61
N ILE E 259 64.74 10.74 -41.94
CA ILE E 259 65.08 12.06 -41.45
C ILE E 259 66.19 12.58 -42.33
N ASP E 260 66.02 13.77 -42.86
CA ASP E 260 66.90 14.22 -43.92
C ASP E 260 66.84 15.74 -44.11
N LEU E 261 67.48 16.25 -45.14
CA LEU E 261 67.53 17.69 -45.36
C LEU E 261 66.16 18.28 -45.57
N THR E 262 65.28 17.57 -46.24
CA THR E 262 63.90 18.02 -46.33
C THR E 262 62.82 17.20 -45.64
N HIS E 263 63.15 16.24 -44.78
CA HIS E 263 62.10 15.46 -44.14
C HIS E 263 62.15 15.35 -42.65
N ASN E 264 61.03 15.66 -42.01
CA ASN E 264 60.80 15.48 -40.59
C ASN E 264 59.58 14.58 -40.41
N PRO E 265 59.59 13.74 -39.35
CA PRO E 265 58.49 12.80 -39.07
C PRO E 265 57.16 13.51 -38.79
N GLU E 266 57.24 14.75 -38.34
CA GLU E 266 56.08 15.59 -38.20
C GLU E 266 56.34 16.93 -38.89
N PHE E 267 55.35 17.43 -39.62
CA PHE E 267 55.51 18.65 -40.41
C PHE E 267 54.15 19.36 -40.60
N THR E 268 54.15 20.57 -41.11
CA THR E 268 52.90 21.32 -41.12
C THR E 268 52.35 21.55 -42.51
N THR E 269 51.08 21.21 -42.71
CA THR E 269 50.43 21.57 -43.97
C THR E 269 49.21 22.46 -43.79
N CYS E 270 48.88 23.18 -44.85
CA CYS E 270 47.60 23.84 -44.92
C CYS E 270 46.81 23.10 -45.98
N GLU E 271 45.62 22.65 -45.63
CA GLU E 271 44.71 22.10 -46.64
C GLU E 271 43.41 22.88 -46.65
N PHE E 272 42.97 23.29 -47.84
CA PHE E 272 41.65 23.92 -47.99
C PHE E 272 40.80 23.27 -49.08
N TYR E 273 39.49 23.24 -48.83
CA TYR E 273 38.50 22.72 -49.78
C TYR E 273 37.44 23.78 -50.06
N MET E 274 37.12 23.88 -51.35
CA MET E 274 36.26 24.93 -51.89
C MET E 274 35.18 24.39 -52.84
N ALA E 275 33.93 24.57 -52.45
CA ALA E 275 32.81 24.05 -53.22
C ALA E 275 32.51 24.98 -54.42
N TYR E 276 32.14 24.34 -55.53
CA TYR E 276 31.82 25.01 -56.78
C TYR E 276 33.04 25.62 -57.49
N ALA E 277 34.23 25.22 -57.03
CA ALA E 277 35.49 25.58 -57.66
C ALA E 277 36.10 24.36 -58.42
N ASP E 278 36.90 24.65 -59.44
CA ASP E 278 37.73 23.62 -60.09
C ASP E 278 39.21 24.03 -59.99
N TYR E 279 40.11 23.19 -60.49
CA TYR E 279 41.53 23.48 -60.36
C TYR E 279 42.02 24.73 -61.13
N HIS E 280 41.22 25.22 -62.08
CA HIS E 280 41.58 26.50 -62.73
C HIS E 280 41.46 27.62 -61.70
N ASP E 281 40.30 27.65 -61.05
CA ASP E 281 40.03 28.58 -59.95
C ASP E 281 41.13 28.50 -58.89
N LEU E 282 41.49 27.28 -58.54
CA LEU E 282 42.54 27.05 -57.56
C LEU E 282 43.91 27.53 -58.05
N MET E 283 44.12 27.50 -59.36
CA MET E 283 45.35 28.05 -59.93
C MET E 283 45.41 29.56 -59.75
N GLU E 284 44.31 30.26 -60.08
CA GLU E 284 44.26 31.71 -59.85
C GLU E 284 44.48 32.06 -58.37
N ILE E 285 43.73 31.37 -57.50
CA ILE E 285 43.86 31.56 -56.06
C ILE E 285 45.30 31.33 -55.56
N THR E 286 45.90 30.22 -55.97
CA THR E 286 47.30 29.95 -55.65
C THR E 286 48.27 31.06 -56.10
N GLU E 287 48.18 31.47 -57.37
CA GLU E 287 49.00 32.59 -57.84
C GLU E 287 48.87 33.79 -56.90
N LYS E 288 47.63 34.18 -56.60
CA LYS E 288 47.38 35.39 -55.80
C LYS E 288 47.95 35.24 -54.38
N MET E 289 47.73 34.06 -53.81
CA MET E 289 48.12 33.79 -52.44
C MET E 289 49.63 33.73 -52.29
N VAL E 290 50.30 32.94 -53.11
CA VAL E 290 51.74 32.80 -53.01
C VAL E 290 52.45 34.11 -53.39
N SER E 291 52.15 34.65 -54.58
CA SER E 291 52.76 35.91 -54.99
C SER E 291 52.59 36.97 -53.91
N GLY E 292 51.34 37.18 -53.48
CA GLY E 292 51.04 38.15 -52.45
C GLY E 292 51.77 37.90 -51.13
N MET E 293 51.80 36.64 -50.72
CA MET E 293 52.50 36.25 -49.51
C MET E 293 53.95 36.68 -49.60
N VAL E 294 54.64 36.24 -50.66
CA VAL E 294 56.03 36.58 -50.85
C VAL E 294 56.26 38.10 -50.86
N LYS E 295 55.43 38.84 -51.60
CA LYS E 295 55.57 40.30 -51.66
C LYS E 295 55.38 40.94 -50.29
N HIS E 296 54.50 40.37 -49.51
CA HIS E 296 54.20 40.92 -48.22
C HIS E 296 55.30 40.69 -47.25
N ILE E 297 55.74 39.46 -47.17
CA ILE E 297 56.80 39.10 -46.24
C ILE E 297 58.14 39.73 -46.59
N THR E 298 58.56 39.62 -47.85
CA THR E 298 59.90 40.04 -48.23
C THR E 298 60.03 41.44 -48.82
N GLY E 299 58.92 41.97 -49.30
CA GLY E 299 58.90 43.30 -49.91
C GLY E 299 58.81 43.23 -51.43
N SER E 300 59.18 42.08 -51.97
CA SER E 300 59.32 41.97 -53.41
C SER E 300 58.79 40.65 -53.92
N TYR E 301 58.53 40.60 -55.22
CA TYR E 301 58.20 39.34 -55.87
C TYR E 301 59.47 38.54 -56.12
N LYS E 302 60.60 39.24 -55.99
CA LYS E 302 61.88 38.63 -56.30
C LYS E 302 62.59 38.14 -55.05
N VAL E 303 63.06 36.90 -55.12
CA VAL E 303 63.67 36.21 -53.99
C VAL E 303 64.90 35.44 -54.47
N THR E 304 66.03 35.64 -53.80
CA THR E 304 67.24 34.87 -54.11
C THR E 304 67.33 33.66 -53.17
N TYR E 305 67.72 32.51 -53.71
CA TYR E 305 67.80 31.28 -52.93
C TYR E 305 69.10 30.49 -53.17
N HIS E 306 69.66 29.92 -52.11
CA HIS E 306 70.91 29.16 -52.18
C HIS E 306 70.69 27.69 -51.77
N PRO E 307 70.39 26.82 -52.75
CA PRO E 307 69.97 25.42 -52.49
C PRO E 307 71.08 24.55 -51.93
N ASP E 308 72.32 24.97 -52.20
CA ASP E 308 73.47 24.39 -51.53
C ASP E 308 74.40 25.51 -51.09
N GLY E 309 74.40 25.76 -49.78
CA GLY E 309 75.32 26.69 -49.15
C GLY E 309 75.20 28.14 -49.55
N PRO E 310 75.67 29.04 -48.68
CA PRO E 310 75.75 30.48 -48.94
C PRO E 310 76.93 30.80 -49.86
N GLU E 311 77.84 29.83 -49.98
CA GLU E 311 78.97 29.96 -50.91
C GLU E 311 78.80 29.03 -52.12
N GLY E 312 77.53 28.83 -52.53
CA GLY E 312 77.20 27.98 -53.66
C GLY E 312 76.39 28.71 -54.72
N GLN E 313 75.82 27.96 -55.68
CA GLN E 313 75.00 28.58 -56.75
C GLN E 313 73.76 29.29 -56.19
N ALA E 314 73.58 30.55 -56.56
CA ALA E 314 72.41 31.33 -56.15
C ALA E 314 71.37 31.36 -57.28
N TYR E 315 70.11 31.08 -56.94
CA TYR E 315 69.03 31.12 -57.91
C TYR E 315 68.16 32.36 -57.67
N ASP E 316 67.85 33.08 -58.75
CA ASP E 316 67.02 34.28 -58.62
C ASP E 316 65.60 33.96 -59.11
N VAL E 317 64.65 34.01 -58.18
CA VAL E 317 63.28 33.55 -58.41
C VAL E 317 62.26 34.71 -58.48
N ASP E 318 61.41 34.64 -59.51
CA ASP E 318 60.44 35.69 -59.81
C ASP E 318 59.04 35.16 -59.54
N PHE E 319 58.43 35.60 -58.44
CA PHE E 319 57.08 35.16 -58.08
C PHE E 319 55.98 36.01 -58.73
N THR E 320 56.37 36.90 -59.62
CA THR E 320 55.42 37.69 -60.38
C THR E 320 54.48 36.78 -61.14
N PRO E 321 53.18 36.90 -60.88
CA PRO E 321 52.20 36.08 -61.61
C PRO E 321 51.94 36.74 -62.96
N PRO E 322 51.47 35.95 -63.96
CA PRO E 322 51.09 34.54 -63.82
C PRO E 322 52.29 33.56 -63.84
N PHE E 323 52.13 32.46 -63.13
CA PHE E 323 53.16 31.42 -63.06
C PHE E 323 53.14 30.56 -64.33
N ARG E 324 54.32 30.10 -64.76
CA ARG E 324 54.42 29.18 -65.90
C ARG E 324 53.58 27.93 -65.66
N ARG E 325 53.00 27.42 -66.74
CA ARG E 325 52.22 26.20 -66.69
C ARG E 325 52.81 25.19 -67.67
N ILE E 326 53.01 23.95 -67.22
CA ILE E 326 53.37 22.87 -68.13
C ILE E 326 52.46 21.67 -67.92
N ASN E 327 52.14 20.98 -69.00
CA ASN E 327 51.33 19.75 -68.92
C ASN E 327 52.26 18.55 -68.86
N MET E 328 52.03 17.67 -67.88
CA MET E 328 52.95 16.59 -67.56
C MET E 328 53.35 15.73 -68.75
N VAL E 329 52.36 15.02 -69.31
CA VAL E 329 52.65 14.08 -70.39
C VAL E 329 53.25 14.76 -71.62
N GLU E 330 52.68 15.90 -72.02
CA GLU E 330 53.19 16.64 -73.17
C GLU E 330 54.66 17.07 -73.02
N GLU E 331 55.01 17.65 -71.88
CA GLU E 331 56.35 18.19 -71.68
C GLU E 331 57.35 17.08 -71.39
N LEU E 332 56.82 15.94 -70.95
CA LEU E 332 57.63 14.74 -70.81
C LEU E 332 58.00 14.20 -72.18
N GLU E 333 57.01 14.18 -73.07
CA GLU E 333 57.24 13.84 -74.47
C GLU E 333 58.27 14.79 -75.11
N LYS E 334 58.19 16.08 -74.78
CA LYS E 334 59.17 17.03 -75.28
C LYS E 334 60.56 16.70 -74.72
N ALA E 335 60.63 16.42 -73.43
CA ALA E 335 61.91 16.25 -72.75
C ALA E 335 62.54 14.89 -73.06
N LEU E 336 61.73 13.96 -73.53
CA LEU E 336 62.20 12.61 -73.84
C LEU E 336 62.49 12.47 -75.31
N GLY E 337 62.22 13.53 -76.07
CA GLY E 337 62.43 13.51 -77.51
C GLY E 337 61.62 12.44 -78.24
N MET E 338 60.63 11.87 -77.55
CA MET E 338 59.83 10.80 -78.11
C MET E 338 58.36 10.94 -77.75
N LYS E 339 57.52 10.14 -78.41
CA LYS E 339 56.10 10.10 -78.12
C LYS E 339 55.82 9.02 -77.05
N LEU E 340 54.94 9.34 -76.12
CA LEU E 340 54.54 8.41 -75.07
C LEU E 340 53.21 7.78 -75.49
N PRO E 341 52.82 6.67 -74.83
CA PRO E 341 51.54 6.02 -75.14
C PRO E 341 50.35 6.99 -75.01
N GLU E 342 49.29 6.75 -75.79
CA GLU E 342 48.06 7.54 -75.67
C GLU E 342 47.55 7.43 -74.23
N THR E 343 47.01 8.53 -73.70
CA THR E 343 46.74 8.66 -72.27
C THR E 343 45.68 7.69 -71.71
N ASN E 344 44.82 7.17 -72.58
CA ASN E 344 43.84 6.16 -72.17
C ASN E 344 44.41 4.74 -72.13
N LEU E 345 45.73 4.62 -72.13
CA LEU E 345 46.38 3.31 -72.19
C LEU E 345 47.27 3.12 -70.97
N PHE E 346 47.16 4.05 -70.02
CA PHE E 346 48.10 4.13 -68.91
C PHE E 346 47.95 3.06 -67.81
N GLU E 347 46.84 2.32 -67.86
CA GLU E 347 46.62 1.24 -66.90
C GLU E 347 47.06 -0.14 -67.42
N THR E 348 47.68 -0.19 -68.61
CA THR E 348 48.14 -1.45 -69.19
C THR E 348 49.58 -1.76 -68.80
N GLU E 349 49.91 -3.05 -68.75
CA GLU E 349 51.27 -3.49 -68.44
C GLU E 349 52.18 -3.30 -69.66
N GLU E 350 51.55 -3.09 -70.82
CA GLU E 350 52.26 -2.65 -72.01
C GLU E 350 52.95 -1.32 -71.73
N THR E 351 52.16 -0.37 -71.24
CA THR E 351 52.66 0.96 -70.89
C THR E 351 53.68 0.89 -69.76
N ARG E 352 53.41 0.08 -68.74
CA ARG E 352 54.35 -0.12 -67.65
C ARG E 352 55.71 -0.59 -68.19
N LYS E 353 55.69 -1.57 -69.08
CA LYS E 353 56.90 -2.10 -69.72
C LYS E 353 57.62 -1.02 -70.55
N ILE E 354 56.85 -0.25 -71.32
CA ILE E 354 57.41 0.86 -72.10
C ILE E 354 58.13 1.88 -71.22
N LEU E 355 57.49 2.24 -70.12
CA LEU E 355 58.04 3.23 -69.20
C LEU E 355 59.24 2.68 -68.46
N ASP E 356 59.26 1.38 -68.21
CA ASP E 356 60.40 0.72 -67.58
C ASP E 356 61.61 0.79 -68.52
N ASP E 357 61.36 0.47 -69.79
CA ASP E 357 62.41 0.51 -70.80
C ASP E 357 62.97 1.92 -71.00
N ILE E 358 62.08 2.91 -70.95
CA ILE E 358 62.50 4.29 -71.10
C ILE E 358 63.31 4.75 -69.89
N CYS E 359 62.92 4.28 -68.70
CA CYS E 359 63.63 4.61 -67.47
C CYS E 359 65.04 4.04 -67.47
N VAL E 360 65.16 2.81 -67.94
CA VAL E 360 66.45 2.17 -68.09
C VAL E 360 67.32 2.90 -69.14
N ALA E 361 66.76 3.06 -70.34
CA ALA E 361 67.40 3.76 -71.44
C ALA E 361 67.95 5.17 -71.14
N LYS E 362 67.35 5.88 -70.17
CA LYS E 362 67.81 7.22 -69.83
C LYS E 362 68.41 7.26 -68.44
N ALA E 363 68.74 6.09 -67.91
CA ALA E 363 69.46 5.94 -66.64
C ALA E 363 68.73 6.55 -65.44
N VAL E 364 67.45 6.20 -65.28
CA VAL E 364 66.65 6.67 -64.17
C VAL E 364 66.36 5.54 -63.19
N GLU E 365 66.83 5.69 -61.95
CA GLU E 365 66.73 4.62 -60.96
C GLU E 365 65.32 4.59 -60.40
N CYS E 366 64.66 3.46 -60.56
CA CYS E 366 63.41 3.25 -59.87
C CYS E 366 63.51 2.00 -59.00
N PRO E 367 63.69 2.20 -57.68
CA PRO E 367 63.61 1.11 -56.71
C PRO E 367 62.27 0.39 -56.84
N PRO E 368 62.24 -0.90 -56.48
CA PRO E 368 61.00 -1.66 -56.52
C PRO E 368 59.99 -1.14 -55.49
N PRO E 369 58.66 -1.32 -55.74
CA PRO E 369 58.14 -1.92 -56.98
C PRO E 369 58.06 -0.93 -58.12
N ARG E 370 58.50 -1.33 -59.31
CA ARG E 370 58.49 -0.45 -60.48
C ARG E 370 57.12 -0.37 -61.15
N THR E 371 56.14 0.15 -60.42
CA THR E 371 54.79 0.39 -60.96
C THR E 371 54.80 1.53 -61.97
N THR E 372 53.73 1.62 -62.76
CA THR E 372 53.62 2.67 -63.77
C THR E 372 53.71 4.04 -63.13
N ALA E 373 53.07 4.19 -61.97
CA ALA E 373 53.05 5.46 -61.28
C ALA E 373 54.43 5.85 -60.75
N ARG E 374 55.11 4.91 -60.10
CA ARG E 374 56.44 5.20 -59.56
C ARG E 374 57.44 5.51 -60.68
N LEU E 375 57.37 4.77 -61.78
CA LEU E 375 58.20 5.03 -62.96
C LEU E 375 57.94 6.42 -63.53
N LEU E 376 56.66 6.73 -63.70
CA LEU E 376 56.24 8.03 -64.17
C LEU E 376 56.74 9.18 -63.30
N ASP E 377 56.65 8.99 -61.99
CA ASP E 377 57.08 9.96 -60.99
C ASP E 377 58.58 10.17 -61.08
N LYS E 378 59.30 9.08 -61.27
CA LYS E 378 60.76 9.17 -61.35
C LYS E 378 61.18 9.94 -62.60
N LEU E 379 60.49 9.69 -63.70
CA LEU E 379 60.73 10.39 -64.96
C LEU E 379 60.39 11.88 -64.88
N VAL E 380 59.27 12.19 -64.21
CA VAL E 380 58.88 13.57 -63.99
C VAL E 380 59.93 14.27 -63.14
N GLY E 381 60.38 13.58 -62.08
CA GLY E 381 61.41 14.08 -61.21
C GLY E 381 62.69 14.42 -61.95
N GLU E 382 63.09 13.52 -62.84
CA GLU E 382 64.33 13.68 -63.60
C GLU E 382 64.24 14.79 -64.62
N PHE E 383 63.22 14.73 -65.47
CA PHE E 383 63.16 15.60 -66.64
C PHE E 383 62.36 16.90 -66.48
N LEU E 384 61.36 16.89 -65.61
CA LEU E 384 60.46 18.02 -65.53
C LEU E 384 60.70 18.93 -64.31
N GLU E 385 60.69 18.34 -63.12
CA GLU E 385 60.84 19.11 -61.89
C GLU E 385 62.08 20.00 -61.82
N VAL E 386 63.16 19.57 -62.46
CA VAL E 386 64.42 20.34 -62.42
C VAL E 386 64.36 21.65 -63.22
N THR E 387 63.36 21.77 -64.10
CA THR E 387 63.16 22.99 -64.90
C THR E 387 62.33 24.01 -64.15
N CYS E 388 61.86 23.62 -62.98
CA CYS E 388 60.95 24.44 -62.19
C CYS E 388 61.68 25.23 -61.09
N ILE E 389 62.34 26.31 -61.49
CA ILE E 389 63.03 27.21 -60.57
C ILE E 389 62.05 28.30 -60.08
N ASN E 390 61.60 29.16 -61.00
CA ASN E 390 60.44 30.02 -60.78
C ASN E 390 59.21 29.18 -60.48
N PRO E 391 58.24 29.73 -59.72
CA PRO E 391 57.02 28.96 -59.43
C PRO E 391 56.36 28.46 -60.72
N THR E 392 56.19 27.13 -60.82
CA THR E 392 55.66 26.49 -62.01
C THR E 392 54.59 25.46 -61.68
N PHE E 393 53.44 25.56 -62.33
CA PHE E 393 52.37 24.57 -62.21
C PHE E 393 52.64 23.38 -63.14
N ILE E 394 52.74 22.20 -62.57
CA ILE E 394 52.78 20.98 -63.37
C ILE E 394 51.37 20.41 -63.34
N CYS E 395 50.72 20.32 -64.50
CA CYS E 395 49.30 19.98 -64.55
C CYS E 395 48.94 18.70 -65.27
N ASP E 396 47.69 18.30 -65.08
CA ASP E 396 47.06 17.16 -65.78
C ASP E 396 47.75 15.81 -65.60
N HIS E 397 47.91 15.43 -64.33
CA HIS E 397 48.48 14.15 -63.94
C HIS E 397 47.62 12.99 -64.43
N PRO E 398 48.25 11.85 -64.74
CA PRO E 398 47.51 10.62 -65.03
C PRO E 398 46.77 10.14 -63.78
N GLN E 399 45.63 9.50 -63.98
CA GLN E 399 44.83 8.99 -62.87
C GLN E 399 45.56 7.96 -61.99
N ILE E 400 46.49 7.19 -62.57
CA ILE E 400 47.28 6.20 -61.81
C ILE E 400 48.12 6.84 -60.70
N MET E 401 48.42 8.13 -60.85
CA MET E 401 49.17 8.87 -59.81
C MET E 401 48.26 9.62 -58.84
N SER E 402 46.95 9.57 -59.09
CA SER E 402 46.01 10.52 -58.50
C SER E 402 44.66 9.88 -58.19
N PRO E 403 44.62 9.02 -57.17
CA PRO E 403 43.43 8.20 -56.85
C PRO E 403 42.26 8.98 -56.24
N LEU E 404 42.49 10.21 -55.82
CA LEU E 404 41.40 11.01 -55.28
C LEU E 404 41.08 12.20 -56.20
N ALA E 405 41.81 12.31 -57.31
CA ALA E 405 41.59 13.39 -58.29
C ALA E 405 40.53 13.02 -59.33
N LYS E 406 39.75 14.02 -59.75
CA LYS E 406 38.66 13.81 -60.70
C LYS E 406 39.23 13.76 -62.11
N TRP E 407 38.72 12.81 -62.89
CA TRP E 407 39.19 12.62 -64.24
C TRP E 407 39.10 13.91 -65.04
N HIS E 408 40.07 14.13 -65.92
CA HIS E 408 40.08 15.29 -66.80
C HIS E 408 38.82 15.22 -67.68
N ARG E 409 38.23 16.38 -67.97
CA ARG E 409 36.99 16.42 -68.75
C ARG E 409 37.15 16.38 -70.28
N SER E 410 38.40 16.44 -70.75
CA SER E 410 38.71 16.24 -72.16
C SER E 410 39.58 15.00 -72.30
N LYS E 411 40.75 15.08 -71.67
CA LYS E 411 41.80 14.09 -71.81
C LYS E 411 41.60 12.81 -70.96
N GLU E 412 41.14 11.73 -71.60
CA GLU E 412 40.86 10.48 -70.91
C GLU E 412 42.17 9.88 -70.39
N GLY E 413 42.16 9.40 -69.15
CA GLY E 413 43.35 8.87 -68.51
C GLY E 413 44.08 9.89 -67.62
N LEU E 414 43.77 11.18 -67.84
CA LEU E 414 44.34 12.24 -67.05
C LEU E 414 43.34 12.74 -65.97
N THR E 415 43.84 13.54 -65.03
CA THR E 415 43.03 14.12 -63.96
C THR E 415 43.18 15.65 -63.94
N GLU E 416 42.19 16.31 -63.35
CA GLU E 416 42.26 17.77 -63.22
C GLU E 416 43.09 18.18 -62.00
N ARG E 417 44.40 18.09 -62.15
CA ARG E 417 45.31 18.28 -61.03
C ARG E 417 46.52 19.17 -61.38
N PHE E 418 47.00 19.92 -60.39
CA PHE E 418 48.32 20.52 -60.50
C PHE E 418 49.17 20.35 -59.23
N GLU E 419 50.49 20.38 -59.40
CA GLU E 419 51.40 20.56 -58.31
C GLU E 419 52.12 21.86 -58.56
N LEU E 420 52.38 22.63 -57.52
CA LEU E 420 53.18 23.84 -57.67
C LEU E 420 54.63 23.54 -57.29
N PHE E 421 55.55 23.91 -58.19
CA PHE E 421 56.98 23.74 -57.93
C PHE E 421 57.73 25.07 -57.89
N VAL E 422 58.54 25.22 -56.85
CA VAL E 422 59.49 26.31 -56.70
C VAL E 422 60.83 25.69 -56.33
N MET E 423 61.90 26.13 -57.00
CA MET E 423 63.24 25.64 -56.74
C MET E 423 63.32 24.12 -56.79
N LYS E 424 62.73 23.54 -57.84
CA LYS E 424 62.74 22.09 -58.11
C LYS E 424 61.99 21.27 -57.06
N LYS E 425 61.33 21.95 -56.12
CA LYS E 425 60.62 21.27 -55.04
C LYS E 425 59.13 21.60 -55.04
N GLU E 426 58.31 20.59 -54.71
CA GLU E 426 56.85 20.77 -54.61
C GLU E 426 56.45 21.50 -53.32
N ILE E 427 55.68 22.57 -53.47
CA ILE E 427 55.12 23.25 -52.31
C ILE E 427 53.59 23.14 -52.24
N CYS E 428 52.96 22.99 -53.39
CA CYS E 428 51.51 22.79 -53.42
C CYS E 428 51.12 21.58 -54.23
N ASN E 429 50.03 20.96 -53.78
CA ASN E 429 49.36 19.92 -54.56
C ASN E 429 47.84 20.14 -54.49
N ALA E 430 47.19 20.25 -55.64
CA ALA E 430 45.76 20.58 -55.67
C ALA E 430 45.04 19.87 -56.81
N TYR E 431 43.76 19.57 -56.61
CA TYR E 431 42.96 19.03 -57.72
C TYR E 431 41.46 19.20 -57.61
N THR E 432 40.79 19.15 -58.76
CA THR E 432 39.35 19.06 -58.79
C THR E 432 38.99 17.71 -58.15
N GLU E 433 38.13 17.75 -57.13
CA GLU E 433 37.90 16.58 -56.31
C GLU E 433 36.99 15.57 -56.98
N LEU E 434 37.38 14.29 -56.91
CA LEU E 434 36.51 13.19 -57.33
C LEU E 434 35.28 13.11 -56.42
N ASN E 435 34.09 13.25 -57.00
CA ASN E 435 32.85 13.20 -56.21
C ASN E 435 31.92 12.04 -56.61
N ASP E 436 32.40 11.17 -57.50
CA ASP E 436 31.65 9.96 -57.92
C ASP E 436 32.00 8.77 -57.01
N PRO E 437 31.03 8.33 -56.18
CA PRO E 437 31.31 7.32 -55.15
C PRO E 437 31.75 5.99 -55.75
N MET E 438 31.16 5.65 -56.89
CA MET E 438 31.51 4.42 -57.61
C MET E 438 32.96 4.42 -58.11
N ARG E 439 33.34 5.46 -58.85
CA ARG E 439 34.72 5.59 -59.32
C ARG E 439 35.71 5.62 -58.18
N GLN E 440 35.33 6.30 -57.09
CA GLN E 440 36.22 6.40 -55.94
C GLN E 440 36.43 5.04 -55.29
N ARG E 441 35.33 4.28 -55.20
CA ARG E 441 35.40 2.93 -54.63
C ARG E 441 36.31 2.07 -55.48
N GLN E 442 36.15 2.18 -56.80
CA GLN E 442 36.94 1.42 -57.74
C GLN E 442 38.43 1.73 -57.60
N LEU E 443 38.75 3.01 -57.50
CA LEU E 443 40.15 3.42 -57.37
C LEU E 443 40.73 2.97 -56.03
N PHE E 444 39.90 2.97 -55.01
CA PHE E 444 40.32 2.49 -53.70
C PHE E 444 40.63 1.00 -53.78
N GLU E 445 39.81 0.28 -54.53
CA GLU E 445 40.01 -1.16 -54.76
C GLU E 445 41.30 -1.46 -55.54
N GLU E 446 41.58 -0.66 -56.56
CA GLU E 446 42.84 -0.75 -57.29
C GLU E 446 44.03 -0.45 -56.36
N GLN E 447 43.85 0.53 -55.47
CA GLN E 447 44.90 0.90 -54.51
C GLN E 447 45.15 -0.23 -53.50
N ALA E 448 44.08 -0.91 -53.12
CA ALA E 448 44.12 -2.02 -52.18
C ALA E 448 44.77 -3.27 -52.80
N LYS E 449 44.48 -3.50 -54.09
CA LYS E 449 45.20 -4.49 -54.88
C LYS E 449 46.70 -4.18 -54.89
N ALA E 450 47.05 -2.93 -55.19
CA ALA E 450 48.47 -2.54 -55.20
C ALA E 450 49.13 -2.51 -53.81
N LYS E 451 48.31 -2.58 -52.75
CA LYS E 451 48.84 -2.63 -51.39
C LYS E 451 48.97 -4.07 -50.91
N ALA E 452 48.20 -4.98 -51.51
CA ALA E 452 48.34 -6.41 -51.25
C ALA E 452 49.55 -6.99 -51.96
N ALA E 453 49.81 -6.51 -53.18
CA ALA E 453 51.02 -6.87 -53.92
C ALA E 453 52.20 -5.93 -53.59
N GLY E 454 52.19 -5.35 -52.40
CA GLY E 454 53.36 -4.70 -51.85
C GLY E 454 53.82 -3.31 -52.30
N ASP E 455 52.90 -2.39 -52.54
CA ASP E 455 53.25 -0.97 -52.46
C ASP E 455 52.87 -0.56 -51.04
N ASP E 456 53.83 -0.02 -50.29
CA ASP E 456 53.70 0.12 -48.85
C ASP E 456 53.02 1.43 -48.43
N GLU E 457 53.03 2.41 -49.32
CA GLU E 457 52.43 3.71 -49.05
C GLU E 457 51.04 3.82 -49.68
N ALA E 458 50.69 2.83 -50.51
CA ALA E 458 49.40 2.79 -51.24
C ALA E 458 48.18 2.76 -50.31
N MET E 459 47.08 3.35 -50.80
CA MET E 459 45.91 3.65 -49.98
C MET E 459 45.03 2.48 -49.56
N PHE E 460 44.28 2.71 -48.49
CA PHE E 460 43.32 1.73 -47.98
C PHE E 460 41.92 2.07 -48.47
N ILE E 461 40.92 1.44 -47.89
CA ILE E 461 39.55 1.68 -48.30
C ILE E 461 38.74 2.31 -47.17
N ASP E 462 38.54 3.62 -47.25
CA ASP E 462 37.62 4.29 -46.34
C ASP E 462 36.22 4.08 -46.89
N GLU E 463 35.45 3.20 -46.26
CA GLU E 463 34.12 2.93 -46.76
C GLU E 463 33.19 4.05 -46.33
N ASN E 464 33.49 4.65 -45.17
CA ASN E 464 32.74 5.79 -44.63
C ASN E 464 32.85 7.02 -45.52
N PHE E 465 34.06 7.27 -46.01
CA PHE E 465 34.26 8.33 -46.98
C PHE E 465 33.42 8.08 -48.23
N CYS E 466 33.46 6.84 -48.72
CA CYS E 466 32.68 6.42 -49.90
C CYS E 466 31.17 6.63 -49.70
N THR E 467 30.68 6.27 -48.52
CA THR E 467 29.29 6.51 -48.14
C THR E 467 28.97 8.00 -48.18
N ALA E 468 29.86 8.80 -47.59
CA ALA E 468 29.68 10.24 -47.61
C ALA E 468 29.47 10.71 -49.06
N LEU E 469 30.39 10.31 -49.94
CA LEU E 469 30.25 10.61 -51.38
C LEU E 469 28.87 10.19 -51.93
N GLU E 470 28.33 9.07 -51.44
CA GLU E 470 26.99 8.61 -51.85
C GLU E 470 25.87 9.56 -51.36
N TYR E 471 26.12 10.32 -50.30
CA TYR E 471 25.12 11.32 -49.89
C TYR E 471 25.27 12.60 -50.72
N GLY E 472 26.36 12.67 -51.48
CA GLY E 472 26.48 13.74 -52.46
C GLY E 472 27.47 14.83 -52.13
N LEU E 473 28.65 14.75 -52.73
CA LEU E 473 29.62 15.82 -52.60
C LEU E 473 29.47 16.74 -53.82
N PRO E 474 29.21 18.02 -53.57
CA PRO E 474 29.12 19.01 -54.65
C PRO E 474 30.46 19.14 -55.40
N PRO E 475 30.39 19.59 -56.67
CA PRO E 475 31.61 19.87 -57.44
C PRO E 475 32.53 20.70 -56.53
N THR E 476 33.72 20.19 -56.25
CA THR E 476 34.61 20.82 -55.29
C THR E 476 36.05 20.71 -55.76
N ALA E 477 36.88 21.69 -55.42
CA ALA E 477 38.32 21.62 -55.68
C ALA E 477 39.09 21.78 -54.36
N GLY E 478 40.16 21.02 -54.21
CA GLY E 478 40.95 21.04 -52.98
C GLY E 478 42.44 21.29 -53.19
N TRP E 479 43.12 21.57 -52.08
CA TRP E 479 44.45 22.16 -52.16
C TRP E 479 45.24 21.93 -50.89
N GLY E 480 46.53 21.70 -51.07
CA GLY E 480 47.43 21.45 -49.96
C GLY E 480 48.78 22.11 -50.16
N MET E 481 49.39 22.53 -49.05
CA MET E 481 50.65 23.26 -49.07
C MET E 481 51.55 22.88 -47.91
N GLY E 482 52.82 22.64 -48.25
CA GLY E 482 53.83 22.30 -47.26
C GLY E 482 54.45 23.56 -46.69
N ILE E 483 53.86 24.04 -45.59
CA ILE E 483 54.29 25.27 -44.95
C ILE E 483 55.81 25.27 -44.71
N ASP E 484 56.34 24.12 -44.30
CA ASP E 484 57.75 24.05 -43.93
C ASP E 484 58.68 24.38 -45.09
N ARG E 485 58.29 23.98 -46.29
CA ARG E 485 59.10 24.27 -47.48
C ARG E 485 59.00 25.74 -47.88
N VAL E 486 57.81 26.30 -47.81
CA VAL E 486 57.63 27.71 -48.09
C VAL E 486 58.49 28.51 -47.12
N ALA E 487 58.54 28.03 -45.87
CA ALA E 487 59.36 28.65 -44.83
C ALA E 487 60.84 28.56 -45.18
N MET E 488 61.28 27.38 -45.62
CA MET E 488 62.66 27.25 -46.11
C MET E 488 62.97 28.26 -47.22
N PHE E 489 62.09 28.31 -48.22
CA PHE E 489 62.32 29.14 -49.41
C PHE E 489 62.27 30.64 -49.11
N LEU E 490 61.57 31.03 -48.06
CA LEU E 490 61.48 32.46 -47.75
C LEU E 490 62.45 32.89 -46.64
N THR E 491 63.24 31.93 -46.14
CA THR E 491 64.29 32.23 -45.17
C THR E 491 65.64 31.78 -45.69
N ASP E 492 65.68 31.46 -46.99
CA ASP E 492 66.90 30.97 -47.62
C ASP E 492 67.54 29.83 -46.81
N SER E 493 66.72 28.84 -46.47
CA SER E 493 67.21 27.68 -45.75
C SER E 493 67.10 26.46 -46.65
N ASN E 494 68.19 25.70 -46.73
CA ASN E 494 68.23 24.48 -47.54
C ASN E 494 68.09 23.23 -46.67
N ASN E 495 67.91 23.48 -45.39
CA ASN E 495 67.70 22.43 -44.41
C ASN E 495 66.37 22.68 -43.72
N ILE E 496 65.59 21.63 -43.51
CA ILE E 496 64.28 21.76 -42.87
C ILE E 496 64.42 22.00 -41.37
N LYS E 497 65.57 21.63 -40.82
CA LYS E 497 65.84 21.84 -39.40
C LYS E 497 65.89 23.33 -39.07
N GLU E 498 66.26 24.14 -40.06
CA GLU E 498 66.34 25.59 -39.90
C GLU E 498 65.00 26.25 -39.63
N VAL E 499 63.90 25.60 -40.03
CA VAL E 499 62.55 26.18 -39.89
C VAL E 499 61.63 25.39 -38.94
N LEU E 500 62.19 24.41 -38.24
CA LEU E 500 61.50 23.71 -37.15
C LEU E 500 62.23 24.06 -35.86
N LEU E 501 61.52 24.59 -34.86
CA LEU E 501 62.19 25.04 -33.65
C LEU E 501 62.95 23.91 -32.99
N PHE E 502 62.27 22.78 -32.82
CA PHE E 502 62.89 21.61 -32.21
C PHE E 502 62.80 20.42 -33.15
N PRO E 503 63.70 20.37 -34.14
CA PRO E 503 63.69 19.32 -35.17
C PRO E 503 64.08 17.97 -34.59
N ALA E 504 63.57 16.90 -35.18
CA ALA E 504 63.85 15.53 -34.74
C ALA E 504 65.33 15.21 -35.00
N MET E 505 66.01 14.79 -33.94
CA MET E 505 67.42 14.45 -34.03
C MET E 505 67.67 12.97 -33.72
N LYS E 506 68.73 12.42 -34.32
CA LYS E 506 69.01 10.96 -34.31
C LYS E 506 70.04 10.57 -33.26
N PRO E 507 69.60 10.44 -31.99
CA PRO E 507 70.43 10.74 -30.81
C PRO E 507 71.79 10.01 -30.74
N VAL F 3 8.74 3.70 -47.95
CA VAL F 3 9.83 3.22 -48.83
C VAL F 3 11.08 2.81 -48.02
N ASP F 4 11.76 1.75 -48.47
CA ASP F 4 12.92 1.18 -47.78
C ASP F 4 14.25 1.75 -48.27
N PRO F 5 15.05 2.33 -47.37
CA PRO F 5 16.26 3.09 -47.68
C PRO F 5 17.31 2.33 -48.51
N ASN F 6 17.37 1.01 -48.31
CA ASN F 6 18.28 0.17 -49.07
C ASN F 6 17.78 -0.02 -50.50
N GLN F 7 16.47 -0.23 -50.60
CA GLN F 7 15.81 -0.31 -51.89
C GLN F 7 16.03 0.99 -52.64
N TYR F 8 15.72 2.09 -51.96
CA TYR F 8 15.94 3.43 -52.49
C TYR F 8 17.36 3.58 -53.02
N TYR F 9 18.33 3.15 -52.21
CA TYR F 9 19.72 3.26 -52.62
C TYR F 9 20.00 2.45 -53.88
N LYS F 10 19.51 1.21 -53.92
CA LYS F 10 19.74 0.34 -55.09
C LYS F 10 19.18 0.97 -56.37
N ILE F 11 17.90 1.35 -56.29
CA ILE F 11 17.21 2.00 -57.39
C ILE F 11 17.90 3.28 -57.87
N ARG F 12 18.25 4.16 -56.93
CA ARG F 12 18.89 5.44 -57.21
C ARG F 12 20.26 5.27 -57.83
N SER F 13 21.03 4.32 -57.28
CA SER F 13 22.35 3.98 -57.81
C SER F 13 22.22 3.54 -59.26
N GLN F 14 21.20 2.72 -59.52
CA GLN F 14 20.89 2.30 -60.87
C GLN F 14 20.55 3.50 -61.79
N ALA F 15 19.67 4.36 -61.31
CA ALA F 15 19.24 5.53 -62.07
C ALA F 15 20.42 6.43 -62.45
N ILE F 16 21.32 6.65 -61.50
CA ILE F 16 22.47 7.50 -61.74
C ILE F 16 23.40 6.82 -62.70
N HIS F 17 23.60 5.52 -62.51
CA HIS F 17 24.41 4.74 -63.44
C HIS F 17 23.91 4.90 -64.89
N GLN F 18 22.60 4.75 -65.05
CA GLN F 18 21.92 5.00 -66.32
C GLN F 18 22.26 6.38 -66.86
N LEU F 19 22.12 7.41 -66.02
CA LEU F 19 22.52 8.76 -66.40
C LEU F 19 23.95 8.82 -66.93
N LYS F 20 24.85 8.07 -66.28
CA LYS F 20 26.25 8.02 -66.69
C LYS F 20 26.40 7.40 -68.09
N VAL F 21 25.74 6.26 -68.33
CA VAL F 21 25.87 5.57 -69.61
C VAL F 21 25.20 6.30 -70.77
N ASN F 22 24.25 7.19 -70.46
CA ASN F 22 23.63 8.04 -71.48
C ASN F 22 24.38 9.32 -71.79
N GLY F 23 25.56 9.49 -71.21
CA GLY F 23 26.32 10.72 -71.34
C GLY F 23 25.56 11.92 -70.82
N GLU F 24 24.70 11.69 -69.83
CA GLU F 24 23.91 12.75 -69.22
C GLU F 24 24.59 13.40 -68.00
N ASP F 25 25.79 12.91 -67.65
CA ASP F 25 26.76 13.66 -66.83
C ASP F 25 26.23 14.04 -65.45
N PRO F 26 25.96 13.04 -64.60
CA PRO F 26 25.37 13.34 -63.28
C PRO F 26 26.39 13.98 -62.30
N TYR F 27 27.68 13.88 -62.60
CA TYR F 27 28.69 14.57 -61.79
C TYR F 27 29.52 15.56 -62.62
N PRO F 28 28.89 16.65 -63.07
CA PRO F 28 29.60 17.72 -63.80
C PRO F 28 30.84 18.23 -63.06
N HIS F 29 31.79 18.78 -63.82
CA HIS F 29 33.06 19.30 -63.29
C HIS F 29 32.95 20.71 -62.69
N LYS F 30 32.28 21.60 -63.42
CA LYS F 30 32.22 22.98 -63.01
C LYS F 30 30.84 23.59 -63.23
N PHE F 31 30.28 24.17 -62.17
CA PHE F 31 29.09 25.01 -62.32
C PHE F 31 29.51 26.36 -61.79
N HIS F 32 29.30 27.41 -62.58
CA HIS F 32 29.70 28.77 -62.18
C HIS F 32 28.63 29.48 -61.33
N VAL F 33 28.84 29.50 -60.02
CA VAL F 33 27.92 30.20 -59.13
C VAL F 33 28.15 31.69 -59.22
N ASP F 34 27.08 32.45 -59.42
CA ASP F 34 27.18 33.92 -59.56
C ASP F 34 27.16 34.62 -58.22
N ILE F 35 26.44 34.02 -57.26
CA ILE F 35 26.08 34.71 -56.02
C ILE F 35 25.68 33.71 -54.93
N SER F 36 26.04 34.02 -53.69
CA SER F 36 25.65 33.17 -52.57
C SER F 36 24.13 33.24 -52.33
N LEU F 37 23.56 32.20 -51.74
CA LEU F 37 22.14 32.23 -51.38
C LEU F 37 21.88 33.38 -50.44
N THR F 38 22.84 33.58 -49.53
CA THR F 38 22.76 34.65 -48.54
C THR F 38 22.62 36.03 -49.20
N ASP F 39 23.56 36.38 -50.10
CA ASP F 39 23.52 37.66 -50.83
C ASP F 39 22.27 37.80 -51.69
N PHE F 40 21.78 36.67 -52.19
CA PHE F 40 20.61 36.65 -53.08
C PHE F 40 19.38 37.06 -52.29
N ILE F 41 19.22 36.42 -51.14
CA ILE F 41 18.21 36.82 -50.17
C ILE F 41 18.33 38.30 -49.74
N GLN F 42 19.53 38.72 -49.34
CA GLN F 42 19.72 40.08 -48.86
C GLN F 42 19.44 41.11 -49.97
N LYS F 43 19.66 40.73 -51.23
CA LYS F 43 19.43 41.62 -52.37
C LYS F 43 18.00 41.71 -52.84
N TYR F 44 17.29 40.59 -52.85
CA TYR F 44 15.96 40.55 -53.47
C TYR F 44 14.78 40.33 -52.52
N SER F 45 15.03 40.51 -51.22
CA SER F 45 13.96 40.36 -50.23
C SER F 45 12.93 41.48 -50.30
N HIS F 46 13.36 42.63 -50.81
CA HIS F 46 12.49 43.80 -50.96
C HIS F 46 11.39 43.62 -52.01
N LEU F 47 11.44 42.53 -52.77
CA LEU F 47 10.48 42.30 -53.83
C LEU F 47 9.06 42.06 -53.31
N GLN F 48 8.09 42.56 -54.07
CA GLN F 48 6.67 42.41 -53.74
C GLN F 48 6.14 41.04 -54.15
N PRO F 49 5.08 40.57 -53.48
CA PRO F 49 4.40 39.34 -53.91
C PRO F 49 3.99 39.48 -55.37
N GLY F 50 4.32 38.48 -56.19
CA GLY F 50 3.99 38.50 -57.59
C GLY F 50 5.09 39.01 -58.50
N ASP F 51 6.10 39.65 -57.92
CA ASP F 51 7.23 40.14 -58.70
C ASP F 51 7.98 39.05 -59.47
N HIS F 52 8.57 39.46 -60.58
CA HIS F 52 9.33 38.55 -61.44
C HIS F 52 10.29 39.37 -62.30
N LEU F 53 11.52 39.56 -61.83
CA LEU F 53 12.53 40.33 -62.54
C LEU F 53 12.92 39.65 -63.86
N THR F 54 12.47 40.21 -64.97
CA THR F 54 12.84 39.70 -66.30
C THR F 54 14.23 40.15 -66.71
N ASP F 55 14.77 41.19 -66.08
CA ASP F 55 16.05 41.73 -66.50
C ASP F 55 17.22 41.33 -65.58
N ILE F 56 17.03 40.32 -64.76
CA ILE F 56 18.12 39.84 -63.92
C ILE F 56 18.22 38.31 -63.90
N THR F 57 19.36 37.81 -64.34
CA THR F 57 19.59 36.36 -64.41
C THR F 57 20.82 35.95 -63.58
N LEU F 58 20.63 34.97 -62.70
CA LEU F 58 21.63 34.60 -61.71
C LEU F 58 21.79 33.08 -61.55
N LYS F 59 23.00 32.67 -61.22
CA LYS F 59 23.29 31.26 -60.94
C LYS F 59 23.61 31.05 -59.47
N VAL F 60 22.75 30.27 -58.81
CA VAL F 60 22.93 29.87 -57.42
C VAL F 60 23.05 28.35 -57.33
N ALA F 61 23.56 27.81 -56.22
CA ALA F 61 23.59 26.35 -56.06
C ALA F 61 23.26 25.94 -54.64
N GLY F 62 22.88 24.68 -54.45
CA GLY F 62 22.59 24.23 -53.10
C GLY F 62 22.11 22.81 -53.06
N ARG F 63 21.58 22.39 -51.92
CA ARG F 63 21.05 21.04 -51.75
C ARG F 63 19.53 21.08 -51.64
N ILE F 64 18.86 20.24 -52.45
CA ILE F 64 17.40 20.12 -52.39
C ILE F 64 16.91 19.51 -51.05
N HIS F 65 16.05 20.21 -50.34
CA HIS F 65 15.55 19.68 -49.07
C HIS F 65 14.16 19.10 -49.23
N ALA F 66 13.44 19.62 -50.21
CA ALA F 66 12.10 19.15 -50.45
C ALA F 66 11.76 19.40 -51.90
N LYS F 67 10.87 18.56 -52.43
CA LYS F 67 10.41 18.67 -53.80
C LYS F 67 8.92 18.48 -53.75
N ARG F 68 8.17 19.53 -54.09
CA ARG F 68 6.72 19.44 -54.07
C ARG F 68 6.09 20.01 -55.33
N ALA F 69 4.96 19.43 -55.73
CA ALA F 69 4.22 19.90 -56.91
C ALA F 69 2.97 20.71 -56.59
N SER F 70 2.60 21.58 -57.53
CA SER F 70 1.38 22.38 -57.48
C SER F 70 0.69 22.35 -58.87
N GLY F 71 1.33 21.58 -59.74
CA GLY F 71 1.04 21.60 -61.15
C GLY F 71 1.45 20.31 -61.80
N GLY F 72 0.85 20.09 -62.96
CA GLY F 72 0.24 21.20 -63.65
C GLY F 72 1.34 22.17 -64.01
N LYS F 73 2.47 21.59 -64.41
CA LYS F 73 3.61 22.33 -64.90
C LYS F 73 4.20 23.29 -63.88
N LEU F 74 4.20 22.87 -62.63
CA LEU F 74 4.75 23.72 -61.57
C LEU F 74 5.37 22.89 -60.44
N ILE F 75 6.66 23.05 -60.24
CA ILE F 75 7.35 22.27 -59.20
C ILE F 75 8.25 23.14 -58.34
N PHE F 76 8.03 23.10 -57.03
CA PHE F 76 8.80 23.90 -56.07
C PHE F 76 9.88 23.06 -55.43
N TYR F 77 11.12 23.57 -55.47
CA TYR F 77 12.25 22.92 -54.79
C TYR F 77 12.74 23.79 -53.64
N ASP F 78 13.06 23.15 -52.53
CA ASP F 78 13.56 23.89 -51.38
C ASP F 78 15.09 23.87 -51.34
N LEU F 79 15.72 24.86 -51.96
CA LEU F 79 17.19 24.93 -51.99
C LEU F 79 17.76 25.39 -50.64
N ARG F 80 18.74 24.65 -50.11
CA ARG F 80 19.39 25.00 -48.84
C ARG F 80 20.89 25.14 -49.01
N GLY F 81 21.47 26.07 -48.23
CA GLY F 81 22.89 26.33 -48.22
C GLY F 81 23.24 27.45 -47.27
N GLU F 82 24.45 27.39 -46.71
CA GLU F 82 24.97 28.50 -45.88
C GLU F 82 24.09 28.81 -44.66
N GLY F 83 23.32 27.83 -44.19
CA GLY F 83 22.46 28.03 -43.05
C GLY F 83 21.16 28.71 -43.43
N VAL F 84 20.83 28.64 -44.69
CA VAL F 84 19.79 29.50 -45.25
C VAL F 84 18.93 28.75 -46.30
N LYS F 85 17.77 29.30 -46.66
CA LYS F 85 16.92 28.67 -47.69
C LYS F 85 16.41 29.62 -48.79
N LEU F 86 16.36 29.11 -50.02
CA LEU F 86 15.73 29.80 -51.15
C LEU F 86 14.78 28.86 -51.91
N GLN F 87 13.61 29.36 -52.26
CA GLN F 87 12.67 28.56 -53.03
C GLN F 87 12.96 28.62 -54.53
N VAL F 88 12.93 27.46 -55.16
CA VAL F 88 13.04 27.36 -56.60
C VAL F 88 11.61 27.14 -57.13
N MET F 89 11.08 28.14 -57.81
CA MET F 89 9.77 27.98 -58.43
C MET F 89 9.91 27.62 -59.91
N ALA F 90 9.92 26.32 -60.19
CA ALA F 90 10.12 25.85 -61.56
C ALA F 90 8.80 25.79 -62.32
N ASN F 91 8.62 26.78 -63.18
CA ASN F 91 7.49 26.82 -64.10
C ASN F 91 7.88 26.38 -65.52
N SER F 92 7.10 25.48 -66.10
CA SER F 92 7.27 25.03 -67.47
C SER F 92 7.42 26.18 -68.48
N ARG F 93 6.54 27.19 -68.38
CA ARG F 93 6.60 28.37 -69.24
C ARG F 93 7.93 29.12 -69.21
N ASN F 94 8.66 29.05 -68.10
CA ASN F 94 9.93 29.78 -67.97
C ASN F 94 11.19 28.94 -68.20
N TYR F 95 11.01 27.62 -68.23
CA TYR F 95 12.12 26.72 -68.50
C TYR F 95 12.43 26.76 -70.01
N LYS F 96 13.68 26.42 -70.36
CA LYS F 96 14.12 26.39 -71.78
C LYS F 96 13.27 25.53 -72.74
N SER F 97 12.84 24.34 -72.30
CA SER F 97 11.93 23.46 -73.08
C SER F 97 10.90 22.82 -72.16
N GLU F 98 9.78 22.39 -72.73
CA GLU F 98 8.86 21.52 -72.00
C GLU F 98 9.54 20.16 -71.80
N GLU F 99 10.22 19.70 -72.84
CA GLU F 99 10.94 18.43 -72.81
C GLU F 99 11.98 18.36 -71.70
N GLU F 100 12.80 19.40 -71.62
CA GLU F 100 13.88 19.45 -70.65
C GLU F 100 13.37 19.70 -69.23
N PHE F 101 12.28 20.45 -69.11
CA PHE F 101 11.63 20.66 -67.82
C PHE F 101 11.16 19.32 -67.24
N ILE F 102 10.44 18.57 -68.08
CA ILE F 102 10.00 17.21 -67.73
C ILE F 102 11.18 16.33 -67.36
N HIS F 103 12.22 16.36 -68.19
CA HIS F 103 13.41 15.55 -67.97
C HIS F 103 14.09 15.84 -66.62
N ILE F 104 14.35 17.12 -66.34
CA ILE F 104 15.02 17.51 -65.11
C ILE F 104 14.16 17.24 -63.88
N ASN F 105 12.85 17.40 -63.99
CA ASN F 105 11.98 17.08 -62.84
C ASN F 105 11.84 15.57 -62.60
N ASN F 106 11.99 14.77 -63.65
CA ASN F 106 12.06 13.32 -63.50
C ASN F 106 13.38 12.88 -62.86
N LYS F 107 14.44 13.62 -63.14
CA LYS F 107 15.75 13.32 -62.59
C LYS F 107 15.82 13.57 -61.05
N LEU F 108 15.44 14.78 -60.62
CA LEU F 108 15.76 15.25 -59.27
C LEU F 108 14.98 14.63 -58.10
N ARG F 109 15.73 14.29 -57.05
CA ARG F 109 15.15 13.83 -55.80
C ARG F 109 15.62 14.72 -54.65
N ARG F 110 14.89 14.69 -53.55
CA ARG F 110 15.36 15.31 -52.32
C ARG F 110 16.78 14.85 -51.99
N GLY F 111 17.64 15.82 -51.69
CA GLY F 111 19.01 15.55 -51.27
C GLY F 111 20.02 15.90 -52.35
N ASP F 112 19.55 16.15 -53.56
CA ASP F 112 20.46 16.41 -54.66
C ASP F 112 21.10 17.78 -54.55
N ILE F 113 22.37 17.84 -54.96
CA ILE F 113 23.06 19.11 -55.15
C ILE F 113 22.74 19.56 -56.58
N ILE F 114 22.10 20.72 -56.68
CA ILE F 114 21.76 21.32 -57.95
C ILE F 114 22.32 22.72 -58.13
N GLY F 115 22.39 23.12 -59.40
CA GLY F 115 22.73 24.48 -59.80
C GLY F 115 21.52 25.04 -60.52
N VAL F 116 21.18 26.28 -60.21
CA VAL F 116 20.03 26.94 -60.77
C VAL F 116 20.42 28.26 -61.46
N GLN F 117 19.97 28.43 -62.69
CA GLN F 117 20.12 29.67 -63.45
C GLN F 117 18.73 30.22 -63.70
N GLY F 118 18.45 31.40 -63.16
CA GLY F 118 17.10 31.90 -63.21
C GLY F 118 16.92 33.33 -62.77
N ASN F 119 15.65 33.77 -62.78
CA ASN F 119 15.31 35.14 -62.38
C ASN F 119 14.78 35.22 -60.95
N PRO F 120 15.22 36.24 -60.19
CA PRO F 120 14.61 36.54 -58.88
C PRO F 120 13.10 36.81 -59.04
N GLY F 121 12.31 36.35 -58.07
CA GLY F 121 10.88 36.62 -58.03
C GLY F 121 10.30 36.39 -56.65
N LYS F 122 8.99 36.53 -56.51
CA LYS F 122 8.32 36.22 -55.26
C LYS F 122 6.90 35.73 -55.53
N THR F 123 6.49 34.65 -54.84
CA THR F 123 5.17 34.05 -55.07
C THR F 123 4.07 35.00 -54.63
N LYS F 124 2.84 34.69 -55.06
CA LYS F 124 1.69 35.47 -54.62
C LYS F 124 1.56 35.43 -53.10
N LYS F 125 2.00 34.31 -52.50
CA LYS F 125 1.98 34.17 -51.04
C LYS F 125 3.02 35.08 -50.40
N GLY F 126 4.14 35.24 -51.07
CA GLY F 126 5.16 36.18 -50.62
C GLY F 126 6.49 35.53 -50.30
N GLU F 127 6.72 34.34 -50.87
CA GLU F 127 7.96 33.61 -50.66
C GLU F 127 8.95 33.97 -51.77
N LEU F 128 10.06 34.58 -51.38
CA LEU F 128 11.14 34.90 -52.30
C LEU F 128 11.55 33.62 -53.01
N SER F 129 11.63 33.69 -54.34
CA SER F 129 12.01 32.52 -55.14
C SER F 129 12.95 32.85 -56.29
N ILE F 130 13.53 31.81 -56.88
CA ILE F 130 14.24 31.91 -58.15
C ILE F 130 13.46 31.08 -59.19
N ILE F 131 13.19 31.69 -60.35
CA ILE F 131 12.47 31.05 -61.45
C ILE F 131 13.43 30.58 -62.56
N PRO F 132 13.65 29.25 -62.64
CA PRO F 132 14.71 28.64 -63.46
C PRO F 132 14.50 28.68 -64.97
N TYR F 133 15.57 29.07 -65.68
CA TYR F 133 15.66 28.81 -67.12
C TYR F 133 16.20 27.40 -67.28
N GLU F 134 17.19 27.07 -66.46
CA GLU F 134 17.76 25.72 -66.46
C GLU F 134 18.17 25.26 -65.07
N ILE F 135 17.91 23.98 -64.78
CA ILE F 135 18.40 23.37 -63.52
C ILE F 135 19.39 22.29 -63.90
N THR F 136 20.54 22.31 -63.23
CA THR F 136 21.56 21.30 -63.49
C THR F 136 21.83 20.45 -62.26
N LEU F 137 21.76 19.13 -62.43
CA LEU F 137 22.17 18.18 -61.40
C LEU F 137 23.69 18.21 -61.24
N LEU F 138 24.16 18.66 -60.07
CA LEU F 138 25.61 18.76 -59.78
C LEU F 138 26.15 17.53 -59.04
N SER F 139 25.32 16.97 -58.15
CA SER F 139 25.74 15.76 -57.41
C SER F 139 24.54 15.10 -56.78
N PRO F 140 24.20 13.89 -57.23
CA PRO F 140 22.99 13.22 -56.73
C PRO F 140 23.16 12.59 -55.35
N CYS F 141 22.10 12.65 -54.54
CA CYS F 141 22.05 11.92 -53.26
C CYS F 141 21.46 10.52 -53.49
N LEU F 142 22.30 9.50 -53.33
CA LEU F 142 21.91 8.11 -53.55
C LEU F 142 21.09 7.52 -52.39
N HIS F 143 21.20 8.11 -51.20
CA HIS F 143 20.51 7.58 -50.03
C HIS F 143 19.22 8.35 -49.72
N MET F 144 18.32 7.72 -48.98
CA MET F 144 17.16 8.46 -48.53
C MET F 144 17.48 9.28 -47.27
N LEU F 145 17.26 10.59 -47.35
CA LEU F 145 17.41 11.44 -46.18
C LEU F 145 16.19 11.28 -45.31
N PRO F 146 16.41 11.08 -43.99
CA PRO F 146 15.32 10.83 -43.05
C PRO F 146 14.36 12.02 -42.91
N HIS F 147 13.06 11.74 -42.91
CA HIS F 147 12.04 12.68 -42.44
C HIS F 147 12.03 12.52 -40.92
N LEU F 148 12.40 13.58 -40.21
CA LEU F 148 12.46 13.52 -38.74
C LEU F 148 11.62 14.64 -38.14
N HIS F 149 10.94 14.33 -37.05
CA HIS F 149 10.11 15.33 -36.39
C HIS F 149 10.96 16.17 -35.45
N PHE F 150 11.92 15.52 -34.79
CA PHE F 150 12.72 16.17 -33.74
C PHE F 150 14.19 16.28 -34.14
N GLY F 151 14.43 16.40 -35.45
CA GLY F 151 15.77 16.44 -35.98
C GLY F 151 16.48 15.09 -35.82
N LEU F 152 17.68 15.00 -36.37
CA LEU F 152 18.53 13.84 -36.13
C LEU F 152 18.93 13.94 -34.65
N LYS F 153 18.47 12.98 -33.84
CA LYS F 153 18.74 12.99 -32.40
C LYS F 153 19.72 11.90 -32.03
N ASP F 154 19.73 10.83 -32.82
CA ASP F 154 20.57 9.67 -32.52
C ASP F 154 22.07 10.01 -32.58
N LYS F 155 22.68 10.11 -31.40
CA LYS F 155 24.06 10.56 -31.28
C LYS F 155 25.05 9.72 -32.07
N GLU F 156 24.80 8.42 -32.16
CA GLU F 156 25.70 7.55 -32.93
C GLU F 156 25.79 8.02 -34.39
N THR F 157 24.62 8.25 -34.99
CA THR F 157 24.55 8.72 -36.37
C THR F 157 25.19 10.09 -36.47
N ARG F 158 24.79 11.01 -35.58
CA ARG F 158 25.29 12.39 -35.60
C ARG F 158 26.80 12.51 -35.53
N TYR F 159 27.41 11.71 -34.65
CA TYR F 159 28.86 11.84 -34.42
C TYR F 159 29.68 10.99 -35.39
N ARG F 160 29.12 9.89 -35.90
CA ARG F 160 29.84 9.09 -36.88
C ARG F 160 29.70 9.66 -38.30
N GLN F 161 28.46 9.96 -38.70
CA GLN F 161 28.20 10.68 -39.94
C GLN F 161 27.91 12.16 -39.67
N ARG F 162 28.96 12.91 -39.35
CA ARG F 162 28.79 14.34 -39.05
C ARG F 162 28.10 15.10 -40.19
N TYR F 163 28.38 14.71 -41.43
CA TYR F 163 27.80 15.38 -42.60
C TYR F 163 26.28 15.36 -42.57
N LEU F 164 25.70 14.23 -42.15
CA LEU F 164 24.25 14.11 -41.96
C LEU F 164 23.75 15.08 -40.89
N ASP F 165 24.50 15.17 -39.80
CA ASP F 165 24.18 16.08 -38.72
C ASP F 165 24.12 17.51 -39.26
N LEU F 166 25.11 17.85 -40.07
CA LEU F 166 25.26 19.18 -40.65
C LEU F 166 24.16 19.53 -41.64
N ILE F 167 23.67 18.52 -42.38
CA ILE F 167 22.60 18.72 -43.36
C ILE F 167 21.24 18.86 -42.66
N LEU F 168 20.96 17.89 -41.77
CA LEU F 168 19.69 17.78 -41.08
C LEU F 168 19.51 18.65 -39.84
N ASN F 169 20.58 19.25 -39.33
CA ASN F 169 20.48 20.09 -38.13
C ASN F 169 21.22 21.42 -38.31
N ASP F 170 20.50 22.52 -38.12
CA ASP F 170 21.03 23.83 -38.47
C ASP F 170 21.98 24.42 -37.44
N PHE F 171 21.83 23.98 -36.20
CA PHE F 171 22.59 24.54 -35.09
C PHE F 171 24.04 24.05 -35.03
N VAL F 172 24.27 22.84 -35.56
CA VAL F 172 25.62 22.26 -35.59
C VAL F 172 26.63 23.22 -36.22
N ARG F 173 26.22 23.74 -37.38
CA ARG F 173 27.04 24.66 -38.14
C ARG F 173 27.48 25.82 -37.25
N GLN F 174 26.50 26.39 -36.55
CA GLN F 174 26.76 27.54 -35.69
C GLN F 174 27.71 27.21 -34.51
N LYS F 175 27.62 25.98 -33.98
CA LYS F 175 28.57 25.54 -32.97
C LYS F 175 29.99 25.62 -33.49
N PHE F 176 30.21 25.04 -34.68
CA PHE F 176 31.58 25.09 -35.24
C PHE F 176 32.07 26.48 -35.70
N ILE F 177 31.11 27.33 -36.07
CA ILE F 177 31.45 28.72 -36.37
C ILE F 177 31.94 29.42 -35.11
N ILE F 178 31.15 29.33 -34.04
CA ILE F 178 31.53 29.86 -32.73
C ILE F 178 32.89 29.33 -32.25
N ARG F 179 33.14 28.03 -32.46
CA ARG F 179 34.42 27.44 -32.05
C ARG F 179 35.59 28.13 -32.79
N SER F 180 35.41 28.28 -34.11
CA SER F 180 36.36 29.02 -34.92
C SER F 180 36.60 30.45 -34.39
N LYS F 181 35.49 31.15 -34.14
CA LYS F 181 35.52 32.51 -33.62
C LYS F 181 36.34 32.57 -32.32
N ILE F 182 36.19 31.57 -31.45
CA ILE F 182 36.95 31.53 -30.21
C ILE F 182 38.43 31.48 -30.54
N ILE F 183 38.82 30.47 -31.32
CA ILE F 183 40.25 30.26 -31.60
C ILE F 183 40.91 31.50 -32.23
N THR F 184 40.19 32.06 -33.19
CA THR F 184 40.62 33.25 -33.91
C THR F 184 40.74 34.50 -33.02
N TYR F 185 39.75 34.65 -32.14
CA TYR F 185 39.75 35.74 -31.15
C TYR F 185 41.01 35.65 -30.27
N ILE F 186 41.28 34.45 -29.71
CA ILE F 186 42.48 34.24 -28.91
C ILE F 186 43.75 34.63 -29.68
N ARG F 187 43.88 34.13 -30.91
CA ARG F 187 45.07 34.45 -31.69
C ARG F 187 45.20 35.95 -31.84
N SER F 188 44.07 36.64 -32.03
CA SER F 188 44.14 38.07 -32.30
C SER F 188 44.57 38.83 -31.05
N PHE F 189 43.95 38.45 -29.92
CA PHE F 189 44.32 38.93 -28.58
C PHE F 189 45.84 38.84 -28.33
N LEU F 190 46.40 37.63 -28.49
CA LEU F 190 47.81 37.42 -28.21
C LEU F 190 48.70 38.11 -29.20
N ASP F 191 48.36 38.03 -30.49
CA ASP F 191 49.17 38.66 -31.55
C ASP F 191 49.32 40.14 -31.25
N GLU F 192 48.19 40.78 -30.92
CA GLU F 192 48.18 42.20 -30.56
C GLU F 192 48.98 42.57 -29.29
N LEU F 193 49.23 41.59 -28.42
CA LEU F 193 50.10 41.81 -27.27
C LEU F 193 51.58 41.47 -27.50
N GLY F 194 51.99 41.31 -28.76
CA GLY F 194 53.36 40.95 -29.09
C GLY F 194 53.80 39.49 -28.83
N PHE F 195 52.85 38.56 -28.80
CA PHE F 195 53.19 37.14 -28.70
C PHE F 195 53.50 36.56 -30.08
N LEU F 196 54.52 35.70 -30.13
CA LEU F 196 54.87 35.03 -31.37
C LEU F 196 54.24 33.63 -31.41
N GLU F 197 53.42 33.40 -32.45
CA GLU F 197 52.79 32.09 -32.63
C GLU F 197 53.84 31.05 -33.12
N ILE F 198 53.94 29.94 -32.41
CA ILE F 198 54.99 28.97 -32.63
C ILE F 198 54.45 27.54 -32.76
N GLU F 199 55.31 26.63 -33.21
CA GLU F 199 54.99 25.21 -33.22
C GLU F 199 56.09 24.41 -32.58
N THR F 200 55.70 23.55 -31.64
CA THR F 200 56.66 22.71 -30.97
C THR F 200 56.33 21.23 -31.30
N PRO F 201 57.26 20.29 -31.02
CA PRO F 201 57.05 18.88 -31.40
C PRO F 201 55.81 18.22 -30.77
N MET F 202 55.14 17.39 -31.55
CA MET F 202 53.99 16.65 -31.06
C MET F 202 54.43 15.24 -30.65
N MET F 203 55.59 14.81 -31.18
CA MET F 203 56.25 13.58 -30.75
C MET F 203 57.54 13.93 -30.01
N ASN F 204 57.69 13.41 -28.79
CA ASN F 204 58.92 13.59 -28.01
C ASN F 204 59.47 12.23 -27.55
N ILE F 205 60.70 12.18 -27.04
CA ILE F 205 61.27 10.92 -26.51
C ILE F 205 60.85 10.69 -25.04
N ILE F 206 60.47 11.77 -24.38
CA ILE F 206 59.88 11.75 -23.02
C ILE F 206 58.82 12.86 -22.84
N PRO F 207 57.56 12.47 -22.57
CA PRO F 207 56.44 13.41 -22.50
C PRO F 207 56.45 14.19 -21.16
N GLY F 208 56.19 15.49 -21.24
CA GLY F 208 56.14 16.34 -20.06
C GLY F 208 55.15 17.51 -20.19
N GLY F 209 55.00 18.30 -19.11
CA GLY F 209 54.15 19.49 -19.17
C GLY F 209 52.82 19.36 -18.45
N ALA F 210 52.38 18.12 -18.21
CA ALA F 210 51.20 17.83 -17.40
C ALA F 210 51.25 16.42 -16.80
N VAL F 211 50.16 16.03 -16.14
CA VAL F 211 50.00 14.66 -15.63
C VAL F 211 48.98 13.87 -16.46
N ALA F 212 49.48 12.85 -17.18
CA ALA F 212 48.64 12.04 -18.06
C ALA F 212 49.36 10.79 -18.58
N LYS F 213 48.57 9.78 -18.92
CA LYS F 213 49.06 8.58 -19.59
C LYS F 213 49.14 8.84 -21.10
N PRO F 214 50.36 8.71 -21.67
CA PRO F 214 50.61 9.15 -23.05
C PRO F 214 50.33 8.06 -24.09
N PHE F 215 50.26 8.47 -25.36
CA PHE F 215 50.22 7.50 -26.44
C PHE F 215 51.68 7.16 -26.82
N ILE F 216 51.96 5.90 -27.11
CA ILE F 216 53.31 5.49 -27.54
C ILE F 216 53.30 4.97 -28.99
N THR F 217 54.19 5.51 -29.82
CA THR F 217 54.35 5.05 -31.21
C THR F 217 55.81 4.70 -31.49
N TYR F 218 56.05 3.98 -32.57
CA TYR F 218 57.38 3.49 -32.84
C TYR F 218 57.94 4.14 -34.09
N HIS F 219 59.14 4.69 -34.00
CA HIS F 219 59.83 5.22 -35.18
C HIS F 219 60.75 4.15 -35.77
N ASN F 220 60.47 3.74 -37.01
CA ASN F 220 61.17 2.62 -37.64
C ASN F 220 62.65 2.89 -37.94
N GLU F 221 62.92 3.98 -38.66
CA GLU F 221 64.29 4.34 -39.04
C GLU F 221 65.20 4.59 -37.84
N LEU F 222 64.62 4.95 -36.69
CA LEU F 222 65.42 5.27 -35.50
C LEU F 222 65.36 4.18 -34.41
N ASP F 223 64.55 3.16 -34.63
CA ASP F 223 64.43 2.02 -33.69
C ASP F 223 64.18 2.45 -32.24
N MET F 224 63.38 3.49 -32.05
CA MET F 224 63.01 3.95 -30.70
C MET F 224 61.53 4.34 -30.60
N ASN F 225 61.02 4.32 -29.37
CA ASN F 225 59.67 4.75 -29.11
C ASN F 225 59.60 6.26 -28.93
N LEU F 226 58.59 6.86 -29.56
CA LEU F 226 58.26 8.27 -29.37
C LEU F 226 56.91 8.35 -28.66
N TYR F 227 56.73 9.42 -27.89
CA TYR F 227 55.46 9.66 -27.18
C TYR F 227 54.70 10.81 -27.80
N MET F 228 53.38 10.68 -27.88
CA MET F 228 52.56 11.80 -28.33
C MET F 228 52.44 12.78 -27.16
N ARG F 229 52.58 14.06 -27.46
CA ARG F 229 52.73 15.07 -26.43
C ARG F 229 51.45 15.26 -25.60
N ILE F 230 51.63 15.66 -24.34
CA ILE F 230 50.50 15.98 -23.46
C ILE F 230 50.38 17.48 -23.22
N ALA F 231 51.49 18.20 -23.47
CA ALA F 231 51.56 19.66 -23.34
C ALA F 231 52.89 20.18 -23.88
N PRO F 232 52.86 21.33 -24.56
CA PRO F 232 54.04 21.94 -25.19
C PRO F 232 54.88 22.76 -24.21
N GLU F 233 54.53 22.70 -22.93
CA GLU F 233 55.02 23.62 -21.88
C GLU F 233 56.55 23.80 -21.78
N LEU F 234 57.25 22.67 -21.69
CA LEU F 234 58.70 22.72 -21.52
C LEU F 234 59.40 23.34 -22.74
N TYR F 235 58.87 23.06 -23.93
CA TYR F 235 59.42 23.66 -25.14
C TYR F 235 59.32 25.18 -25.10
N HIS F 236 58.15 25.65 -24.70
CA HIS F 236 57.92 27.10 -24.64
C HIS F 236 58.91 27.74 -23.66
N LYS F 237 59.02 27.14 -22.47
CA LYS F 237 59.98 27.69 -21.51
C LYS F 237 61.42 27.72 -22.06
N MET F 238 61.81 26.68 -22.80
CA MET F 238 63.11 26.73 -23.49
C MET F 238 63.21 27.89 -24.49
N LEU F 239 62.14 28.15 -25.22
CA LEU F 239 62.13 29.30 -26.13
C LEU F 239 62.31 30.62 -25.39
N VAL F 240 61.71 30.72 -24.21
CA VAL F 240 61.82 31.96 -23.43
C VAL F 240 63.25 32.15 -22.94
N VAL F 241 63.88 31.05 -22.53
CA VAL F 241 65.30 31.07 -22.25
C VAL F 241 66.10 31.60 -23.45
N GLY F 242 65.75 31.13 -24.65
CA GLY F 242 66.41 31.54 -25.88
C GLY F 242 66.14 32.99 -26.22
N GLY F 243 65.23 33.61 -25.48
CA GLY F 243 65.08 35.05 -25.59
C GLY F 243 63.83 35.54 -26.26
N ILE F 244 63.01 34.61 -26.73
CA ILE F 244 61.69 34.96 -27.20
C ILE F 244 60.80 35.17 -25.96
N ASP F 245 60.41 36.41 -25.71
CA ASP F 245 59.82 36.75 -24.42
C ASP F 245 58.33 36.42 -24.34
N ARG F 246 57.63 36.41 -25.48
CA ARG F 246 56.17 36.09 -25.53
C ARG F 246 55.77 35.08 -26.62
N VAL F 247 55.40 33.88 -26.18
CA VAL F 247 55.04 32.82 -27.12
C VAL F 247 53.67 32.20 -26.88
N TYR F 248 53.04 31.72 -27.94
CA TYR F 248 51.83 30.92 -27.78
C TYR F 248 51.68 29.92 -28.91
N GLU F 249 50.97 28.85 -28.59
CA GLU F 249 50.69 27.78 -29.53
C GLU F 249 49.29 27.25 -29.26
N ILE F 250 48.45 27.27 -30.29
CA ILE F 250 47.13 26.66 -30.21
C ILE F 250 47.23 25.36 -31.02
N GLY F 251 47.19 24.24 -30.31
CA GLY F 251 47.48 22.97 -30.95
C GLY F 251 46.95 21.76 -30.19
N ARG F 252 47.12 20.59 -30.79
CA ARG F 252 46.51 19.37 -30.27
C ARG F 252 47.39 18.72 -29.17
N GLN F 253 46.70 18.14 -28.20
CA GLN F 253 47.33 17.40 -27.11
C GLN F 253 46.68 16.05 -27.09
N PHE F 254 47.40 15.04 -26.59
CA PHE F 254 46.93 13.66 -26.59
C PHE F 254 47.00 12.99 -25.21
N ARG F 255 45.91 12.32 -24.86
CA ARG F 255 45.83 11.59 -23.62
C ARG F 255 45.24 10.20 -23.84
N ASN F 256 46.01 9.16 -23.46
CA ASN F 256 45.54 7.78 -23.52
C ASN F 256 44.67 7.43 -22.32
N GLU F 257 43.52 8.09 -22.22
CA GLU F 257 42.55 7.85 -21.15
C GLU F 257 41.27 7.28 -21.75
N GLY F 258 40.14 7.55 -21.09
CA GLY F 258 38.84 7.13 -21.58
C GLY F 258 38.01 8.28 -22.10
N ILE F 259 36.82 7.96 -22.60
CA ILE F 259 35.91 8.97 -23.15
C ILE F 259 34.73 9.30 -22.24
N ASP F 260 34.62 10.55 -21.83
CA ASP F 260 33.37 11.02 -21.23
C ASP F 260 32.99 12.38 -21.79
N LEU F 261 32.02 13.03 -21.15
CA LEU F 261 31.44 14.28 -21.65
C LEU F 261 32.45 15.41 -21.75
N THR F 262 33.54 15.29 -21.02
CA THR F 262 34.57 16.31 -21.01
C THR F 262 35.92 15.74 -21.46
N HIS F 263 35.91 14.53 -22.05
CA HIS F 263 37.17 13.82 -22.37
C HIS F 263 37.24 13.10 -23.73
N ASN F 264 38.16 13.57 -24.57
CA ASN F 264 38.49 12.93 -25.83
C ASN F 264 40.00 12.67 -25.83
N PRO F 265 40.45 11.58 -26.50
CA PRO F 265 41.88 11.26 -26.62
C PRO F 265 42.74 12.39 -27.22
N GLU F 266 42.18 13.16 -28.16
CA GLU F 266 42.87 14.31 -28.71
C GLU F 266 42.02 15.54 -28.53
N PHE F 267 42.64 16.63 -28.04
CA PHE F 267 41.93 17.87 -27.73
C PHE F 267 42.80 19.10 -28.01
N THR F 268 42.17 20.24 -28.18
CA THR F 268 42.92 21.45 -28.55
C THR F 268 43.15 22.35 -27.33
N THR F 269 44.39 22.76 -27.13
CA THR F 269 44.68 23.74 -26.07
C THR F 269 45.47 24.91 -26.59
N CYS F 270 45.37 26.02 -25.88
CA CYS F 270 46.21 27.15 -26.15
C CYS F 270 47.16 27.29 -24.98
N GLU F 271 48.44 27.41 -25.27
CA GLU F 271 49.36 27.76 -24.20
C GLU F 271 50.14 29.01 -24.56
N PHE F 272 50.29 29.90 -23.59
CA PHE F 272 51.20 31.01 -23.78
C PHE F 272 52.13 31.21 -22.59
N TYR F 273 53.32 31.70 -22.90
CA TYR F 273 54.32 32.02 -21.89
C TYR F 273 54.81 33.46 -22.07
N MET F 274 54.91 34.14 -20.95
CA MET F 274 55.15 35.59 -20.93
C MET F 274 56.21 35.99 -19.88
N ALA F 275 57.36 36.42 -20.41
CA ALA F 275 58.46 36.86 -19.57
C ALA F 275 58.16 38.12 -18.73
N TYR F 276 58.69 38.15 -17.51
CA TYR F 276 58.57 39.30 -16.60
C TYR F 276 57.11 39.54 -16.18
N ALA F 277 56.32 38.47 -16.24
CA ALA F 277 54.94 38.44 -15.74
C ALA F 277 54.88 37.46 -14.55
N ASP F 278 53.91 37.67 -13.67
CA ASP F 278 53.60 36.67 -12.66
C ASP F 278 52.12 36.38 -12.74
N TYR F 279 51.65 35.46 -11.93
CA TYR F 279 50.28 35.00 -12.11
C TYR F 279 49.22 36.05 -11.83
N HIS F 280 49.57 37.14 -11.12
CA HIS F 280 48.62 38.26 -10.99
C HIS F 280 48.35 38.92 -12.36
N ASP F 281 49.42 39.15 -13.11
CA ASP F 281 49.33 39.66 -14.47
C ASP F 281 48.48 38.74 -15.33
N LEU F 282 48.68 37.43 -15.14
CA LEU F 282 47.93 36.44 -15.91
C LEU F 282 46.45 36.41 -15.51
N MET F 283 46.14 36.64 -14.24
CA MET F 283 44.75 36.78 -13.84
C MET F 283 44.11 37.94 -14.59
N GLU F 284 44.79 39.10 -14.62
CA GLU F 284 44.22 40.28 -15.30
C GLU F 284 43.99 40.05 -16.80
N ILE F 285 45.06 39.57 -17.46
CA ILE F 285 44.99 39.20 -18.87
C ILE F 285 43.86 38.19 -19.14
N THR F 286 43.76 37.17 -18.31
CA THR F 286 42.73 36.15 -18.46
C THR F 286 41.34 36.76 -18.36
N GLU F 287 41.15 37.63 -17.37
CA GLU F 287 39.84 38.31 -17.18
C GLU F 287 39.47 39.02 -18.47
N LYS F 288 40.43 39.80 -18.99
CA LYS F 288 40.19 40.63 -20.17
C LYS F 288 39.89 39.76 -21.41
N MET F 289 40.61 38.65 -21.53
CA MET F 289 40.50 37.78 -22.69
C MET F 289 39.19 37.02 -22.68
N VAL F 290 38.91 36.36 -21.57
CA VAL F 290 37.68 35.59 -21.44
C VAL F 290 36.43 36.49 -21.50
N SER F 291 36.42 37.56 -20.73
CA SER F 291 35.22 38.42 -20.75
C SER F 291 35.05 39.05 -22.13
N GLY F 292 36.15 39.58 -22.68
CA GLY F 292 36.12 40.11 -24.04
C GLY F 292 35.61 39.14 -25.10
N MET F 293 36.09 37.90 -25.04
CA MET F 293 35.74 36.82 -25.93
C MET F 293 34.24 36.61 -25.88
N VAL F 294 33.75 36.27 -24.68
CA VAL F 294 32.34 36.02 -24.48
C VAL F 294 31.46 37.17 -24.99
N LYS F 295 31.84 38.42 -24.67
CA LYS F 295 31.04 39.59 -25.09
C LYS F 295 31.08 39.77 -26.59
N HIS F 296 32.23 39.51 -27.21
CA HIS F 296 32.41 39.72 -28.65
C HIS F 296 31.64 38.70 -29.46
N ILE F 297 31.73 37.45 -29.04
CA ILE F 297 31.04 36.37 -29.71
C ILE F 297 29.52 36.33 -29.46
N THR F 298 29.09 36.48 -28.19
CA THR F 298 27.66 36.36 -27.87
C THR F 298 26.91 37.68 -27.71
N GLY F 299 27.61 38.80 -27.73
CA GLY F 299 26.96 40.09 -27.55
C GLY F 299 26.79 40.54 -26.11
N SER F 300 27.08 39.67 -25.14
CA SER F 300 26.89 39.99 -23.73
C SER F 300 27.89 39.30 -22.82
N TYR F 301 28.00 39.80 -21.59
CA TYR F 301 28.76 39.07 -20.57
C TYR F 301 27.95 37.89 -20.00
N LYS F 302 26.63 37.97 -20.06
CA LYS F 302 25.79 36.90 -19.52
C LYS F 302 25.37 35.88 -20.57
N VAL F 303 25.56 34.61 -20.23
CA VAL F 303 25.19 33.49 -21.12
C VAL F 303 24.39 32.49 -20.30
N THR F 304 23.61 31.63 -20.97
CA THR F 304 22.87 30.60 -20.24
C THR F 304 23.40 29.24 -20.57
N TYR F 305 23.49 28.40 -19.57
CA TYR F 305 24.01 27.07 -19.80
C TYR F 305 23.07 26.03 -19.25
N HIS F 306 22.89 24.95 -20.02
CA HIS F 306 22.09 23.79 -19.61
C HIS F 306 22.98 22.59 -19.46
N PRO F 307 23.53 22.39 -18.26
CA PRO F 307 24.49 21.30 -17.99
C PRO F 307 23.88 19.93 -18.21
N ASP F 308 22.61 19.78 -17.84
CA ASP F 308 21.97 18.46 -17.91
C ASP F 308 21.12 18.34 -19.18
N GLY F 309 21.34 19.28 -20.09
CA GLY F 309 20.57 19.34 -21.32
C GLY F 309 19.42 20.32 -21.18
N PRO F 310 18.64 20.48 -22.28
CA PRO F 310 17.46 21.34 -22.32
C PRO F 310 16.31 20.72 -21.55
N GLU F 311 16.44 19.44 -21.22
CA GLU F 311 15.49 18.77 -20.34
C GLU F 311 15.86 18.99 -18.86
N GLY F 312 16.64 20.04 -18.58
CA GLY F 312 17.14 20.27 -17.24
C GLY F 312 17.22 21.73 -16.82
N GLN F 313 17.94 21.99 -15.72
CA GLN F 313 18.11 23.35 -15.21
C GLN F 313 18.92 24.23 -16.16
N ALA F 314 18.61 25.52 -16.16
CA ALA F 314 19.43 26.51 -16.83
C ALA F 314 20.20 27.30 -15.76
N TYR F 315 21.51 27.46 -15.97
CA TYR F 315 22.32 28.34 -15.13
C TYR F 315 22.55 29.64 -15.90
N ASP F 316 22.48 30.75 -15.19
CA ASP F 316 22.90 32.03 -15.77
C ASP F 316 24.34 32.31 -15.34
N VAL F 317 25.22 32.38 -16.34
CA VAL F 317 26.64 32.58 -16.10
C VAL F 317 27.03 34.01 -16.47
N ASP F 318 27.57 34.71 -15.48
CA ASP F 318 28.00 36.10 -15.61
C ASP F 318 29.53 36.23 -15.73
N PHE F 319 30.00 36.59 -16.93
CA PHE F 319 31.44 36.74 -17.20
C PHE F 319 31.88 38.18 -16.97
N THR F 320 31.03 38.97 -16.33
CA THR F 320 31.41 40.35 -16.03
C THR F 320 32.60 40.40 -15.04
N PRO F 321 33.68 41.06 -15.47
CA PRO F 321 34.89 41.22 -14.62
C PRO F 321 34.68 42.26 -13.50
N PRO F 322 35.35 42.07 -12.36
CA PRO F 322 36.37 41.05 -12.14
C PRO F 322 35.76 39.71 -11.73
N PHE F 323 36.49 38.62 -11.97
CA PHE F 323 36.04 37.28 -11.55
C PHE F 323 36.20 37.06 -10.04
N ARG F 324 35.33 36.25 -9.45
CA ARG F 324 35.51 35.84 -8.07
C ARG F 324 36.87 35.11 -7.94
N ARG F 325 37.55 35.34 -6.82
CA ARG F 325 38.78 34.62 -6.46
C ARG F 325 38.63 33.88 -5.14
N ILE F 326 39.08 32.63 -5.10
CA ILE F 326 39.21 31.90 -3.85
C ILE F 326 40.59 31.24 -3.70
N ASN F 327 41.06 31.15 -2.46
CA ASN F 327 42.31 30.46 -2.19
C ASN F 327 41.98 29.05 -1.75
N MET F 328 42.50 28.09 -2.52
CA MET F 328 42.14 26.69 -2.39
C MET F 328 42.07 26.16 -0.96
N VAL F 329 43.18 26.26 -0.23
CA VAL F 329 43.22 25.68 1.11
C VAL F 329 42.26 26.35 2.11
N GLU F 330 42.28 27.69 2.18
CA GLU F 330 41.41 28.37 3.13
C GLU F 330 39.95 28.05 2.88
N GLU F 331 39.56 28.09 1.60
CA GLU F 331 38.17 27.84 1.20
C GLU F 331 37.75 26.39 1.37
N LEU F 332 38.71 25.48 1.23
CA LEU F 332 38.45 24.08 1.49
C LEU F 332 38.18 23.89 2.98
N GLU F 333 38.96 24.58 3.80
CA GLU F 333 38.76 24.53 5.26
C GLU F 333 37.36 25.08 5.61
N LYS F 334 37.05 26.24 5.04
CA LYS F 334 35.77 26.89 5.25
C LYS F 334 34.61 25.95 4.84
N ALA F 335 34.75 25.25 3.71
CA ALA F 335 33.71 24.33 3.27
C ALA F 335 33.58 23.13 4.18
N LEU F 336 34.72 22.59 4.59
CA LEU F 336 34.77 21.41 5.47
C LEU F 336 34.34 21.71 6.90
N GLY F 337 34.37 23.00 7.25
CA GLY F 337 34.21 23.46 8.62
C GLY F 337 35.31 22.96 9.56
N MET F 338 36.50 22.73 9.04
CA MET F 338 37.58 22.22 9.86
C MET F 338 38.91 22.77 9.42
N LYS F 339 39.85 22.90 10.36
CA LYS F 339 41.20 23.34 10.00
C LYS F 339 41.99 22.21 9.36
N LEU F 340 42.68 22.50 8.26
CA LEU F 340 43.58 21.50 7.68
C LEU F 340 44.98 21.75 8.24
N PRO F 341 45.87 20.75 8.11
CA PRO F 341 47.25 20.94 8.61
C PRO F 341 47.96 22.13 7.95
N GLU F 342 48.99 22.64 8.64
CA GLU F 342 49.83 23.71 8.12
C GLU F 342 50.38 23.35 6.73
N THR F 343 50.51 24.36 5.86
CA THR F 343 50.81 24.09 4.44
C THR F 343 52.23 23.58 4.21
N ASN F 344 53.12 23.86 5.17
CA ASN F 344 54.49 23.31 5.13
C ASN F 344 54.58 21.85 5.60
N LEU F 345 53.44 21.20 5.82
CA LEU F 345 53.41 19.85 6.37
C LEU F 345 52.67 18.90 5.45
N PHE F 346 52.48 19.33 4.21
CA PHE F 346 51.67 18.57 3.26
C PHE F 346 52.39 17.34 2.70
N GLU F 347 53.71 17.33 2.83
CA GLU F 347 54.50 16.20 2.34
C GLU F 347 54.50 15.03 3.32
N THR F 348 53.97 15.27 4.53
CA THR F 348 54.01 14.25 5.58
C THR F 348 52.88 13.23 5.50
N GLU F 349 53.07 12.12 6.21
CA GLU F 349 52.10 11.04 6.25
C GLU F 349 50.93 11.34 7.20
N GLU F 350 51.19 12.14 8.25
CA GLU F 350 50.13 12.60 9.16
C GLU F 350 49.06 13.33 8.33
N THR F 351 49.52 14.26 7.49
CA THR F 351 48.64 14.98 6.59
C THR F 351 47.85 14.04 5.67
N ARG F 352 48.56 13.18 4.95
CA ARG F 352 47.90 12.20 4.10
C ARG F 352 46.79 11.42 4.84
N LYS F 353 47.07 11.06 6.09
CA LYS F 353 46.16 10.26 6.90
C LYS F 353 44.91 11.08 7.26
N ILE F 354 45.13 12.33 7.66
CA ILE F 354 44.03 13.25 7.96
C ILE F 354 43.10 13.42 6.75
N LEU F 355 43.71 13.73 5.59
CA LEU F 355 42.92 13.95 4.37
C LEU F 355 42.17 12.68 4.01
N ASP F 356 42.83 11.54 4.18
CA ASP F 356 42.20 10.24 3.90
C ASP F 356 40.95 10.06 4.77
N ASP F 357 41.11 10.35 6.05
CA ASP F 357 40.01 10.21 7.00
C ASP F 357 38.85 11.12 6.62
N ILE F 358 39.16 12.39 6.34
CA ILE F 358 38.15 13.35 5.92
C ILE F 358 37.42 12.88 4.66
N CYS F 359 38.16 12.37 3.68
CA CYS F 359 37.54 11.83 2.46
C CYS F 359 36.58 10.71 2.79
N VAL F 360 37.00 9.79 3.66
CA VAL F 360 36.14 8.68 4.04
C VAL F 360 34.86 9.20 4.71
N ALA F 361 35.06 10.05 5.71
CA ALA F 361 33.97 10.63 6.49
C ALA F 361 33.04 11.54 5.66
N LYS F 362 33.57 12.22 4.64
CA LYS F 362 32.72 13.08 3.80
C LYS F 362 32.23 12.30 2.58
N ALA F 363 32.50 11.00 2.58
CA ALA F 363 32.06 10.10 1.48
C ALA F 363 32.62 10.47 0.11
N VAL F 364 33.81 11.07 0.09
CA VAL F 364 34.46 11.42 -1.17
C VAL F 364 35.40 10.30 -1.61
N GLU F 365 35.07 9.67 -2.74
CA GLU F 365 35.91 8.60 -3.24
C GLU F 365 37.21 9.13 -3.84
N CYS F 366 38.27 8.43 -3.49
CA CYS F 366 39.54 8.57 -4.16
C CYS F 366 40.04 7.14 -4.43
N PRO F 367 39.95 6.74 -5.70
CA PRO F 367 40.55 5.48 -6.14
C PRO F 367 42.06 5.53 -5.93
N PRO F 368 42.67 4.37 -5.68
CA PRO F 368 44.12 4.32 -5.44
C PRO F 368 44.91 4.82 -6.66
N PRO F 369 46.10 5.37 -6.44
CA PRO F 369 46.72 5.56 -5.11
C PRO F 369 46.13 6.77 -4.37
N ARG F 370 45.80 6.58 -3.09
CA ARG F 370 45.23 7.66 -2.30
C ARG F 370 46.36 8.55 -1.75
N THR F 371 47.02 9.26 -2.66
CA THR F 371 48.08 10.19 -2.30
C THR F 371 47.46 11.49 -1.77
N THR F 372 48.26 12.25 -1.01
CA THR F 372 47.81 13.55 -0.48
C THR F 372 47.30 14.44 -1.62
N ALA F 373 48.08 14.54 -2.69
CA ALA F 373 47.68 15.36 -3.84
C ALA F 373 46.33 14.94 -4.46
N ARG F 374 46.13 13.63 -4.61
CA ARG F 374 44.87 13.15 -5.18
C ARG F 374 43.67 13.37 -4.24
N LEU F 375 43.86 13.11 -2.95
CA LEU F 375 42.79 13.27 -1.95
C LEU F 375 42.36 14.74 -1.93
N LEU F 376 43.38 15.60 -1.95
CA LEU F 376 43.19 17.04 -2.04
C LEU F 376 42.34 17.38 -3.26
N ASP F 377 42.79 16.92 -4.43
CA ASP F 377 42.04 17.16 -5.67
C ASP F 377 40.57 16.75 -5.60
N LYS F 378 40.31 15.55 -5.07
CA LYS F 378 38.94 15.03 -4.95
C LYS F 378 38.10 15.91 -4.01
N LEU F 379 38.75 16.38 -2.94
CA LEU F 379 38.10 17.22 -1.96
C LEU F 379 37.72 18.57 -2.57
N VAL F 380 38.66 19.14 -3.32
CA VAL F 380 38.44 20.43 -3.98
C VAL F 380 37.33 20.29 -5.02
N GLY F 381 37.36 19.20 -5.78
CA GLY F 381 36.32 18.89 -6.73
C GLY F 381 34.94 18.82 -6.11
N GLU F 382 34.85 18.17 -4.95
CA GLU F 382 33.59 18.03 -4.24
C GLU F 382 33.08 19.32 -3.62
N PHE F 383 33.97 20.07 -2.99
CA PHE F 383 33.58 21.18 -2.12
C PHE F 383 33.72 22.59 -2.71
N LEU F 384 34.70 22.77 -3.59
CA LEU F 384 34.97 24.09 -4.15
C LEU F 384 34.48 24.22 -5.60
N GLU F 385 34.84 23.24 -6.43
CA GLU F 385 34.60 23.36 -7.88
C GLU F 385 33.12 23.50 -8.24
N VAL F 386 32.27 22.82 -7.46
CA VAL F 386 30.82 22.89 -7.66
C VAL F 386 30.25 24.28 -7.40
N THR F 387 30.96 25.09 -6.60
CA THR F 387 30.50 26.47 -6.32
C THR F 387 30.89 27.43 -7.43
N CYS F 388 31.57 26.92 -8.44
CA CYS F 388 32.10 27.78 -9.49
C CYS F 388 31.22 27.82 -10.74
N ILE F 389 30.12 28.56 -10.65
CA ILE F 389 29.19 28.68 -11.77
C ILE F 389 29.66 29.83 -12.64
N ASN F 390 29.70 31.04 -12.08
CA ASN F 390 30.40 32.16 -12.69
C ASN F 390 31.90 31.90 -12.73
N PRO F 391 32.60 32.50 -13.70
CA PRO F 391 34.07 32.39 -13.76
C PRO F 391 34.71 32.66 -12.41
N THR F 392 35.40 31.65 -11.89
CA THR F 392 36.05 31.77 -10.58
C THR F 392 37.49 31.28 -10.66
N PHE F 393 38.41 32.11 -10.20
CA PHE F 393 39.81 31.69 -10.01
C PHE F 393 39.95 30.89 -8.70
N ILE F 394 40.51 29.67 -8.80
CA ILE F 394 40.97 28.94 -7.61
C ILE F 394 42.50 29.04 -7.56
N CYS F 395 42.99 29.61 -6.46
CA CYS F 395 44.38 30.07 -6.38
C CYS F 395 45.22 29.37 -5.32
N ASP F 396 46.54 29.52 -5.46
CA ASP F 396 47.50 29.13 -4.44
C ASP F 396 47.51 27.63 -4.08
N HIS F 397 47.48 26.79 -5.11
CA HIS F 397 47.62 25.33 -4.98
C HIS F 397 48.92 24.94 -4.25
N PRO F 398 48.83 23.89 -3.42
CA PRO F 398 50.02 23.28 -2.82
C PRO F 398 51.06 22.85 -3.86
N GLN F 399 52.34 22.88 -3.49
CA GLN F 399 53.40 22.43 -4.36
C GLN F 399 53.24 20.96 -4.78
N ILE F 400 52.58 20.14 -3.93
CA ILE F 400 52.42 18.73 -4.25
C ILE F 400 51.48 18.48 -5.43
N MET F 401 50.67 19.48 -5.76
CA MET F 401 49.80 19.38 -6.94
C MET F 401 50.41 20.08 -8.16
N SER F 402 51.59 20.68 -7.98
CA SER F 402 52.14 21.61 -8.96
C SER F 402 53.65 21.49 -9.16
N PRO F 403 54.10 20.42 -9.81
CA PRO F 403 55.54 20.13 -9.97
C PRO F 403 56.34 21.21 -10.73
N LEU F 404 55.69 22.01 -11.57
CA LEU F 404 56.39 23.02 -12.39
C LEU F 404 56.06 24.49 -12.00
N ALA F 405 55.24 24.67 -10.97
CA ALA F 405 54.89 26.03 -10.52
C ALA F 405 55.88 26.55 -9.46
N LYS F 406 56.26 27.83 -9.58
CA LYS F 406 57.15 28.46 -8.61
C LYS F 406 56.49 28.54 -7.23
N TRP F 407 57.28 28.30 -6.19
CA TRP F 407 56.80 28.42 -4.81
C TRP F 407 56.19 29.80 -4.59
N HIS F 408 55.24 29.87 -3.65
CA HIS F 408 54.56 31.12 -3.32
C HIS F 408 55.50 31.98 -2.50
N ARG F 409 55.49 33.28 -2.79
CA ARG F 409 56.45 34.22 -2.17
C ARG F 409 56.05 34.65 -0.74
N SER F 410 54.86 34.27 -0.30
CA SER F 410 54.38 34.52 1.08
C SER F 410 54.08 33.18 1.81
N LYS F 411 53.28 32.32 1.17
CA LYS F 411 52.71 31.14 1.83
C LYS F 411 53.49 29.85 1.56
N GLU F 412 54.29 29.44 2.54
CA GLU F 412 55.15 28.26 2.39
C GLU F 412 54.34 26.99 2.16
N GLY F 413 54.79 26.15 1.22
CA GLY F 413 54.06 24.96 0.86
C GLY F 413 53.11 25.17 -0.31
N LEU F 414 52.85 26.44 -0.61
CA LEU F 414 51.99 26.81 -1.74
C LEU F 414 52.78 27.32 -2.96
N THR F 415 52.07 27.47 -4.07
CA THR F 415 52.66 27.92 -5.32
C THR F 415 51.85 29.10 -5.88
N GLU F 416 52.47 29.88 -6.74
CA GLU F 416 51.78 30.98 -7.41
C GLU F 416 51.04 30.43 -8.64
N ARG F 417 49.92 29.79 -8.38
CA ARG F 417 49.16 29.08 -9.40
C ARG F 417 47.68 29.41 -9.32
N PHE F 418 46.99 29.37 -10.45
CA PHE F 418 45.53 29.42 -10.47
C PHE F 418 44.88 28.54 -11.53
N GLU F 419 43.62 28.18 -11.31
CA GLU F 419 42.83 27.56 -12.34
C GLU F 419 41.57 28.40 -12.51
N LEU F 420 41.12 28.59 -13.77
CA LEU F 420 39.82 29.21 -14.00
C LEU F 420 38.74 28.14 -14.04
N PHE F 421 37.73 28.29 -13.20
CA PHE F 421 36.54 27.46 -13.35
C PHE F 421 35.31 28.22 -13.85
N VAL F 422 34.63 27.60 -14.81
CA VAL F 422 33.31 28.04 -15.31
C VAL F 422 32.40 26.82 -15.31
N MET F 423 31.17 27.00 -14.82
CA MET F 423 30.17 25.94 -14.79
C MET F 423 30.72 24.63 -14.19
N LYS F 424 31.43 24.76 -13.08
CA LYS F 424 31.95 23.61 -12.31
C LYS F 424 33.09 22.87 -13.01
N LYS F 425 33.55 23.39 -14.14
CA LYS F 425 34.65 22.75 -14.88
C LYS F 425 35.84 23.70 -15.09
N GLU F 426 37.04 23.13 -15.09
CA GLU F 426 38.27 23.89 -15.37
C GLU F 426 38.46 24.25 -16.85
N ILE F 427 38.69 25.53 -17.13
CA ILE F 427 38.99 25.98 -18.50
C ILE F 427 40.41 26.56 -18.67
N CYS F 428 40.99 27.05 -17.57
CA CYS F 428 42.37 27.56 -17.59
C CYS F 428 43.22 27.02 -16.45
N ASN F 429 44.51 26.95 -16.71
CA ASN F 429 45.47 26.61 -15.68
C ASN F 429 46.74 27.42 -15.89
N ALA F 430 47.18 28.11 -14.85
CA ALA F 430 48.28 29.03 -15.03
C ALA F 430 49.12 29.17 -13.78
N TYR F 431 50.38 29.53 -13.97
CA TYR F 431 51.24 29.80 -12.83
C TYR F 431 52.47 30.62 -13.14
N THR F 432 52.94 31.32 -12.12
CA THR F 432 54.30 31.83 -12.14
C THR F 432 55.21 30.62 -12.34
N GLU F 433 56.07 30.67 -13.34
CA GLU F 433 56.86 29.50 -13.72
C GLU F 433 58.06 29.28 -12.79
N LEU F 434 58.35 28.02 -12.49
CA LEU F 434 59.53 27.67 -11.71
C LEU F 434 60.79 27.81 -12.56
N ASN F 435 61.69 28.73 -12.19
CA ASN F 435 62.94 28.95 -12.95
C ASN F 435 64.25 28.57 -12.24
N ASP F 436 64.14 28.16 -10.98
CA ASP F 436 65.28 27.64 -10.21
C ASP F 436 65.49 26.18 -10.60
N PRO F 437 66.59 25.90 -11.34
CA PRO F 437 66.91 24.57 -11.88
C PRO F 437 66.98 23.49 -10.80
N MET F 438 67.51 23.87 -9.63
CA MET F 438 67.70 22.91 -8.53
C MET F 438 66.37 22.40 -7.97
N ARG F 439 65.48 23.33 -7.61
CA ARG F 439 64.15 22.95 -7.15
C ARG F 439 63.40 22.13 -8.19
N GLN F 440 63.57 22.53 -9.45
CA GLN F 440 62.88 21.86 -10.56
C GLN F 440 63.36 20.40 -10.68
N ARG F 441 64.66 20.21 -10.56
CA ARG F 441 65.24 18.87 -10.57
C ARG F 441 64.75 18.02 -9.37
N GLN F 442 64.77 18.57 -8.15
CA GLN F 442 64.25 17.88 -6.96
C GLN F 442 62.81 17.41 -7.15
N LEU F 443 61.98 18.32 -7.65
CA LEU F 443 60.57 18.04 -7.88
C LEU F 443 60.39 16.96 -8.96
N PHE F 444 61.27 16.99 -9.96
CA PHE F 444 61.27 15.99 -11.02
C PHE F 444 61.62 14.63 -10.45
N GLU F 445 62.47 14.65 -9.43
CA GLU F 445 62.95 13.44 -8.78
C GLU F 445 61.87 12.82 -7.91
N GLU F 446 61.16 13.66 -7.16
CA GLU F 446 59.99 13.18 -6.42
C GLU F 446 58.92 12.62 -7.38
N GLN F 447 58.71 13.30 -8.51
CA GLN F 447 57.80 12.81 -9.55
C GLN F 447 58.23 11.43 -10.07
N ALA F 448 59.52 11.27 -10.35
CA ALA F 448 60.07 10.01 -10.87
C ALA F 448 60.01 8.88 -9.83
N LYS F 449 60.12 9.25 -8.56
CA LYS F 449 59.97 8.32 -7.45
C LYS F 449 58.52 7.82 -7.38
N ALA F 450 57.56 8.74 -7.51
CA ALA F 450 56.14 8.35 -7.58
C ALA F 450 55.82 7.54 -8.86
N LYS F 451 56.60 7.75 -9.91
CA LYS F 451 56.45 7.03 -11.17
C LYS F 451 57.02 5.62 -11.04
N ALA F 452 57.97 5.45 -10.11
CA ALA F 452 58.57 4.14 -9.81
C ALA F 452 57.61 3.22 -9.07
N ALA F 453 56.77 3.79 -8.20
CA ALA F 453 55.76 3.02 -7.47
C ALA F 453 54.60 2.49 -8.36
N GLY F 454 54.48 3.01 -9.58
CA GLY F 454 53.51 2.46 -10.52
C GLY F 454 52.55 3.45 -11.13
N ASP F 455 52.65 4.72 -10.74
CA ASP F 455 51.78 5.78 -11.26
C ASP F 455 52.17 6.24 -12.67
N ASP F 456 51.39 5.84 -13.67
CA ASP F 456 51.68 6.12 -15.08
C ASP F 456 51.36 7.56 -15.53
N GLU F 457 50.70 8.35 -14.68
CA GLU F 457 50.40 9.74 -15.01
C GLU F 457 51.48 10.72 -14.51
N ALA F 458 52.01 10.46 -13.31
CA ALA F 458 53.15 11.23 -12.77
C ALA F 458 54.39 11.16 -13.70
N MET F 459 55.08 12.29 -13.84
CA MET F 459 55.95 12.53 -15.00
C MET F 459 57.46 12.24 -14.87
N PHE F 460 58.12 12.24 -16.04
CA PHE F 460 59.54 11.88 -16.17
C PHE F 460 60.52 12.98 -15.76
N ILE F 461 61.81 12.69 -15.86
CA ILE F 461 62.84 13.71 -15.68
C ILE F 461 63.40 14.17 -17.03
N ASP F 462 63.07 15.40 -17.42
CA ASP F 462 63.63 15.98 -18.63
C ASP F 462 64.91 16.68 -18.21
N GLU F 463 66.04 16.11 -18.60
CA GLU F 463 67.30 16.72 -18.21
C GLU F 463 67.64 17.92 -19.09
N ASN F 464 67.22 17.85 -20.36
CA ASN F 464 67.47 18.94 -21.31
C ASN F 464 66.78 20.20 -20.84
N PHE F 465 65.59 20.01 -20.27
CA PHE F 465 64.83 21.12 -19.73
C PHE F 465 65.53 21.72 -18.51
N CYS F 466 66.08 20.87 -17.66
CA CYS F 466 66.78 21.37 -16.48
C CYS F 466 68.05 22.13 -16.86
N THR F 467 68.74 21.64 -17.88
CA THR F 467 69.89 22.32 -18.45
C THR F 467 69.50 23.70 -18.98
N ALA F 468 68.39 23.71 -19.72
CA ALA F 468 67.86 24.95 -20.22
C ALA F 468 67.62 25.93 -19.07
N LEU F 469 67.09 25.41 -17.96
CA LEU F 469 66.86 26.26 -16.78
C LEU F 469 68.16 26.78 -16.20
N GLU F 470 69.20 25.95 -16.29
CA GLU F 470 70.54 26.32 -15.82
C GLU F 470 71.16 27.44 -16.62
N TYR F 471 70.76 27.56 -17.89
CA TYR F 471 71.24 28.67 -18.71
C TYR F 471 70.52 29.99 -18.39
N GLY F 472 69.47 29.92 -17.58
CA GLY F 472 68.78 31.12 -17.15
C GLY F 472 67.42 31.38 -17.78
N LEU F 473 66.37 30.87 -17.15
CA LEU F 473 65.00 31.20 -17.57
C LEU F 473 64.54 32.42 -16.80
N PRO F 474 64.23 33.52 -17.53
CA PRO F 474 63.80 34.76 -16.86
C PRO F 474 62.55 34.52 -16.01
N PRO F 475 62.32 35.38 -15.00
CA PRO F 475 61.06 35.29 -14.27
C PRO F 475 59.92 35.35 -15.29
N THR F 476 59.05 34.34 -15.26
CA THR F 476 58.10 34.14 -16.33
C THR F 476 56.78 33.61 -15.77
N ALA F 477 55.67 33.93 -16.45
CA ALA F 477 54.37 33.32 -16.11
C ALA F 477 53.71 32.63 -17.33
N GLY F 478 53.17 31.44 -17.12
CA GLY F 478 52.61 30.66 -18.20
C GLY F 478 51.16 30.29 -17.97
N TRP F 479 50.50 29.84 -19.04
CA TRP F 479 49.03 29.75 -19.07
C TRP F 479 48.55 28.76 -20.12
N GLY F 480 47.53 28.01 -19.76
CA GLY F 480 46.95 27.03 -20.66
C GLY F 480 45.42 27.08 -20.61
N MET F 481 44.79 26.84 -21.76
CA MET F 481 43.35 26.90 -21.87
C MET F 481 42.82 25.74 -22.71
N GLY F 482 41.74 25.12 -22.22
CA GLY F 482 41.10 24.02 -22.93
C GLY F 482 40.05 24.55 -23.90
N ILE F 483 40.44 24.65 -25.16
CA ILE F 483 39.59 25.31 -26.14
C ILE F 483 38.24 24.62 -26.23
N ASP F 484 38.27 23.29 -26.32
CA ASP F 484 37.04 22.54 -26.49
C ASP F 484 36.00 22.86 -25.40
N ARG F 485 36.47 22.96 -24.15
CA ARG F 485 35.58 23.34 -23.03
C ARG F 485 34.96 24.73 -23.17
N VAL F 486 35.79 25.71 -23.47
CA VAL F 486 35.30 27.06 -23.73
C VAL F 486 34.25 27.03 -24.85
N ALA F 487 34.52 26.20 -25.85
CA ALA F 487 33.58 25.96 -26.96
C ALA F 487 32.24 25.39 -26.49
N MET F 488 32.33 24.44 -25.55
CA MET F 488 31.15 23.84 -24.94
C MET F 488 30.30 24.88 -24.25
N PHE F 489 30.92 25.65 -23.36
CA PHE F 489 30.19 26.64 -22.56
C PHE F 489 29.66 27.78 -23.42
N LEU F 490 30.31 28.07 -24.54
CA LEU F 490 29.80 29.15 -25.42
C LEU F 490 28.83 28.68 -26.50
N THR F 491 28.67 27.37 -26.66
CA THR F 491 27.64 26.87 -27.56
C THR F 491 26.55 26.09 -26.85
N ASP F 492 26.56 26.16 -25.52
CA ASP F 492 25.58 25.46 -24.70
C ASP F 492 25.53 23.97 -25.07
N SER F 493 26.69 23.34 -24.98
CA SER F 493 26.83 21.91 -25.23
C SER F 493 27.29 21.29 -23.92
N ASN F 494 26.57 20.27 -23.48
CA ASN F 494 26.90 19.60 -22.21
C ASN F 494 27.85 18.43 -22.46
N ASN F 495 28.33 18.34 -23.69
CA ASN F 495 29.08 17.19 -24.14
C ASN F 495 30.14 17.60 -25.18
N ILE F 496 31.40 17.25 -24.91
CA ILE F 496 32.52 17.60 -25.77
C ILE F 496 32.39 17.09 -27.22
N LYS F 497 31.62 16.00 -27.42
CA LYS F 497 31.40 15.47 -28.75
C LYS F 497 30.70 16.48 -29.65
N GLU F 498 30.00 17.42 -29.01
CA GLU F 498 29.30 18.46 -29.74
C GLU F 498 30.21 19.47 -30.44
N VAL F 499 31.41 19.71 -29.88
CA VAL F 499 32.28 20.77 -30.40
C VAL F 499 33.53 20.20 -31.06
N LEU F 500 33.57 18.88 -31.18
CA LEU F 500 34.55 18.20 -32.03
C LEU F 500 33.84 17.73 -33.31
N LEU F 501 34.33 18.17 -34.47
CA LEU F 501 33.75 17.74 -35.74
C LEU F 501 33.64 16.23 -35.88
N PHE F 502 34.76 15.52 -35.68
CA PHE F 502 34.75 14.04 -35.73
C PHE F 502 35.27 13.41 -34.42
N PRO F 503 34.42 13.37 -33.37
CA PRO F 503 34.82 12.84 -32.05
C PRO F 503 35.09 11.35 -32.09
N ALA F 504 35.96 10.88 -31.18
CA ALA F 504 36.27 9.43 -31.12
C ALA F 504 35.09 8.61 -30.61
N MET F 505 34.75 7.55 -31.35
CA MET F 505 33.64 6.67 -30.99
C MET F 505 34.10 5.21 -30.82
N LYS F 506 33.75 4.60 -29.70
CA LYS F 506 33.96 3.16 -29.52
C LYS F 506 33.06 2.41 -30.51
N PRO F 507 33.67 1.73 -31.51
CA PRO F 507 32.96 1.13 -32.66
C PRO F 507 32.11 -0.10 -32.31
N ASP G 4 -16.92 -88.33 22.96
CA ASP G 4 -15.76 -87.53 23.36
C ASP G 4 -15.90 -86.07 22.89
N PRO G 5 -15.85 -85.10 23.83
CA PRO G 5 -16.12 -83.68 23.58
C PRO G 5 -15.24 -83.03 22.50
N ASN G 6 -13.95 -83.34 22.50
CA ASN G 6 -13.01 -82.78 21.51
C ASN G 6 -13.23 -83.31 20.09
N GLN G 7 -13.92 -84.45 20.00
CA GLN G 7 -14.29 -85.04 18.71
C GLN G 7 -15.68 -84.55 18.31
N TYR G 8 -16.56 -84.42 19.30
CA TYR G 8 -17.89 -83.82 19.09
C TYR G 8 -17.72 -82.44 18.46
N TYR G 9 -16.81 -81.67 19.02
CA TYR G 9 -16.52 -80.35 18.50
C TYR G 9 -16.06 -80.41 17.03
N LYS G 10 -15.11 -81.29 16.71
CA LYS G 10 -14.66 -81.40 15.31
C LYS G 10 -15.78 -81.81 14.33
N ILE G 11 -16.57 -82.82 14.72
CA ILE G 11 -17.68 -83.29 13.90
C ILE G 11 -18.72 -82.20 13.67
N ARG G 12 -19.12 -81.53 14.75
CA ARG G 12 -20.09 -80.45 14.66
C ARG G 12 -19.58 -79.30 13.80
N SER G 13 -18.31 -78.93 14.01
CA SER G 13 -17.66 -77.87 13.22
C SER G 13 -17.80 -78.18 11.76
N GLN G 14 -17.44 -79.42 11.41
CA GLN G 14 -17.54 -79.90 10.04
C GLN G 14 -18.98 -79.79 9.53
N ALA G 15 -19.95 -80.21 10.35
CA ALA G 15 -21.35 -80.27 9.92
C ALA G 15 -21.94 -78.89 9.65
N ILE G 16 -21.62 -77.96 10.54
CA ILE G 16 -22.03 -76.57 10.39
C ILE G 16 -21.34 -75.94 9.18
N HIS G 17 -20.06 -76.26 9.01
CA HIS G 17 -19.33 -75.80 7.82
C HIS G 17 -20.03 -76.26 6.54
N GLN G 18 -20.47 -77.52 6.56
CA GLN G 18 -21.18 -78.07 5.43
C GLN G 18 -22.47 -77.30 5.19
N LEU G 19 -23.19 -76.98 6.27
CA LEU G 19 -24.39 -76.15 6.18
C LEU G 19 -24.06 -74.81 5.50
N LYS G 20 -22.90 -74.25 5.84
CA LYS G 20 -22.46 -72.99 5.23
C LYS G 20 -22.27 -73.12 3.73
N VAL G 21 -21.43 -74.08 3.34
CA VAL G 21 -21.12 -74.26 1.91
C VAL G 21 -22.33 -74.72 1.09
N ASN G 22 -23.35 -75.26 1.76
CA ASN G 22 -24.58 -75.66 1.09
C ASN G 22 -25.60 -74.53 1.08
N GLY G 23 -25.32 -73.48 1.85
CA GLY G 23 -26.15 -72.30 1.89
C GLY G 23 -27.50 -72.50 2.54
N GLU G 24 -27.50 -73.26 3.63
CA GLU G 24 -28.70 -73.39 4.46
C GLU G 24 -28.64 -72.43 5.65
N ASP G 25 -27.58 -71.61 5.72
CA ASP G 25 -27.51 -70.42 6.55
C ASP G 25 -27.63 -70.71 8.05
N PRO G 26 -26.58 -71.32 8.65
CA PRO G 26 -26.62 -71.75 10.06
C PRO G 26 -26.62 -70.60 11.08
N TYR G 27 -26.11 -69.45 10.63
CA TYR G 27 -26.14 -68.23 11.43
C TYR G 27 -26.98 -67.15 10.73
N PRO G 28 -28.31 -67.33 10.71
CA PRO G 28 -29.15 -66.32 10.07
C PRO G 28 -29.00 -64.96 10.73
N HIS G 29 -29.28 -63.88 9.98
CA HIS G 29 -29.11 -62.53 10.48
C HIS G 29 -30.23 -62.13 11.47
N LYS G 30 -31.46 -62.42 11.09
CA LYS G 30 -32.62 -61.91 11.82
C LYS G 30 -33.74 -62.95 11.93
N PHE G 31 -34.13 -63.28 13.16
CA PHE G 31 -35.36 -64.03 13.38
C PHE G 31 -36.28 -63.20 14.26
N HIS G 32 -37.53 -63.06 13.83
CA HIS G 32 -38.48 -62.19 14.52
C HIS G 32 -39.31 -62.91 15.57
N VAL G 33 -38.90 -62.79 16.84
CA VAL G 33 -39.68 -63.34 17.94
C VAL G 33 -40.93 -62.50 18.17
N ASP G 34 -42.09 -63.16 18.26
CA ASP G 34 -43.36 -62.47 18.41
C ASP G 34 -43.67 -62.31 19.89
N ILE G 35 -43.10 -63.20 20.70
CA ILE G 35 -43.51 -63.31 22.11
C ILE G 35 -42.45 -63.98 22.97
N SER G 36 -42.28 -63.47 24.20
CA SER G 36 -41.35 -64.10 25.16
C SER G 36 -41.90 -65.44 25.65
N LEU G 37 -41.00 -66.32 26.08
CA LEU G 37 -41.40 -67.60 26.66
C LEU G 37 -42.24 -67.39 27.92
N THR G 38 -41.86 -66.40 28.71
CA THR G 38 -42.60 -66.06 29.93
C THR G 38 -44.03 -65.62 29.62
N ASP G 39 -44.17 -64.71 28.64
CA ASP G 39 -45.50 -64.26 28.23
C ASP G 39 -46.31 -65.38 27.59
N PHE G 40 -45.64 -66.23 26.81
CA PHE G 40 -46.27 -67.43 26.22
C PHE G 40 -46.91 -68.30 27.31
N ILE G 41 -46.09 -68.68 28.28
CA ILE G 41 -46.56 -69.49 29.40
C ILE G 41 -47.70 -68.80 30.19
N GLN G 42 -47.54 -67.50 30.45
CA GLN G 42 -48.55 -66.75 31.20
C GLN G 42 -49.88 -66.73 30.44
N LYS G 43 -49.80 -66.71 29.11
CA LYS G 43 -50.99 -66.64 28.27
C LYS G 43 -51.68 -67.98 28.09
N TYR G 44 -50.90 -69.05 27.98
CA TYR G 44 -51.48 -70.35 27.61
C TYR G 44 -51.36 -71.44 28.67
N SER G 45 -51.04 -71.06 29.89
CA SER G 45 -50.97 -72.04 30.96
C SER G 45 -52.37 -72.53 31.28
N HIS G 46 -53.35 -71.64 31.07
CA HIS G 46 -54.76 -71.89 31.39
C HIS G 46 -55.43 -72.93 30.45
N LEU G 47 -54.74 -73.30 29.36
CA LEU G 47 -55.26 -74.31 28.43
C LEU G 47 -55.57 -75.68 29.06
N GLN G 48 -56.67 -76.30 28.64
CA GLN G 48 -56.97 -77.66 29.09
C GLN G 48 -56.04 -78.63 28.36
N PRO G 49 -55.74 -79.79 28.98
CA PRO G 49 -54.90 -80.79 28.30
C PRO G 49 -55.54 -81.27 26.98
N GLY G 50 -54.72 -81.51 25.97
CA GLY G 50 -55.23 -81.97 24.68
C GLY G 50 -55.82 -80.85 23.84
N ASP G 51 -55.98 -79.67 24.42
CA ASP G 51 -56.48 -78.51 23.67
C ASP G 51 -55.37 -78.00 22.74
N HIS G 52 -55.75 -77.28 21.68
CA HIS G 52 -54.82 -76.97 20.61
C HIS G 52 -55.30 -75.79 19.76
N LEU G 53 -54.95 -74.58 20.20
CA LEU G 53 -55.37 -73.36 19.49
C LEU G 53 -54.70 -73.31 18.10
N THR G 54 -55.52 -73.37 17.06
CA THR G 54 -55.04 -73.46 15.68
C THR G 54 -55.10 -72.11 14.96
N ASP G 55 -55.96 -71.21 15.46
CA ASP G 55 -56.08 -69.85 14.93
C ASP G 55 -54.93 -68.95 15.39
N ILE G 56 -54.09 -69.46 16.28
CA ILE G 56 -52.97 -68.71 16.78
C ILE G 56 -51.65 -69.32 16.32
N THR G 57 -50.84 -68.51 15.65
CA THR G 57 -49.49 -68.91 15.26
C THR G 57 -48.51 -67.87 15.78
N LEU G 58 -47.43 -68.36 16.40
CA LEU G 58 -46.48 -67.50 17.10
C LEU G 58 -45.03 -67.96 16.91
N LYS G 59 -44.10 -67.01 16.84
CA LYS G 59 -42.68 -67.33 16.85
C LYS G 59 -42.04 -67.07 18.24
N VAL G 60 -41.42 -68.10 18.79
CA VAL G 60 -40.64 -67.97 20.01
C VAL G 60 -39.20 -68.43 19.75
N ALA G 61 -38.27 -68.09 20.63
CA ALA G 61 -36.91 -68.60 20.46
C ALA G 61 -36.30 -69.02 21.79
N GLY G 62 -35.23 -69.82 21.70
CA GLY G 62 -34.53 -70.24 22.90
C GLY G 62 -33.42 -71.22 22.64
N ARG G 63 -32.87 -71.76 23.72
CA ARG G 63 -31.82 -72.78 23.61
C ARG G 63 -32.42 -74.18 23.84
N ILE G 64 -31.87 -75.18 23.17
CA ILE G 64 -32.31 -76.56 23.32
C ILE G 64 -31.54 -77.22 24.48
N HIS G 65 -32.26 -77.61 25.54
CA HIS G 65 -31.65 -78.36 26.66
C HIS G 65 -31.80 -79.86 26.54
N ALA G 66 -32.81 -80.33 25.80
CA ALA G 66 -32.95 -81.76 25.54
C ALA G 66 -33.66 -82.04 24.23
N LYS G 67 -33.21 -83.08 23.55
CA LYS G 67 -33.83 -83.54 22.30
C LYS G 67 -34.20 -85.01 22.49
N ARG G 68 -35.48 -85.32 22.37
CA ARG G 68 -35.96 -86.67 22.65
C ARG G 68 -37.07 -87.08 21.66
N ALA G 69 -36.83 -88.16 20.92
CA ALA G 69 -37.80 -88.60 19.90
C ALA G 69 -38.78 -89.68 20.40
N SER G 70 -39.96 -89.72 19.78
CA SER G 70 -40.95 -90.77 20.01
C SER G 70 -41.15 -91.55 18.71
N GLY G 71 -40.10 -92.21 18.24
CA GLY G 71 -40.13 -92.89 16.98
C GLY G 71 -39.49 -92.08 15.87
N GLY G 72 -40.29 -91.71 14.87
CA GLY G 72 -39.76 -91.01 13.71
C GLY G 72 -40.66 -89.91 13.21
N LYS G 73 -41.89 -89.86 13.74
CA LYS G 73 -42.83 -88.81 13.35
C LYS G 73 -43.04 -87.86 14.52
N LEU G 74 -42.18 -87.96 15.52
CA LEU G 74 -42.33 -87.18 16.75
C LEU G 74 -41.02 -86.95 17.50
N ILE G 75 -40.65 -85.67 17.66
CA ILE G 75 -39.56 -85.28 18.55
C ILE G 75 -40.00 -84.16 19.48
N PHE G 76 -39.67 -84.31 20.76
CA PHE G 76 -39.90 -83.26 21.76
C PHE G 76 -38.61 -82.49 22.00
N TYR G 77 -38.72 -81.16 22.05
CA TYR G 77 -37.56 -80.33 22.36
C TYR G 77 -37.80 -79.54 23.65
N ASP G 78 -36.83 -79.59 24.55
CA ASP G 78 -36.90 -78.80 25.77
C ASP G 78 -36.28 -77.45 25.47
N LEU G 79 -37.11 -76.42 25.27
CA LEU G 79 -36.59 -75.10 24.89
C LEU G 79 -36.57 -74.15 26.08
N ARG G 80 -35.39 -73.68 26.45
CA ARG G 80 -35.27 -72.80 27.59
C ARG G 80 -34.86 -71.37 27.24
N GLY G 81 -35.27 -70.46 28.11
CA GLY G 81 -34.94 -69.05 28.02
C GLY G 81 -35.58 -68.33 29.18
N GLU G 82 -34.91 -67.32 29.70
CA GLU G 82 -35.48 -66.49 30.78
C GLU G 82 -35.69 -67.27 32.07
N GLY G 83 -35.04 -68.43 32.19
CA GLY G 83 -35.22 -69.23 33.39
C GLY G 83 -36.56 -69.94 33.40
N VAL G 84 -37.20 -69.98 32.23
CA VAL G 84 -38.38 -70.83 32.06
C VAL G 84 -38.12 -71.87 30.97
N LYS G 85 -39.10 -72.74 30.74
CA LYS G 85 -38.97 -73.81 29.75
C LYS G 85 -40.29 -74.01 29.00
N LEU G 86 -40.17 -74.45 27.75
CA LEU G 86 -41.34 -74.69 26.90
C LEU G 86 -41.07 -75.92 26.09
N GLN G 87 -42.06 -76.79 26.05
CA GLN G 87 -42.00 -77.99 25.21
C GLN G 87 -42.31 -77.66 23.75
N VAL G 88 -41.42 -78.07 22.85
CA VAL G 88 -41.71 -78.07 21.43
C VAL G 88 -42.12 -79.49 21.02
N MET G 89 -43.42 -79.66 20.74
CA MET G 89 -43.94 -80.94 20.30
C MET G 89 -43.95 -80.97 18.79
N ALA G 90 -42.86 -81.50 18.21
CA ALA G 90 -42.73 -81.56 16.76
C ALA G 90 -43.19 -82.91 16.22
N ASN G 91 -44.39 -82.92 15.64
CA ASN G 91 -44.88 -84.08 14.89
C ASN G 91 -45.07 -83.79 13.39
N SER G 92 -44.82 -84.81 12.57
CA SER G 92 -44.78 -84.64 11.12
C SER G 92 -46.03 -84.06 10.45
N ARG G 93 -47.22 -84.42 10.96
CA ARG G 93 -48.47 -84.00 10.30
C ARG G 93 -48.79 -82.51 10.54
N ASN G 94 -48.13 -81.91 11.53
CA ASN G 94 -48.33 -80.51 11.84
C ASN G 94 -47.23 -79.62 11.27
N TYR G 95 -46.11 -80.23 10.91
CA TYR G 95 -45.03 -79.50 10.24
C TYR G 95 -45.45 -79.00 8.84
N LYS G 96 -44.57 -78.20 8.21
CA LYS G 96 -44.87 -77.69 6.87
C LYS G 96 -44.72 -78.82 5.86
N SER G 97 -43.84 -79.77 6.16
CA SER G 97 -43.53 -80.89 5.27
C SER G 97 -42.74 -82.00 5.99
N GLU G 98 -42.93 -83.26 5.56
CA GLU G 98 -42.26 -84.38 6.22
C GLU G 98 -40.77 -84.43 5.88
N GLU G 99 -40.41 -84.00 4.66
CA GLU G 99 -39.01 -83.94 4.25
C GLU G 99 -38.23 -82.86 5.00
N GLU G 100 -38.87 -81.70 5.16
CA GLU G 100 -38.29 -80.58 5.93
C GLU G 100 -38.22 -80.93 7.43
N PHE G 101 -39.25 -81.64 7.93
CA PHE G 101 -39.29 -82.14 9.31
C PHE G 101 -38.06 -83.00 9.57
N ILE G 102 -37.85 -83.99 8.70
CA ILE G 102 -36.71 -84.88 8.78
C ILE G 102 -35.37 -84.13 8.70
N HIS G 103 -35.28 -83.20 7.75
CA HIS G 103 -34.05 -82.42 7.55
C HIS G 103 -33.70 -81.60 8.80
N ILE G 104 -34.71 -80.91 9.32
CA ILE G 104 -34.53 -80.01 10.45
C ILE G 104 -34.19 -80.80 11.73
N ASN G 105 -34.88 -81.92 11.96
CA ASN G 105 -34.56 -82.75 13.14
C ASN G 105 -33.18 -83.38 13.06
N ASN G 106 -32.78 -83.76 11.85
CA ASN G 106 -31.45 -84.32 11.66
C ASN G 106 -30.40 -83.24 11.85
N LYS G 107 -30.81 -81.99 11.65
CA LYS G 107 -29.89 -80.86 11.78
C LYS G 107 -29.59 -80.54 13.27
N LEU G 108 -30.65 -80.45 14.07
CA LEU G 108 -30.57 -79.97 15.45
C LEU G 108 -29.85 -80.89 16.44
N ARG G 109 -29.18 -80.25 17.39
CA ARG G 109 -28.61 -80.92 18.54
C ARG G 109 -28.93 -80.13 19.82
N ARG G 110 -28.68 -80.74 20.97
CA ARG G 110 -28.86 -80.09 22.25
C ARG G 110 -27.80 -78.99 22.41
N GLY G 111 -28.24 -77.83 22.92
CA GLY G 111 -27.39 -76.66 23.05
C GLY G 111 -27.67 -75.58 22.00
N ASP G 112 -28.37 -75.97 20.94
CA ASP G 112 -28.63 -75.08 19.83
C ASP G 112 -29.67 -74.00 20.11
N ILE G 113 -29.35 -72.78 19.69
CA ILE G 113 -30.31 -71.70 19.68
C ILE G 113 -31.17 -71.86 18.43
N ILE G 114 -32.48 -71.99 18.65
CA ILE G 114 -33.46 -72.14 17.57
C ILE G 114 -34.66 -71.20 17.74
N GLY G 115 -35.30 -70.90 16.61
CA GLY G 115 -36.57 -70.20 16.58
C GLY G 115 -37.66 -71.16 16.09
N VAL G 116 -38.84 -71.05 16.71
CA VAL G 116 -39.94 -71.96 16.48
C VAL G 116 -41.20 -71.17 16.14
N GLN G 117 -41.78 -71.52 15.00
CA GLN G 117 -43.05 -70.96 14.61
C GLN G 117 -44.13 -72.04 14.68
N GLY G 118 -45.25 -71.75 15.33
CA GLY G 118 -46.23 -72.78 15.59
C GLY G 118 -47.39 -72.37 16.46
N ASN G 119 -48.08 -73.38 17.00
CA ASN G 119 -49.35 -73.15 17.70
C ASN G 119 -49.24 -73.55 19.15
N PRO G 120 -49.86 -72.77 20.03
CA PRO G 120 -49.92 -73.19 21.43
C PRO G 120 -50.83 -74.42 21.63
N GLY G 121 -50.52 -75.26 22.60
CA GLY G 121 -51.38 -76.35 22.99
C GLY G 121 -50.78 -77.24 24.06
N LYS G 122 -51.59 -77.72 25.00
CA LYS G 122 -51.15 -78.72 25.98
C LYS G 122 -51.15 -80.15 25.42
N THR G 123 -50.43 -81.04 26.07
CA THR G 123 -50.54 -82.46 25.78
C THR G 123 -51.66 -83.08 26.62
N LYS G 124 -52.03 -84.31 26.31
CA LYS G 124 -52.98 -85.04 27.15
C LYS G 124 -52.35 -85.27 28.52
N LYS G 125 -51.03 -85.54 28.52
CA LYS G 125 -50.24 -85.66 29.75
C LYS G 125 -50.27 -84.37 30.59
N GLY G 126 -50.57 -83.23 29.96
CA GLY G 126 -50.76 -81.95 30.65
C GLY G 126 -49.71 -80.88 30.39
N GLU G 127 -48.66 -81.23 29.66
CA GLU G 127 -47.55 -80.30 29.42
C GLU G 127 -47.86 -79.25 28.36
N LEU G 128 -47.80 -77.98 28.75
CA LEU G 128 -47.93 -76.88 27.79
C LEU G 128 -46.81 -76.94 26.76
N SER G 129 -47.21 -76.83 25.49
CA SER G 129 -46.27 -76.99 24.38
C SER G 129 -46.59 -76.04 23.24
N ILE G 130 -45.60 -75.87 22.37
CA ILE G 130 -45.81 -75.23 21.08
C ILE G 130 -45.64 -76.34 20.03
N ILE G 131 -46.52 -76.36 19.04
CA ILE G 131 -46.44 -77.34 17.95
C ILE G 131 -46.04 -76.62 16.68
N PRO G 132 -44.81 -76.90 16.21
CA PRO G 132 -44.18 -76.16 15.12
C PRO G 132 -44.71 -76.42 13.70
N TYR G 133 -45.03 -75.32 13.01
CA TYR G 133 -45.14 -75.30 11.56
C TYR G 133 -43.72 -75.32 10.97
N GLU G 134 -42.80 -74.63 11.63
CA GLU G 134 -41.43 -74.52 11.15
C GLU G 134 -40.45 -74.24 12.28
N ILE G 135 -39.29 -74.87 12.19
CA ILE G 135 -38.19 -74.69 13.14
C ILE G 135 -36.96 -74.16 12.41
N THR G 136 -36.40 -73.06 12.89
CA THR G 136 -35.18 -72.54 12.29
C THR G 136 -33.97 -72.62 13.22
N LEU G 137 -32.83 -73.03 12.66
CA LEU G 137 -31.59 -72.97 13.42
C LEU G 137 -31.06 -71.54 13.43
N LEU G 138 -30.86 -70.98 14.62
CA LEU G 138 -30.40 -69.61 14.76
C LEU G 138 -28.92 -69.54 15.06
N SER G 139 -28.47 -70.43 15.93
CA SER G 139 -27.06 -70.46 16.26
C SER G 139 -26.70 -71.83 16.84
N PRO G 140 -25.83 -72.57 16.15
CA PRO G 140 -25.45 -73.90 16.59
C PRO G 140 -24.50 -73.86 17.79
N CYS G 141 -24.65 -74.83 18.70
CA CYS G 141 -23.73 -75.03 19.80
C CYS G 141 -22.74 -76.11 19.38
N LEU G 142 -21.47 -75.73 19.29
CA LEU G 142 -20.45 -76.64 18.74
C LEU G 142 -19.84 -77.56 19.76
N HIS G 143 -20.27 -77.43 21.01
CA HIS G 143 -19.66 -78.22 22.07
C HIS G 143 -20.64 -79.17 22.73
N MET G 144 -20.07 -80.16 23.43
CA MET G 144 -20.86 -80.93 24.37
C MET G 144 -21.15 -80.06 25.58
N LEU G 145 -22.43 -79.84 25.87
CA LEU G 145 -22.81 -79.24 27.13
C LEU G 145 -22.69 -80.30 28.20
N PRO G 146 -22.28 -79.91 29.43
CA PRO G 146 -22.24 -80.86 30.55
C PRO G 146 -23.59 -81.57 30.78
N HIS G 147 -23.54 -82.84 31.19
CA HIS G 147 -24.75 -83.68 31.27
C HIS G 147 -25.59 -83.48 32.52
N GLY G 151 -23.33 -81.76 34.90
CA GLY G 151 -22.82 -80.77 35.83
C GLY G 151 -23.94 -80.07 36.57
N LEU G 152 -23.78 -78.78 36.88
CA LEU G 152 -22.50 -78.05 36.82
C LEU G 152 -22.30 -77.50 38.23
N LYS G 153 -21.38 -78.09 38.98
CA LYS G 153 -21.22 -77.74 40.39
C LYS G 153 -19.85 -77.16 40.67
N ASP G 154 -18.86 -77.58 39.88
CA ASP G 154 -17.45 -77.18 40.07
C ASP G 154 -17.24 -75.67 39.99
N LYS G 155 -16.96 -75.07 41.15
CA LYS G 155 -16.92 -73.61 41.29
C LYS G 155 -15.96 -72.89 40.33
N GLU G 156 -14.74 -73.41 40.18
CA GLU G 156 -13.77 -72.82 39.27
C GLU G 156 -14.31 -72.79 37.83
N THR G 157 -14.92 -73.90 37.43
CA THR G 157 -15.47 -74.03 36.09
C THR G 157 -16.65 -73.07 35.85
N ARG G 158 -17.46 -72.81 36.89
CA ARG G 158 -18.57 -71.86 36.80
C ARG G 158 -18.08 -70.42 36.67
N TYR G 159 -17.15 -70.04 37.55
CA TYR G 159 -16.63 -68.68 37.59
C TYR G 159 -15.72 -68.35 36.40
N ARG G 160 -15.21 -69.37 35.71
CA ARG G 160 -14.35 -69.11 34.56
C ARG G 160 -15.14 -69.15 33.26
N GLN G 161 -16.24 -69.91 33.27
CA GLN G 161 -17.16 -69.96 32.14
C GLN G 161 -18.58 -69.59 32.59
N ARG G 162 -18.75 -68.31 32.92
CA ARG G 162 -20.00 -67.84 33.50
C ARG G 162 -21.21 -68.11 32.61
N TYR G 163 -20.99 -68.10 31.29
CA TYR G 163 -22.10 -68.37 30.37
C TYR G 163 -22.65 -69.79 30.51
N LEU G 164 -21.76 -70.77 30.73
CA LEU G 164 -22.20 -72.14 31.02
C LEU G 164 -23.01 -72.17 32.29
N ASP G 165 -22.50 -71.46 33.30
CA ASP G 165 -23.16 -71.41 34.59
C ASP G 165 -24.60 -70.90 34.45
N LEU G 166 -24.75 -69.82 33.69
CA LEU G 166 -26.04 -69.19 33.42
C LEU G 166 -26.96 -70.03 32.55
N ILE G 167 -26.38 -70.78 31.62
CA ILE G 167 -27.17 -71.71 30.81
C ILE G 167 -27.73 -72.85 31.67
N LEU G 168 -26.86 -73.48 32.45
CA LEU G 168 -27.18 -74.70 33.18
C LEU G 168 -27.83 -74.47 34.55
N ASN G 169 -27.32 -73.52 35.31
CA ASN G 169 -27.85 -73.23 36.67
C ASN G 169 -28.81 -72.03 36.75
N ASP G 170 -30.02 -72.30 37.24
CA ASP G 170 -31.08 -71.31 37.21
C ASP G 170 -30.92 -70.23 38.27
N PHE G 171 -30.25 -70.55 39.37
CA PHE G 171 -30.19 -69.67 40.53
C PHE G 171 -29.23 -68.48 40.33
N VAL G 172 -28.21 -68.67 39.49
CA VAL G 172 -27.25 -67.60 39.21
C VAL G 172 -27.94 -66.33 38.67
N ARG G 173 -28.70 -66.51 37.62
CA ARG G 173 -29.51 -65.45 37.05
C ARG G 173 -30.29 -64.72 38.14
N GLN G 174 -30.84 -65.48 39.08
CA GLN G 174 -31.63 -64.86 40.15
C GLN G 174 -30.74 -64.00 41.06
N LYS G 175 -29.52 -64.46 41.32
CA LYS G 175 -28.62 -63.70 42.19
C LYS G 175 -28.31 -62.37 41.54
N PHE G 176 -27.98 -62.41 40.26
CA PHE G 176 -27.66 -61.17 39.55
C PHE G 176 -28.86 -60.22 39.39
N ILE G 177 -30.06 -60.78 39.28
CA ILE G 177 -31.27 -59.94 39.29
C ILE G 177 -31.42 -59.25 40.65
N ILE G 178 -31.17 -59.99 41.74
CA ILE G 178 -31.21 -59.39 43.07
C ILE G 178 -30.17 -58.28 43.22
N ARG G 179 -28.96 -58.53 42.73
CA ARG G 179 -27.91 -57.52 42.79
C ARG G 179 -28.38 -56.23 42.11
N SER G 180 -28.95 -56.41 40.92
CA SER G 180 -29.44 -55.29 40.14
C SER G 180 -30.54 -54.53 40.89
N LYS G 181 -31.45 -55.28 41.51
CA LYS G 181 -32.54 -54.70 42.29
C LYS G 181 -32.02 -53.91 43.46
N ILE G 182 -30.92 -54.38 44.06
CA ILE G 182 -30.29 -53.66 45.19
C ILE G 182 -29.79 -52.29 44.74
N ILE G 183 -28.97 -52.30 43.68
CA ILE G 183 -28.45 -51.03 43.15
C ILE G 183 -29.54 -50.04 42.72
N THR G 184 -30.53 -50.58 42.01
CA THR G 184 -31.65 -49.80 41.51
C THR G 184 -32.46 -49.19 42.66
N TYR G 185 -32.69 -50.01 43.69
CA TYR G 185 -33.36 -49.53 44.89
C TYR G 185 -32.58 -48.34 45.49
N ILE G 186 -31.27 -48.52 45.67
CA ILE G 186 -30.48 -47.46 46.28
C ILE G 186 -30.62 -46.17 45.49
N ARG G 187 -30.48 -46.27 44.17
CA ARG G 187 -30.62 -45.06 43.35
C ARG G 187 -32.01 -44.43 43.56
N SER G 188 -33.08 -45.23 43.52
CA SER G 188 -34.43 -44.67 43.70
C SER G 188 -34.53 -43.93 45.03
N PHE G 189 -34.03 -44.57 46.07
CA PHE G 189 -34.00 -44.02 47.40
C PHE G 189 -33.30 -42.64 47.50
N LEU G 190 -32.07 -42.54 46.98
CA LEU G 190 -31.33 -41.31 47.05
C LEU G 190 -31.88 -40.24 46.08
N ASP G 191 -32.26 -40.67 44.87
CA ASP G 191 -32.89 -39.79 43.90
C ASP G 191 -34.08 -39.08 44.57
N GLU G 192 -34.95 -39.88 45.18
CA GLU G 192 -36.16 -39.34 45.81
C GLU G 192 -35.84 -38.45 47.00
N LEU G 193 -34.64 -38.59 47.56
CA LEU G 193 -34.22 -37.72 48.67
C LEU G 193 -33.53 -36.44 48.21
N GLY G 194 -33.52 -36.21 46.89
CA GLY G 194 -32.91 -35.02 46.31
C GLY G 194 -31.41 -35.11 46.03
N PHE G 195 -30.86 -36.32 45.95
CA PHE G 195 -29.44 -36.47 45.66
C PHE G 195 -29.09 -36.41 44.16
N LEU G 196 -28.00 -35.73 43.82
CA LEU G 196 -27.50 -35.73 42.44
C LEU G 196 -26.49 -36.85 42.25
N GLU G 197 -26.82 -37.77 41.33
CA GLU G 197 -25.92 -38.86 40.94
C GLU G 197 -24.79 -38.31 40.07
N ILE G 198 -23.56 -38.41 40.60
CA ILE G 198 -22.36 -37.85 39.98
C ILE G 198 -21.28 -38.88 39.65
N GLU G 199 -20.33 -38.48 38.81
CA GLU G 199 -19.14 -39.29 38.52
C GLU G 199 -17.86 -38.53 38.83
N THR G 200 -17.05 -39.07 39.74
CA THR G 200 -15.75 -38.46 40.02
C THR G 200 -14.64 -39.33 39.39
N PRO G 201 -13.41 -38.77 39.21
CA PRO G 201 -12.32 -39.51 38.54
C PRO G 201 -12.03 -40.88 39.17
N MET G 202 -11.72 -41.87 38.35
CA MET G 202 -11.32 -43.19 38.83
C MET G 202 -9.80 -43.38 38.76
N MET G 203 -9.11 -42.46 38.08
CA MET G 203 -7.65 -42.40 38.19
C MET G 203 -7.21 -41.03 38.72
N ASN G 204 -6.43 -41.05 39.79
CA ASN G 204 -6.02 -39.84 40.47
C ASN G 204 -4.49 -39.64 40.42
N ILE G 205 -4.02 -38.56 41.02
CA ILE G 205 -2.58 -38.35 41.14
C ILE G 205 -2.15 -38.78 42.53
N ILE G 206 -3.02 -38.48 43.49
CA ILE G 206 -2.90 -38.99 44.84
C ILE G 206 -4.16 -39.77 45.18
N PRO G 207 -4.02 -41.07 45.46
CA PRO G 207 -5.16 -41.89 45.90
C PRO G 207 -5.58 -41.52 47.34
N GLY G 208 -6.86 -41.24 47.55
CA GLY G 208 -7.37 -40.88 48.87
C GLY G 208 -8.74 -41.44 49.21
N GLY G 209 -9.20 -41.20 50.44
CA GLY G 209 -10.57 -41.53 50.83
C GLY G 209 -10.72 -42.76 51.69
N ALA G 210 -9.83 -43.72 51.51
CA ALA G 210 -9.85 -44.95 52.28
C ALA G 210 -8.44 -45.41 52.64
N VAL G 211 -8.37 -46.51 53.38
CA VAL G 211 -7.09 -47.09 53.73
C VAL G 211 -6.90 -48.35 52.86
N ALA G 212 -5.99 -48.26 51.89
CA ALA G 212 -5.76 -49.33 50.91
C ALA G 212 -4.44 -49.21 50.10
N LYS G 213 -4.06 -50.32 49.45
CA LYS G 213 -2.86 -50.34 48.60
C LYS G 213 -3.26 -50.27 47.12
N PRO G 214 -2.86 -49.20 46.43
CA PRO G 214 -3.41 -48.83 45.12
C PRO G 214 -2.82 -49.60 43.93
N PHE G 215 -3.52 -49.51 42.80
CA PHE G 215 -2.99 -49.95 41.52
C PHE G 215 -2.33 -48.76 40.89
N ILE G 216 -1.11 -48.94 40.36
CA ILE G 216 -0.43 -47.85 39.67
C ILE G 216 -0.43 -48.13 38.17
N THR G 217 -0.60 -47.07 37.38
CA THR G 217 -0.52 -47.19 35.93
C THR G 217 0.06 -45.90 35.37
N TYR G 218 0.40 -45.93 34.10
CA TYR G 218 1.19 -44.86 33.54
C TYR G 218 0.45 -44.21 32.40
N HIS G 219 0.40 -42.88 32.41
CA HIS G 219 -0.20 -42.13 31.30
C HIS G 219 0.90 -41.67 30.33
N ASN G 220 0.92 -42.28 29.15
CA ASN G 220 2.03 -42.12 28.21
C ASN G 220 2.28 -40.68 27.81
N GLU G 221 1.23 -39.99 27.41
CA GLU G 221 1.39 -38.65 26.86
C GLU G 221 1.61 -37.56 27.90
N LEU G 222 1.65 -37.96 29.17
CA LEU G 222 1.96 -37.01 30.23
C LEU G 222 3.22 -37.37 31.01
N ASP G 223 3.84 -38.50 30.66
CA ASP G 223 5.02 -38.99 31.38
C ASP G 223 4.75 -39.07 32.90
N MET G 224 3.50 -39.33 33.26
CA MET G 224 3.07 -39.29 34.65
C MET G 224 2.37 -40.56 35.10
N ASN G 225 2.69 -41.00 36.33
CA ASN G 225 1.98 -42.10 36.96
C ASN G 225 0.66 -41.64 37.57
N LEU G 226 -0.37 -42.46 37.41
CA LEU G 226 -1.68 -42.23 38.00
C LEU G 226 -2.06 -43.45 38.81
N TYR G 227 -2.84 -43.23 39.86
CA TYR G 227 -3.29 -44.30 40.74
C TYR G 227 -4.78 -44.57 40.52
N MET G 228 -5.16 -45.84 40.44
CA MET G 228 -6.58 -46.19 40.38
C MET G 228 -7.17 -45.93 41.77
N ARG G 229 -8.41 -45.44 41.79
CA ARG G 229 -9.02 -44.99 43.04
C ARG G 229 -9.47 -46.08 44.01
N ILE G 230 -9.47 -45.71 45.30
CA ILE G 230 -9.91 -46.59 46.38
C ILE G 230 -11.23 -46.10 47.00
N ALA G 231 -11.59 -44.84 46.70
CA ALA G 231 -12.83 -44.22 47.16
C ALA G 231 -12.99 -42.87 46.47
N PRO G 232 -14.27 -42.45 46.23
CA PRO G 232 -14.62 -41.16 45.61
C PRO G 232 -14.74 -40.00 46.61
N GLU G 233 -14.68 -40.35 47.91
CA GLU G 233 -14.89 -39.42 49.04
C GLU G 233 -14.43 -37.94 48.92
N LEU G 234 -13.13 -37.71 48.71
CA LEU G 234 -12.59 -36.35 48.68
C LEU G 234 -13.18 -35.47 47.58
N TYR G 235 -13.43 -36.08 46.42
CA TYR G 235 -14.10 -35.37 45.33
C TYR G 235 -15.52 -34.97 45.73
N HIS G 236 -16.25 -35.92 46.35
CA HIS G 236 -17.62 -35.62 46.81
C HIS G 236 -17.63 -34.43 47.77
N LYS G 237 -16.73 -34.48 48.75
CA LYS G 237 -16.64 -33.37 49.71
C LYS G 237 -16.32 -32.04 48.99
N MET G 238 -15.45 -32.11 47.99
CA MET G 238 -15.17 -30.91 47.19
C MET G 238 -16.42 -30.36 46.51
N LEU G 239 -17.30 -31.26 46.07
CA LEU G 239 -18.53 -30.84 45.39
C LEU G 239 -19.50 -30.22 46.37
N VAL G 240 -19.53 -30.75 47.59
CA VAL G 240 -20.37 -30.14 48.63
C VAL G 240 -19.86 -28.73 48.95
N VAL G 241 -18.53 -28.57 48.98
CA VAL G 241 -17.96 -27.23 49.02
C VAL G 241 -18.48 -26.37 47.86
N GLY G 242 -18.54 -26.99 46.66
CA GLY G 242 -19.03 -26.31 45.47
C GLY G 242 -20.47 -25.83 45.59
N GLY G 243 -21.25 -26.41 46.50
CA GLY G 243 -22.60 -25.94 46.72
C GLY G 243 -23.66 -26.96 46.39
N ILE G 244 -23.23 -28.14 45.89
CA ILE G 244 -24.16 -29.24 45.64
C ILE G 244 -24.35 -29.97 46.96
N ASP G 245 -25.53 -29.77 47.56
CA ASP G 245 -25.77 -30.21 48.94
C ASP G 245 -25.87 -31.73 49.12
N ARG G 246 -26.34 -32.45 48.10
CA ARG G 246 -26.50 -33.90 48.21
C ARG G 246 -25.97 -34.60 46.97
N VAL G 247 -24.89 -35.38 47.14
CA VAL G 247 -24.36 -36.17 46.03
C VAL G 247 -24.27 -37.65 46.36
N TYR G 248 -24.31 -38.49 45.33
CA TYR G 248 -23.98 -39.92 45.48
C TYR G 248 -23.33 -40.49 44.21
N GLU G 249 -22.66 -41.64 44.38
CA GLU G 249 -21.99 -42.33 43.28
C GLU G 249 -21.97 -43.83 43.59
N ILE G 250 -22.59 -44.60 42.71
CA ILE G 250 -22.48 -46.05 42.79
C ILE G 250 -21.52 -46.47 41.69
N GLY G 251 -20.28 -46.76 42.10
CA GLY G 251 -19.20 -47.02 41.16
C GLY G 251 -18.10 -47.97 41.63
N ARG G 252 -17.18 -48.25 40.73
CA ARG G 252 -16.14 -49.23 40.98
C ARG G 252 -15.01 -48.63 41.79
N GLN G 253 -14.33 -49.53 42.50
CA GLN G 253 -13.21 -49.20 43.35
C GLN G 253 -12.15 -50.29 43.20
N PHE G 254 -10.91 -49.95 43.50
CA PHE G 254 -9.80 -50.84 43.21
C PHE G 254 -8.83 -51.02 44.38
N ARG G 255 -8.37 -52.25 44.58
CA ARG G 255 -7.38 -52.57 45.62
C ARG G 255 -6.38 -53.63 45.17
N ASN G 256 -5.10 -53.25 45.18
CA ASN G 256 -4.03 -54.18 44.88
C ASN G 256 -3.75 -55.02 46.13
N GLU G 257 -4.34 -56.22 46.19
CA GLU G 257 -4.47 -56.98 47.43
C GLU G 257 -4.64 -58.46 47.17
N GLY G 258 -5.14 -59.15 48.19
CA GLY G 258 -5.41 -60.57 48.10
C GLY G 258 -6.75 -60.89 47.47
N ILE G 259 -6.78 -61.97 46.69
CA ILE G 259 -8.00 -62.42 46.05
C ILE G 259 -8.48 -63.67 46.74
N ASP G 260 -9.68 -63.62 47.27
CA ASP G 260 -10.17 -64.67 48.14
C ASP G 260 -11.69 -64.86 48.07
N LEU G 261 -12.28 -65.16 49.22
CA LEU G 261 -13.71 -65.33 49.37
C LEU G 261 -14.53 -64.10 49.76
N THR G 262 -13.89 -62.99 50.01
CA THR G 262 -14.60 -61.73 50.22
C THR G 262 -13.73 -60.58 49.73
N HIS G 263 -12.83 -60.88 48.79
CA HIS G 263 -11.92 -59.88 48.26
C HIS G 263 -11.66 -60.01 46.76
N ASN G 264 -12.16 -59.01 46.02
CA ASN G 264 -11.85 -58.86 44.61
C ASN G 264 -11.09 -57.55 44.41
N PRO G 265 -10.14 -57.53 43.44
CA PRO G 265 -9.31 -56.34 43.15
C PRO G 265 -10.14 -55.12 42.71
N GLU G 266 -11.31 -55.41 42.16
CA GLU G 266 -12.27 -54.37 41.83
C GLU G 266 -13.63 -54.76 42.42
N PHE G 267 -14.31 -53.77 43.01
CA PHE G 267 -15.58 -54.02 43.68
C PHE G 267 -16.45 -52.75 43.68
N THR G 268 -17.72 -52.88 44.05
CA THR G 268 -18.61 -51.74 43.88
C THR G 268 -19.07 -51.11 45.19
N THR G 269 -18.88 -49.80 45.31
CA THR G 269 -19.46 -49.12 46.46
C THR G 269 -20.44 -48.05 46.07
N CYS G 270 -21.33 -47.73 47.02
CA CYS G 270 -22.13 -46.53 46.94
C CYS G 270 -21.64 -45.55 47.99
N GLU G 271 -21.31 -44.34 47.57
CA GLU G 271 -20.95 -43.30 48.52
C GLU G 271 -21.89 -42.11 48.35
N PHE G 272 -22.45 -41.64 49.45
CA PHE G 272 -23.23 -40.39 49.41
C PHE G 272 -22.81 -39.38 50.48
N TYR G 273 -22.91 -38.10 50.13
CA TYR G 273 -22.61 -37.00 51.04
C TYR G 273 -23.81 -36.06 51.13
N MET G 274 -24.09 -35.64 52.37
CA MET G 274 -25.28 -34.88 52.69
C MET G 274 -25.00 -33.69 53.61
N ALA G 275 -25.24 -32.49 53.07
CA ALA G 275 -24.96 -31.26 53.80
C ALA G 275 -26.03 -30.98 54.88
N TYR G 276 -25.56 -30.46 56.00
CA TYR G 276 -26.38 -30.13 57.16
C TYR G 276 -26.92 -31.35 57.94
N ALA G 277 -26.33 -32.52 57.64
CA ALA G 277 -26.64 -33.78 58.32
C ALA G 277 -25.46 -34.15 59.23
N ASP G 278 -25.75 -34.89 60.30
CA ASP G 278 -24.70 -35.55 61.09
C ASP G 278 -24.93 -37.08 61.08
N TYR G 279 -24.04 -37.83 61.75
CA TYR G 279 -24.15 -39.28 61.72
C TYR G 279 -25.40 -39.85 62.41
N HIS G 280 -26.07 -39.07 63.25
CA HIS G 280 -27.37 -39.52 63.77
C HIS G 280 -28.38 -39.63 62.63
N ASP G 281 -28.50 -38.53 61.89
CA ASP G 281 -29.32 -38.47 60.67
C ASP G 281 -28.99 -39.60 59.73
N LEU G 282 -27.69 -39.83 59.53
CA LEU G 282 -27.24 -40.93 58.69
C LEU G 282 -27.61 -42.31 59.24
N MET G 283 -27.70 -42.44 60.56
CA MET G 283 -28.16 -43.67 61.17
C MET G 283 -29.64 -43.93 60.86
N GLU G 284 -30.48 -42.91 61.02
CA GLU G 284 -31.91 -43.05 60.65
C GLU G 284 -32.06 -43.44 59.18
N ILE G 285 -31.38 -42.68 58.31
CA ILE G 285 -31.41 -42.93 56.87
C ILE G 285 -30.95 -44.36 56.52
N THR G 286 -29.84 -44.79 57.10
CA THR G 286 -29.37 -46.16 56.93
C THR G 286 -30.39 -47.23 57.35
N GLU G 287 -30.94 -47.09 58.55
CA GLU G 287 -32.02 -48.00 58.98
C GLU G 287 -33.11 -48.08 57.93
N LYS G 288 -33.61 -46.92 57.51
CA LYS G 288 -34.72 -46.88 56.56
C LYS G 288 -34.37 -47.55 55.22
N MET G 289 -33.17 -47.24 54.73
CA MET G 289 -32.71 -47.70 53.45
C MET G 289 -32.46 -49.20 53.44
N VAL G 290 -31.68 -49.69 54.39
CA VAL G 290 -31.38 -51.12 54.44
C VAL G 290 -32.62 -51.95 54.74
N SER G 291 -33.32 -51.62 55.83
CA SER G 291 -34.56 -52.35 56.18
C SER G 291 -35.54 -52.39 55.01
N GLY G 292 -35.81 -51.22 54.44
CA GLY G 292 -36.69 -51.13 53.29
C GLY G 292 -36.21 -51.91 52.08
N MET G 293 -34.91 -51.82 51.81
CA MET G 293 -34.31 -52.54 50.71
C MET G 293 -34.57 -54.03 50.86
N VAL G 294 -34.15 -54.59 52.01
CA VAL G 294 -34.37 -56.00 52.31
C VAL G 294 -35.84 -56.41 52.19
N LYS G 295 -36.74 -55.62 52.76
CA LYS G 295 -38.18 -55.93 52.70
C LYS G 295 -38.69 -55.95 51.27
N HIS G 296 -38.15 -55.04 50.47
CA HIS G 296 -38.60 -54.85 49.10
C HIS G 296 -38.13 -56.02 48.24
N ILE G 297 -36.84 -56.34 48.33
CA ILE G 297 -36.27 -57.41 47.53
C ILE G 297 -36.78 -58.80 47.95
N THR G 298 -36.76 -59.11 49.25
CA THR G 298 -37.04 -60.48 49.72
C THR G 298 -38.48 -60.72 50.17
N GLY G 299 -39.19 -59.63 50.49
CA GLY G 299 -40.57 -59.70 50.96
C GLY G 299 -40.68 -59.52 52.47
N SER G 300 -39.56 -59.65 53.17
CA SER G 300 -39.62 -59.67 54.61
C SER G 300 -38.43 -58.95 55.19
N TYR G 301 -38.52 -58.61 56.48
CA TYR G 301 -37.36 -58.10 57.21
C TYR G 301 -36.47 -59.25 57.65
N LYS G 302 -36.99 -60.46 57.56
CA LYS G 302 -36.28 -61.63 58.04
C LYS G 302 -35.57 -62.37 56.91
N VAL G 303 -34.30 -62.66 57.15
CA VAL G 303 -33.44 -63.27 56.15
C VAL G 303 -32.59 -64.36 56.80
N THR G 304 -32.59 -65.56 56.21
CA THR G 304 -31.71 -66.63 56.70
C THR G 304 -30.40 -66.64 55.91
N TYR G 305 -29.28 -66.81 56.61
CA TYR G 305 -27.96 -66.80 55.97
C TYR G 305 -27.06 -67.97 56.40
N HIS G 306 -26.32 -68.54 55.44
CA HIS G 306 -25.42 -69.67 55.71
C HIS G 306 -23.96 -69.31 55.42
N PRO G 307 -23.23 -68.83 56.45
CA PRO G 307 -21.87 -68.25 56.30
C PRO G 307 -20.82 -69.29 55.91
N ASP G 308 -21.12 -70.55 56.27
CA ASP G 308 -20.35 -71.66 55.75
C ASP G 308 -21.30 -72.76 55.29
N GLY G 309 -21.41 -72.88 53.97
CA GLY G 309 -22.16 -73.96 53.35
C GLY G 309 -23.66 -73.98 53.59
N PRO G 310 -24.39 -74.65 52.68
CA PRO G 310 -25.84 -74.89 52.79
C PRO G 310 -26.12 -76.03 53.78
N GLU G 311 -25.09 -76.81 54.09
CA GLU G 311 -25.18 -77.86 55.10
C GLU G 311 -24.42 -77.46 56.37
N GLY G 312 -24.39 -76.15 56.65
CA GLY G 312 -23.70 -75.63 57.81
C GLY G 312 -24.62 -74.85 58.73
N GLN G 313 -24.05 -74.11 59.68
CA GLN G 313 -24.87 -73.32 60.61
C GLN G 313 -25.67 -72.22 59.88
N ALA G 314 -26.98 -72.20 60.10
CA ALA G 314 -27.84 -71.15 59.54
C ALA G 314 -28.11 -70.03 60.56
N TYR G 315 -27.93 -68.78 60.15
CA TYR G 315 -28.20 -67.64 61.01
C TYR G 315 -29.48 -66.95 60.57
N ASP G 316 -30.36 -66.65 61.53
CA ASP G 316 -31.63 -65.97 61.24
C ASP G 316 -31.55 -64.49 61.61
N VAL G 317 -31.63 -63.63 60.60
CA VAL G 317 -31.36 -62.22 60.75
C VAL G 317 -32.62 -61.36 60.62
N ASP G 318 -32.76 -60.42 61.57
CA ASP G 318 -33.92 -59.55 61.67
C ASP G 318 -33.55 -58.10 61.33
N PHE G 319 -33.98 -57.65 60.15
CA PHE G 319 -33.66 -56.30 59.68
C PHE G 319 -34.68 -55.27 60.13
N THR G 320 -35.60 -55.72 60.99
CA THR G 320 -36.57 -54.82 61.58
C THR G 320 -35.85 -53.71 62.35
N PRO G 321 -36.10 -52.46 61.96
CA PRO G 321 -35.51 -51.32 62.68
C PRO G 321 -36.33 -51.02 63.94
N PRO G 322 -35.72 -50.39 64.96
CA PRO G 322 -34.36 -49.84 64.91
C PRO G 322 -33.26 -50.89 65.13
N PHE G 323 -32.09 -50.65 64.53
CA PHE G 323 -30.94 -51.55 64.66
C PHE G 323 -30.23 -51.31 66.00
N ARG G 324 -29.68 -52.39 66.56
CA ARG G 324 -28.89 -52.31 67.78
C ARG G 324 -27.70 -51.34 67.61
N ARG G 325 -27.39 -50.61 68.67
CA ARG G 325 -26.25 -49.72 68.66
C ARG G 325 -25.31 -50.07 69.81
N ILE G 326 -24.02 -50.15 69.50
CA ILE G 326 -23.01 -50.30 70.55
C ILE G 326 -21.91 -49.26 70.37
N ASN G 327 -21.36 -48.77 71.48
CA ASN G 327 -20.25 -47.84 71.42
C ASN G 327 -18.96 -48.63 71.55
N MET G 328 -18.01 -48.35 70.66
CA MET G 328 -16.81 -49.18 70.52
C MET G 328 -16.01 -49.37 71.82
N VAL G 329 -15.46 -48.26 72.35
CA VAL G 329 -14.64 -48.34 73.55
C VAL G 329 -15.39 -48.92 74.76
N GLU G 330 -16.62 -48.46 75.00
CA GLU G 330 -17.43 -48.95 76.12
C GLU G 330 -17.68 -50.46 76.10
N GLU G 331 -18.09 -50.96 74.94
CA GLU G 331 -18.43 -52.39 74.80
C GLU G 331 -17.18 -53.27 74.69
N LEU G 332 -16.06 -52.64 74.33
CA LEU G 332 -14.78 -53.34 74.37
C LEU G 332 -14.37 -53.52 75.83
N GLU G 333 -14.54 -52.45 76.61
CA GLU G 333 -14.36 -52.50 78.06
C GLU G 333 -15.23 -53.60 78.69
N LYS G 334 -16.47 -53.71 78.22
CA LYS G 334 -17.36 -54.76 78.71
C LYS G 334 -16.87 -56.15 78.30
N ALA G 335 -16.41 -56.28 77.06
CA ALA G 335 -15.97 -57.57 76.53
C ALA G 335 -14.58 -58.00 77.00
N LEU G 336 -13.81 -57.03 77.48
CA LEU G 336 -12.45 -57.30 77.98
C LEU G 336 -12.44 -57.46 79.50
N GLY G 337 -13.61 -57.29 80.12
CA GLY G 337 -13.75 -57.36 81.58
C GLY G 337 -12.89 -56.36 82.34
N MET G 338 -12.37 -55.36 81.61
CA MET G 338 -11.45 -54.40 82.20
C MET G 338 -11.72 -52.95 81.72
N LYS G 339 -11.08 -51.99 82.37
CA LYS G 339 -11.13 -50.60 81.96
C LYS G 339 -10.01 -50.30 80.97
N LEU G 340 -10.34 -49.56 79.92
CA LEU G 340 -9.36 -49.13 78.93
C LEU G 340 -8.92 -47.70 79.27
N PRO G 341 -7.77 -47.25 78.72
CA PRO G 341 -7.31 -45.84 78.94
C PRO G 341 -8.41 -44.80 78.63
N GLU G 342 -8.41 -43.68 79.35
CA GLU G 342 -9.31 -42.57 79.04
C GLU G 342 -9.10 -42.15 77.58
N THR G 343 -10.21 -41.85 76.88
CA THR G 343 -10.20 -41.69 75.42
C THR G 343 -9.28 -40.57 74.88
N ASN G 344 -8.97 -39.59 75.73
CA ASN G 344 -8.05 -38.50 75.34
C ASN G 344 -6.58 -38.89 75.49
N LEU G 345 -6.31 -40.19 75.64
CA LEU G 345 -4.95 -40.67 75.86
C LEU G 345 -4.51 -41.60 74.75
N PHE G 346 -5.33 -41.69 73.70
CA PHE G 346 -5.15 -42.73 72.69
C PHE G 346 -4.00 -42.53 71.69
N GLU G 347 -3.41 -41.33 71.69
CA GLU G 347 -2.29 -41.05 70.79
C GLU G 347 -0.93 -41.26 71.49
N THR G 348 -0.97 -41.75 72.73
CA THR G 348 0.26 -42.02 73.49
C THR G 348 0.77 -43.44 73.25
N GLU G 349 2.09 -43.63 73.35
CA GLU G 349 2.71 -44.94 73.23
C GLU G 349 2.54 -45.76 74.52
N GLU G 350 2.16 -45.07 75.59
CA GLU G 350 1.67 -45.72 76.79
C GLU G 350 0.47 -46.59 76.42
N THR G 351 -0.52 -45.96 75.80
CA THR G 351 -1.74 -46.64 75.38
C THR G 351 -1.44 -47.73 74.36
N ARG G 352 -0.56 -47.46 73.40
CA ARG G 352 -0.16 -48.44 72.40
C ARG G 352 0.40 -49.69 73.08
N LYS G 353 1.28 -49.47 74.06
CA LYS G 353 1.88 -50.56 74.83
C LYS G 353 0.83 -51.34 75.63
N ILE G 354 -0.10 -50.61 76.26
CA ILE G 354 -1.20 -51.25 77.01
C ILE G 354 -2.05 -52.15 76.10
N LEU G 355 -2.37 -51.65 74.91
CA LEU G 355 -3.19 -52.38 73.94
C LEU G 355 -2.45 -53.57 73.34
N ASP G 356 -1.12 -53.43 73.22
CA ASP G 356 -0.26 -54.52 72.77
C ASP G 356 -0.25 -55.66 73.82
N ASP G 357 -0.09 -55.27 75.08
CA ASP G 357 -0.12 -56.21 76.21
C ASP G 357 -1.48 -56.92 76.29
N ILE G 358 -2.56 -56.18 76.08
CA ILE G 358 -3.92 -56.74 76.10
C ILE G 358 -4.18 -57.70 74.94
N CYS G 359 -3.64 -57.35 73.76
CA CYS G 359 -3.74 -58.20 72.56
C CYS G 359 -3.00 -59.52 72.76
N VAL G 360 -1.80 -59.45 73.33
CA VAL G 360 -1.05 -60.65 73.67
C VAL G 360 -1.78 -61.52 74.70
N ALA G 361 -2.14 -60.89 75.82
CA ALA G 361 -2.87 -61.52 76.93
C ALA G 361 -4.17 -62.28 76.55
N LYS G 362 -4.84 -61.85 75.48
CA LYS G 362 -6.07 -62.51 75.05
C LYS G 362 -5.89 -63.21 73.70
N ALA G 363 -4.62 -63.39 73.30
CA ALA G 363 -4.25 -64.20 72.13
C ALA G 363 -4.81 -63.65 70.82
N VAL G 364 -4.64 -62.34 70.58
CA VAL G 364 -5.09 -61.71 69.34
C VAL G 364 -3.86 -61.38 68.48
N GLU G 365 -3.81 -61.95 67.27
CA GLU G 365 -2.65 -61.78 66.40
C GLU G 365 -2.69 -60.45 65.68
N CYS G 366 -1.68 -59.63 65.93
CA CYS G 366 -1.54 -58.42 65.15
C CYS G 366 -0.20 -58.43 64.43
N PRO G 367 -0.25 -58.75 63.14
CA PRO G 367 0.92 -58.57 62.26
C PRO G 367 1.46 -57.15 62.37
N PRO G 368 2.77 -56.98 62.14
CA PRO G 368 3.38 -55.65 62.14
C PRO G 368 2.87 -54.80 60.95
N PRO G 369 2.90 -53.46 61.10
CA PRO G 369 3.29 -52.77 62.34
C PRO G 369 2.16 -52.72 63.37
N ARG G 370 2.47 -53.05 64.63
CA ARG G 370 1.46 -53.06 65.69
C ARG G 370 1.14 -51.65 66.24
N THR G 371 0.58 -50.79 65.38
CA THR G 371 0.13 -49.45 65.78
C THR G 371 -1.09 -49.53 66.67
N THR G 372 -1.39 -48.42 67.33
CA THR G 372 -2.54 -48.36 68.23
C THR G 372 -3.82 -48.67 67.45
N ALA G 373 -3.89 -48.17 66.22
CA ALA G 373 -5.09 -48.36 65.41
C ALA G 373 -5.25 -49.82 64.99
N ARG G 374 -4.18 -50.42 64.45
CA ARG G 374 -4.23 -51.82 64.02
C ARG G 374 -4.57 -52.76 65.20
N LEU G 375 -3.95 -52.51 66.36
CA LEU G 375 -4.26 -53.27 67.57
C LEU G 375 -5.72 -53.15 67.95
N LEU G 376 -6.19 -51.90 67.99
CA LEU G 376 -7.58 -51.60 68.32
C LEU G 376 -8.55 -52.32 67.40
N ASP G 377 -8.23 -52.26 66.09
CA ASP G 377 -9.05 -52.89 65.05
C ASP G 377 -9.09 -54.41 65.22
N LYS G 378 -7.93 -55.00 65.54
CA LYS G 378 -7.86 -56.44 65.77
C LYS G 378 -8.74 -56.83 66.96
N LEU G 379 -8.67 -56.03 68.03
CA LEU G 379 -9.47 -56.27 69.25
C LEU G 379 -10.97 -56.12 69.01
N VAL G 380 -11.34 -55.12 68.22
CA VAL G 380 -12.73 -54.91 67.82
C VAL G 380 -13.22 -56.10 66.98
N GLY G 381 -12.41 -56.48 65.99
CA GLY G 381 -12.66 -57.67 65.19
C GLY G 381 -12.92 -58.91 66.03
N GLU G 382 -12.06 -59.16 67.02
CA GLU G 382 -12.16 -60.32 67.88
C GLU G 382 -13.39 -60.30 68.77
N PHE G 383 -13.54 -59.23 69.55
CA PHE G 383 -14.51 -59.22 70.64
C PHE G 383 -15.87 -58.62 70.26
N LEU G 384 -15.86 -57.66 69.34
CA LEU G 384 -17.09 -56.92 69.06
C LEU G 384 -17.82 -57.37 67.79
N GLU G 385 -17.10 -57.38 66.67
CA GLU G 385 -17.74 -57.70 65.37
C GLU G 385 -18.48 -59.04 65.33
N VAL G 386 -18.00 -60.01 66.12
CA VAL G 386 -18.60 -61.35 66.13
C VAL G 386 -20.00 -61.39 66.75
N THR G 387 -20.33 -60.36 67.54
CA THR G 387 -21.64 -60.26 68.20
C THR G 387 -22.66 -59.62 67.28
N CYS G 388 -22.21 -59.21 66.10
CA CYS G 388 -23.04 -58.45 65.16
C CYS G 388 -23.63 -59.33 64.05
N ILE G 389 -24.68 -60.09 64.41
CA ILE G 389 -25.38 -60.97 63.49
C ILE G 389 -26.51 -60.19 62.79
N ASN G 390 -27.51 -59.81 63.57
CA ASN G 390 -28.47 -58.77 63.18
C ASN G 390 -27.74 -57.45 62.87
N PRO G 391 -28.31 -56.63 61.98
CA PRO G 391 -27.66 -55.34 61.66
C PRO G 391 -27.37 -54.53 62.92
N THR G 392 -26.10 -54.16 63.10
CA THR G 392 -25.64 -53.49 64.32
C THR G 392 -24.70 -52.34 64.00
N PHE G 393 -25.05 -51.15 64.49
CA PHE G 393 -24.17 -49.98 64.42
C PHE G 393 -23.07 -50.04 65.49
N ILE G 394 -21.82 -50.04 65.05
CA ILE G 394 -20.70 -49.86 65.96
C ILE G 394 -20.26 -48.39 65.85
N CYS G 395 -20.39 -47.65 66.94
CA CYS G 395 -20.24 -46.19 66.92
C CYS G 395 -19.07 -45.62 67.71
N ASP G 396 -18.81 -44.35 67.44
CA ASP G 396 -17.83 -43.54 68.19
C ASP G 396 -16.41 -44.08 68.22
N HIS G 397 -15.88 -44.30 67.02
CA HIS G 397 -14.51 -44.72 66.80
C HIS G 397 -13.53 -43.68 67.32
N PRO G 398 -12.35 -44.13 67.76
CA PRO G 398 -11.23 -43.23 68.10
C PRO G 398 -10.70 -42.54 66.86
N GLN G 399 -10.22 -41.31 67.01
CA GLN G 399 -9.70 -40.53 65.90
C GLN G 399 -8.51 -41.18 65.19
N ILE G 400 -7.72 -41.98 65.91
CA ILE G 400 -6.57 -42.69 65.33
C ILE G 400 -6.96 -43.70 64.25
N MET G 401 -8.22 -44.16 64.29
CA MET G 401 -8.75 -45.06 63.26
C MET G 401 -9.50 -44.32 62.14
N SER G 402 -9.67 -42.99 62.30
CA SER G 402 -10.63 -42.23 61.51
C SER G 402 -10.13 -40.83 61.13
N PRO G 403 -9.16 -40.76 60.22
CA PRO G 403 -8.45 -39.52 59.84
C PRO G 403 -9.28 -38.50 59.09
N LEU G 404 -10.43 -38.93 58.56
CA LEU G 404 -11.31 -37.99 57.86
C LEU G 404 -12.61 -37.74 58.65
N ALA G 405 -12.75 -38.38 59.80
CA ALA G 405 -13.94 -38.22 60.64
C ALA G 405 -13.82 -37.03 61.62
N LYS G 406 -14.94 -36.37 61.87
CA LYS G 406 -14.96 -35.19 62.75
C LYS G 406 -14.96 -35.66 64.20
N TRP G 407 -14.15 -35.01 65.03
CA TRP G 407 -14.05 -35.34 66.44
C TRP G 407 -15.44 -35.33 67.10
N HIS G 408 -15.64 -36.24 68.04
CA HIS G 408 -16.90 -36.33 68.78
C HIS G 408 -17.11 -35.01 69.53
N ARG G 409 -18.37 -34.55 69.64
CA ARG G 409 -18.64 -33.24 70.26
C ARG G 409 -18.72 -33.29 71.79
N SER G 410 -18.65 -34.49 72.37
CA SER G 410 -18.61 -34.68 73.82
C SER G 410 -17.29 -35.34 74.16
N LYS G 411 -17.17 -36.58 73.68
CA LYS G 411 -16.07 -37.49 74.03
C LYS G 411 -14.74 -37.20 73.30
N GLU G 412 -13.79 -36.57 73.99
CA GLU G 412 -12.49 -36.19 73.39
C GLU G 412 -11.71 -37.46 73.05
N GLY G 413 -11.11 -37.48 71.87
CA GLY G 413 -10.39 -38.67 71.40
C GLY G 413 -11.23 -39.57 70.50
N LEU G 414 -12.55 -39.42 70.56
CA LEU G 414 -13.45 -40.15 69.69
C LEU G 414 -13.94 -39.31 68.48
N THR G 415 -14.54 -40.00 67.51
CA THR G 415 -15.11 -39.36 66.33
C THR G 415 -16.59 -39.70 66.17
N GLU G 416 -17.32 -38.82 65.49
CA GLU G 416 -18.74 -39.05 65.20
C GLU G 416 -18.91 -40.02 64.01
N ARG G 417 -18.71 -41.31 64.29
CA ARG G 417 -18.64 -42.30 63.23
C ARG G 417 -19.41 -43.58 63.56
N PHE G 418 -20.00 -44.21 62.55
CA PHE G 418 -20.45 -45.58 62.72
C PHE G 418 -20.07 -46.51 61.56
N GLU G 419 -19.97 -47.80 61.86
CA GLU G 419 -19.90 -48.81 60.84
C GLU G 419 -21.12 -49.69 61.05
N LEU G 420 -21.72 -50.13 59.95
CA LEU G 420 -22.85 -51.04 60.04
C LEU G 420 -22.35 -52.48 59.83
N PHE G 421 -22.70 -53.36 60.77
CA PHE G 421 -22.35 -54.76 60.67
C PHE G 421 -23.58 -55.66 60.56
N VAL G 422 -23.51 -56.56 59.58
CA VAL G 422 -24.46 -57.67 59.43
C VAL G 422 -23.63 -58.95 59.24
N MET G 423 -24.03 -60.02 59.94
CA MET G 423 -23.34 -61.30 59.86
C MET G 423 -21.83 -61.16 60.08
N LYS G 424 -21.46 -60.43 61.13
CA LYS G 424 -20.06 -60.21 61.53
C LYS G 424 -19.22 -59.46 60.48
N LYS G 425 -19.87 -59.01 59.40
CA LYS G 425 -19.18 -58.29 58.34
C LYS G 425 -19.68 -56.85 58.20
N GLU G 426 -18.76 -55.94 57.88
CA GLU G 426 -19.10 -54.53 57.65
C GLU G 426 -19.71 -54.33 56.28
N ILE G 427 -20.87 -53.69 56.25
CA ILE G 427 -21.47 -53.32 54.98
C ILE G 427 -21.54 -51.78 54.78
N CYS G 428 -21.61 -51.05 55.89
CA CYS G 428 -21.60 -49.58 55.82
C CYS G 428 -20.53 -48.98 56.69
N ASN G 429 -20.00 -47.86 56.21
CA ASN G 429 -19.11 -47.02 56.99
C ASN G 429 -19.50 -45.55 56.76
N ALA G 430 -19.77 -44.83 57.84
CA ALA G 430 -20.27 -43.46 57.72
C ALA G 430 -19.78 -42.56 58.86
N TYR G 431 -19.62 -41.28 58.58
CA TYR G 431 -19.29 -40.35 59.67
C TYR G 431 -19.61 -38.88 59.42
N THR G 432 -19.74 -38.14 60.51
CA THR G 432 -19.85 -36.69 60.41
C THR G 432 -18.50 -36.23 59.86
N GLU G 433 -18.53 -35.48 58.77
CA GLU G 433 -17.33 -35.15 58.05
C GLU G 433 -16.50 -34.07 58.74
N LEU G 434 -15.19 -34.31 58.84
CA LEU G 434 -14.25 -33.28 59.27
C LEU G 434 -14.21 -32.13 58.26
N ASN G 435 -14.58 -30.92 58.70
CA ASN G 435 -14.57 -29.74 57.81
C ASN G 435 -13.54 -28.66 58.21
N ASP G 436 -12.73 -28.96 59.23
CA ASP G 436 -11.68 -28.01 59.70
C ASP G 436 -10.37 -28.26 58.97
N PRO G 437 -9.97 -27.32 58.09
CA PRO G 437 -8.83 -27.55 57.20
C PRO G 437 -7.54 -27.77 57.97
N MET G 438 -7.39 -27.07 59.09
CA MET G 438 -6.20 -27.19 59.93
C MET G 438 -6.07 -28.57 60.58
N ARG G 439 -7.14 -29.02 61.24
CA ARG G 439 -7.14 -30.37 61.84
C ARG G 439 -6.94 -31.44 60.76
N GLN G 440 -7.49 -31.22 59.58
CA GLN G 440 -7.40 -32.23 58.53
C GLN G 440 -5.98 -32.31 58.02
N ARG G 441 -5.36 -31.15 57.84
CA ARG G 441 -3.95 -31.06 57.46
C ARG G 441 -3.07 -31.77 58.49
N GLN G 442 -3.34 -31.51 59.78
CA GLN G 442 -2.60 -32.14 60.86
C GLN G 442 -2.73 -33.66 60.78
N LEU G 443 -3.95 -34.15 60.60
CA LEU G 443 -4.17 -35.60 60.59
C LEU G 443 -3.53 -36.23 59.36
N PHE G 444 -3.48 -35.47 58.27
CA PHE G 444 -2.84 -35.93 57.04
C PHE G 444 -1.34 -36.06 57.29
N GLU G 445 -0.80 -35.09 58.03
CA GLU G 445 0.60 -35.09 58.39
C GLU G 445 0.96 -36.26 59.32
N GLU G 446 0.09 -36.55 60.28
CA GLU G 446 0.25 -37.75 61.12
C GLU G 446 0.20 -39.04 60.29
N GLN G 447 -0.68 -39.06 59.30
CA GLN G 447 -0.82 -40.20 58.40
C GLN G 447 0.42 -40.39 57.54
N ALA G 448 1.01 -39.27 57.14
CA ALA G 448 2.22 -39.24 56.32
C ALA G 448 3.46 -39.68 57.12
N LYS G 449 3.52 -39.25 58.38
CA LYS G 449 4.50 -39.78 59.32
C LYS G 449 4.36 -41.30 59.43
N ALA G 450 3.13 -41.80 59.62
CA ALA G 450 2.93 -43.24 59.75
C ALA G 450 3.12 -44.00 58.43
N LYS G 451 3.19 -43.27 57.32
CA LYS G 451 3.46 -43.90 56.02
C LYS G 451 4.95 -43.89 55.70
N ALA G 452 5.68 -42.95 56.31
CA ALA G 452 7.14 -42.91 56.19
C ALA G 452 7.80 -43.98 57.07
N ALA G 453 7.21 -44.21 58.24
CA ALA G 453 7.64 -45.31 59.12
C ALA G 453 6.91 -46.63 58.81
N GLY G 454 6.44 -46.78 57.56
CA GLY G 454 5.99 -48.06 57.05
C GLY G 454 4.64 -48.68 57.40
N ASP G 455 3.57 -47.87 57.47
CA ASP G 455 2.21 -48.40 57.30
C ASP G 455 1.89 -48.17 55.83
N ASP G 456 1.57 -49.24 55.11
CA ASP G 456 1.59 -49.22 53.65
C ASP G 456 0.26 -48.76 53.04
N GLU G 457 -0.81 -48.84 53.82
CA GLU G 457 -2.13 -48.43 53.35
C GLU G 457 -2.46 -47.01 53.85
N ALA G 458 -1.62 -46.49 54.74
CA ALA G 458 -1.81 -45.17 55.35
C ALA G 458 -1.82 -44.01 54.33
N MET G 459 -2.57 -42.97 54.67
CA MET G 459 -2.93 -41.92 53.70
C MET G 459 -1.83 -40.94 53.34
N PHE G 460 -2.03 -40.30 52.19
CA PHE G 460 -1.12 -39.27 51.69
C PHE G 460 -1.67 -37.88 52.00
N ILE G 461 -1.08 -36.87 51.38
CA ILE G 461 -1.52 -35.51 51.65
C ILE G 461 -2.12 -34.85 50.42
N ASP G 462 -3.45 -34.81 50.34
CA ASP G 462 -4.15 -34.05 49.31
C ASP G 462 -4.16 -32.60 49.77
N GLU G 463 -3.30 -31.78 49.17
CA GLU G 463 -3.25 -30.39 49.57
C GLU G 463 -4.45 -29.64 48.93
N ASN G 464 -4.87 -30.09 47.75
CA ASN G 464 -6.03 -29.55 47.06
C ASN G 464 -7.32 -29.74 47.85
N PHE G 465 -7.47 -30.94 48.41
CA PHE G 465 -8.58 -31.21 49.28
C PHE G 465 -8.58 -30.24 50.45
N CYS G 466 -7.41 -30.11 51.08
CA CYS G 466 -7.24 -29.19 52.21
C CYS G 466 -7.61 -27.74 51.85
N THR G 467 -7.16 -27.31 50.67
CA THR G 467 -7.51 -25.98 50.15
C THR G 467 -9.04 -25.83 50.03
N ALA G 468 -9.67 -26.85 49.44
CA ALA G 468 -11.12 -26.84 49.31
C ALA G 468 -11.76 -26.58 50.69
N LEU G 469 -11.32 -27.39 51.66
CA LEU G 469 -11.79 -27.20 53.04
C LEU G 469 -11.61 -25.75 53.52
N GLU G 470 -10.51 -25.11 53.10
CA GLU G 470 -10.26 -23.69 53.42
C GLU G 470 -11.27 -22.73 52.76
N TYR G 471 -11.85 -23.13 51.63
CA TYR G 471 -12.92 -22.31 51.03
C TYR G 471 -14.25 -22.56 51.76
N GLY G 472 -14.29 -23.63 52.56
CA GLY G 472 -15.40 -23.80 53.48
C GLY G 472 -16.35 -24.93 53.15
N LEU G 473 -16.21 -26.04 53.88
CA LEU G 473 -17.15 -27.14 53.71
C LEU G 473 -18.20 -27.03 54.80
N PRO G 474 -19.47 -26.95 54.40
CA PRO G 474 -20.56 -26.88 55.39
C PRO G 474 -20.59 -28.16 56.25
N PRO G 475 -21.15 -28.06 57.47
CA PRO G 475 -21.42 -29.25 58.30
C PRO G 475 -22.04 -30.35 57.41
N THR G 476 -21.34 -31.47 57.26
CA THR G 476 -21.77 -32.49 56.33
C THR G 476 -21.55 -33.88 56.95
N ALA G 477 -22.40 -34.84 56.57
CA ALA G 477 -22.21 -36.24 56.97
C ALA G 477 -22.15 -37.13 55.73
N GLY G 478 -21.22 -38.09 55.75
CA GLY G 478 -20.96 -38.96 54.61
C GLY G 478 -21.09 -40.45 54.92
N TRP G 479 -21.18 -41.25 53.87
CA TRP G 479 -21.63 -42.63 54.00
C TRP G 479 -21.17 -43.47 52.81
N GLY G 480 -20.82 -44.71 53.10
CA GLY G 480 -20.35 -45.65 52.10
C GLY G 480 -20.87 -47.06 52.37
N MET G 481 -21.08 -47.80 51.29
CA MET G 481 -21.67 -49.14 51.36
C MET G 481 -21.04 -50.08 50.33
N GLY G 482 -20.69 -51.27 50.81
CA GLY G 482 -20.15 -52.31 49.93
C GLY G 482 -21.27 -53.11 49.32
N ILE G 483 -21.69 -52.68 48.13
CA ILE G 483 -22.81 -53.31 47.42
C ILE G 483 -22.58 -54.84 47.28
N ASP G 484 -21.34 -55.25 47.01
CA ASP G 484 -21.04 -56.65 46.82
C ASP G 484 -21.41 -57.51 48.04
N ARG G 485 -21.17 -56.97 49.23
CA ARG G 485 -21.49 -57.70 50.46
C ARG G 485 -23.00 -57.78 50.71
N VAL G 486 -23.67 -56.66 50.50
CA VAL G 486 -25.12 -56.67 50.60
C VAL G 486 -25.71 -57.70 49.63
N ALA G 487 -25.07 -57.81 48.46
CA ALA G 487 -25.49 -58.77 47.44
C ALA G 487 -25.29 -60.19 47.93
N MET G 488 -24.12 -60.46 48.52
CA MET G 488 -23.87 -61.76 49.13
C MET G 488 -24.95 -62.10 50.16
N PHE G 489 -25.19 -61.17 51.06
CA PHE G 489 -26.12 -61.38 52.18
C PHE G 489 -27.59 -61.55 51.73
N LEU G 490 -27.94 -60.98 50.58
CA LEU G 490 -29.32 -61.11 50.10
C LEU G 490 -29.49 -62.20 49.04
N THR G 491 -28.40 -62.87 48.72
CA THR G 491 -28.45 -64.04 47.84
C THR G 491 -27.94 -65.30 48.54
N ASP G 492 -27.74 -65.20 49.86
CA ASP G 492 -27.21 -66.30 50.64
C ASP G 492 -25.91 -66.85 49.99
N SER G 493 -25.00 -65.95 49.67
CA SER G 493 -23.70 -66.32 49.12
C SER G 493 -22.61 -66.01 50.15
N ASN G 494 -21.72 -66.97 50.37
CA ASN G 494 -20.63 -66.79 51.32
C ASN G 494 -19.32 -66.57 50.56
N ASN G 495 -19.46 -66.52 49.24
CA ASN G 495 -18.34 -66.26 48.35
C ASN G 495 -18.67 -65.01 47.53
N ILE G 496 -17.70 -64.12 47.36
CA ILE G 496 -17.92 -62.90 46.61
C ILE G 496 -17.97 -63.19 45.11
N LYS G 497 -17.43 -64.34 44.70
CA LYS G 497 -17.43 -64.73 43.30
C LYS G 497 -18.84 -65.01 42.82
N GLU G 498 -19.71 -65.34 43.76
CA GLU G 498 -21.11 -65.65 43.47
C GLU G 498 -21.92 -64.44 43.01
N VAL G 499 -21.45 -63.24 43.38
CA VAL G 499 -22.15 -61.98 43.04
C VAL G 499 -21.37 -61.05 42.07
N LEU G 500 -20.27 -61.54 41.52
CA LEU G 500 -19.54 -60.84 40.47
C LEU G 500 -19.66 -61.71 39.26
N LEU G 501 -20.19 -61.16 38.16
CA LEU G 501 -20.40 -61.97 36.96
C LEU G 501 -19.11 -62.62 36.48
N PHE G 502 -18.06 -61.80 36.37
CA PHE G 502 -16.75 -62.29 35.93
C PHE G 502 -15.71 -61.98 37.00
N PRO G 503 -15.67 -62.79 38.06
CA PRO G 503 -14.74 -62.57 39.18
C PRO G 503 -13.31 -62.84 38.78
N ALA G 504 -12.37 -62.16 39.43
CA ALA G 504 -10.94 -62.31 39.16
C ALA G 504 -10.47 -63.72 39.54
N MET G 505 -9.84 -64.41 38.60
CA MET G 505 -9.34 -65.75 38.84
C MET G 505 -7.82 -65.84 38.69
N LYS G 506 -7.22 -66.81 39.40
CA LYS G 506 -5.75 -66.87 39.58
C LYS G 506 -5.11 -67.92 38.68
N PRO G 507 -4.89 -67.57 37.40
CA PRO G 507 -4.96 -68.52 36.27
C PRO G 507 -4.09 -69.77 36.41
N VAL H 3 -7.12 -5.22 48.25
CA VAL H 3 -6.59 -6.15 49.24
C VAL H 3 -5.95 -7.42 48.61
N ASP H 4 -4.84 -7.90 49.21
CA ASP H 4 -4.06 -9.03 48.68
C ASP H 4 -4.52 -10.39 49.24
N PRO H 5 -4.89 -11.32 48.34
CA PRO H 5 -5.52 -12.62 48.69
C PRO H 5 -4.72 -13.47 49.68
N ASN H 6 -3.40 -13.39 49.62
CA ASN H 6 -2.53 -14.13 50.54
C ASN H 6 -2.52 -13.48 51.91
N GLN H 7 -2.48 -12.15 51.91
CA GLN H 7 -2.61 -11.39 53.14
C GLN H 7 -3.95 -11.73 53.79
N TYR H 8 -5.02 -11.61 52.99
CA TYR H 8 -6.37 -11.96 53.41
C TYR H 8 -6.40 -13.34 54.04
N TYR H 9 -5.79 -14.31 53.37
CA TYR H 9 -5.78 -15.67 53.90
C TYR H 9 -5.06 -15.75 55.24
N LYS H 10 -3.90 -15.11 55.35
CA LYS H 10 -3.12 -15.14 56.59
C LYS H 10 -3.91 -14.55 57.77
N ILE H 11 -4.43 -13.34 57.54
CA ILE H 11 -5.26 -12.65 58.50
C ILE H 11 -6.49 -13.48 58.93
N ARG H 12 -7.22 -14.02 57.94
CA ARG H 12 -8.47 -14.76 58.17
C ARG H 12 -8.20 -16.06 58.92
N SER H 13 -7.15 -16.76 58.50
CA SER H 13 -6.70 -17.97 59.21
C SER H 13 -6.41 -17.67 60.67
N GLN H 14 -5.73 -16.54 60.91
CA GLN H 14 -5.46 -16.07 62.26
C GLN H 14 -6.76 -15.83 63.04
N ALA H 15 -7.67 -15.09 62.43
CA ALA H 15 -8.95 -14.77 63.04
C ALA H 15 -9.72 -16.02 63.46
N ILE H 16 -9.77 -17.00 62.57
CA ILE H 16 -10.50 -18.22 62.83
C ILE H 16 -9.80 -19.00 63.93
N HIS H 17 -8.48 -19.01 63.87
CA HIS H 17 -7.71 -19.65 64.93
C HIS H 17 -8.06 -19.08 66.31
N GLN H 18 -8.10 -17.75 66.37
CA GLN H 18 -8.53 -17.03 67.54
C GLN H 18 -9.91 -17.49 67.99
N LEU H 19 -10.85 -17.56 67.05
CA LEU H 19 -12.18 -18.08 67.33
C LEU H 19 -12.13 -19.48 67.98
N LYS H 20 -11.21 -20.31 67.49
CA LYS H 20 -11.03 -21.66 68.03
C LYS H 20 -10.54 -21.62 69.48
N VAL H 21 -9.51 -20.82 69.75
CA VAL H 21 -8.93 -20.76 71.12
C VAL H 21 -9.87 -20.10 72.15
N ASN H 22 -10.80 -19.27 71.70
CA ASN H 22 -11.83 -18.69 72.57
C ASN H 22 -13.04 -19.59 72.83
N GLY H 23 -13.00 -20.82 72.31
CA GLY H 23 -14.13 -21.73 72.39
C GLY H 23 -15.36 -21.18 71.71
N GLU H 24 -15.13 -20.34 70.68
CA GLU H 24 -16.22 -19.74 69.91
C GLU H 24 -16.66 -20.61 68.70
N ASP H 25 -16.02 -21.76 68.53
CA ASP H 25 -16.56 -22.87 67.73
C ASP H 25 -16.86 -22.50 66.27
N PRO H 26 -15.81 -22.21 65.49
CA PRO H 26 -16.05 -21.76 64.09
C PRO H 26 -16.46 -22.90 63.16
N TYR H 27 -16.24 -24.14 63.57
CA TYR H 27 -16.72 -25.29 62.82
C TYR H 27 -17.69 -26.17 63.64
N PRO H 28 -18.90 -25.64 63.94
CA PRO H 28 -19.95 -26.42 64.64
C PRO H 28 -20.21 -27.78 63.97
N HIS H 29 -20.74 -28.72 64.76
CA HIS H 29 -21.03 -30.08 64.30
C HIS H 29 -22.38 -30.16 63.56
N LYS H 30 -23.41 -29.63 64.19
CA LYS H 30 -24.76 -29.76 63.66
C LYS H 30 -25.56 -28.45 63.71
N PHE H 31 -26.08 -28.04 62.56
CA PHE H 31 -27.06 -26.97 62.52
C PHE H 31 -28.29 -27.62 61.92
N HIS H 32 -29.43 -27.49 62.59
CA HIS H 32 -30.69 -28.06 62.10
C HIS H 32 -31.43 -27.16 61.10
N VAL H 33 -31.30 -27.48 59.81
CA VAL H 33 -32.01 -26.75 58.77
C VAL H 33 -33.48 -27.16 58.74
N ASP H 34 -34.38 -26.18 58.77
CA ASP H 34 -35.82 -26.44 58.80
C ASP H 34 -36.42 -26.60 57.41
N ILE H 35 -35.81 -25.92 56.44
CA ILE H 35 -36.41 -25.72 55.13
C ILE H 35 -35.37 -25.29 54.09
N SER H 36 -35.47 -25.80 52.86
CA SER H 36 -34.57 -25.37 51.80
C SER H 36 -34.81 -23.88 51.43
N LEU H 37 -33.79 -23.24 50.88
CA LEU H 37 -33.95 -21.87 50.41
C LEU H 37 -35.06 -21.85 49.36
N THR H 38 -35.05 -22.88 48.51
CA THR H 38 -36.00 -23.01 47.43
C THR H 38 -37.45 -22.99 47.96
N ASP H 39 -37.76 -23.88 48.90
CA ASP H 39 -39.09 -23.99 49.50
C ASP H 39 -39.48 -22.70 50.23
N PHE H 40 -38.48 -22.04 50.80
CA PHE H 40 -38.70 -20.81 51.57
C PHE H 40 -39.18 -19.70 50.63
N ILE H 41 -38.45 -19.53 49.52
CA ILE H 41 -38.87 -18.65 48.44
C ILE H 41 -40.27 -19.00 47.91
N GLN H 42 -40.49 -20.27 47.58
CA GLN H 42 -41.77 -20.68 46.99
C GLN H 42 -42.93 -20.42 47.97
N LYS H 43 -42.64 -20.47 49.27
CA LYS H 43 -43.66 -20.30 50.32
C LYS H 43 -43.99 -18.86 50.64
N TYR H 44 -42.97 -18.01 50.70
CA TYR H 44 -43.15 -16.64 51.21
C TYR H 44 -42.98 -15.53 50.16
N SER H 45 -43.02 -15.90 48.88
CA SER H 45 -42.88 -14.91 47.81
C SER H 45 -44.11 -14.01 47.74
N HIS H 46 -45.25 -14.56 48.15
CA HIS H 46 -46.52 -13.84 48.10
C HIS H 46 -46.59 -12.66 49.07
N LEU H 47 -45.58 -12.52 49.93
CA LEU H 47 -45.56 -11.44 50.92
C LEU H 47 -45.44 -10.05 50.32
N GLN H 48 -46.12 -9.08 50.93
CA GLN H 48 -46.14 -7.69 50.49
C GLN H 48 -44.92 -6.96 50.97
N PRO H 49 -44.52 -5.90 50.25
CA PRO H 49 -43.42 -5.04 50.71
C PRO H 49 -43.72 -4.53 52.10
N GLY H 50 -42.76 -4.67 53.03
CA GLY H 50 -42.95 -4.25 54.39
C GLY H 50 -43.40 -5.34 55.37
N ASP H 51 -43.88 -6.46 54.81
CA ASP H 51 -44.33 -7.59 55.65
C ASP H 51 -43.22 -8.11 56.57
N HIS H 52 -43.65 -8.67 57.71
CA HIS H 52 -42.76 -9.24 58.71
C HIS H 52 -43.52 -10.22 59.59
N LEU H 53 -43.52 -11.50 59.20
CA LEU H 53 -44.22 -12.56 59.92
C LEU H 53 -43.64 -12.78 61.32
N THR H 54 -44.37 -12.30 62.33
CA THR H 54 -43.97 -12.49 63.73
C THR H 54 -44.25 -13.90 64.23
N ASP H 55 -45.14 -14.61 63.57
CA ASP H 55 -45.57 -15.93 64.03
C ASP H 55 -44.92 -17.10 63.27
N ILE H 56 -43.86 -16.83 62.52
CA ILE H 56 -43.19 -17.90 61.82
C ILE H 56 -41.67 -17.78 61.95
N THR H 57 -41.06 -18.83 62.51
CA THR H 57 -39.62 -18.88 62.71
C THR H 57 -38.97 -20.12 62.06
N LEU H 58 -37.94 -19.87 61.26
CA LEU H 58 -37.36 -20.89 60.39
C LEU H 58 -35.85 -20.84 60.38
N LYS H 59 -35.26 -22.03 60.21
CA LYS H 59 -33.80 -22.16 60.06
C LYS H 59 -33.42 -22.55 58.64
N VAL H 60 -32.67 -21.66 58.00
CA VAL H 60 -32.11 -21.91 56.66
C VAL H 60 -30.58 -21.84 56.73
N ALA H 61 -29.88 -22.35 55.72
CA ALA H 61 -28.42 -22.17 55.68
C ALA H 61 -27.93 -21.96 54.26
N GLY H 62 -26.70 -21.45 54.13
CA GLY H 62 -26.16 -21.19 52.82
C GLY H 62 -24.81 -20.50 52.86
N ARG H 63 -24.37 -20.01 51.71
CA ARG H 63 -23.08 -19.32 51.63
C ARG H 63 -23.29 -17.83 51.37
N ILE H 64 -22.62 -17.02 52.17
CA ILE H 64 -22.68 -15.56 52.00
C ILE H 64 -22.00 -15.12 50.69
N HIS H 65 -22.70 -14.38 49.86
CA HIS H 65 -22.06 -13.91 48.68
C HIS H 65 -21.66 -12.50 48.79
N ALA H 66 -22.41 -11.77 49.56
CA ALA H 66 -22.16 -10.36 49.72
C ALA H 66 -22.56 -9.95 51.12
N LYS H 67 -21.89 -8.93 51.63
CA LYS H 67 -22.22 -8.36 52.93
C LYS H 67 -22.19 -6.86 52.76
N ARG H 68 -23.35 -6.23 52.98
CA ARG H 68 -23.44 -4.79 52.80
C ARG H 68 -24.20 -4.14 53.95
N ALA H 69 -23.81 -2.91 54.31
CA ALA H 69 -24.48 -2.15 55.37
C ALA H 69 -25.39 -1.03 54.87
N SER H 70 -26.47 -0.82 55.63
CA SER H 70 -27.40 0.27 55.44
C SER H 70 -27.48 0.98 56.75
N GLY H 71 -26.63 0.52 57.65
CA GLY H 71 -26.69 0.91 59.04
C GLY H 71 -25.34 0.68 59.68
N GLY H 72 -25.17 1.26 60.85
CA GLY H 72 -26.30 1.82 61.58
C GLY H 72 -27.09 0.72 62.23
N LYS H 73 -26.46 -0.42 62.45
CA LYS H 73 -27.14 -1.55 63.04
C LYS H 73 -28.07 -2.24 62.05
N LEU H 74 -27.83 -2.05 60.76
CA LEU H 74 -28.53 -2.78 59.73
C LEU H 74 -27.50 -3.42 58.85
N ILE H 75 -27.59 -4.73 58.60
CA ILE H 75 -26.65 -5.37 57.70
C ILE H 75 -27.32 -6.43 56.87
N PHE H 76 -27.17 -6.31 55.54
CA PHE H 76 -27.79 -7.23 54.59
C PHE H 76 -26.76 -8.25 54.12
N TYR H 77 -27.13 -9.53 54.21
CA TYR H 77 -26.29 -10.62 53.70
C TYR H 77 -26.97 -11.31 52.52
N ASP H 78 -26.20 -11.63 51.49
CA ASP H 78 -26.75 -12.31 50.35
C ASP H 78 -26.56 -13.83 50.47
N LEU H 79 -27.52 -14.52 51.08
CA LEU H 79 -27.43 -15.99 51.19
C LEU H 79 -27.69 -16.73 49.85
N ARG H 80 -26.78 -17.63 49.48
CA ARG H 80 -26.91 -18.43 48.25
C ARG H 80 -26.89 -19.92 48.53
N GLY H 81 -27.71 -20.65 47.77
CA GLY H 81 -27.77 -22.09 47.83
C GLY H 81 -28.72 -22.66 46.80
N GLU H 82 -28.45 -23.87 46.34
CA GLU H 82 -29.40 -24.59 45.49
C GLU H 82 -29.71 -23.84 44.19
N GLY H 83 -28.79 -23.00 43.74
CA GLY H 83 -28.94 -22.25 42.51
C GLY H 83 -29.79 -20.99 42.70
N VAL H 84 -29.91 -20.59 43.95
CA VAL H 84 -30.94 -19.65 44.33
C VAL H 84 -30.41 -18.65 45.36
N LYS H 85 -31.12 -17.55 45.58
CA LYS H 85 -30.69 -16.54 46.57
C LYS H 85 -31.80 -16.08 47.53
N LEU H 86 -31.41 -15.81 48.76
CA LEU H 86 -32.30 -15.22 49.79
C LEU H 86 -31.56 -14.12 50.55
N GLN H 87 -32.22 -12.98 50.72
CA GLN H 87 -31.63 -11.89 51.49
C GLN H 87 -31.82 -12.07 53.01
N VAL H 88 -30.73 -11.87 53.73
CA VAL H 88 -30.76 -11.83 55.17
C VAL H 88 -30.74 -10.37 55.62
N MET H 89 -31.88 -9.89 56.12
CA MET H 89 -31.95 -8.54 56.65
C MET H 89 -31.72 -8.54 58.17
N ALA H 90 -30.46 -8.34 58.55
CA ALA H 90 -30.07 -8.38 59.97
C ALA H 90 -30.23 -7.02 60.62
N ASN H 91 -31.33 -6.87 61.36
CA ASN H 91 -31.60 -5.69 62.16
C ASN H 91 -31.25 -5.93 63.63
N SER H 92 -30.52 -4.98 64.23
CA SER H 92 -30.19 -4.98 65.66
C SER H 92 -31.40 -5.18 66.57
N ARG H 93 -32.49 -4.47 66.29
CA ARG H 93 -33.74 -4.62 67.06
C ARG H 93 -34.30 -6.04 67.09
N ASN H 94 -34.04 -6.85 66.05
CA ASN H 94 -34.61 -8.19 65.98
C ASN H 94 -33.66 -9.31 66.41
N TYR H 95 -32.39 -8.97 66.54
CA TYR H 95 -31.39 -9.93 66.98
C TYR H 95 -31.52 -10.14 68.48
N LYS H 96 -31.04 -11.29 68.98
CA LYS H 96 -31.12 -11.61 70.41
C LYS H 96 -30.45 -10.61 71.39
N SER H 97 -29.29 -10.06 71.02
CA SER H 97 -28.64 -8.98 71.79
C SER H 97 -28.00 -7.98 70.85
N GLU H 98 -27.75 -6.77 71.36
CA GLU H 98 -26.99 -5.80 70.60
C GLU H 98 -25.54 -6.30 70.57
N GLU H 99 -25.12 -6.85 71.71
CA GLU H 99 -23.77 -7.38 71.86
C GLU H 99 -23.45 -8.49 70.85
N GLU H 100 -24.37 -9.44 70.74
CA GLU H 100 -24.19 -10.58 69.86
C GLU H 100 -24.37 -10.21 68.38
N PHE H 101 -25.23 -9.24 68.11
CA PHE H 101 -25.40 -8.72 66.76
C PHE H 101 -24.08 -8.13 66.27
N ILE H 102 -23.52 -7.24 67.09
CA ILE H 102 -22.19 -6.67 66.84
C ILE H 102 -21.13 -7.76 66.66
N HIS H 103 -21.12 -8.73 67.58
CA HIS H 103 -20.16 -9.81 67.53
C HIS H 103 -20.21 -10.63 66.22
N ILE H 104 -21.40 -11.07 65.85
CA ILE H 104 -21.61 -11.89 64.64
C ILE H 104 -21.30 -11.08 63.37
N ASN H 105 -21.66 -9.80 63.34
CA ASN H 105 -21.34 -9.00 62.17
C ASN H 105 -19.83 -8.71 62.05
N ASN H 106 -19.13 -8.71 63.18
CA ASN H 106 -17.68 -8.57 63.16
C ASN H 106 -17.03 -9.85 62.70
N LYS H 107 -17.69 -10.97 62.97
CA LYS H 107 -17.17 -12.27 62.58
C LYS H 107 -17.23 -12.49 61.05
N LEU H 108 -18.43 -12.34 60.47
CA LEU H 108 -18.72 -12.83 59.12
C LEU H 108 -18.05 -12.07 57.96
N ARG H 109 -17.52 -12.84 57.01
CA ARG H 109 -17.01 -12.30 55.76
C ARG H 109 -17.74 -12.94 54.58
N ARG H 110 -17.69 -12.29 53.42
CA ARG H 110 -18.15 -12.92 52.18
C ARG H 110 -17.47 -14.30 52.03
N GLY H 111 -18.30 -15.29 51.73
CA GLY H 111 -17.82 -16.64 51.46
C GLY H 111 -18.13 -17.61 52.58
N ASP H 112 -18.59 -17.08 53.71
CA ASP H 112 -18.86 -17.94 54.85
C ASP H 112 -20.14 -18.75 54.68
N ILE H 113 -20.08 -19.99 55.17
CA ILE H 113 -21.26 -20.82 55.32
C ILE H 113 -21.89 -20.45 56.68
N ILE H 114 -23.12 -19.95 56.61
CA ILE H 114 -23.88 -19.60 57.80
C ILE H 114 -25.21 -20.34 57.92
N GLY H 115 -25.69 -20.37 59.16
CA GLY H 115 -27.04 -20.82 59.49
C GLY H 115 -27.84 -19.64 60.03
N VAL H 116 -29.07 -19.50 59.59
CA VAL H 116 -29.90 -18.39 59.98
C VAL H 116 -31.22 -18.89 60.57
N GLN H 117 -31.55 -18.34 61.75
CA GLN H 117 -32.84 -18.58 62.41
C GLN H 117 -33.58 -17.26 62.48
N GLY H 118 -34.71 -17.17 61.80
CA GLY H 118 -35.39 -15.88 61.68
C GLY H 118 -36.81 -15.93 61.16
N ASN H 119 -37.38 -14.73 61.00
CA ASN H 119 -38.74 -14.63 60.46
C ASN H 119 -38.75 -14.24 59.00
N PRO H 120 -39.64 -14.86 58.19
CA PRO H 120 -39.87 -14.39 56.81
C PRO H 120 -40.33 -12.91 56.81
N GLY H 121 -39.89 -12.15 55.80
CA GLY H 121 -40.32 -10.77 55.64
C GLY H 121 -40.02 -10.27 54.24
N LYS H 122 -40.31 -8.99 53.98
CA LYS H 122 -39.97 -8.40 52.68
C LYS H 122 -39.65 -6.91 52.89
N THR H 123 -38.56 -6.44 52.30
CA THR H 123 -38.18 -5.03 52.42
C THR H 123 -39.23 -4.10 51.80
N LYS H 124 -39.12 -2.81 52.12
CA LYS H 124 -39.98 -1.80 51.52
C LYS H 124 -39.79 -1.79 50.00
N LYS H 125 -38.58 -2.13 49.54
CA LYS H 125 -38.31 -2.23 48.11
C LYS H 125 -39.03 -3.42 47.49
N GLY H 126 -39.11 -4.50 48.24
CA GLY H 126 -39.88 -5.66 47.81
C GLY H 126 -39.03 -6.90 47.67
N GLU H 127 -37.87 -6.91 48.33
CA GLU H 127 -36.96 -8.07 48.30
C GLU H 127 -37.29 -9.00 49.47
N LEU H 128 -37.74 -10.21 49.13
CA LEU H 128 -38.01 -11.26 50.12
C LEU H 128 -36.76 -11.46 50.96
N SER H 129 -36.95 -11.45 52.28
CA SER H 129 -35.82 -11.61 53.20
C SER H 129 -36.17 -12.45 54.40
N ILE H 130 -35.12 -12.82 55.14
CA ILE H 130 -35.25 -13.47 56.45
C ILE H 130 -34.61 -12.52 57.49
N ILE H 131 -35.38 -12.19 58.53
CA ILE H 131 -34.91 -11.33 59.62
C ILE H 131 -34.46 -12.16 60.85
N PRO H 132 -33.16 -12.20 61.08
CA PRO H 132 -32.51 -13.12 62.02
C PRO H 132 -32.70 -12.80 63.51
N TYR H 133 -33.05 -13.82 64.27
CA TYR H 133 -32.91 -13.77 65.73
C TYR H 133 -31.45 -14.15 66.07
N GLU H 134 -30.92 -15.14 65.37
CA GLU H 134 -29.52 -15.53 65.55
C GLU H 134 -28.87 -16.03 64.25
N ILE H 135 -27.63 -15.60 64.03
CA ILE H 135 -26.83 -16.08 62.91
C ILE H 135 -25.69 -16.90 63.46
N THR H 136 -25.49 -18.08 62.90
CA THR H 136 -24.41 -18.95 63.33
C THR H 136 -23.41 -19.23 62.20
N LEU H 137 -22.13 -19.00 62.48
CA LEU H 137 -21.05 -19.35 61.55
C LEU H 137 -20.87 -20.87 61.51
N LEU H 138 -21.14 -21.47 60.35
CA LEU H 138 -21.06 -22.93 60.18
C LEU H 138 -19.71 -23.36 59.62
N SER H 139 -19.18 -22.57 58.69
CA SER H 139 -17.86 -22.87 58.12
C SER H 139 -17.28 -21.64 57.43
N PRO H 140 -16.16 -21.11 57.96
CA PRO H 140 -15.59 -19.88 57.40
C PRO H 140 -14.80 -20.08 56.09
N CYS H 141 -14.92 -19.11 55.17
CA CYS H 141 -14.10 -19.05 53.97
C CYS H 141 -12.80 -18.26 54.27
N LEU H 142 -11.69 -18.97 54.27
CA LEU H 142 -10.39 -18.38 54.59
C LEU H 142 -9.80 -17.59 53.43
N HIS H 143 -10.27 -17.86 52.22
CA HIS H 143 -9.69 -17.21 51.04
C HIS H 143 -10.57 -16.06 50.55
N MET H 144 -10.01 -15.17 49.75
CA MET H 144 -10.84 -14.13 49.15
C MET H 144 -11.47 -14.64 47.86
N LEU H 145 -12.79 -14.60 47.81
CA LEU H 145 -13.49 -14.96 46.60
C LEU H 145 -13.42 -13.78 45.62
N PRO H 146 -13.09 -14.08 44.36
CA PRO H 146 -12.89 -13.02 43.35
C PRO H 146 -14.16 -12.23 43.05
N HIS H 147 -14.04 -10.90 42.99
CA HIS H 147 -15.04 -10.06 42.33
C HIS H 147 -14.77 -10.14 40.82
N LEU H 148 -15.71 -10.71 40.07
CA LEU H 148 -15.50 -10.88 38.63
C LEU H 148 -16.63 -10.24 37.86
N HIS H 149 -16.32 -9.62 36.73
CA HIS H 149 -17.35 -8.98 35.92
C HIS H 149 -17.99 -10.00 34.97
N PHE H 150 -17.16 -10.90 34.44
CA PHE H 150 -17.61 -11.86 33.43
C PHE H 150 -17.57 -13.29 33.96
N GLY H 151 -17.74 -13.42 35.28
CA GLY H 151 -17.65 -14.70 35.96
C GLY H 151 -16.24 -15.24 35.97
N LEU H 152 -16.05 -16.39 36.62
CA LEU H 152 -14.79 -17.11 36.52
C LEU H 152 -14.70 -17.61 35.06
N LYS H 153 -13.74 -17.08 34.31
CA LYS H 153 -13.58 -17.47 32.91
C LYS H 153 -12.33 -18.35 32.73
N ASP H 154 -11.36 -18.16 33.61
CA ASP H 154 -10.08 -18.86 33.50
C ASP H 154 -10.25 -20.38 33.65
N LYS H 155 -10.14 -21.09 32.54
CA LYS H 155 -10.42 -22.51 32.49
C LYS H 155 -9.54 -23.33 33.44
N GLU H 156 -8.29 -22.91 33.63
CA GLU H 156 -7.39 -23.61 34.53
C GLU H 156 -7.98 -23.66 35.93
N THR H 157 -8.41 -22.50 36.40
CA THR H 157 -9.02 -22.37 37.71
C THR H 157 -10.31 -23.17 37.78
N ARG H 158 -11.18 -22.97 36.78
CA ARG H 158 -12.49 -23.64 36.72
C ARG H 158 -12.42 -25.17 36.76
N TYR H 159 -11.48 -25.74 36.02
CA TYR H 159 -11.36 -27.18 35.90
C TYR H 159 -10.53 -27.81 37.02
N ARG H 160 -9.56 -27.09 37.55
CA ARG H 160 -8.77 -27.62 38.67
C ARG H 160 -9.50 -27.44 40.00
N GLN H 161 -9.99 -26.23 40.23
CA GLN H 161 -10.85 -25.97 41.41
C GLN H 161 -12.32 -25.90 41.01
N ARG H 162 -12.92 -27.05 40.72
CA ARG H 162 -14.31 -27.07 40.29
C ARG H 162 -15.26 -26.43 41.30
N TYR H 163 -14.95 -26.56 42.59
CA TYR H 163 -15.80 -25.97 43.64
C TYR H 163 -15.95 -24.46 43.49
N LEU H 164 -14.87 -23.78 43.14
CA LEU H 164 -14.92 -22.35 42.81
C LEU H 164 -15.84 -22.08 41.62
N ASP H 165 -15.73 -22.89 40.58
CA ASP H 165 -16.57 -22.78 39.41
C ASP H 165 -18.04 -22.87 39.80
N LEU H 166 -18.33 -23.85 40.65
CA LEU H 166 -19.70 -24.11 41.13
C LEU H 166 -20.26 -23.00 42.03
N ILE H 167 -19.40 -22.34 42.79
CA ILE H 167 -19.82 -21.23 43.63
C ILE H 167 -20.05 -19.97 42.78
N LEU H 168 -19.05 -19.63 41.98
CA LEU H 168 -19.01 -18.40 41.20
C LEU H 168 -19.79 -18.42 39.89
N ASN H 169 -20.20 -19.60 39.43
CA ASN H 169 -20.90 -19.70 38.16
C ASN H 169 -22.15 -20.57 38.27
N ASP H 170 -23.30 -20.01 37.93
CA ASP H 170 -24.57 -20.69 38.21
C ASP H 170 -24.93 -21.76 37.21
N PHE H 171 -24.41 -21.65 36.00
CA PHE H 171 -24.76 -22.57 34.93
C PHE H 171 -24.08 -23.96 35.05
N VAL H 172 -22.90 -23.99 35.66
CA VAL H 172 -22.18 -25.25 35.86
C VAL H 172 -23.05 -26.31 36.52
N ARG H 173 -23.72 -25.89 37.60
CA ARG H 173 -24.62 -26.77 38.33
C ARG H 173 -25.63 -27.42 37.37
N GLN H 174 -26.24 -26.59 36.54
CA GLN H 174 -27.26 -27.07 35.60
C GLN H 174 -26.71 -28.05 34.55
N LYS H 175 -25.46 -27.85 34.14
CA LYS H 175 -24.81 -28.80 33.25
C LYS H 175 -24.76 -30.18 33.88
N PHE H 176 -24.27 -30.24 35.11
CA PHE H 176 -24.22 -31.55 35.77
C PHE H 176 -25.58 -32.15 36.15
N ILE H 177 -26.57 -31.29 36.33
CA ILE H 177 -27.94 -31.77 36.57
C ILE H 177 -28.46 -32.44 35.31
N ILE H 178 -28.40 -31.72 34.19
CA ILE H 178 -28.69 -32.29 32.87
C ILE H 178 -27.93 -33.61 32.55
N ARG H 179 -26.64 -33.65 32.87
CA ARG H 179 -25.86 -34.88 32.68
C ARG H 179 -26.51 -36.07 33.45
N SER H 180 -26.82 -35.82 34.72
CA SER H 180 -27.51 -36.81 35.56
C SER H 180 -28.84 -37.25 34.93
N LYS H 181 -29.62 -36.26 34.48
CA LYS H 181 -30.92 -36.51 33.87
C LYS H 181 -30.78 -37.42 32.65
N ILE H 182 -29.74 -37.20 31.85
CA ILE H 182 -29.45 -38.06 30.69
C ILE H 182 -29.25 -39.50 31.16
N ILE H 183 -28.28 -39.69 32.05
CA ILE H 183 -27.94 -41.06 32.48
C ILE H 183 -29.16 -41.80 33.04
N THR H 184 -29.89 -41.10 33.90
CA THR H 184 -31.06 -41.64 34.56
C THR H 184 -32.18 -41.99 33.58
N TYR H 185 -32.38 -41.09 32.63
CA TYR H 185 -33.34 -41.32 31.56
C TYR H 185 -33.00 -42.62 30.79
N ILE H 186 -31.75 -42.77 30.35
CA ILE H 186 -31.33 -43.99 29.67
C ILE H 186 -31.62 -45.23 30.51
N ARG H 187 -31.23 -45.21 31.78
CA ARG H 187 -31.47 -46.37 32.65
C ARG H 187 -32.96 -46.68 32.66
N SER H 188 -33.80 -45.64 32.70
CA SER H 188 -35.24 -45.85 32.84
C SER H 188 -35.79 -46.49 31.58
N PHE H 189 -35.40 -45.91 30.45
CA PHE H 189 -35.71 -46.44 29.12
C PHE H 189 -35.39 -47.95 29.01
N LEU H 190 -34.15 -48.33 29.31
CA LEU H 190 -33.75 -49.72 29.15
C LEU H 190 -34.43 -50.61 30.19
N ASP H 191 -34.50 -50.15 31.43
CA ASP H 191 -35.11 -50.95 32.51
C ASP H 191 -36.51 -51.30 32.08
N GLU H 192 -37.24 -50.31 31.57
CA GLU H 192 -38.62 -50.51 31.12
C GLU H 192 -38.78 -51.44 29.89
N LEU H 193 -37.69 -51.65 29.16
CA LEU H 193 -37.71 -52.64 28.07
C LEU H 193 -37.21 -54.03 28.47
N GLY H 194 -37.09 -54.29 29.77
CA GLY H 194 -36.62 -55.58 30.23
C GLY H 194 -35.12 -55.85 30.13
N PHE H 195 -34.31 -54.80 30.13
CA PHE H 195 -32.86 -54.98 30.19
C PHE H 195 -32.41 -55.12 31.63
N LEU H 196 -31.44 -56.00 31.84
CA LEU H 196 -30.85 -56.15 33.16
C LEU H 196 -29.56 -55.29 33.26
N GLU H 197 -29.53 -54.38 34.21
CA GLU H 197 -28.33 -53.60 34.46
C GLU H 197 -27.23 -54.48 35.13
N ILE H 198 -26.05 -54.47 34.51
CA ILE H 198 -24.97 -55.36 34.92
C ILE H 198 -23.64 -54.62 35.15
N GLU H 199 -22.69 -55.30 35.77
CA GLU H 199 -21.32 -54.82 35.88
C GLU H 199 -20.33 -55.87 35.39
N THR H 200 -19.40 -55.46 34.53
CA THR H 200 -18.40 -56.37 34.02
C THR H 200 -17.03 -55.82 34.44
N PRO H 201 -15.95 -56.61 34.31
CA PRO H 201 -14.63 -56.19 34.80
C PRO H 201 -14.05 -54.93 34.13
N MET H 202 -13.40 -54.11 34.93
CA MET H 202 -12.75 -52.92 34.42
C MET H 202 -11.26 -53.20 34.21
N MET H 203 -10.77 -54.25 34.88
CA MET H 203 -9.45 -54.80 34.60
C MET H 203 -9.55 -56.18 33.93
N ASN H 204 -8.89 -56.34 32.78
CA ASN H 204 -8.82 -57.64 32.09
C ASN H 204 -7.36 -58.03 31.82
N ILE H 205 -7.11 -59.27 31.40
CA ILE H 205 -5.73 -59.68 31.04
C ILE H 205 -5.43 -59.32 29.57
N ILE H 206 -6.49 -59.18 28.78
CA ILE H 206 -6.41 -58.70 27.40
C ILE H 206 -7.63 -57.82 27.08
N PRO H 207 -7.36 -56.55 26.74
CA PRO H 207 -8.43 -55.58 26.45
C PRO H 207 -9.07 -55.81 25.06
N GLY H 208 -10.40 -55.70 24.98
CA GLY H 208 -11.13 -55.87 23.73
C GLY H 208 -12.40 -55.03 23.66
N GLY H 209 -13.09 -55.04 22.53
CA GLY H 209 -14.35 -54.32 22.42
C GLY H 209 -14.29 -53.07 21.56
N ALA H 210 -13.10 -52.49 21.42
CA ALA H 210 -12.87 -51.37 20.50
C ALA H 210 -11.42 -51.27 20.04
N VAL H 211 -11.12 -50.22 19.28
CA VAL H 211 -9.74 -49.94 18.90
C VAL H 211 -9.18 -48.77 19.70
N ALA H 212 -8.22 -49.07 20.57
CA ALA H 212 -7.60 -48.08 21.44
C ALA H 212 -6.31 -48.58 22.12
N LYS H 213 -5.44 -47.62 22.47
CA LYS H 213 -4.25 -47.88 23.28
C LYS H 213 -4.67 -47.89 24.77
N PRO H 214 -4.46 -49.02 25.46
CA PRO H 214 -5.00 -49.22 26.81
C PRO H 214 -4.05 -48.73 27.90
N PHE H 215 -4.58 -48.66 29.12
CA PHE H 215 -3.73 -48.40 30.29
C PHE H 215 -3.27 -49.76 30.83
N ILE H 216 -2.00 -49.84 31.22
CA ILE H 216 -1.47 -51.08 31.81
C ILE H 216 -1.12 -50.86 33.30
N THR H 217 -1.62 -51.75 34.17
CA THR H 217 -1.27 -51.72 35.58
C THR H 217 -0.77 -53.12 36.03
N TYR H 218 -0.10 -53.17 37.18
CA TYR H 218 0.50 -54.40 37.63
C TYR H 218 -0.19 -54.95 38.87
N HIS H 219 -0.57 -56.23 38.83
CA HIS H 219 -1.14 -56.87 40.02
C HIS H 219 -0.02 -57.61 40.74
N ASN H 220 0.22 -57.22 42.00
CA ASN H 220 1.34 -57.71 42.78
C ASN H 220 1.23 -59.17 43.20
N GLU H 221 0.12 -59.52 43.83
CA GLU H 221 -0.08 -60.90 44.29
C GLU H 221 -0.08 -61.94 43.16
N LEU H 222 -0.42 -61.52 41.94
CA LEU H 222 -0.49 -62.46 40.82
C LEU H 222 0.67 -62.33 39.82
N ASP H 223 1.52 -61.34 40.02
CA ASP H 223 2.71 -61.15 39.18
C ASP H 223 2.39 -61.08 37.68
N MET H 224 1.28 -60.41 37.34
CA MET H 224 0.93 -60.21 35.94
C MET H 224 0.37 -58.82 35.69
N ASN H 225 0.47 -58.39 34.44
CA ASN H 225 -0.13 -57.12 34.01
C ASN H 225 -1.61 -57.28 33.71
N LEU H 226 -2.38 -56.33 34.20
CA LEU H 226 -3.79 -56.20 33.85
C LEU H 226 -3.97 -54.94 33.04
N TYR H 227 -4.97 -54.94 32.15
CA TYR H 227 -5.25 -53.77 31.33
C TYR H 227 -6.56 -53.12 31.80
N MET H 228 -6.61 -51.79 31.78
CA MET H 228 -7.88 -51.10 32.04
C MET H 228 -8.73 -51.17 30.77
N ARG H 229 -10.04 -51.41 30.96
CA ARG H 229 -10.90 -51.77 29.84
C ARG H 229 -11.19 -50.63 28.89
N ILE H 230 -11.41 -50.98 27.62
CA ILE H 230 -11.76 -49.99 26.62
C ILE H 230 -13.24 -50.09 26.25
N ALA H 231 -13.84 -51.26 26.52
CA ALA H 231 -15.25 -51.51 26.26
C ALA H 231 -15.67 -52.85 26.87
N PRO H 232 -16.87 -52.90 27.46
CA PRO H 232 -17.41 -54.11 28.13
C PRO H 232 -18.04 -55.11 27.14
N GLU H 233 -17.91 -54.82 25.85
CA GLU H 233 -18.61 -55.53 24.76
C GLU H 233 -18.59 -57.06 24.81
N LEU H 234 -17.39 -57.63 24.89
CA LEU H 234 -17.23 -59.08 24.85
C LEU H 234 -17.88 -59.77 26.06
N TYR H 235 -17.79 -59.11 27.21
CA TYR H 235 -18.44 -59.65 28.43
C TYR H 235 -19.93 -59.74 28.24
N HIS H 236 -20.50 -58.69 27.65
CA HIS H 236 -21.94 -58.64 27.44
C HIS H 236 -22.36 -59.77 26.50
N LYS H 237 -21.66 -59.89 25.38
CA LYS H 237 -21.96 -61.00 24.48
C LYS H 237 -21.87 -62.40 25.15
N MET H 238 -20.87 -62.59 26.01
CA MET H 238 -20.84 -63.82 26.83
C MET H 238 -22.07 -63.98 27.72
N LEU H 239 -22.55 -62.88 28.30
CA LEU H 239 -23.77 -62.93 29.12
C LEU H 239 -24.98 -63.35 28.28
N VAL H 240 -25.04 -62.90 27.04
CA VAL H 240 -26.17 -63.23 26.18
C VAL H 240 -26.14 -64.71 25.79
N VAL H 241 -24.95 -65.22 25.50
CA VAL H 241 -24.73 -66.66 25.39
C VAL H 241 -25.26 -67.44 26.61
N GLY H 242 -24.90 -66.98 27.81
CA GLY H 242 -25.42 -67.52 29.07
C GLY H 242 -26.94 -67.41 29.25
N GLY H 243 -27.61 -66.68 28.37
CA GLY H 243 -29.05 -66.72 28.34
C GLY H 243 -29.74 -65.48 28.82
N ILE H 244 -28.97 -64.51 29.33
CA ILE H 244 -29.53 -63.21 29.65
C ILE H 244 -29.71 -62.47 28.32
N ASP H 245 -30.97 -62.29 27.91
CA ASP H 245 -31.26 -61.81 26.56
C ASP H 245 -31.07 -60.27 26.40
N ARG H 246 -31.25 -59.50 27.47
CA ARG H 246 -31.13 -58.02 27.39
C ARG H 246 -30.30 -57.40 28.50
N VAL H 247 -29.11 -56.92 28.15
CA VAL H 247 -28.20 -56.36 29.14
C VAL H 247 -27.76 -54.94 28.85
N TYR H 248 -27.49 -54.18 29.90
CA TYR H 248 -26.83 -52.89 29.71
C TYR H 248 -25.96 -52.52 30.90
N GLU H 249 -24.96 -51.68 30.61
CA GLU H 249 -24.04 -51.20 31.62
C GLU H 249 -23.67 -49.78 31.26
N ILE H 250 -23.87 -48.88 32.24
CA ILE H 250 -23.40 -47.50 32.09
C ILE H 250 -22.17 -47.36 33.00
N GLY H 251 -21.00 -47.25 32.37
CA GLY H 251 -19.76 -47.32 33.12
C GLY H 251 -18.59 -46.64 32.46
N ARG H 252 -17.47 -46.62 33.18
CA ARG H 252 -16.29 -45.93 32.72
C ARG H 252 -15.44 -46.79 31.75
N GLN H 253 -14.83 -46.12 30.79
CA GLN H 253 -13.93 -46.73 29.84
C GLN H 253 -12.65 -45.91 29.92
N PHE H 254 -11.53 -46.53 29.53
CA PHE H 254 -10.20 -45.90 29.60
C PHE H 254 -9.42 -45.99 28.30
N ARG H 255 -8.82 -44.88 27.92
CA ARG H 255 -8.00 -44.82 26.73
C ARG H 255 -6.72 -44.04 27.03
N ASN H 256 -5.57 -44.68 26.78
CA ASN H 256 -4.29 -44.02 26.93
C ASN H 256 -3.93 -43.20 25.70
N GLU H 257 -4.70 -42.13 25.45
CA GLU H 257 -4.50 -41.23 24.32
C GLU H 257 -4.17 -39.85 24.87
N GLY H 258 -4.47 -38.82 24.07
CA GLY H 258 -4.24 -37.45 24.49
C GLY H 258 -5.53 -36.75 24.83
N ILE H 259 -5.42 -35.49 25.26
CA ILE H 259 -6.58 -34.72 25.69
C ILE H 259 -7.00 -33.70 24.65
N ASP H 260 -8.29 -33.70 24.35
CA ASP H 260 -8.81 -32.80 23.34
C ASP H 260 -10.29 -32.50 23.60
N LEU H 261 -10.86 -31.58 22.83
CA LEU H 261 -12.14 -31.03 23.18
C LEU H 261 -13.10 -32.16 23.27
N THR H 262 -12.85 -33.21 22.53
CA THR H 262 -13.70 -34.38 22.64
C THR H 262 -13.09 -35.56 23.40
N HIS H 263 -11.89 -35.40 23.96
CA HIS H 263 -11.20 -36.53 24.59
C HIS H 263 -10.65 -36.40 25.98
N ASN H 264 -11.01 -37.35 26.83
CA ASN H 264 -10.47 -37.51 28.18
C ASN H 264 -10.04 -38.98 28.35
N PRO H 265 -9.02 -39.23 29.18
CA PRO H 265 -8.50 -40.60 29.40
C PRO H 265 -9.55 -41.56 29.98
N GLU H 266 -10.45 -41.03 30.79
CA GLU H 266 -11.57 -41.82 31.30
C GLU H 266 -12.88 -41.15 30.92
N PHE H 267 -13.81 -41.94 30.37
CA PHE H 267 -15.09 -41.42 29.90
C PHE H 267 -16.23 -42.39 30.20
N THR H 268 -17.46 -41.92 30.20
CA THR H 268 -18.58 -42.79 30.52
C THR H 268 -19.31 -43.21 29.24
N THR H 269 -19.56 -44.51 29.11
CA THR H 269 -20.40 -45.00 28.00
C THR H 269 -21.51 -45.89 28.48
N CYS H 270 -22.54 -45.99 27.66
CA CYS H 270 -23.58 -46.96 27.91
C CYS H 270 -23.51 -48.01 26.82
N GLU H 271 -23.48 -49.27 27.21
CA GLU H 271 -23.60 -50.31 26.20
C GLU H 271 -24.77 -51.20 26.53
N PHE H 272 -25.55 -51.55 25.51
CA PHE H 272 -26.56 -52.58 25.68
C PHE H 272 -26.51 -53.60 24.56
N TYR H 273 -26.92 -54.82 24.90
CA TYR H 273 -27.00 -55.92 23.95
C TYR H 273 -28.40 -56.56 24.07
N MET H 274 -28.94 -56.86 22.90
CA MET H 274 -30.33 -57.27 22.76
C MET H 274 -30.50 -58.44 21.79
N ALA H 275 -30.86 -59.59 22.36
CA ALA H 275 -31.04 -60.84 21.62
C ALA H 275 -32.24 -60.76 20.64
N TYR H 276 -32.07 -61.37 19.46
CA TYR H 276 -33.11 -61.50 18.45
C TYR H 276 -33.50 -60.11 17.89
N ALA H 277 -32.55 -59.19 18.00
CA ALA H 277 -32.64 -57.88 17.38
C ALA H 277 -31.56 -57.78 16.28
N ASP H 278 -31.80 -56.93 15.29
CA ASP H 278 -30.74 -56.57 14.34
C ASP H 278 -30.64 -55.05 14.31
N TYR H 279 -29.68 -54.54 13.57
CA TYR H 279 -29.43 -53.11 13.64
C TYR H 279 -30.59 -52.21 13.16
N HIS H 280 -31.57 -52.76 12.43
CA HIS H 280 -32.76 -51.96 12.11
C HIS H 280 -33.57 -51.66 13.40
N ASP H 281 -33.74 -52.68 14.21
CA ASP H 281 -34.41 -52.57 15.51
C ASP H 281 -33.68 -51.57 16.36
N LEU H 282 -32.35 -51.62 16.30
CA LEU H 282 -31.53 -50.69 17.07
C LEU H 282 -31.64 -49.26 16.57
N MET H 283 -31.76 -49.07 15.26
CA MET H 283 -32.05 -47.75 14.72
C MET H 283 -33.36 -47.19 15.29
N GLU H 284 -34.42 -47.99 15.24
CA GLU H 284 -35.72 -47.55 15.80
C GLU H 284 -35.64 -47.18 17.28
N ILE H 285 -35.13 -48.12 18.09
CA ILE H 285 -34.92 -47.88 19.52
C ILE H 285 -34.08 -46.63 19.78
N THR H 286 -32.99 -46.47 19.02
CA THR H 286 -32.14 -45.29 19.13
C THR H 286 -32.91 -44.00 18.85
N GLU H 287 -33.67 -43.99 17.77
CA GLU H 287 -34.51 -42.83 17.45
C GLU H 287 -35.39 -42.45 18.63
N LYS H 288 -36.05 -43.46 19.19
CA LYS H 288 -37.03 -43.26 20.27
C LYS H 288 -36.32 -42.74 21.54
N MET H 289 -35.14 -43.30 21.81
CA MET H 289 -34.41 -42.99 23.02
C MET H 289 -33.85 -41.59 22.96
N VAL H 290 -33.13 -41.29 21.88
CA VAL H 290 -32.51 -39.98 21.72
C VAL H 290 -33.54 -38.85 21.58
N SER H 291 -34.53 -39.03 20.73
CA SER H 291 -35.52 -37.96 20.57
C SER H 291 -36.31 -37.79 21.89
N GLY H 292 -36.78 -38.91 22.46
CA GLY H 292 -37.41 -38.86 23.79
C GLY H 292 -36.62 -38.14 24.86
N MET H 293 -35.33 -38.47 24.97
CA MET H 293 -34.40 -37.89 25.92
C MET H 293 -34.35 -36.38 25.72
N VAL H 294 -34.02 -35.97 24.51
CA VAL H 294 -33.91 -34.56 24.18
C VAL H 294 -35.17 -33.78 24.53
N LYS H 295 -36.33 -34.32 24.15
CA LYS H 295 -37.63 -33.66 24.41
C LYS H 295 -37.96 -33.60 25.91
N HIS H 296 -37.67 -34.67 26.63
CA HIS H 296 -37.97 -34.76 28.06
C HIS H 296 -37.11 -33.80 28.86
N ILE H 297 -35.82 -33.73 28.51
CA ILE H 297 -34.88 -32.88 29.23
C ILE H 297 -34.99 -31.41 28.88
N THR H 298 -35.08 -31.10 27.58
CA THR H 298 -35.12 -29.69 27.14
C THR H 298 -36.49 -29.13 26.78
N GLY H 299 -37.52 -29.96 26.77
CA GLY H 299 -38.86 -29.50 26.45
C GLY H 299 -39.20 -29.52 24.96
N SER H 300 -38.21 -29.78 24.11
CA SER H 300 -38.41 -29.72 22.66
C SER H 300 -37.50 -30.68 21.89
N TYR H 301 -37.86 -31.00 20.65
CA TYR H 301 -36.94 -31.71 19.76
C TYR H 301 -35.84 -30.81 19.21
N LYS H 302 -36.07 -29.49 19.19
CA LYS H 302 -35.06 -28.58 18.65
C LYS H 302 -34.19 -27.95 19.74
N VAL H 303 -32.87 -27.99 19.52
CA VAL H 303 -31.90 -27.43 20.45
C VAL H 303 -30.94 -26.55 19.66
N THR H 304 -30.27 -25.62 20.33
CA THR H 304 -29.26 -24.84 19.62
C THR H 304 -27.89 -25.20 20.13
N TYR H 305 -26.94 -25.23 19.22
CA TYR H 305 -25.58 -25.54 19.61
C TYR H 305 -24.63 -24.49 19.07
N HIS H 306 -23.66 -24.11 19.91
CA HIS H 306 -22.58 -23.20 19.52
C HIS H 306 -21.26 -23.96 19.58
N PRO H 307 -20.89 -24.59 18.47
CA PRO H 307 -19.65 -25.39 18.37
C PRO H 307 -18.39 -24.57 18.62
N ASP H 308 -18.37 -23.33 18.16
CA ASP H 308 -17.16 -22.52 18.30
C ASP H 308 -17.27 -21.57 19.48
N GLY H 309 -18.26 -21.83 20.33
CA GLY H 309 -18.53 -20.99 21.48
C GLY H 309 -19.61 -19.98 21.16
N PRO H 310 -19.98 -19.16 22.17
CA PRO H 310 -20.98 -18.10 22.03
C PRO H 310 -20.44 -16.95 21.19
N GLU H 311 -19.11 -16.92 20.99
CA GLU H 311 -18.49 -15.95 20.11
C GLU H 311 -18.52 -16.44 18.65
N GLY H 312 -19.41 -17.39 18.36
CA GLY H 312 -19.44 -18.01 17.04
C GLY H 312 -20.83 -18.34 16.52
N GLN H 313 -20.89 -19.17 15.48
CA GLN H 313 -22.17 -19.54 14.86
C GLN H 313 -23.04 -20.40 15.78
N ALA H 314 -24.35 -20.26 15.62
CA ALA H 314 -25.32 -21.12 16.28
C ALA H 314 -25.91 -22.06 15.24
N TYR H 315 -25.92 -23.36 15.54
CA TYR H 315 -26.60 -24.34 14.73
C TYR H 315 -27.94 -24.71 15.38
N ASP H 316 -28.96 -24.84 14.57
CA ASP H 316 -30.22 -25.36 15.07
C ASP H 316 -30.28 -26.85 14.76
N VAL H 317 -30.30 -27.65 15.82
CA VAL H 317 -30.33 -29.11 15.68
C VAL H 317 -31.73 -29.64 15.97
N ASP H 318 -32.26 -30.34 14.95
CA ASP H 318 -33.59 -30.95 15.01
C ASP H 318 -33.56 -32.49 15.26
N PHE H 319 -33.93 -32.90 16.47
CA PHE H 319 -33.95 -34.31 16.83
C PHE H 319 -35.29 -34.96 16.50
N THR H 320 -36.08 -34.30 15.68
CA THR H 320 -37.40 -34.84 15.35
C THR H 320 -37.24 -36.09 14.50
N PRO H 321 -37.78 -37.22 14.98
CA PRO H 321 -37.71 -38.50 14.24
C PRO H 321 -38.65 -38.52 13.03
N PRO H 322 -38.30 -39.27 11.98
CA PRO H 322 -37.14 -40.16 11.92
C PRO H 322 -35.85 -39.41 11.55
N PHE H 323 -34.71 -39.98 11.93
CA PHE H 323 -33.38 -39.42 11.61
C PHE H 323 -33.00 -39.65 10.15
N ARG H 324 -32.26 -38.72 9.57
CA ARG H 324 -31.72 -38.95 8.23
C ARG H 324 -30.81 -40.18 8.28
N ARG H 325 -30.83 -40.97 7.21
CA ARG H 325 -29.95 -42.15 7.04
C ARG H 325 -29.11 -42.02 5.78
N ILE H 326 -27.83 -42.33 5.90
CA ILE H 326 -26.94 -42.41 4.73
C ILE H 326 -26.08 -43.67 4.76
N ASN H 327 -25.85 -44.24 3.58
CA ASN H 327 -24.99 -45.40 3.46
C ASN H 327 -23.58 -44.96 3.13
N MET H 328 -22.65 -45.30 4.01
CA MET H 328 -21.31 -44.74 4.00
C MET H 328 -20.67 -44.70 2.62
N VAL H 329 -20.59 -45.87 1.98
CA VAL H 329 -19.87 -45.95 0.70
C VAL H 329 -20.53 -45.18 -0.46
N GLU H 330 -21.82 -45.38 -0.66
CA GLU H 330 -22.53 -44.66 -1.73
C GLU H 330 -22.42 -43.13 -1.56
N GLU H 331 -22.65 -42.65 -0.35
CA GLU H 331 -22.61 -41.22 -0.06
C GLU H 331 -21.20 -40.67 -0.15
N LEU H 332 -20.21 -41.51 0.14
CA LEU H 332 -18.83 -41.09 0.00
C LEU H 332 -18.52 -40.90 -1.47
N GLU H 333 -19.03 -41.83 -2.28
CA GLU H 333 -18.91 -41.71 -3.73
C GLU H 333 -19.58 -40.44 -4.28
N LYS H 334 -20.83 -40.23 -3.88
CA LYS H 334 -21.59 -39.04 -4.24
C LYS H 334 -20.86 -37.75 -3.81
N ALA H 335 -20.25 -37.71 -2.62
CA ALA H 335 -19.49 -36.53 -2.19
C ALA H 335 -18.24 -36.32 -3.04
N LEU H 336 -17.53 -37.41 -3.28
CA LEU H 336 -16.27 -37.41 -4.05
C LEU H 336 -16.49 -37.16 -5.53
N GLY H 337 -17.73 -37.40 -5.97
CA GLY H 337 -18.08 -37.37 -7.37
C GLY H 337 -17.39 -38.46 -8.18
N MET H 338 -17.05 -39.57 -7.54
CA MET H 338 -16.33 -40.62 -8.24
C MET H 338 -16.78 -41.97 -7.75
N LYS H 339 -16.64 -42.99 -8.58
CA LYS H 339 -16.95 -44.36 -8.14
C LYS H 339 -15.79 -44.97 -7.35
N LEU H 340 -16.09 -45.58 -6.21
CA LEU H 340 -15.05 -46.26 -5.45
C LEU H 340 -15.07 -47.71 -5.93
N PRO H 341 -13.99 -48.47 -5.65
CA PRO H 341 -13.98 -49.90 -6.04
C PRO H 341 -15.15 -50.68 -5.41
N GLU H 342 -15.46 -51.82 -6.02
CA GLU H 342 -16.45 -52.74 -5.48
C GLU H 342 -16.16 -53.13 -4.03
N THR H 343 -17.21 -53.36 -3.24
CA THR H 343 -17.05 -53.49 -1.79
C THR H 343 -16.40 -54.82 -1.38
N ASN H 344 -16.46 -55.81 -2.28
CA ASN H 344 -15.75 -57.07 -2.06
C ASN H 344 -14.25 -57.01 -2.37
N LEU H 345 -13.75 -55.82 -2.70
CA LEU H 345 -12.37 -55.63 -3.11
C LEU H 345 -11.62 -54.72 -2.17
N PHE H 346 -12.18 -54.51 -0.99
CA PHE H 346 -11.62 -53.56 -0.05
C PHE H 346 -10.36 -54.05 0.67
N GLU H 347 -10.17 -55.38 0.66
CA GLU H 347 -9.01 -55.96 1.31
C GLU H 347 -7.78 -55.93 0.40
N THR H 348 -7.96 -55.51 -0.86
CA THR H 348 -6.84 -55.46 -1.81
C THR H 348 -5.97 -54.20 -1.75
N GLU H 349 -4.80 -54.31 -2.37
CA GLU H 349 -3.81 -53.24 -2.39
C GLU H 349 -4.17 -52.19 -3.42
N GLU H 350 -4.84 -52.61 -4.50
CA GLU H 350 -5.32 -51.67 -5.52
C GLU H 350 -6.25 -50.66 -4.88
N THR H 351 -7.20 -51.18 -4.09
CA THR H 351 -8.10 -50.33 -3.35
C THR H 351 -7.34 -49.36 -2.43
N ARG H 352 -6.50 -49.91 -1.55
CA ARG H 352 -5.66 -49.07 -0.69
C ARG H 352 -4.96 -47.93 -1.46
N LYS H 353 -4.48 -48.25 -2.66
CA LYS H 353 -3.71 -47.31 -3.48
C LYS H 353 -4.62 -46.20 -4.04
N ILE H 354 -5.79 -46.61 -4.51
CA ILE H 354 -6.82 -45.66 -4.97
C ILE H 354 -7.24 -44.68 -3.86
N LEU H 355 -7.63 -45.21 -2.70
CA LEU H 355 -8.01 -44.37 -1.59
C LEU H 355 -6.85 -43.44 -1.20
N ASP H 356 -5.62 -43.97 -1.22
CA ASP H 356 -4.45 -43.17 -0.88
C ASP H 356 -4.36 -41.97 -1.81
N ASP H 357 -4.47 -42.26 -3.10
CA ASP H 357 -4.39 -41.21 -4.12
C ASP H 357 -5.46 -40.16 -3.97
N ILE H 358 -6.70 -40.60 -3.77
CA ILE H 358 -7.81 -39.70 -3.49
C ILE H 358 -7.54 -38.81 -2.26
N CYS H 359 -7.09 -39.41 -1.15
CA CYS H 359 -6.76 -38.61 0.02
C CYS H 359 -5.71 -37.55 -0.30
N VAL H 360 -4.70 -37.93 -1.09
CA VAL H 360 -3.65 -37.00 -1.45
C VAL H 360 -4.21 -35.83 -2.26
N ALA H 361 -4.93 -36.19 -3.31
CA ALA H 361 -5.59 -35.26 -4.19
C ALA H 361 -6.68 -34.38 -3.54
N LYS H 362 -7.42 -34.90 -2.56
CA LYS H 362 -8.41 -34.09 -1.87
C LYS H 362 -7.79 -33.42 -0.63
N ALA H 363 -6.47 -33.53 -0.46
CA ALA H 363 -5.76 -32.91 0.65
C ALA H 363 -6.19 -33.43 2.04
N VAL H 364 -6.66 -34.67 2.09
CA VAL H 364 -7.04 -35.26 3.36
C VAL H 364 -5.86 -35.98 3.98
N GLU H 365 -5.41 -35.51 5.13
CA GLU H 365 -4.30 -36.16 5.79
C GLU H 365 -4.70 -37.48 6.43
N CYS H 366 -3.82 -38.45 6.25
CA CYS H 366 -3.87 -39.68 7.01
C CYS H 366 -2.43 -39.93 7.48
N PRO H 367 -2.18 -39.70 8.77
CA PRO H 367 -0.90 -40.09 9.35
C PRO H 367 -0.75 -41.61 9.26
N PRO H 368 0.48 -42.10 9.16
CA PRO H 368 0.74 -43.54 9.08
C PRO H 368 0.23 -44.27 10.34
N PRO H 369 -0.18 -45.54 10.19
CA PRO H 369 -0.17 -46.27 8.91
C PRO H 369 -1.35 -45.91 8.02
N ARG H 370 -1.05 -45.62 6.76
CA ARG H 370 -2.12 -45.29 5.82
C ARG H 370 -2.82 -46.57 5.30
N THR H 371 -3.53 -47.24 6.21
CA THR H 371 -4.29 -48.44 5.84
C THR H 371 -5.58 -48.03 5.13
N THR H 372 -6.18 -48.99 4.41
CA THR H 372 -7.45 -48.74 3.72
C THR H 372 -8.49 -48.25 4.73
N ALA H 373 -8.60 -48.95 5.85
CA ALA H 373 -9.57 -48.60 6.89
C ALA H 373 -9.38 -47.18 7.41
N ARG H 374 -8.12 -46.80 7.65
CA ARG H 374 -7.85 -45.45 8.14
C ARG H 374 -8.18 -44.38 7.09
N LEU H 375 -7.78 -44.63 5.84
CA LEU H 375 -7.96 -43.66 4.75
C LEU H 375 -9.46 -43.42 4.53
N LEU H 376 -10.19 -44.53 4.55
CA LEU H 376 -11.66 -44.50 4.54
C LEU H 376 -12.18 -43.61 5.66
N ASP H 377 -11.77 -43.92 6.91
CA ASP H 377 -12.23 -43.14 8.07
C ASP H 377 -12.01 -41.63 7.86
N LYS H 378 -10.81 -41.26 7.40
CA LYS H 378 -10.45 -39.85 7.21
C LYS H 378 -11.31 -39.20 6.13
N LEU H 379 -11.56 -39.97 5.08
CA LEU H 379 -12.43 -39.51 3.99
C LEU H 379 -13.87 -39.29 4.42
N VAL H 380 -14.40 -40.23 5.19
CA VAL H 380 -15.75 -40.12 5.75
C VAL H 380 -15.83 -38.92 6.68
N GLY H 381 -14.81 -38.73 7.52
CA GLY H 381 -14.79 -37.61 8.44
C GLY H 381 -14.83 -36.29 7.69
N GLU H 382 -14.09 -36.25 6.59
CA GLU H 382 -14.00 -35.02 5.78
C GLU H 382 -15.27 -34.72 5.00
N PHE H 383 -15.85 -35.76 4.40
CA PHE H 383 -16.92 -35.59 3.41
C PHE H 383 -18.35 -35.89 3.86
N LEU H 384 -18.49 -36.81 4.79
CA LEU H 384 -19.82 -37.19 5.30
C LEU H 384 -20.14 -36.60 6.68
N GLU H 385 -19.21 -36.78 7.64
CA GLU H 385 -19.47 -36.44 9.03
C GLU H 385 -19.84 -34.96 9.22
N VAL H 386 -19.20 -34.10 8.42
CA VAL H 386 -19.45 -32.64 8.49
C VAL H 386 -20.86 -32.25 8.08
N THR H 387 -21.49 -33.09 7.27
CA THR H 387 -22.89 -32.89 6.87
C THR H 387 -23.92 -33.33 7.91
N CYS H 388 -23.44 -33.87 9.02
CA CYS H 388 -24.35 -34.41 10.03
C CYS H 388 -24.58 -33.44 11.18
N ILE H 389 -25.42 -32.43 10.91
CA ILE H 389 -25.81 -31.46 11.95
C ILE H 389 -26.96 -32.05 12.76
N ASN H 390 -28.07 -32.31 12.08
CA ASN H 390 -29.17 -33.04 12.68
C ASN H 390 -28.73 -34.47 12.88
N PRO H 391 -29.33 -35.18 13.86
CA PRO H 391 -29.05 -36.62 14.05
C PRO H 391 -29.12 -37.39 12.73
N THR H 392 -27.97 -37.96 12.36
CA THR H 392 -27.86 -38.72 11.12
C THR H 392 -27.19 -40.08 11.37
N PHE H 393 -27.85 -41.14 10.92
CA PHE H 393 -27.27 -42.48 10.91
C PHE H 393 -26.33 -42.64 9.69
N ILE H 394 -25.07 -43.01 9.95
CA ILE H 394 -24.18 -43.44 8.88
C ILE H 394 -24.08 -44.97 8.95
N CYS H 395 -24.45 -45.62 7.86
CA CYS H 395 -24.74 -47.06 7.88
C CYS H 395 -23.84 -47.89 6.96
N ASP H 396 -23.85 -49.20 7.21
CA ASP H 396 -23.24 -50.19 6.32
C ASP H 396 -21.74 -50.03 6.09
N HIS H 397 -21.01 -49.78 7.19
CA HIS H 397 -19.53 -49.76 7.17
C HIS H 397 -18.92 -51.05 6.60
N PRO H 398 -17.81 -50.91 5.88
CA PRO H 398 -17.00 -52.06 5.43
C PRO H 398 -16.54 -52.93 6.61
N GLN H 399 -16.36 -54.23 6.35
CA GLN H 399 -15.88 -55.14 7.37
C GLN H 399 -14.49 -54.77 7.90
N ILE H 400 -13.70 -54.10 7.05
CA ILE H 400 -12.35 -53.70 7.47
C ILE H 400 -12.33 -52.64 8.57
N MET H 401 -13.46 -51.95 8.75
CA MET H 401 -13.58 -51.00 9.85
C MET H 401 -14.29 -51.59 11.06
N SER H 402 -14.73 -52.85 10.94
CA SER H 402 -15.67 -53.42 11.90
C SER H 402 -15.40 -54.89 12.20
N PRO H 403 -14.37 -55.14 13.01
CA PRO H 403 -13.92 -56.50 13.33
C PRO H 403 -14.94 -57.39 14.08
N LEU H 404 -15.92 -56.78 14.74
CA LEU H 404 -16.91 -57.53 15.54
C LEU H 404 -18.36 -57.46 14.99
N ALA H 405 -18.55 -56.73 13.89
CA ALA H 405 -19.88 -56.62 13.31
C ALA H 405 -20.17 -57.74 12.29
N LYS H 406 -21.39 -58.28 12.32
CA LYS H 406 -21.79 -59.32 11.38
C LYS H 406 -21.81 -58.78 9.95
N TRP H 407 -21.37 -59.61 9.00
CA TRP H 407 -21.43 -59.27 7.58
C TRP H 407 -22.86 -58.84 7.19
N HIS H 408 -22.95 -58.00 6.16
CA HIS H 408 -24.22 -57.52 5.63
C HIS H 408 -24.89 -58.64 4.85
N ARG H 409 -26.20 -58.78 5.04
CA ARG H 409 -26.95 -59.88 4.43
C ARG H 409 -27.26 -59.67 2.93
N SER H 410 -26.99 -58.47 2.41
CA SER H 410 -27.17 -58.17 0.97
C SER H 410 -25.83 -57.74 0.36
N LYS H 411 -25.14 -56.80 1.00
CA LYS H 411 -24.00 -56.10 0.40
C LYS H 411 -22.65 -56.68 0.86
N GLU H 412 -22.05 -57.49 -0.02
CA GLU H 412 -20.80 -58.18 0.31
C GLU H 412 -19.64 -57.22 0.58
N GLY H 413 -18.87 -57.48 1.62
CA GLY H 413 -17.80 -56.58 2.00
C GLY H 413 -18.24 -55.56 3.05
N LEU H 414 -19.55 -55.41 3.23
CA LEU H 414 -20.11 -54.53 4.24
C LEU H 414 -20.64 -55.28 5.47
N THR H 415 -21.04 -54.52 6.48
CA THR H 415 -21.52 -55.06 7.74
C THR H 415 -22.82 -54.36 8.13
N GLU H 416 -23.62 -55.03 8.97
CA GLU H 416 -24.84 -54.42 9.46
C GLU H 416 -24.50 -53.51 10.65
N ARG H 417 -23.94 -52.35 10.34
CA ARG H 417 -23.46 -51.43 11.35
C ARG H 417 -23.96 -50.01 11.11
N PHE H 418 -24.12 -49.24 12.19
CA PHE H 418 -24.37 -47.82 12.07
C PHE H 418 -23.67 -47.00 13.15
N GLU H 419 -23.45 -45.72 12.85
CA GLU H 419 -23.05 -44.75 13.84
C GLU H 419 -24.05 -43.60 13.84
N LEU H 420 -24.39 -43.08 15.02
CA LEU H 420 -25.20 -41.85 15.11
C LEU H 420 -24.27 -40.65 15.15
N PHE H 421 -24.47 -39.72 14.21
CA PHE H 421 -23.81 -38.43 14.29
C PHE H 421 -24.75 -37.27 14.60
N VAL H 422 -24.32 -36.41 15.53
CA VAL H 422 -24.99 -35.17 15.86
C VAL H 422 -23.89 -34.12 15.89
N MET H 423 -24.16 -32.98 15.27
CA MET H 423 -23.24 -31.84 15.26
C MET H 423 -21.82 -32.22 14.83
N LYS H 424 -21.74 -33.06 13.79
CA LYS H 424 -20.47 -33.50 13.17
C LYS H 424 -19.65 -34.49 14.05
N LYS H 425 -20.22 -34.91 15.18
CA LYS H 425 -19.52 -35.85 16.07
C LYS H 425 -20.34 -37.12 16.31
N GLU H 426 -19.64 -38.24 16.48
CA GLU H 426 -20.28 -39.52 16.79
C GLU H 426 -20.74 -39.61 18.23
N ILE H 427 -22.00 -39.99 18.42
CA ILE H 427 -22.53 -40.26 19.75
C ILE H 427 -22.93 -41.74 20.00
N CYS H 428 -23.26 -42.45 18.93
CA CYS H 428 -23.63 -43.88 19.03
C CYS H 428 -22.90 -44.73 17.99
N ASN H 429 -22.67 -45.98 18.37
CA ASN H 429 -22.11 -46.95 17.46
C ASN H 429 -22.78 -48.29 17.72
N ALA H 430 -23.28 -48.91 16.68
CA ALA H 430 -24.10 -50.09 16.87
C ALA H 430 -24.00 -51.04 15.69
N TYR H 431 -24.20 -52.32 15.98
CA TYR H 431 -24.26 -53.30 14.90
C TYR H 431 -24.96 -54.60 15.26
N THR H 432 -25.49 -55.26 14.23
CA THR H 432 -25.85 -56.66 14.33
C THR H 432 -24.55 -57.36 14.71
N GLU H 433 -24.58 -58.12 15.80
CA GLU H 433 -23.35 -58.72 16.32
C GLU H 433 -22.92 -59.95 15.52
N LEU H 434 -21.60 -60.11 15.35
CA LEU H 434 -21.05 -61.32 14.73
C LEU H 434 -21.10 -62.52 15.68
N ASN H 435 -21.87 -63.56 15.32
CA ASN H 435 -22.01 -64.75 16.16
C ASN H 435 -21.39 -66.04 15.60
N ASP H 436 -20.86 -65.95 14.38
CA ASP H 436 -20.15 -67.07 13.73
C ASP H 436 -18.72 -67.08 14.30
N PRO H 437 -18.38 -68.08 15.13
CA PRO H 437 -17.08 -68.18 15.84
C PRO H 437 -15.89 -68.19 14.89
N MET H 438 -16.07 -68.85 13.74
CA MET H 438 -15.01 -69.00 12.76
C MET H 438 -14.63 -67.65 12.15
N ARG H 439 -15.63 -66.93 11.66
CA ARG H 439 -15.38 -65.62 11.06
C ARG H 439 -14.75 -64.70 12.09
N GLN H 440 -15.20 -64.86 13.34
CA GLN H 440 -14.77 -63.98 14.40
C GLN H 440 -13.30 -64.22 14.71
N ARG H 441 -12.93 -65.50 14.72
CA ARG H 441 -11.53 -65.88 14.90
C ARG H 441 -10.63 -65.38 13.74
N GLN H 442 -11.05 -65.59 12.47
CA GLN H 442 -10.30 -65.06 11.29
C GLN H 442 -10.03 -63.58 11.44
N LEU H 443 -11.09 -62.84 11.79
CA LEU H 443 -11.04 -61.38 11.90
C LEU H 443 -10.10 -60.97 13.03
N PHE H 444 -10.16 -61.75 14.10
CA PHE H 444 -9.23 -61.54 15.25
C PHE H 444 -7.80 -61.76 14.81
N GLU H 445 -7.62 -62.71 13.89
CA GLU H 445 -6.30 -63.07 13.39
C GLU H 445 -5.75 -61.98 12.50
N GLU H 446 -6.59 -61.42 11.64
CA GLU H 446 -6.16 -60.27 10.82
C GLU H 446 -5.82 -59.10 11.74
N GLN H 447 -6.61 -58.92 12.79
CA GLN H 447 -6.36 -57.86 13.78
C GLN H 447 -5.01 -58.04 14.46
N ALA H 448 -4.72 -59.28 14.84
CA ALA H 448 -3.45 -59.61 15.51
C ALA H 448 -2.25 -59.49 14.56
N LYS H 449 -2.47 -59.79 13.29
CA LYS H 449 -1.46 -59.59 12.25
C LYS H 449 -1.14 -58.10 12.11
N ALA H 450 -2.18 -57.26 12.08
CA ALA H 450 -1.98 -55.80 12.03
C ALA H 450 -1.34 -55.28 13.32
N LYS H 451 -1.53 -56.03 14.40
CA LYS H 451 -0.97 -55.64 15.68
C LYS H 451 0.51 -56.02 15.74
N ALA H 452 0.88 -57.03 14.96
CA ALA H 452 2.27 -57.47 14.86
C ALA H 452 3.15 -56.45 14.15
N ALA H 453 2.58 -55.79 13.13
CA ALA H 453 3.29 -54.76 12.37
C ALA H 453 3.56 -53.47 13.18
N GLY H 454 2.90 -53.32 14.33
CA GLY H 454 3.21 -52.20 15.21
C GLY H 454 2.05 -51.32 15.63
N ASP H 455 0.85 -51.64 15.16
CA ASP H 455 -0.33 -50.85 15.49
C ASP H 455 -0.86 -51.19 16.90
N ASP H 456 -0.66 -50.28 17.84
CA ASP H 456 -1.05 -50.50 19.24
C ASP H 456 -2.55 -50.36 19.55
N GLU H 457 -3.34 -49.87 18.58
CA GLU H 457 -4.78 -49.75 18.80
C GLU H 457 -5.56 -50.96 18.30
N ALA H 458 -5.11 -51.55 17.18
CA ALA H 458 -5.70 -52.80 16.67
C ALA H 458 -5.58 -53.92 17.72
N MET H 459 -6.62 -54.75 17.82
CA MET H 459 -6.85 -55.54 19.01
C MET H 459 -6.37 -57.00 19.05
N PHE H 460 -6.42 -57.57 20.26
CA PHE H 460 -5.92 -58.92 20.56
C PHE H 460 -6.84 -60.07 20.17
N ILE H 461 -6.37 -61.29 20.37
CA ILE H 461 -7.23 -62.45 20.19
C ILE H 461 -7.76 -62.95 21.56
N ASP H 462 -9.05 -62.78 21.79
CA ASP H 462 -9.67 -63.32 22.99
C ASP H 462 -10.17 -64.72 22.63
N GLU H 463 -9.52 -65.74 23.17
CA GLU H 463 -9.94 -67.08 22.82
C GLU H 463 -11.15 -67.49 23.63
N ASN H 464 -11.23 -66.98 24.86
CA ASN H 464 -12.38 -67.26 25.71
C ASN H 464 -13.68 -66.79 25.08
N PHE H 465 -13.59 -65.62 24.44
CA PHE H 465 -14.74 -65.06 23.73
C PHE H 465 -15.10 -65.95 22.53
N CYS H 466 -14.11 -66.45 21.82
CA CYS H 466 -14.39 -67.30 20.67
C CYS H 466 -15.03 -68.62 21.09
N THR H 467 -14.57 -69.14 22.22
CA THR H 467 -15.15 -70.33 22.82
C THR H 467 -16.63 -70.10 23.20
N ALA H 468 -16.86 -68.96 23.83
CA ALA H 468 -18.21 -68.55 24.17
C ALA H 468 -19.08 -68.52 22.91
N LEU H 469 -18.53 -67.99 21.81
CA LEU H 469 -19.26 -67.96 20.53
C LEU H 469 -19.56 -69.36 20.04
N GLU H 470 -18.63 -70.28 20.29
CA GLU H 470 -18.78 -71.71 19.92
C GLU H 470 -19.90 -72.41 20.69
N TYR H 471 -20.18 -71.93 21.90
CA TYR H 471 -21.32 -72.46 22.67
C TYR H 471 -22.68 -71.93 22.17
N GLY H 472 -22.65 -70.96 21.27
CA GLY H 472 -23.87 -70.48 20.66
C GLY H 472 -24.35 -69.12 21.13
N LEU H 473 -23.89 -68.06 20.47
CA LEU H 473 -24.43 -66.73 20.73
C LEU H 473 -25.64 -66.48 19.82
N PRO H 474 -26.82 -66.24 20.41
CA PRO H 474 -28.03 -66.05 19.60
C PRO H 474 -27.86 -64.86 18.66
N PRO H 475 -28.64 -64.82 17.57
CA PRO H 475 -28.66 -63.61 16.74
C PRO H 475 -28.94 -62.43 17.67
N THR H 476 -28.05 -61.44 17.63
CA THR H 476 -28.06 -60.37 18.62
C THR H 476 -27.62 -59.04 18.00
N ALA H 477 -28.14 -57.94 18.55
CA ALA H 477 -27.68 -56.60 18.14
C ALA H 477 -27.17 -55.78 19.35
N GLY H 478 -26.06 -55.09 19.17
CA GLY H 478 -25.43 -54.35 20.24
C GLY H 478 -25.20 -52.88 19.94
N TRP H 479 -25.01 -52.08 20.99
CA TRP H 479 -25.10 -50.62 20.90
C TRP H 479 -24.29 -49.95 22.00
N GLY H 480 -23.62 -48.88 21.61
CA GLY H 480 -22.84 -48.08 22.53
C GLY H 480 -23.05 -46.58 22.33
N MET H 481 -23.08 -45.84 23.44
CA MET H 481 -23.28 -44.40 23.42
C MET H 481 -22.27 -43.68 24.32
N GLY H 482 -21.74 -42.58 23.80
CA GLY H 482 -20.81 -41.74 24.53
C GLY H 482 -21.57 -40.72 25.34
N ILE H 483 -21.76 -41.04 26.62
CA ILE H 483 -22.58 -40.19 27.48
C ILE H 483 -22.06 -38.76 27.50
N ASP H 484 -20.76 -38.59 27.72
CA ASP H 484 -20.16 -37.26 27.83
C ASP H 484 -20.54 -36.39 26.62
N ARG H 485 -20.48 -36.96 25.42
CA ARG H 485 -20.81 -36.21 24.20
C ARG H 485 -22.27 -35.77 24.14
N VAL H 486 -23.18 -36.70 24.43
CA VAL H 486 -24.58 -36.35 24.53
C VAL H 486 -24.78 -35.23 25.54
N ALA H 487 -24.03 -35.30 26.65
CA ALA H 487 -24.03 -34.26 27.69
C ALA H 487 -23.59 -32.91 27.13
N MET H 488 -22.56 -32.95 26.29
CA MET H 488 -22.03 -31.76 25.64
C MET H 488 -23.11 -31.09 24.79
N PHE H 489 -23.71 -31.87 23.90
CA PHE H 489 -24.69 -31.33 22.96
C PHE H 489 -25.98 -30.89 23.64
N LEU H 490 -26.30 -31.48 24.79
CA LEU H 490 -27.49 -31.05 25.53
C LEU H 490 -27.24 -29.95 26.57
N THR H 491 -25.98 -29.61 26.82
CA THR H 491 -25.69 -28.46 27.69
C THR H 491 -24.99 -27.33 26.94
N ASP H 492 -24.94 -27.46 25.62
CA ASP H 492 -24.29 -26.47 24.77
C ASP H 492 -22.86 -26.19 25.24
N SER H 493 -22.09 -27.26 25.32
CA SER H 493 -20.69 -27.21 25.70
C SER H 493 -19.87 -27.69 24.50
N ASN H 494 -18.92 -26.87 24.08
CA ASN H 494 -18.07 -27.23 22.92
C ASN H 494 -16.82 -27.99 23.38
N ASN H 495 -16.82 -28.36 24.65
CA ASN H 495 -15.62 -28.90 25.25
C ASN H 495 -16.01 -29.92 26.35
N ILE H 496 -15.45 -31.12 26.25
CA ILE H 496 -15.77 -32.22 27.15
C ILE H 496 -15.41 -31.90 28.61
N LYS H 497 -14.46 -30.97 28.82
CA LYS H 497 -14.09 -30.57 30.18
C LYS H 497 -15.27 -29.95 30.94
N GLU H 498 -16.24 -29.45 30.18
CA GLU H 498 -17.44 -28.84 30.74
C GLU H 498 -18.40 -29.82 31.39
N VAL H 499 -18.44 -31.06 30.91
CA VAL H 499 -19.40 -32.04 31.42
C VAL H 499 -18.76 -33.16 32.26
N LEU H 500 -17.45 -33.02 32.51
CA LEU H 500 -16.76 -33.84 33.49
C LEU H 500 -16.52 -32.99 34.74
N LEU H 501 -16.96 -33.46 35.91
CA LEU H 501 -16.74 -32.73 37.15
C LEU H 501 -15.27 -32.41 37.41
N PHE H 502 -14.41 -33.42 37.34
CA PHE H 502 -12.98 -33.20 37.53
C PHE H 502 -12.16 -33.75 36.33
N PRO H 503 -12.10 -32.98 35.23
CA PRO H 503 -11.41 -33.40 33.99
C PRO H 503 -9.91 -33.47 34.17
N ALA H 504 -9.24 -34.31 33.38
CA ALA H 504 -7.79 -34.47 33.47
C ALA H 504 -7.05 -33.23 32.92
N MET H 505 -6.11 -32.71 33.71
CA MET H 505 -5.35 -31.52 33.34
C MET H 505 -3.85 -31.80 33.33
N LYS H 506 -3.17 -31.44 32.25
CA LYS H 506 -1.70 -31.48 32.20
C LYS H 506 -1.16 -30.44 33.18
N PRO H 507 -0.52 -30.91 34.27
CA PRO H 507 -0.10 -30.03 35.36
C PRO H 507 1.11 -29.22 34.89
N PRO I 2 -14.03 -3.96 39.89
CA PRO I 2 -13.73 -2.53 39.92
C PRO I 2 -14.82 -1.71 39.22
N MET I 3 -14.41 -0.85 38.28
CA MET I 3 -15.36 -0.04 37.53
C MET I 3 -15.37 -0.59 36.11
N TYR I 4 -16.51 -0.54 35.45
CA TYR I 4 -16.59 -1.09 34.11
C TYR I 4 -15.57 -0.47 33.10
N GLN I 5 -15.04 -1.29 32.20
CA GLN I 5 -14.13 -0.80 31.13
C GLN I 5 -14.83 0.19 30.18
N VAL I 6 -14.18 1.33 29.96
CA VAL I 6 -14.54 2.19 28.85
C VAL I 6 -13.30 2.36 28.00
N LYS I 7 -13.46 2.16 26.70
CA LYS I 7 -12.38 2.29 25.75
C LYS I 7 -11.93 3.74 25.68
N PRO I 8 -10.61 3.94 25.60
CA PRO I 8 -9.99 5.26 25.47
C PRO I 8 -10.49 5.97 24.23
N TYR I 9 -10.85 7.24 24.36
CA TYR I 9 -11.39 8.01 23.23
C TYR I 9 -10.46 8.11 22.02
N HIS I 10 -9.14 8.06 22.28
CA HIS I 10 -8.13 8.21 21.26
C HIS I 10 -7.57 6.86 20.94
N GLY I 11 -6.41 6.65 21.52
CA GLY I 11 -5.89 5.34 21.86
C GLY I 11 -5.75 5.40 23.37
N GLY I 12 -4.95 4.50 23.92
CA GLY I 12 -3.96 3.79 23.15
C GLY I 12 -2.94 4.73 22.49
N GLY I 13 -2.45 5.69 23.26
CA GLY I 13 -1.53 6.70 22.76
C GLY I 13 -0.17 6.11 22.45
N ALA I 14 0.63 6.78 21.63
CA ALA I 14 0.41 8.17 21.20
C ALA I 14 0.83 8.45 19.76
N PRO I 15 0.23 9.49 19.17
CA PRO I 15 0.45 9.87 17.78
C PRO I 15 1.73 10.69 17.49
N LEU I 16 1.85 11.18 16.27
CA LEU I 16 3.10 11.72 15.82
C LEU I 16 3.88 10.51 15.31
N ARG I 17 3.18 9.40 15.20
CA ARG I 17 3.68 8.24 14.47
C ARG I 17 3.15 8.48 13.06
N VAL I 18 2.58 9.68 12.90
CA VAL I 18 2.05 10.14 11.60
C VAL I 18 3.03 11.15 11.00
N GLU I 19 3.77 11.80 11.89
CA GLU I 19 4.52 12.98 11.56
C GLU I 19 5.46 13.29 12.70
N LEU I 20 6.77 13.29 12.40
CA LEU I 20 7.78 13.94 13.23
C LEU I 20 8.80 14.58 12.27
N PRO I 21 8.86 15.92 12.25
CA PRO I 21 9.80 16.60 11.36
C PRO I 21 11.27 16.32 11.74
N THR I 22 12.17 16.63 10.82
CA THR I 22 13.58 16.25 10.95
C THR I 22 14.55 17.41 10.64
N CYS I 23 14.03 18.63 10.56
CA CYS I 23 14.86 19.79 10.22
C CYS I 23 15.74 20.29 11.38
N MET I 24 15.37 19.88 12.60
CA MET I 24 15.98 20.36 13.85
C MET I 24 16.63 19.23 14.66
N TYR I 25 17.78 19.50 15.28
CA TYR I 25 18.45 18.47 16.08
C TYR I 25 17.52 17.79 17.08
N ARG I 26 17.83 16.52 17.44
CA ARG I 26 17.02 15.74 18.40
C ARG I 26 17.20 16.11 19.87
N LEU I 27 16.09 16.32 20.54
CA LEU I 27 16.04 16.29 21.99
C LEU I 27 15.10 15.14 22.31
N PRO I 28 15.32 14.46 23.44
CA PRO I 28 14.50 13.29 23.75
C PRO I 28 13.19 13.65 24.47
N ASN I 29 12.15 12.86 24.27
CA ASN I 29 10.92 13.07 25.01
C ASN I 29 11.19 13.05 26.51
N VAL I 30 10.94 14.17 27.17
CA VAL I 30 11.08 14.31 28.63
C VAL I 30 10.36 13.18 29.39
N HIS I 31 9.26 12.68 28.84
CA HIS I 31 8.54 11.52 29.38
C HIS I 31 8.96 10.20 28.66
N GLY I 32 10.02 9.55 29.17
CA GLY I 32 10.56 8.36 28.53
C GLY I 32 11.70 7.73 29.31
N PRO J 2 -42.35 -54.30 16.19
CA PRO J 2 -41.06 -53.93 16.79
C PRO J 2 -40.34 -55.15 17.36
N MET J 3 -39.87 -55.04 18.60
CA MET J 3 -39.20 -56.15 19.30
C MET J 3 -40.16 -56.67 20.35
N TYR J 4 -40.10 -57.96 20.63
CA TYR J 4 -41.04 -58.54 21.57
C TYR J 4 -40.97 -57.94 22.97
N GLN J 5 -42.13 -57.83 23.64
CA GLN J 5 -42.20 -57.30 25.02
C GLN J 5 -41.45 -58.20 25.99
N VAL J 6 -40.59 -57.59 26.81
CA VAL J 6 -40.08 -58.24 28.00
C VAL J 6 -40.42 -57.39 29.20
N LYS J 7 -40.98 -58.03 30.22
CA LYS J 7 -41.37 -57.33 31.43
C LYS J 7 -40.15 -56.85 32.16
N PRO J 8 -40.24 -55.62 32.69
CA PRO J 8 -39.19 -55.02 33.52
C PRO J 8 -38.85 -55.89 34.69
N TYR J 9 -37.56 -56.07 34.95
CA TYR J 9 -37.08 -56.93 36.03
C TYR J 9 -37.56 -56.48 37.40
N HIS J 10 -37.71 -55.16 37.58
CA HIS J 10 -38.14 -54.58 38.84
C HIS J 10 -39.61 -54.25 38.75
N GLY J 11 -39.85 -52.96 38.56
CA GLY J 11 -41.05 -52.46 37.93
C GLY J 11 -40.54 -51.79 36.66
N GLY J 12 -41.32 -50.87 36.08
CA GLY J 12 -42.29 -50.07 36.80
C GLY J 12 -41.65 -49.24 37.91
N GLY J 13 -41.03 -48.13 37.55
CA GLY J 13 -40.40 -47.27 38.52
C GLY J 13 -41.44 -46.51 39.32
N ALA J 14 -41.12 -46.15 40.56
CA ALA J 14 -39.88 -46.54 41.23
C ALA J 14 -40.11 -46.60 42.74
N PRO J 15 -39.27 -47.35 43.44
CA PRO J 15 -39.45 -47.63 44.86
C PRO J 15 -38.96 -46.51 45.78
N LEU J 16 -38.82 -46.82 47.06
CA LEU J 16 -38.70 -45.77 48.02
C LEU J 16 -40.13 -45.33 48.27
N ARG J 17 -41.08 -46.17 47.85
CA ARG J 17 -42.44 -46.03 48.31
C ARG J 17 -42.64 -47.13 49.38
N VAL J 18 -41.52 -47.47 50.05
CA VAL J 18 -41.39 -48.40 51.20
C VAL J 18 -40.83 -47.62 52.40
N GLU J 19 -40.10 -46.55 52.07
CA GLU J 19 -39.24 -45.88 53.02
C GLU J 19 -38.75 -44.56 52.42
N LEU J 20 -39.09 -43.47 53.09
CA LEU J 20 -38.42 -42.20 52.90
C LEU J 20 -38.34 -41.55 54.28
N PRO J 21 -37.11 -41.43 54.82
CA PRO J 21 -36.95 -40.81 56.15
C PRO J 21 -37.37 -39.33 56.18
N THR J 22 -37.55 -38.79 57.38
CA THR J 22 -38.13 -37.46 57.54
C THR J 22 -37.33 -36.57 58.51
N CYS J 23 -36.11 -36.97 58.86
CA CYS J 23 -35.30 -36.26 59.84
C CYS J 23 -34.64 -34.99 59.28
N MET J 24 -34.55 -34.93 57.96
CA MET J 24 -33.82 -33.89 57.25
C MET J 24 -34.72 -33.07 56.35
N TYR J 25 -34.49 -31.76 56.23
CA TYR J 25 -35.31 -30.91 55.34
C TYR J 25 -35.44 -31.45 53.90
N ARG J 26 -36.58 -31.19 53.26
CA ARG J 26 -36.85 -31.65 51.89
C ARG J 26 -36.05 -30.90 50.80
N LEU J 27 -35.40 -31.67 49.94
CA LEU J 27 -34.97 -31.20 48.63
C LEU J 27 -35.78 -32.03 47.64
N PRO J 28 -36.06 -31.49 46.46
CA PRO J 28 -36.89 -32.23 45.50
C PRO J 28 -36.09 -33.17 44.61
N ASN J 29 -36.72 -34.24 44.14
CA ASN J 29 -36.06 -35.12 43.18
C ASN J 29 -35.64 -34.32 41.94
N VAL J 30 -34.33 -34.22 41.72
CA VAL J 30 -33.77 -33.59 40.53
C VAL J 30 -34.42 -34.08 39.23
N HIS J 31 -34.91 -35.31 39.23
CA HIS J 31 -35.62 -35.85 38.10
C HIS J 31 -37.10 -35.94 38.35
N GLY J 32 -37.88 -35.02 37.80
CA GLY J 32 -37.37 -34.00 36.92
C GLY J 32 -38.06 -32.67 37.10
N PRO K 2 6.11 10.65 -40.47
CA PRO K 2 4.69 10.26 -40.50
C PRO K 2 3.67 11.33 -39.98
N MET K 3 2.88 10.96 -39.00
CA MET K 3 1.89 11.88 -38.45
C MET K 3 2.28 12.08 -37.00
N TYR K 4 2.05 13.26 -36.46
CA TYR K 4 2.47 13.48 -35.08
C TYR K 4 1.85 12.48 -34.07
N GLN K 5 2.63 12.08 -33.07
CA GLN K 5 2.13 11.25 -31.95
C GLN K 5 1.03 11.91 -31.14
N VAL K 6 -0.10 11.21 -30.99
CA VAL K 6 -1.10 11.55 -30.00
C VAL K 6 -1.23 10.37 -29.07
N LYS K 7 -1.19 10.66 -27.76
CA LYS K 7 -1.26 9.61 -26.76
C LYS K 7 -2.65 9.01 -26.78
N PRO K 8 -2.72 7.68 -26.61
CA PRO K 8 -3.98 6.93 -26.54
C PRO K 8 -4.86 7.46 -25.44
N TYR K 9 -6.16 7.64 -25.71
CA TYR K 9 -7.08 8.16 -24.70
C TYR K 9 -7.19 7.32 -23.41
N HIS K 10 -6.99 6.03 -23.53
CA HIS K 10 -7.13 5.09 -22.42
C HIS K 10 -5.75 4.72 -21.96
N GLY K 11 -5.36 3.62 -22.55
CA GLY K 11 -4.15 2.88 -22.31
C GLY K 11 -3.69 2.54 -23.71
N GLY K 12 -2.59 1.82 -23.78
CA GLY K 12 -2.20 0.97 -22.69
C GLY K 12 -3.30 -0.04 -22.44
N GLY K 13 -3.87 -0.57 -23.53
CA GLY K 13 -4.93 -1.53 -23.43
C GLY K 13 -4.43 -2.80 -22.77
N ALA K 14 -5.26 -3.42 -21.94
CA ALA K 14 -6.66 -3.05 -21.81
C ALA K 14 -7.18 -3.17 -20.38
N PRO K 15 -8.35 -2.58 -20.14
CA PRO K 15 -8.99 -2.57 -18.84
C PRO K 15 -9.52 -3.95 -18.47
N LEU K 16 -9.85 -4.15 -17.21
CA LEU K 16 -10.01 -5.49 -16.69
C LEU K 16 -8.59 -5.91 -16.42
N ARG K 17 -7.71 -4.93 -16.41
CA ARG K 17 -6.28 -5.16 -16.26
C ARG K 17 -6.00 -5.84 -14.93
N VAL K 18 -6.71 -5.43 -13.88
CA VAL K 18 -6.60 -6.10 -12.60
C VAL K 18 -7.87 -6.80 -12.10
N GLU K 19 -9.01 -6.57 -12.76
CA GLU K 19 -10.29 -7.13 -12.27
C GLU K 19 -11.01 -8.08 -13.23
N LEU K 20 -11.36 -9.26 -12.71
CA LEU K 20 -12.13 -10.30 -13.42
C LEU K 20 -12.81 -11.16 -12.37
N PRO K 21 -13.79 -11.97 -12.76
CA PRO K 21 -14.44 -12.92 -11.86
C PRO K 21 -13.97 -14.37 -12.07
N THR K 22 -14.27 -15.23 -11.11
CA THR K 22 -13.73 -16.58 -11.07
C THR K 22 -14.80 -17.66 -10.79
N CYS K 23 -16.07 -17.30 -10.92
CA CYS K 23 -17.15 -18.21 -10.57
C CYS K 23 -17.38 -19.23 -11.68
N MET K 24 -16.90 -18.90 -12.87
CA MET K 24 -17.19 -19.65 -14.11
C MET K 24 -15.93 -20.21 -14.74
N TYR K 25 -16.00 -21.44 -15.30
CA TYR K 25 -14.82 -22.05 -15.94
C TYR K 25 -14.15 -21.13 -16.95
N ARG K 26 -12.84 -21.33 -17.17
CA ARG K 26 -12.07 -20.49 -18.11
C ARG K 26 -12.27 -20.82 -19.59
N LEU K 27 -12.52 -19.77 -20.37
CA LEU K 27 -12.37 -19.84 -21.81
C LEU K 27 -11.30 -18.82 -22.09
N PRO K 28 -10.50 -19.06 -23.13
CA PRO K 28 -9.39 -18.14 -23.42
C PRO K 28 -9.82 -16.97 -24.30
N ASN K 29 -9.21 -15.81 -24.11
CA ASN K 29 -9.46 -14.67 -24.98
C ASN K 29 -9.25 -15.03 -26.44
N VAL K 30 -10.33 -15.03 -27.20
CA VAL K 30 -10.31 -15.28 -28.65
C VAL K 30 -9.19 -14.49 -29.36
N HIS K 31 -8.85 -13.32 -28.84
CA HIS K 31 -7.75 -12.52 -29.34
C HIS K 31 -6.51 -12.70 -28.49
N GLY K 32 -5.65 -13.62 -28.89
CA GLY K 32 -4.52 -14.02 -28.05
C GLY K 32 -3.66 -15.13 -28.66
N PRO L 2 49.86 47.67 -16.03
CA PRO L 2 49.78 46.30 -16.57
C PRO L 2 51.16 45.64 -16.94
N MET L 3 51.30 45.21 -18.17
CA MET L 3 52.52 44.58 -18.61
C MET L 3 53.06 45.46 -19.73
N TYR L 4 54.37 45.54 -19.86
CA TYR L 4 54.94 46.45 -20.84
C TYR L 4 54.46 46.17 -22.27
N GLN L 5 54.26 47.23 -23.06
CA GLN L 5 53.93 47.10 -24.48
C GLN L 5 55.03 46.38 -25.27
N VAL L 6 54.63 45.34 -26.00
CA VAL L 6 55.44 44.80 -27.07
C VAL L 6 54.67 44.91 -28.38
N LYS L 7 55.35 45.43 -29.41
CA LYS L 7 54.73 45.61 -30.72
C LYS L 7 54.44 44.25 -31.35
N PRO L 8 53.26 44.13 -31.97
CA PRO L 8 52.85 42.92 -32.70
C PRO L 8 53.89 42.56 -33.75
N TYR L 9 54.23 41.27 -33.85
CA TYR L 9 55.23 40.83 -34.80
C TYR L 9 54.88 41.11 -36.28
N HIS L 10 53.61 40.96 -36.66
CA HIS L 10 53.29 41.18 -38.02
C HIS L 10 52.77 42.55 -38.11
N GLY L 11 51.78 42.79 -37.28
CA GLY L 11 51.11 44.06 -37.29
C GLY L 11 49.78 43.81 -36.66
N GLY L 12 48.88 44.76 -36.88
CA GLY L 12 47.44 44.56 -36.81
C GLY L 12 46.96 43.86 -38.09
N GLY L 13 45.88 43.10 -37.97
CA GLY L 13 45.32 42.41 -39.11
C GLY L 13 44.72 43.28 -40.20
N ALA L 14 44.82 42.81 -41.44
CA ALA L 14 45.45 41.53 -41.68
C ALA L 14 46.09 41.42 -43.05
N PRO L 15 46.94 40.41 -43.22
CA PRO L 15 47.56 40.11 -44.52
C PRO L 15 46.50 39.59 -45.48
N LEU L 16 46.82 39.67 -46.78
CA LEU L 16 45.92 39.23 -47.82
C LEU L 16 44.88 40.32 -48.08
N ARG L 17 44.96 41.39 -47.30
CA ARG L 17 44.08 42.53 -47.48
C ARG L 17 44.34 43.19 -48.82
N VAL L 18 45.61 43.37 -49.12
CA VAL L 18 46.01 43.89 -50.41
C VAL L 18 45.60 42.94 -51.56
N GLU L 19 45.74 41.62 -51.35
CA GLU L 19 45.39 40.68 -52.41
C GLU L 19 44.32 39.67 -52.03
N LEU L 20 43.30 39.59 -52.89
CA LEU L 20 42.29 38.56 -52.90
C LEU L 20 41.91 38.32 -54.36
N PRO L 21 41.65 37.07 -54.70
CA PRO L 21 41.20 36.71 -56.05
C PRO L 21 39.69 36.94 -56.24
N THR L 22 39.26 36.93 -57.49
CA THR L 22 37.89 37.33 -57.85
C THR L 22 37.19 36.33 -58.79
N CYS L 23 37.75 35.13 -58.94
CA CYS L 23 37.24 34.17 -59.91
C CYS L 23 35.99 33.47 -59.38
N MET L 24 35.80 33.53 -58.07
CA MET L 24 34.79 32.75 -57.35
C MET L 24 33.81 33.64 -56.60
N TYR L 25 32.53 33.26 -56.55
CA TYR L 25 31.51 34.08 -55.87
C TYR L 25 31.90 34.43 -54.42
N ARG L 26 31.39 35.54 -53.92
CA ARG L 26 31.73 36.01 -52.57
C ARG L 26 30.98 35.28 -51.45
N LEU L 27 31.74 34.83 -50.46
CA LEU L 27 31.18 34.47 -49.18
C LEU L 27 31.83 35.42 -48.21
N PRO L 28 31.13 35.77 -47.12
CA PRO L 28 31.68 36.78 -46.19
C PRO L 28 32.59 36.18 -45.13
N ASN L 29 33.60 36.96 -44.71
CA ASN L 29 34.46 36.52 -43.60
C ASN L 29 33.61 36.15 -42.38
N VAL L 30 33.59 34.87 -42.04
CA VAL L 30 32.91 34.37 -40.85
C VAL L 30 33.19 35.20 -39.58
N HIS L 31 34.38 35.78 -39.48
CA HIS L 31 34.76 36.72 -38.41
C HIS L 31 34.58 38.20 -38.88
N GLY L 32 33.38 38.75 -38.67
CA GLY L 32 33.05 40.07 -39.20
C GLY L 32 31.68 40.58 -38.78
N LYS M . 1.32 35.62 21.08
CA LYS M . 1.04 35.45 19.65
C LYS M . -0.44 35.70 19.27
O LYS M . -0.87 35.48 18.13
CB LYS M . 1.49 34.06 19.19
CG LYS M . 2.98 33.83 19.34
CD LYS M . 3.73 34.27 18.09
CE LYS M . 5.19 33.84 18.13
NZ LYS M . 5.92 34.58 19.20
OXT LYS M . -1.25 36.14 20.11
PB APC N . -8.91 39.10 14.68
O1B APC N . -9.41 37.91 13.96
O2B APC N . -9.34 40.43 13.87
O3B APC N . -9.58 39.15 16.15
PA APC N . -6.53 38.94 16.53
O1A APC N . -5.28 39.70 16.70
O2A APC N . -7.65 39.55 17.50
C3A APC N . -7.09 39.01 14.80
O5' APC N . -6.24 37.39 16.92
C5' APC N . -6.16 36.37 15.93
C4' APC N . -5.82 35.03 16.57
O4' APC N . -6.12 35.05 17.97
C3' APC N . -6.59 33.86 15.97
O3' APC N . -5.71 32.77 15.64
C2' APC N . -7.61 33.44 17.02
O2' APC N . -7.59 32.03 17.20
C1' APC N . -7.18 34.14 18.30
N9 APC N . -8.30 34.86 18.97
C8 APC N . -8.23 36.12 19.42
N7 APC N . -9.42 36.46 19.98
C5 APC N . -10.23 35.40 19.87
C6 APC N . -11.55 35.17 20.27
N6 APC N . -12.26 36.15 20.89
N1 APC N . -12.10 33.97 20.00
C2 APC N . -11.41 32.99 19.38
N3 APC N . -10.14 33.19 19.00
C4 APC N . -9.54 34.38 19.23
MG MG O . -4.39 38.33 12.32
N LYS P . -14.06 21.30 43.59
CA LYS P . -13.57 20.65 44.81
C LYS P . -12.58 21.50 45.60
O LYS P . -12.10 21.08 46.65
CB LYS P . -12.92 19.32 44.46
CG LYS P . -13.87 18.26 43.93
CD LYS P . -14.58 17.54 45.06
CE LYS P . -15.40 16.38 44.56
NZ LYS P . -16.60 16.83 43.79
OXT LYS P . -12.23 22.62 45.20
PG APC Q . -6.12 24.12 56.18
O1G APC Q . -6.66 25.62 56.41
O2G APC Q . -4.55 24.04 56.53
O3G APC Q . -6.88 23.18 57.02
PB APC Q . -6.43 24.85 53.46
O1B APC Q . -5.78 26.11 53.89
O2B APC Q . -5.69 24.31 52.13
O3B APC Q . -6.35 23.73 54.62
PA APC Q . -9.00 23.75 52.28
O1A APC Q . -9.22 22.64 53.24
O2A APC Q . -10.41 24.26 51.70
C3A APC Q . -8.18 25.16 53.10
O5' APC Q . -8.07 23.25 51.06
C5' APC Q . -8.37 23.61 49.71
C4' APC Q . -7.61 22.72 48.71
O4' APC Q . -7.53 23.37 47.43
C3' APC Q . -6.19 22.37 49.14
O3' APC Q . -6.05 20.95 49.30
C2' APC Q . -5.27 22.83 48.03
O2' APC Q . -4.65 21.70 47.39
C1' APC Q . -6.16 23.60 47.07
N9 APC Q . -5.84 25.06 47.14
C8 APC Q . -6.70 26.02 47.49
N7 APC Q . -6.07 27.22 47.44
C5 APC Q . -4.79 27.00 47.07
C6 APC Q . -3.71 27.85 46.86
N6 APC Q . -3.82 29.19 47.03
N1 APC Q . -2.54 27.29 46.47
C2 APC Q . -2.41 25.95 46.31
N3 APC Q . -3.45 25.12 46.50
C4 APC Q . -4.65 25.62 46.88
MG MG R . -10.00 20.53 52.73
N LYS S . -33.16 -7.54 -23.80
CA LYS S . -33.14 -7.16 -22.39
C LYS S . -33.56 -5.69 -22.15
O LYS S . -33.52 -5.19 -21.01
CB LYS S . -31.76 -7.43 -21.80
CG LYS S . -31.35 -8.92 -21.81
CD LYS S . -31.80 -9.61 -20.51
CE LYS S . -31.22 -11.01 -20.37
NZ LYS S . -31.72 -11.89 -21.46
OXT LYS S . -33.95 -4.97 -23.07
PB APC T . -38.32 2.62 -18.63
O1B APC T . -37.26 3.30 -17.86
O2B APC T . -39.76 2.97 -17.99
O3B APC T . -38.30 3.16 -20.14
PA APC T . -37.73 0.14 -20.24
O1A APC T . -38.34 -1.20 -20.37
O2A APC T . -38.37 1.12 -21.36
C3A APC T . -38.03 0.82 -18.58
O5' APC T . -36.12 0.00 -20.47
C5' APC T . -35.20 0.13 -19.39
C4' APC T . -33.76 -0.13 -19.88
O4' APC T . -33.68 0.07 -21.30
C3' APC T . -32.76 0.82 -19.23
O3' APC T . -31.61 0.10 -18.75
C2' APC T . -32.34 1.80 -20.32
O2' APC T . -30.93 1.94 -20.37
C1' APC T . -32.86 1.21 -21.62
N9 APC T . -33.63 2.19 -22.43
C8 APC T . -34.83 1.95 -22.99
N7 APC T . -35.23 3.05 -23.67
C5 APC T . -34.29 3.99 -23.54
C6 APC T . -34.16 5.29 -24.02
N6 APC T . -35.14 5.84 -24.79
N1 APC T . -33.05 5.99 -23.71
C2 APC T . -32.07 5.45 -22.94
N3 APC T . -32.16 4.20 -22.47
C4 APC T . -33.26 3.45 -22.75
MG MG U . -36.89 -3.23 -16.55
N LYS V . -18.59 7.80 -46.27
CA LYS V . -17.73 7.30 -47.32
C LYS V . -18.39 6.16 -48.11
O LYS V . -17.80 5.60 -49.04
CB LYS V . -16.39 6.84 -46.75
CG LYS V . -15.52 7.94 -46.21
CD LYS V . -14.74 8.63 -47.36
CE LYS V . -13.71 9.63 -46.81
NZ LYS V . -14.37 10.83 -46.18
OXT LYS V . -19.51 5.74 -47.81
PG APC W . -19.31 -1.31 -58.24
O1G APC W . -20.83 -0.98 -58.63
O2G APC W . -19.01 -2.88 -58.45
O3G APC W . -18.39 -0.50 -59.07
PB APC W . -20.31 -0.92 -55.63
O1B APC W . -21.45 -1.74 -56.10
O2B APC W . -19.81 -1.52 -54.21
O3B APC W . -19.09 -0.93 -56.69
PA APC W . -19.63 1.86 -54.57
O1A APC W . -18.46 2.14 -55.46
O2A APC W . -20.34 3.22 -54.14
C3A APC W . -20.85 0.81 -55.42
O5' APC W . -19.13 1.09 -53.24
C5' APC W . -19.64 1.43 -51.94
C4' APC W . -18.76 0.86 -50.82
O4' APC W . -19.50 0.79 -49.59
C3' APC W . -18.22 -0.54 -51.11
O3' APC W . -16.79 -0.52 -51.14
C2' APC W . -18.69 -1.43 -49.97
O2' APC W . -17.55 -1.87 -49.20
C1' APC W . -19.63 -0.57 -49.14
N9 APC W . -21.03 -1.06 -49.31
C8 APC W . -22.05 -0.35 -49.81
N7 APC W . -23.16 -1.11 -49.82
C5 APC W . -22.84 -2.32 -49.32
C6 APC W . -23.57 -3.48 -49.10
N6 APC W . -24.90 -3.54 -49.41
N1 APC W . -22.94 -4.55 -48.58
C2 APC W . -21.62 -4.50 -48.28
N3 APC W . -20.89 -3.40 -48.48
C4 APC W . -21.48 -2.29 -49.00
MG MG X . -16.66 3.72 -54.45
N LYS Y . 46.37 15.48 -49.26
CA LYS Y . 47.16 16.04 -50.35
C LYS Y . 48.68 15.86 -50.17
O LYS Y . 49.51 16.39 -50.91
CB LYS Y . 46.81 17.52 -50.55
CG LYS Y . 45.34 17.76 -50.94
CD LYS Y . 45.16 17.67 -52.47
CE LYS Y . 43.80 18.16 -52.90
NZ LYS Y . 42.71 17.25 -52.41
OXT LYS Y . 49.13 15.18 -49.23
PB APC Z . 58.45 13.48 -51.75
O1B APC Z . 59.10 14.79 -51.86
O2B APC Z . 59.26 12.41 -52.64
O3B APC Z . 58.48 13.00 -50.20
PA APC Z . 55.52 13.21 -51.02
O1A APC Z . 54.37 12.48 -51.57
O2A APC Z . 56.23 12.30 -49.88
C3A APC Z . 56.73 13.59 -52.33
O5' APC Z . 54.98 14.59 -50.38
C5' APC Z . 55.25 15.86 -50.99
C4' APC Z . 54.58 16.99 -50.20
O4' APC Z . 54.31 16.58 -48.85
C3' APC Z . 55.46 18.23 -50.13
O3' APC Z . 54.70 19.42 -50.45
C2' APC Z . 55.93 18.31 -48.68
O2' APC Z . 55.76 19.63 -48.17
C1' APC Z . 55.09 17.32 -47.90
N9 APC Z . 55.91 16.40 -47.07
C8 APC Z . 55.76 15.08 -47.02
N7 APC Z . 56.66 14.55 -46.15
C5 APC Z . 57.37 15.57 -45.64
C6 APC Z . 58.41 15.62 -44.72
N6 APC Z . 58.89 14.48 -44.14
N1 APC Z . 58.94 16.83 -44.40
C2 APC Z . 58.47 17.96 -44.97
N3 APC Z . 57.48 17.93 -45.86
C4 APC Z . 56.90 16.75 -46.21
MG MG AA . 54.69 14.75 -55.74
N LYS BA . 50.71 22.38 -19.44
CA LYS BA . 49.71 22.77 -18.44
C LYS BA . 48.55 21.77 -18.38
O LYS BA . 47.63 21.93 -17.58
CB LYS BA . 49.18 24.17 -18.73
CG LYS BA . 50.17 25.29 -18.52
CD LYS BA . 50.32 25.64 -17.02
CE LYS BA . 51.18 26.89 -16.84
NZ LYS BA . 52.60 26.63 -17.20
OXT LYS BA . 48.49 20.81 -19.15
PG APC CA . 38.65 16.63 -12.45
O1G APC CA . 39.15 15.10 -12.43
O2G APC CA . 37.06 16.69 -12.73
O3G APC CA . 38.94 17.26 -11.13
PB APC CA . 40.04 16.68 -14.90
O1B APC CA . 39.37 15.38 -15.13
O2B APC CA . 39.81 17.58 -16.21
O3B APC CA . 39.44 17.42 -13.61
PA APC CA . 42.81 17.95 -14.64
O1A APC CA . 42.56 18.75 -13.39
O2A APC CA . 44.36 17.57 -14.72
C3A APC CA . 41.82 16.42 -14.61
O5' APC CA . 42.40 18.81 -15.93
C5' APC CA . 43.23 18.84 -17.10
C4' APC CA . 42.84 19.99 -18.04
O4' APC CA . 43.30 19.73 -19.37
C3' APC CA . 41.34 20.27 -18.12
O3' APC CA . 41.04 21.59 -17.67
C2' APC CA . 40.96 20.16 -19.58
O2' APC CA . 40.56 21.45 -20.08
C1' APC CA . 42.21 19.65 -20.30
N9 APC CA . 41.98 18.24 -20.74
C8 APC CA . 42.71 17.19 -20.37
N7 APC CA . 42.23 16.08 -20.97
C5 APC CA . 41.20 16.44 -21.74
C6 APC CA . 40.34 15.74 -22.58
N6 APC CA . 40.47 14.39 -22.74
N1 APC CA . 39.37 16.43 -23.23
C2 APC CA . 39.23 17.77 -23.07
N3 APC CA . 40.05 18.46 -22.28
C4 APC CA . 41.03 17.82 -21.60
MG MG DA . 43.34 20.56 -12.84
MG MG EA . 5.86 13.16 -40.33
N LYS FA . -14.51 -43.87 51.94
CA LYS FA . -15.08 -44.66 53.02
C LYS FA . -14.71 -46.14 52.97
O LYS FA . -15.22 -46.97 53.74
CB LYS FA . -16.61 -44.51 53.03
CG LYS FA . -17.07 -43.06 53.28
CD LYS FA . -17.14 -42.76 54.77
CE LYS FA . -17.82 -41.42 55.04
NZ LYS FA . -16.96 -40.32 54.55
OXT LYS FA . -13.87 -46.53 52.15
PB APC GA . -11.37 -55.41 55.68
O1B APC GA . -12.61 -56.20 55.72
O2B APC GA . -10.33 -56.01 56.76
O3B APC GA . -10.72 -55.51 54.19
PA APC GA . -11.36 -52.54 54.70
O1A APC GA . -10.82 -51.26 55.21
O2A APC GA . -10.26 -53.20 53.72
C3A APC GA . -11.73 -53.68 56.08
O5' APC GA . -12.72 -52.23 53.88
C5' APC GA . -14.00 -52.61 54.40
C4' APC GA . -15.11 -52.15 53.44
O4' APC GA . -14.59 -51.94 52.13
C3' APC GA . -16.24 -53.17 53.33
O3' APC GA . -17.52 -52.54 53.48
C2' APC GA . -16.10 -53.77 51.94
O2' APC GA . -17.37 -53.80 51.28
C1' APC GA . -15.14 -52.87 51.18
N9 APC GA . -14.04 -53.64 50.51
C8 APC GA . -12.73 -53.32 50.59
N7 APC GA . -12.02 -54.21 49.86
C5 APC GA . -12.88 -55.09 49.32
C6 APC GA . -12.71 -56.19 48.50
N6 APC GA . -11.46 -56.57 48.10
N1 APC GA . -13.81 -56.88 48.12
C2 APC GA . -15.05 -56.52 48.52
N3 APC GA . -15.23 -55.46 49.32
C4 APC GA . -14.16 -54.72 49.73
MG MG HA . -13.43 -52.18 58.97
N ALA IA . 1.04 -27.61 36.80
CA ALA IA . 1.09 -26.34 36.11
C ALA IA . 2.48 -25.72 36.25
O ALA IA . 3.13 -25.31 35.27
CB ALA IA . 0.02 -25.46 36.67
N LYS JA . -17.70 -51.26 22.16
CA LYS JA . -18.08 -50.41 21.03
C LYS JA . -17.23 -49.15 20.95
O LYS JA . -17.37 -48.34 20.02
CB LYS JA . -19.56 -50.04 21.10
CG LYS JA . -20.52 -51.22 20.86
CD LYS JA . -20.71 -51.49 19.36
CE LYS JA . -21.80 -52.53 19.14
NZ LYS JA . -21.40 -53.89 19.67
OXT LYS JA . -16.38 -48.89 21.82
PG APC KA . -12.78 -39.20 14.56
O1G APC KA . -11.22 -39.50 14.73
O2G APC KA . -13.04 -37.61 14.70
O3G APC KA . -13.26 -39.67 13.24
PB APC KA . -12.89 -40.38 17.13
O1B APC KA . -11.71 -39.53 17.40
O2B APC KA . -13.96 -40.20 18.32
O3B APC KA . -13.59 -39.99 15.72
PA APC KA . -13.81 -43.26 16.98
O1A APC KA . -14.51 -43.19 15.68
O2A APC KA . -13.27 -44.76 17.23
C3A APC KA . -12.40 -42.12 17.01
O5' APC KA . -14.83 -42.87 18.18
C5' APC KA . -14.85 -43.62 19.39
C4' APC KA . -16.13 -43.35 20.18
O4' APC KA . -15.94 -43.67 21.56
C3' APC KA . -16.59 -41.89 20.11
O3' APC KA . -17.89 -41.80 19.52
C2' APC KA . -16.68 -41.39 21.54
O2' APC KA . -18.05 -41.13 21.89
C1' APC KA . -16.10 -42.50 22.40
N9 APC KA . -14.77 -42.06 22.94
C8 APC KA . -13.60 -42.67 22.71
N7 APC KA . -12.61 -42.01 23.37
C5 APC KA . -13.18 -40.97 24.02
C6 APC KA . -12.67 -39.98 24.83
N6 APC KA . -11.34 -39.91 25.12
N1 APC KA . -13.55 -39.08 25.34
C2 APC KA . -14.87 -39.11 25.07
N3 APC KA . -15.38 -40.07 24.29
C4 APC KA . -14.55 -41.01 23.75
MG MG LA . -16.15 -44.41 14.97
MG MG MA . -16.65 -3.94 39.85
MG MG NA . -41.83 -56.87 15.44
MG MG OA . 52.20 47.56 -15.26
#